data_8R4O
#
_entry.id   8R4O
#
_cell.length_a   83.777
_cell.length_b   217.658
_cell.length_c   223.116
_cell.angle_alpha   90
_cell.angle_beta   90
_cell.angle_gamma   90
#
_symmetry.space_group_name_H-M   'P 21 21 21'
#
loop_
_entity.id
_entity.type
_entity.pdbx_description
1 polymer 'Serine/threonine-protein kinase SIK3'
2 polymer scFvH1
3 non-polymer 2-[bis(fluoranyl)methoxy]-4-[6-(2-cyanopropan-2-yl)pyrazolo[1,5-a]pyridin-3-yl]-~{N}-[(1~{R},2~{S})-2-fluoranylcyclopropyl]-6-methoxy-benzamide
4 non-polymer 'SULFATE ION'
5 water water
#
loop_
_entity_poly.entity_id
_entity_poly.type
_entity_poly.pdbx_seq_one_letter_code
_entity_poly.pdbx_strand_id
1 'polypeptide(L)'
;SMPARIGYYEIDRTIGKGNFAVVKRATHLVTKAKVAIKIIDKTQLDEENLKKIFREVQIMKMLSHPHIIRLYQVMETERM
IYLVTEYASGGEIFDHLVAHGRMAEKEARRKFKQIVTAVYFCHSRNIVHRDLKAENLLLDANLNIKIADFGFSNLFTPGQ
LLK(TPO)WCGSPPYAAPELFEGKEYDGPKVDIWSLGVVLYVLVCGALPFDGSTLQNLRARVLSGKFRIPFFMSTECEHL
IRHMLVLDPNKRLSMEQICKHKWMKLGDADPNFDRLIAESQQLKEERQVDPLNEDVLLAMEDMGLDKEQTLQSLRSDAYD
HYSAIYSLLCDR
;
A,C,E,G,I,K
2 'polypeptide(L)'
;EVQLVQSGAGVKKPGSSVKVSCKSSGGTSGSSAVSWIRQAPGQGVEWMGGITSIFGPANYAQKFQDRLKITADKATNTVY
MELSGLTFEDTAVYYCARVGDYNFWNGHYRSGYYFDLWGRGTLVTVSSGGGGSGGGGSGGGGSAQSVLTQPPSASGTPGQ
RVTISCSGSSSNIGSNTVNWYQQLPGTAPKLLIYSNTQRPSGVPDRFSGSKSATSASLAISGLQSEDEADYYCAAWDDSL
NGHVVFGGGTKVTVLGAAAENLYFQGSHHHHHH
;
B,D,F,H,J,L
#
# COMPACT_ATOMS: atom_id res chain seq x y z
N ARG A 5 -18.74 24.37 55.28
CA ARG A 5 -18.66 22.96 54.89
C ARG A 5 -17.77 22.16 55.87
N ILE A 6 -16.43 22.35 55.86
CA ILE A 6 -15.54 21.67 56.82
C ILE A 6 -14.74 22.72 57.57
N GLY A 7 -15.14 23.00 58.80
CA GLY A 7 -14.50 24.02 59.62
C GLY A 7 -14.60 25.38 58.98
N TYR A 8 -13.46 25.94 58.61
CA TYR A 8 -13.42 27.23 57.94
C TYR A 8 -13.18 27.07 56.45
N TYR A 9 -13.64 25.97 55.85
CA TYR A 9 -13.42 25.75 54.42
C TYR A 9 -14.69 25.49 53.62
N GLU A 10 -14.74 26.01 52.38
CA GLU A 10 -15.88 25.78 51.50
C GLU A 10 -15.42 24.78 50.43
N ILE A 11 -15.87 23.54 50.57
CA ILE A 11 -15.49 22.40 49.72
C ILE A 11 -16.19 22.41 48.36
N ASP A 12 -15.52 21.91 47.29
CA ASP A 12 -16.17 21.81 45.98
C ASP A 12 -15.64 20.58 45.14
N ARG A 13 -15.13 20.77 43.91
CA ARG A 13 -14.70 19.75 42.96
C ARG A 13 -13.71 18.74 43.52
N THR A 14 -13.86 17.46 43.20
CA THR A 14 -12.89 16.44 43.60
C THR A 14 -11.71 16.57 42.64
N ILE A 15 -10.50 16.70 43.17
CA ILE A 15 -9.30 16.85 42.36
C ILE A 15 -8.33 15.66 42.47
N GLY A 16 -8.62 14.68 43.31
CA GLY A 16 -7.74 13.54 43.48
C GLY A 16 -8.39 12.39 44.21
N LYS A 17 -7.84 11.20 44.05
CA LYS A 17 -8.34 10.02 44.73
C LYS A 17 -7.19 9.11 45.13
N GLY A 18 -7.23 8.66 46.37
CA GLY A 18 -6.30 7.69 46.93
C GLY A 18 -6.99 6.40 47.31
N ASN A 19 -6.25 5.45 47.91
CA ASN A 19 -6.85 4.18 48.31
C ASN A 19 -7.92 4.41 49.38
N PHE A 20 -7.67 5.30 50.32
CA PHE A 20 -8.62 5.57 51.39
C PHE A 20 -8.99 7.05 51.57
N ALA A 21 -8.50 7.92 50.68
CA ALA A 21 -8.73 9.34 50.76
C ALA A 21 -9.35 9.92 49.49
N VAL A 22 -9.97 11.10 49.60
CA VAL A 22 -10.54 11.83 48.47
C VAL A 22 -10.05 13.25 48.61
N VAL A 23 -9.28 13.74 47.63
CA VAL A 23 -8.79 15.10 47.69
C VAL A 23 -9.77 16.01 46.98
N LYS A 24 -10.36 16.94 47.71
CA LYS A 24 -11.30 17.89 47.14
C LYS A 24 -10.71 19.29 47.15
N ARG A 25 -11.18 20.16 46.27
CA ARG A 25 -10.75 21.54 46.24
C ARG A 25 -11.53 22.30 47.30
N ALA A 26 -10.96 23.36 47.87
CA ALA A 26 -11.65 24.14 48.89
C ALA A 26 -11.14 25.58 48.99
N THR A 27 -11.92 26.47 49.60
CA THR A 27 -11.53 27.87 49.77
C THR A 27 -11.56 28.19 51.26
N HIS A 28 -10.53 28.90 51.78
CA HIS A 28 -10.54 29.31 53.18
C HIS A 28 -11.58 30.42 53.30
N LEU A 29 -12.53 30.28 54.22
CA LEU A 29 -13.61 31.24 54.39
C LEU A 29 -13.17 32.57 55.01
N VAL A 30 -12.09 32.55 55.79
CA VAL A 30 -11.60 33.78 56.40
C VAL A 30 -10.49 34.43 55.56
N THR A 31 -9.74 33.65 54.77
CA THR A 31 -8.61 34.20 54.02
C THR A 31 -8.85 34.28 52.51
N LYS A 32 -9.90 33.61 52.01
CA LYS A 32 -10.27 33.55 50.59
C LYS A 32 -9.22 32.82 49.73
N ALA A 33 -8.27 32.10 50.36
CA ALA A 33 -7.23 31.36 49.66
C ALA A 33 -7.74 30.04 49.10
N LYS A 34 -7.14 29.59 47.99
CA LYS A 34 -7.49 28.32 47.37
C LYS A 34 -6.54 27.26 47.91
N VAL A 35 -7.12 26.19 48.47
CA VAL A 35 -6.41 25.08 49.11
C VAL A 35 -6.88 23.70 48.60
N ALA A 36 -6.16 22.63 48.94
CA ALA A 36 -6.55 21.26 48.62
C ALA A 36 -6.84 20.58 49.96
N ILE A 37 -7.87 19.73 50.05
CA ILE A 37 -8.18 19.03 51.30
C ILE A 37 -8.21 17.53 51.13
N LYS A 38 -7.26 16.82 51.75
CA LYS A 38 -7.26 15.37 51.70
C LYS A 38 -8.26 14.88 52.75
N ILE A 39 -9.31 14.16 52.34
CA ILE A 39 -10.32 13.70 53.28
C ILE A 39 -10.22 12.19 53.54
N ILE A 40 -9.96 11.78 54.78
CA ILE A 40 -9.80 10.36 55.12
C ILE A 40 -10.81 9.91 56.18
N ASP A 41 -11.55 8.82 55.89
CA ASP A 41 -12.51 8.28 56.86
C ASP A 41 -11.81 7.22 57.71
N LYS A 42 -11.54 7.54 58.97
CA LYS A 42 -10.84 6.66 59.90
C LYS A 42 -11.57 5.34 60.18
N THR A 43 -12.89 5.29 59.91
CA THR A 43 -13.68 4.08 60.16
C THR A 43 -13.25 2.88 59.29
N GLN A 44 -12.77 3.14 58.05
CA GLN A 44 -12.32 2.07 57.15
C GLN A 44 -10.78 1.84 57.20
N LEU A 45 -10.15 2.21 58.32
CA LEU A 45 -8.70 2.09 58.44
C LEU A 45 -8.24 1.14 59.53
N ASP A 46 -7.29 0.26 59.19
CA ASP A 46 -6.68 -0.64 60.16
C ASP A 46 -5.59 0.12 60.94
N GLU A 47 -5.12 -0.43 62.09
CA GLU A 47 -4.11 0.27 62.89
C GLU A 47 -2.77 0.44 62.18
N GLU A 48 -2.48 -0.40 61.18
CA GLU A 48 -1.27 -0.25 60.39
C GLU A 48 -1.41 0.94 59.42
N ASN A 49 -2.62 1.16 58.88
CA ASN A 49 -2.88 2.28 57.98
C ASN A 49 -3.06 3.58 58.73
N LEU A 50 -3.57 3.55 59.98
CA LEU A 50 -3.76 4.74 60.84
C LEU A 50 -2.38 5.35 61.23
N LYS A 51 -1.38 4.46 61.39
CA LYS A 51 -0.01 4.85 61.72
C LYS A 51 0.68 5.49 60.50
N LYS A 52 0.37 4.98 59.28
CA LYS A 52 0.93 5.47 58.02
C LYS A 52 0.42 6.87 57.66
N ILE A 53 -0.78 7.24 58.16
CA ILE A 53 -1.35 8.56 57.95
C ILE A 53 -0.68 9.53 58.89
N PHE A 54 -0.53 9.15 60.18
CA PHE A 54 0.13 9.99 61.17
C PHE A 54 1.64 10.19 60.86
N ARG A 55 2.27 9.18 60.23
CA ARG A 55 3.66 9.29 59.83
C ARG A 55 3.76 10.31 58.71
N GLU A 56 2.84 10.24 57.70
CA GLU A 56 2.76 11.16 56.57
C GLU A 56 2.63 12.60 57.06
N VAL A 57 1.75 12.85 58.05
CA VAL A 57 1.54 14.17 58.60
C VAL A 57 2.84 14.71 59.23
N GLN A 58 3.52 13.89 60.05
CA GLN A 58 4.77 14.29 60.67
C GLN A 58 5.86 14.56 59.64
N ILE A 59 5.92 13.76 58.57
CA ILE A 59 6.90 13.96 57.51
C ILE A 59 6.65 15.26 56.75
N MET A 60 5.38 15.58 56.49
CA MET A 60 5.03 16.82 55.81
C MET A 60 5.35 18.07 56.61
N LYS A 61 5.28 17.96 57.95
CA LYS A 61 5.61 19.07 58.84
C LYS A 61 7.11 19.43 58.81
N MET A 62 7.96 18.47 58.43
CA MET A 62 9.41 18.65 58.31
C MET A 62 9.81 19.27 56.97
N LEU A 63 8.97 19.11 55.92
CA LEU A 63 9.32 19.55 54.58
C LEU A 63 8.72 20.87 54.14
N SER A 64 9.50 21.95 54.27
CA SER A 64 9.09 23.26 53.76
C SER A 64 10.04 23.56 52.61
N HIS A 65 9.56 23.40 51.38
CA HIS A 65 10.41 23.60 50.21
C HIS A 65 9.58 24.20 49.06
N PRO A 66 10.18 25.10 48.23
CA PRO A 66 9.43 25.70 47.10
C PRO A 66 8.91 24.70 46.07
N HIS A 67 9.44 23.46 46.03
CA HIS A 67 8.97 22.49 45.07
C HIS A 67 8.35 21.25 45.71
N ILE A 68 7.77 21.41 46.90
CA ILE A 68 7.06 20.37 47.62
C ILE A 68 5.72 20.98 48.04
N ILE A 69 4.64 20.19 48.06
CA ILE A 69 3.32 20.70 48.44
C ILE A 69 3.37 21.07 49.92
N ARG A 70 2.95 22.28 50.26
CA ARG A 70 3.03 22.77 51.63
C ARG A 70 1.78 22.45 52.44
N LEU A 71 1.95 21.80 53.59
CA LEU A 71 0.85 21.49 54.50
C LEU A 71 0.51 22.78 55.28
N TYR A 72 -0.78 23.13 55.36
CA TYR A 72 -1.24 24.34 56.03
C TYR A 72 -1.97 24.09 57.33
N GLN A 73 -2.84 23.07 57.38
CA GLN A 73 -3.65 22.80 58.56
C GLN A 73 -4.01 21.33 58.66
N VAL A 74 -4.03 20.79 59.89
CA VAL A 74 -4.45 19.40 60.11
C VAL A 74 -5.63 19.43 61.05
N MET A 75 -6.77 18.93 60.60
CA MET A 75 -7.98 18.89 61.41
C MET A 75 -8.35 17.43 61.65
N GLU A 76 -8.74 17.08 62.87
CA GLU A 76 -9.12 15.70 63.17
C GLU A 76 -10.35 15.61 64.04
N THR A 77 -11.39 14.94 63.52
CA THR A 77 -12.63 14.72 64.27
C THR A 77 -12.62 13.25 64.83
N GLU A 78 -13.69 12.85 65.52
CA GLU A 78 -13.81 11.51 66.07
C GLU A 78 -13.67 10.41 64.99
N ARG A 79 -14.19 10.65 63.76
CA ARG A 79 -14.10 9.65 62.69
C ARG A 79 -13.38 10.10 61.43
N MET A 80 -12.97 11.38 61.36
CA MET A 80 -12.34 11.91 60.14
C MET A 80 -10.99 12.53 60.39
N ILE A 81 -10.18 12.64 59.34
CA ILE A 81 -8.90 13.31 59.39
C ILE A 81 -8.70 14.08 58.08
N TYR A 82 -8.52 15.40 58.17
CA TYR A 82 -8.38 16.26 57.01
C TYR A 82 -7.01 16.92 56.97
N LEU A 83 -6.36 16.92 55.79
CA LEU A 83 -5.07 17.57 55.59
C LEU A 83 -5.25 18.69 54.57
N VAL A 84 -5.18 19.94 55.02
CA VAL A 84 -5.32 21.10 54.15
C VAL A 84 -3.95 21.47 53.63
N THR A 85 -3.72 21.43 52.31
CA THR A 85 -2.42 21.78 51.73
C THR A 85 -2.55 22.86 50.64
N GLU A 86 -1.43 23.35 50.06
CA GLU A 86 -1.50 24.31 48.98
C GLU A 86 -2.07 23.66 47.72
N TYR A 87 -2.77 24.45 46.93
CA TYR A 87 -3.38 23.98 45.71
C TYR A 87 -2.48 24.37 44.52
N ALA A 88 -2.21 23.41 43.60
CA ALA A 88 -1.38 23.61 42.42
C ALA A 88 -2.32 23.80 41.23
N SER A 89 -2.64 25.04 40.89
CA SER A 89 -3.61 25.35 39.85
C SER A 89 -3.21 25.11 38.40
N GLY A 90 -2.05 24.53 38.16
CA GLY A 90 -1.56 24.35 36.79
C GLY A 90 -1.77 22.99 36.18
N GLY A 91 -1.95 21.99 37.01
CA GLY A 91 -2.16 20.63 36.52
C GLY A 91 -1.18 19.64 37.10
N GLU A 92 -0.84 18.60 36.35
CA GLU A 92 0.15 17.62 36.78
C GLU A 92 0.94 17.12 35.55
N ILE A 93 2.15 16.59 35.77
CA ILE A 93 3.00 16.13 34.69
C ILE A 93 2.32 15.09 33.79
N PHE A 94 1.57 14.15 34.38
CA PHE A 94 0.87 13.14 33.58
C PHE A 94 -0.12 13.78 32.62
N ASP A 95 -0.97 14.71 33.10
CA ASP A 95 -1.94 15.38 32.22
C ASP A 95 -1.27 16.25 31.18
N HIS A 96 -0.13 16.84 31.51
CA HIS A 96 0.61 17.68 30.59
C HIS A 96 1.17 16.82 29.46
N LEU A 97 1.67 15.62 29.76
CA LEU A 97 2.19 14.73 28.73
C LEU A 97 1.06 14.17 27.85
N VAL A 98 -0.12 13.94 28.43
CA VAL A 98 -1.27 13.47 27.66
C VAL A 98 -1.74 14.57 26.71
N ALA A 99 -1.72 15.83 27.15
CA ALA A 99 -2.17 16.95 26.34
C ALA A 99 -1.18 17.41 25.29
N HIS A 100 0.13 17.44 25.61
CA HIS A 100 1.10 17.99 24.66
C HIS A 100 2.18 17.06 24.17
N GLY A 101 2.23 15.84 24.70
CA GLY A 101 3.26 14.89 24.29
C GLY A 101 4.58 15.13 24.97
N ARG A 102 5.65 14.47 24.47
CA ARG A 102 6.98 14.59 25.06
C ARG A 102 7.48 16.03 25.15
N MET A 103 8.26 16.32 26.18
CA MET A 103 8.83 17.65 26.36
C MET A 103 10.16 17.75 25.65
N ALA A 104 10.49 18.96 25.21
CA ALA A 104 11.80 19.22 24.61
C ALA A 104 12.82 19.09 25.73
N GLU A 105 14.05 18.63 25.44
CA GLU A 105 15.05 18.45 26.50
C GLU A 105 15.30 19.72 27.32
N LYS A 106 15.10 20.89 26.72
CA LYS A 106 15.25 22.16 27.43
C LYS A 106 14.14 22.34 28.49
N GLU A 107 12.89 22.01 28.13
CA GLU A 107 11.75 22.12 29.04
C GLU A 107 11.78 21.06 30.10
N ALA A 108 12.19 19.83 29.70
CA ALA A 108 12.33 18.68 30.58
C ALA A 108 13.44 18.93 31.61
N ARG A 109 14.54 19.57 31.19
CA ARG A 109 15.66 19.85 32.07
C ARG A 109 15.24 20.77 33.19
N ARG A 110 14.47 21.81 32.88
CA ARG A 110 13.98 22.74 33.89
C ARG A 110 13.11 22.05 34.93
N LYS A 111 12.13 21.22 34.52
CA LYS A 111 11.27 20.51 35.45
C LYS A 111 12.06 19.46 36.23
N PHE A 112 12.99 18.76 35.56
CA PHE A 112 13.79 17.74 36.22
C PHE A 112 14.67 18.34 37.28
N LYS A 113 15.21 19.54 37.04
CA LYS A 113 16.00 20.26 38.03
C LYS A 113 15.16 20.55 39.27
N GLN A 114 13.90 20.96 39.06
CA GLN A 114 12.97 21.25 40.14
C GLN A 114 12.63 19.99 40.92
N ILE A 115 12.53 18.83 40.25
CA ILE A 115 12.22 17.57 40.93
C ILE A 115 13.39 17.13 41.75
N VAL A 116 14.60 17.12 41.16
CA VAL A 116 15.78 16.69 41.92
C VAL A 116 16.09 17.61 43.08
N THR A 117 15.73 18.90 42.98
CA THR A 117 15.91 19.87 44.05
C THR A 117 15.05 19.46 45.27
N ALA A 118 13.81 19.07 45.01
CA ALA A 118 12.90 18.65 46.06
C ALA A 118 13.22 17.27 46.60
N VAL A 119 13.68 16.34 45.75
CA VAL A 119 14.03 15.00 46.21
C VAL A 119 15.32 15.03 47.03
N TYR A 120 16.29 15.88 46.63
CA TYR A 120 17.56 16.04 47.35
C TYR A 120 17.26 16.61 48.74
N PHE A 121 16.35 17.60 48.81
CA PHE A 121 15.95 18.21 50.08
C PHE A 121 15.38 17.18 51.02
N CYS A 122 14.57 16.24 50.51
CA CYS A 122 14.00 15.16 51.30
C CYS A 122 15.10 14.30 51.87
N HIS A 123 16.03 13.87 51.02
CA HIS A 123 17.13 13.02 51.46
C HIS A 123 18.05 13.71 52.46
N SER A 124 18.10 15.06 52.45
CA SER A 124 18.86 15.85 53.43
C SER A 124 18.18 15.76 54.79
N ARG A 125 16.84 15.83 54.82
CA ARG A 125 16.09 15.70 56.06
C ARG A 125 15.85 14.22 56.46
N ASN A 126 16.54 13.27 55.82
CA ASN A 126 16.46 11.83 56.04
C ASN A 126 15.06 11.27 55.77
N ILE A 127 14.47 11.65 54.62
CA ILE A 127 13.14 11.19 54.20
C ILE A 127 13.19 10.69 52.77
N VAL A 128 12.57 9.54 52.49
CA VAL A 128 12.49 9.03 51.11
C VAL A 128 11.04 9.08 50.67
N HIS A 129 10.74 9.55 49.44
CA HIS A 129 9.38 9.66 48.93
C HIS A 129 8.72 8.29 48.68
N ARG A 130 9.43 7.40 47.97
CA ARG A 130 8.99 6.04 47.63
C ARG A 130 7.67 5.95 46.81
N ASP A 131 7.23 7.05 46.20
CA ASP A 131 6.03 7.06 45.37
C ASP A 131 6.10 8.21 44.36
N LEU A 132 7.26 8.37 43.72
CA LEU A 132 7.44 9.39 42.70
C LEU A 132 6.83 8.86 41.43
N LYS A 133 5.88 9.59 40.87
CA LYS A 133 5.22 9.25 39.62
C LYS A 133 4.75 10.52 38.93
N ALA A 134 4.46 10.46 37.62
CA ALA A 134 4.03 11.63 36.86
C ALA A 134 2.80 12.29 37.47
N GLU A 135 1.83 11.48 37.90
CA GLU A 135 0.57 11.95 38.49
C GLU A 135 0.74 12.57 39.91
N ASN A 136 1.94 12.42 40.52
CA ASN A 136 2.26 13.00 41.84
C ASN A 136 3.22 14.20 41.75
N LEU A 137 3.50 14.69 40.52
CA LEU A 137 4.36 15.85 40.31
C LEU A 137 3.41 16.89 39.77
N LEU A 138 2.84 17.68 40.65
CA LEU A 138 1.87 18.71 40.26
C LEU A 138 2.57 19.93 39.61
N LEU A 139 1.81 20.92 39.16
CA LEU A 139 2.36 22.12 38.55
C LEU A 139 1.59 23.33 39.10
N ASP A 140 2.29 24.36 39.64
CA ASP A 140 1.58 25.56 40.13
C ASP A 140 1.10 26.45 38.94
N ALA A 141 0.61 27.69 39.18
CA ALA A 141 0.14 28.57 38.12
C ALA A 141 1.21 28.92 37.08
N ASN A 142 2.49 28.93 37.50
CA ASN A 142 3.61 29.25 36.61
C ASN A 142 4.27 27.99 36.01
N LEU A 143 3.61 26.82 36.09
CA LEU A 143 4.11 25.55 35.59
C LEU A 143 5.41 25.13 36.29
N ASN A 144 5.45 25.30 37.61
CA ASN A 144 6.61 24.87 38.40
C ASN A 144 6.22 23.69 39.27
N ILE A 145 7.14 22.72 39.41
CA ILE A 145 6.89 21.46 40.10
C ILE A 145 6.59 21.64 41.56
N LYS A 146 5.64 20.86 42.08
CA LYS A 146 5.30 20.83 43.50
C LYS A 146 5.03 19.35 43.80
N ILE A 147 5.96 18.61 44.40
CA ILE A 147 5.78 17.18 44.69
C ILE A 147 4.68 16.95 45.73
N ALA A 148 3.79 16.00 45.49
CA ALA A 148 2.67 15.74 46.41
C ALA A 148 2.62 14.24 46.83
N ASP A 149 1.69 13.85 47.75
CA ASP A 149 1.45 12.48 48.22
C ASP A 149 2.64 11.84 48.91
N PHE A 150 2.78 12.10 50.20
CA PHE A 150 3.85 11.50 50.99
C PHE A 150 3.32 10.35 51.85
N GLY A 151 2.32 9.64 51.37
CA GLY A 151 1.72 8.54 52.12
C GLY A 151 2.64 7.37 52.24
N PHE A 152 3.39 7.08 51.18
CA PHE A 152 4.35 5.98 51.21
C PHE A 152 5.76 6.40 51.62
N SER A 153 5.96 7.66 52.02
CA SER A 153 7.26 8.13 52.44
C SER A 153 7.64 7.62 53.84
N ASN A 154 8.95 7.59 54.13
CA ASN A 154 9.44 7.13 55.42
C ASN A 154 10.77 7.80 55.81
N LEU A 155 11.05 7.82 57.10
CA LEU A 155 12.30 8.34 57.62
C LEU A 155 13.36 7.25 57.47
N PHE A 156 14.60 7.64 57.14
CA PHE A 156 15.65 6.65 56.98
C PHE A 156 16.96 7.07 57.65
N THR A 157 17.81 6.10 57.95
CA THR A 157 19.13 6.36 58.50
C THR A 157 20.11 6.02 57.39
N PRO A 158 20.97 6.97 56.95
CA PRO A 158 21.93 6.65 55.88
C PRO A 158 22.73 5.37 56.15
N GLY A 159 22.48 4.36 55.34
CA GLY A 159 23.11 3.05 55.49
C GLY A 159 22.19 1.97 56.03
N GLN A 160 20.87 2.24 56.09
CA GLN A 160 19.90 1.26 56.59
C GLN A 160 19.09 0.63 55.46
N LEU A 161 18.58 -0.56 55.71
CA LEU A 161 17.76 -1.26 54.75
C LEU A 161 16.29 -1.17 55.18
N LEU A 162 15.43 -0.71 54.27
CA LEU A 162 14.00 -0.59 54.54
C LEU A 162 13.27 -1.87 54.12
N LYS A 163 12.12 -2.17 54.76
CA LYS A 163 11.40 -3.41 54.45
C LYS A 163 9.92 -3.21 54.10
N TRP A 165 7.46 -2.87 50.97
CA TRP A 165 7.39 -2.99 49.52
C TRP A 165 6.24 -2.17 48.94
N CYS A 166 6.52 -0.91 48.61
CA CYS A 166 5.54 0.04 48.10
C CYS A 166 6.10 0.87 46.93
N GLY A 167 5.20 1.52 46.20
CA GLY A 167 5.55 2.40 45.08
C GLY A 167 4.63 2.22 43.89
N SER A 168 4.70 3.15 42.93
CA SER A 168 3.89 3.03 41.72
C SER A 168 4.59 1.99 40.85
N PRO A 169 3.93 0.88 40.50
CA PRO A 169 4.59 -0.18 39.72
C PRO A 169 5.43 0.29 38.51
N PRO A 170 4.97 1.17 37.58
CA PRO A 170 5.85 1.56 36.47
C PRO A 170 7.11 2.33 36.87
N TYR A 171 7.16 2.90 38.09
CA TYR A 171 8.32 3.65 38.57
C TYR A 171 9.11 2.91 39.67
N ALA A 172 8.59 1.76 40.16
CA ALA A 172 9.21 0.98 41.22
C ALA A 172 10.50 0.30 40.77
N ALA A 173 11.53 0.37 41.63
CA ALA A 173 12.85 -0.23 41.38
C ALA A 173 12.75 -1.77 41.43
N PRO A 174 13.63 -2.50 40.70
CA PRO A 174 13.54 -3.96 40.71
C PRO A 174 13.55 -4.63 42.07
N GLU A 175 14.33 -4.11 43.04
CA GLU A 175 14.43 -4.69 44.40
C GLU A 175 13.08 -4.76 45.09
N LEU A 176 12.19 -3.77 44.81
CA LEU A 176 10.86 -3.69 45.39
C LEU A 176 10.00 -4.83 44.89
N PHE A 177 10.06 -5.13 43.59
CA PHE A 177 9.32 -6.25 42.99
C PHE A 177 9.83 -7.59 43.53
N GLU A 178 11.15 -7.69 43.74
CA GLU A 178 11.79 -8.89 44.25
C GLU A 178 11.63 -9.12 45.76
N GLY A 179 11.08 -8.14 46.48
CA GLY A 179 10.90 -8.23 47.92
C GLY A 179 12.21 -8.23 48.69
N LYS A 180 13.19 -7.47 48.22
CA LYS A 180 14.49 -7.39 48.88
C LYS A 180 14.57 -6.17 49.79
N GLU A 181 15.34 -6.25 50.87
CA GLU A 181 15.58 -5.09 51.74
C GLU A 181 16.44 -4.10 50.94
N TYR A 182 16.09 -2.82 50.98
CA TYR A 182 16.70 -1.85 50.07
C TYR A 182 17.20 -0.55 50.70
N ASP A 183 18.03 0.18 49.96
CA ASP A 183 18.48 1.50 50.38
C ASP A 183 17.45 2.47 49.83
N GLY A 184 16.90 3.29 50.71
CA GLY A 184 15.88 4.27 50.36
C GLY A 184 16.21 5.18 49.19
N PRO A 185 17.24 6.04 49.31
CA PRO A 185 17.57 6.94 48.19
C PRO A 185 17.81 6.26 46.86
N LYS A 186 18.42 5.06 46.85
CA LYS A 186 18.65 4.31 45.61
C LYS A 186 17.33 3.93 44.90
N VAL A 187 16.25 3.74 45.67
CA VAL A 187 14.93 3.42 45.14
C VAL A 187 14.29 4.69 44.51
N ASP A 188 14.53 5.86 45.10
CA ASP A 188 14.04 7.12 44.56
C ASP A 188 14.82 7.51 43.30
N ILE A 189 16.13 7.17 43.25
CA ILE A 189 16.95 7.46 42.09
C ILE A 189 16.46 6.67 40.87
N TRP A 190 16.02 5.40 41.07
CA TRP A 190 15.44 4.60 39.98
C TRP A 190 14.16 5.28 39.48
N SER A 191 13.28 5.73 40.40
CA SER A 191 12.02 6.40 40.04
C SER A 191 12.31 7.64 39.21
N LEU A 192 13.34 8.42 39.61
CA LEU A 192 13.78 9.62 38.90
C LEU A 192 14.21 9.34 37.47
N GLY A 193 14.81 8.17 37.26
CA GLY A 193 15.22 7.74 35.93
C GLY A 193 14.03 7.50 35.04
N VAL A 194 12.96 6.92 35.60
CA VAL A 194 11.70 6.67 34.89
C VAL A 194 11.00 8.00 34.61
N VAL A 195 10.99 8.91 35.60
CA VAL A 195 10.43 10.26 35.48
C VAL A 195 11.13 11.03 34.35
N LEU A 196 12.47 10.97 34.31
CA LEU A 196 13.22 11.66 33.26
C LEU A 196 12.92 11.07 31.89
N TYR A 197 12.80 9.73 31.82
CA TYR A 197 12.50 9.04 30.58
C TYR A 197 11.13 9.47 30.07
N VAL A 198 10.08 9.34 30.90
CA VAL A 198 8.72 9.68 30.53
C VAL A 198 8.57 11.18 30.20
N LEU A 199 9.41 12.07 30.79
CA LEU A 199 9.36 13.50 30.48
C LEU A 199 9.83 13.76 29.04
N VAL A 200 10.94 13.14 28.64
CA VAL A 200 11.50 13.38 27.31
C VAL A 200 10.95 12.44 26.23
N CYS A 201 10.21 11.37 26.60
CA CYS A 201 9.67 10.42 25.62
C CYS A 201 8.16 10.45 25.50
N GLY A 202 7.46 10.91 26.53
CA GLY A 202 6.00 10.91 26.56
C GLY A 202 5.42 9.50 26.64
N ALA A 203 6.22 8.55 27.13
CA ALA A 203 5.89 7.13 27.27
C ALA A 203 6.83 6.50 28.30
N LEU A 204 6.43 5.38 28.90
CA LEU A 204 7.25 4.71 29.92
C LEU A 204 8.36 3.85 29.35
N PRO A 205 9.49 3.70 30.06
CA PRO A 205 10.55 2.78 29.57
C PRO A 205 10.14 1.32 29.73
N PHE A 206 9.42 0.98 30.83
CA PHE A 206 8.88 -0.37 31.09
C PHE A 206 7.38 -0.26 31.27
N ASP A 207 6.62 -0.96 30.41
CA ASP A 207 5.17 -0.96 30.33
C ASP A 207 4.65 -2.36 29.91
N GLY A 208 3.34 -2.61 30.08
CA GLY A 208 2.70 -3.88 29.74
C GLY A 208 1.19 -3.85 29.93
N SER A 209 0.50 -4.94 29.58
CA SER A 209 -0.96 -5.00 29.72
C SER A 209 -1.41 -5.18 31.16
N THR A 210 -0.67 -5.96 31.95
CA THR A 210 -0.99 -6.26 33.34
C THR A 210 0.24 -6.03 34.24
N LEU A 211 0.05 -6.04 35.57
CA LEU A 211 1.13 -5.88 36.54
C LEU A 211 2.19 -6.97 36.41
N GLN A 212 1.76 -8.21 36.07
CA GLN A 212 2.69 -9.32 35.89
C GLN A 212 3.61 -9.06 34.70
N ASN A 213 3.07 -8.49 33.60
CA ASN A 213 3.84 -8.18 32.40
C ASN A 213 4.79 -7.04 32.66
N LEU A 214 4.32 -6.01 33.38
CA LEU A 214 5.10 -4.84 33.75
C LEU A 214 6.31 -5.26 34.60
N ARG A 215 6.08 -6.13 35.60
CA ARG A 215 7.13 -6.61 36.50
C ARG A 215 8.26 -7.27 35.72
N ALA A 216 7.90 -8.15 34.76
CA ALA A 216 8.88 -8.84 33.92
C ALA A 216 9.76 -7.84 33.15
N ARG A 217 9.15 -6.74 32.70
CA ARG A 217 9.86 -5.70 31.97
C ARG A 217 10.82 -4.93 32.86
N VAL A 218 10.39 -4.55 34.05
CA VAL A 218 11.23 -3.81 34.99
C VAL A 218 12.44 -4.64 35.42
N LEU A 219 12.23 -5.94 35.74
CA LEU A 219 13.31 -6.85 36.14
C LEU A 219 14.30 -7.15 35.04
N SER A 220 13.89 -7.01 33.76
CA SER A 220 14.80 -7.22 32.63
C SER A 220 15.84 -6.09 32.54
N GLY A 221 15.43 -4.87 32.93
CA GLY A 221 16.30 -3.70 32.90
C GLY A 221 16.50 -3.14 31.50
N LYS A 222 15.98 -3.81 30.47
CA LYS A 222 16.13 -3.37 29.08
C LYS A 222 15.04 -2.38 28.75
N PHE A 223 15.38 -1.33 27.99
CA PHE A 223 14.43 -0.29 27.60
C PHE A 223 14.92 0.38 26.33
N ARG A 224 13.99 0.71 25.43
CA ARG A 224 14.32 1.33 24.15
C ARG A 224 14.67 2.80 24.32
N ILE A 225 15.71 3.24 23.64
CA ILE A 225 16.13 4.63 23.70
C ILE A 225 15.87 5.28 22.33
N PRO A 226 14.93 6.25 22.30
CA PRO A 226 14.51 6.83 21.01
C PRO A 226 15.55 7.69 20.31
N PHE A 227 15.40 7.80 19.00
CA PHE A 227 16.29 8.53 18.12
C PHE A 227 16.44 10.00 18.49
N PHE A 228 15.33 10.64 18.87
CA PHE A 228 15.33 12.06 19.24
C PHE A 228 16.06 12.38 20.53
N MET A 229 16.36 11.37 21.37
CA MET A 229 17.03 11.61 22.63
C MET A 229 18.52 11.82 22.43
N SER A 230 19.06 12.89 23.05
CA SER A 230 20.48 13.22 22.95
C SER A 230 21.38 12.18 23.59
N THR A 231 22.65 12.15 23.19
CA THR A 231 23.62 11.23 23.75
C THR A 231 23.88 11.51 25.25
N GLU A 232 23.83 12.81 25.65
CA GLU A 232 24.00 13.24 27.03
C GLU A 232 22.83 12.77 27.89
N CYS A 233 21.60 12.86 27.36
CA CYS A 233 20.40 12.45 28.08
C CYS A 233 20.34 10.93 28.23
N GLU A 234 20.71 10.20 27.17
CA GLU A 234 20.73 8.74 27.20
C GLU A 234 21.69 8.25 28.30
N HIS A 235 22.88 8.87 28.41
CA HIS A 235 23.87 8.50 29.40
C HIS A 235 23.32 8.63 30.81
N LEU A 236 22.65 9.75 31.10
CA LEU A 236 22.08 10.00 32.41
C LEU A 236 21.05 8.94 32.80
N ILE A 237 20.10 8.63 31.89
CA ILE A 237 19.05 7.64 32.15
C ILE A 237 19.65 6.24 32.31
N ARG A 238 20.57 5.85 31.42
CA ARG A 238 21.22 4.56 31.50
C ARG A 238 22.01 4.37 32.79
N HIS A 239 22.46 5.48 33.42
CA HIS A 239 23.21 5.44 34.68
C HIS A 239 22.33 5.58 35.93
N MET A 240 21.01 5.77 35.77
CA MET A 240 20.05 5.83 36.86
C MET A 240 19.25 4.53 36.88
N LEU A 241 18.84 4.03 35.69
CA LEU A 241 18.12 2.77 35.56
C LEU A 241 19.11 1.60 35.48
N VAL A 242 19.79 1.31 36.60
CA VAL A 242 20.76 0.21 36.69
C VAL A 242 20.19 -0.84 37.64
N LEU A 243 20.19 -2.12 37.23
CA LEU A 243 19.63 -3.17 38.09
C LEU A 243 20.30 -3.25 39.49
N ASP A 244 21.65 -3.14 39.56
CA ASP A 244 22.38 -3.14 40.84
C ASP A 244 22.28 -1.75 41.44
N PRO A 245 21.65 -1.60 42.62
CA PRO A 245 21.49 -0.25 43.22
C PRO A 245 22.80 0.46 43.54
N ASN A 246 23.85 -0.31 43.84
CA ASN A 246 25.16 0.22 44.15
C ASN A 246 25.82 0.86 42.93
N LYS A 247 25.46 0.41 41.70
CA LYS A 247 26.01 0.97 40.48
C LYS A 247 25.20 2.16 39.92
N ARG A 248 24.21 2.66 40.68
CA ARG A 248 23.40 3.80 40.26
C ARG A 248 24.07 5.10 40.67
N LEU A 249 23.79 6.19 39.95
CA LEU A 249 24.32 7.49 40.30
C LEU A 249 23.77 7.96 41.64
N SER A 250 24.53 8.76 42.38
CA SER A 250 24.03 9.35 43.61
C SER A 250 23.30 10.65 43.24
N MET A 251 22.64 11.30 44.20
CA MET A 251 21.95 12.55 43.94
C MET A 251 22.92 13.65 43.51
N GLU A 252 24.12 13.67 44.10
CA GLU A 252 25.14 14.66 43.78
C GLU A 252 25.69 14.46 42.36
N GLN A 253 25.84 13.19 41.94
CA GLN A 253 26.33 12.85 40.61
C GLN A 253 25.30 13.22 39.54
N ILE A 254 24.00 13.16 39.88
CA ILE A 254 22.93 13.52 38.95
C ILE A 254 22.98 15.03 38.72
N CYS A 255 23.08 15.81 39.79
CA CYS A 255 23.12 17.27 39.75
C CYS A 255 24.31 17.84 38.99
N LYS A 256 25.43 17.10 38.96
CA LYS A 256 26.62 17.52 38.24
C LYS A 256 26.82 16.77 36.92
N HIS A 257 25.76 16.14 36.38
CA HIS A 257 25.87 15.40 35.12
C HIS A 257 26.03 16.36 33.93
N LYS A 258 26.69 15.91 32.83
CA LYS A 258 26.90 16.75 31.66
C LYS A 258 25.57 17.26 31.07
N TRP A 259 24.53 16.41 31.03
CA TRP A 259 23.22 16.81 30.53
C TRP A 259 22.60 17.87 31.42
N MET A 260 22.80 17.78 32.73
CA MET A 260 22.27 18.74 33.68
C MET A 260 22.94 20.12 33.52
N LYS A 261 24.26 20.15 33.30
CA LYS A 261 25.01 21.40 33.11
C LYS A 261 24.86 22.02 31.71
N LEU A 262 24.12 21.34 30.81
CA LEU A 262 23.86 21.77 29.44
C LEU A 262 23.00 23.04 29.42
N GLY A 263 23.08 23.76 28.30
CA GLY A 263 22.32 24.98 28.12
C GLY A 263 22.91 26.16 28.87
N ASP A 264 22.06 27.10 29.29
CA ASP A 264 22.53 28.28 30.02
C ASP A 264 22.93 27.93 31.46
N ALA A 265 23.87 28.72 32.01
CA ALA A 265 24.35 28.55 33.38
C ALA A 265 23.20 28.81 34.35
N ASP A 266 22.95 27.87 35.26
CA ASP A 266 21.84 27.98 36.21
C ASP A 266 22.36 28.11 37.62
N PRO A 267 22.64 29.34 38.08
CA PRO A 267 23.11 29.52 39.46
C PRO A 267 22.01 29.34 40.50
N ASN A 268 20.74 29.54 40.13
CA ASN A 268 19.62 29.34 41.04
C ASN A 268 19.48 27.85 41.43
N PHE A 269 19.89 26.93 40.54
CA PHE A 269 19.86 25.49 40.79
C PHE A 269 20.99 25.15 41.78
N ASP A 270 22.17 25.73 41.57
CA ASP A 270 23.34 25.55 42.43
C ASP A 270 23.04 26.05 43.84
N ARG A 271 22.32 27.17 43.98
CA ARG A 271 21.94 27.71 45.28
C ARG A 271 20.96 26.80 46.03
N LEU A 272 20.07 26.13 45.31
CA LEU A 272 19.11 25.22 45.92
C LEU A 272 19.74 23.87 46.31
N ILE A 273 20.72 23.40 45.52
CA ILE A 273 21.39 22.14 45.84
C ILE A 273 22.43 22.34 46.96
N ALA A 274 23.05 23.53 47.03
CA ALA A 274 23.98 23.87 48.11
C ALA A 274 23.24 24.04 49.44
N GLU A 275 21.98 24.53 49.40
CA GLU A 275 21.16 24.66 50.61
C GLU A 275 20.83 23.28 51.21
N SER A 276 20.68 22.26 50.35
CA SER A 276 20.43 20.89 50.77
C SER A 276 21.70 20.17 51.31
N GLN A 277 22.91 20.75 51.13
CA GLN A 277 24.14 20.14 51.64
C GLN A 277 24.67 20.90 52.87
N GLN A 278 23.75 21.43 53.70
CA GLN A 278 24.08 22.18 54.91
C GLN A 278 24.49 21.23 56.04
N ASP A 286 12.02 33.52 56.99
CA ASP A 286 12.22 33.02 58.35
C ASP A 286 11.59 33.90 59.46
N PRO A 287 11.66 35.27 59.42
CA PRO A 287 11.06 36.05 60.51
C PRO A 287 9.53 36.22 60.42
N LEU A 288 8.92 36.84 61.45
CA LEU A 288 7.48 37.03 61.48
C LEU A 288 7.03 38.22 60.65
N ASN A 289 6.03 38.01 59.81
CA ASN A 289 5.49 39.10 59.00
C ASN A 289 4.61 39.94 59.92
N GLU A 290 5.20 40.97 60.55
CA GLU A 290 4.49 41.84 61.50
C GLU A 290 3.20 42.44 60.97
N ASP A 291 3.10 42.60 59.65
CA ASP A 291 1.89 43.11 59.03
C ASP A 291 0.76 42.08 59.16
N VAL A 292 1.09 40.80 58.93
CA VAL A 292 0.16 39.67 59.05
C VAL A 292 -0.30 39.53 60.49
N LEU A 293 0.65 39.60 61.45
CA LEU A 293 0.36 39.50 62.87
C LEU A 293 -0.60 40.58 63.34
N LEU A 294 -0.52 41.78 62.74
CA LEU A 294 -1.41 42.88 63.09
C LEU A 294 -2.81 42.65 62.54
N ALA A 295 -2.91 42.11 61.32
CA ALA A 295 -4.17 41.79 60.66
C ALA A 295 -4.91 40.66 61.38
N MET A 296 -4.16 39.66 61.88
CA MET A 296 -4.73 38.55 62.62
C MET A 296 -5.28 39.01 63.97
N GLU A 297 -4.62 39.98 64.60
CA GLU A 297 -5.06 40.56 65.86
C GLU A 297 -6.40 41.32 65.68
N ASP A 298 -6.60 41.93 64.50
CA ASP A 298 -7.83 42.63 64.14
C ASP A 298 -9.02 41.65 63.96
N MET A 299 -8.74 40.44 63.48
CA MET A 299 -9.78 39.42 63.31
C MET A 299 -10.28 38.81 64.65
N GLY A 300 -9.62 39.11 65.76
CA GLY A 300 -10.00 38.60 67.07
C GLY A 300 -9.06 37.56 67.64
N LEU A 301 -8.16 37.01 66.79
CA LEU A 301 -7.16 35.98 67.06
C LEU A 301 -6.01 36.55 67.88
N ASP A 302 -5.75 35.96 69.06
CA ASP A 302 -4.74 36.39 70.03
C ASP A 302 -3.32 36.37 69.52
N LYS A 303 -2.56 37.44 69.79
CA LYS A 303 -1.19 37.62 69.33
C LYS A 303 -0.22 36.57 69.91
N GLU A 304 -0.25 36.38 71.23
CA GLU A 304 0.63 35.38 71.86
C GLU A 304 0.20 33.95 71.58
N GLN A 305 -1.11 33.72 71.36
CA GLN A 305 -1.60 32.37 71.04
C GLN A 305 -1.24 32.00 69.60
N THR A 306 -1.16 32.98 68.69
CA THR A 306 -0.76 32.76 67.31
C THR A 306 0.74 32.39 67.29
N LEU A 307 1.57 33.09 68.09
CA LEU A 307 3.00 32.84 68.17
C LEU A 307 3.29 31.48 68.78
N GLN A 308 2.51 31.07 69.79
CA GLN A 308 2.69 29.77 70.42
C GLN A 308 2.31 28.67 69.46
N SER A 309 1.29 28.86 68.62
CA SER A 309 0.89 27.86 67.62
C SER A 309 1.94 27.70 66.54
N LEU A 310 2.59 28.80 66.17
CA LEU A 310 3.62 28.85 65.15
C LEU A 310 4.90 28.17 65.63
N ARG A 311 5.35 28.49 66.85
CA ARG A 311 6.57 27.90 67.38
C ARG A 311 6.39 26.43 67.78
N SER A 312 5.18 25.99 68.13
CA SER A 312 4.96 24.61 68.58
C SER A 312 4.61 23.63 67.47
N ASP A 313 4.58 24.09 66.20
CA ASP A 313 4.21 23.28 65.03
C ASP A 313 2.87 22.59 65.22
N ALA A 314 1.87 23.37 65.67
CA ALA A 314 0.54 22.84 65.98
C ALA A 314 -0.28 22.55 64.74
N TYR A 315 -0.08 23.36 63.67
CA TYR A 315 -0.82 23.27 62.41
C TYR A 315 -2.31 23.33 62.66
N ASP A 316 -2.70 24.31 63.47
CA ASP A 316 -4.07 24.52 63.84
C ASP A 316 -4.63 25.77 63.11
N HIS A 317 -5.81 26.23 63.51
CA HIS A 317 -6.50 27.37 62.98
C HIS A 317 -5.62 28.62 62.93
N TYR A 318 -4.78 28.85 63.95
CA TYR A 318 -3.91 30.03 64.00
C TYR A 318 -2.71 29.90 63.06
N SER A 319 -2.18 28.69 62.92
CA SER A 319 -1.04 28.42 62.04
C SER A 319 -1.44 28.63 60.60
N ALA A 320 -2.60 28.07 60.21
CA ALA A 320 -3.08 28.13 58.85
C ALA A 320 -3.39 29.55 58.41
N ILE A 321 -4.06 30.34 59.27
CA ILE A 321 -4.39 31.73 58.93
C ILE A 321 -3.14 32.58 58.75
N TYR A 322 -2.10 32.34 59.55
CA TYR A 322 -0.84 33.08 59.40
C TYR A 322 -0.16 32.69 58.07
N SER A 323 0.03 31.39 57.85
CA SER A 323 0.70 30.86 56.66
C SER A 323 0.02 31.24 55.36
N LEU A 324 -1.32 31.21 55.35
CA LEU A 324 -2.09 31.56 54.17
C LEU A 324 -2.01 33.05 53.89
N LEU A 325 -2.05 33.89 54.94
CA LEU A 325 -1.99 35.35 54.84
C LEU A 325 -0.63 35.85 54.32
N CYS A 326 0.42 35.02 54.43
CA CYS A 326 1.76 35.37 53.98
C CYS A 326 1.95 35.04 52.51
N ASP A 327 0.91 35.24 51.68
CA ASP A 327 0.90 34.97 50.23
C ASP A 327 0.17 36.05 49.46
N GLU B 1 -24.92 6.32 16.70
CA GLU B 1 -25.03 7.07 17.95
C GLU B 1 -23.68 7.74 18.32
N VAL B 2 -22.76 7.05 19.05
CA VAL B 2 -21.44 7.61 19.35
C VAL B 2 -20.62 7.42 18.08
N GLN B 3 -19.94 8.48 17.64
CA GLN B 3 -19.13 8.38 16.42
C GLN B 3 -17.84 9.12 16.53
N LEU B 4 -16.82 8.63 15.82
CA LEU B 4 -15.49 9.22 15.83
C LEU B 4 -15.33 10.03 14.54
N VAL B 5 -15.29 11.35 14.67
CA VAL B 5 -15.20 12.24 13.52
C VAL B 5 -13.77 12.72 13.28
N GLN B 6 -13.16 12.25 12.20
CA GLN B 6 -11.79 12.60 11.86
C GLN B 6 -11.65 13.82 10.98
N SER B 7 -10.45 14.41 10.95
CA SER B 7 -10.17 15.58 10.13
C SER B 7 -10.11 15.18 8.62
N GLY B 8 -10.19 16.16 7.74
CA GLY B 8 -10.19 15.90 6.30
C GLY B 8 -8.83 15.48 5.75
N ALA B 9 -8.83 14.97 4.52
CA ALA B 9 -7.65 14.51 3.80
C ALA B 9 -6.64 15.63 3.52
N GLY B 10 -5.39 15.27 3.30
CA GLY B 10 -4.34 16.25 3.03
C GLY B 10 -3.14 15.78 2.25
N VAL B 11 -2.39 16.73 1.67
CA VAL B 11 -1.15 16.47 0.94
C VAL B 11 0.01 17.11 1.69
N LYS B 12 1.06 16.33 1.94
CA LYS B 12 2.22 16.85 2.63
C LYS B 12 3.48 16.64 1.78
N LYS B 13 4.40 17.62 1.81
CA LYS B 13 5.67 17.48 1.10
C LYS B 13 6.59 16.57 1.96
N PRO B 14 7.46 15.77 1.33
CA PRO B 14 8.34 14.89 2.12
C PRO B 14 9.25 15.66 3.08
N GLY B 15 9.32 15.20 4.32
CA GLY B 15 10.12 15.84 5.36
C GLY B 15 9.27 16.57 6.39
N SER B 16 8.07 17.02 5.97
CA SER B 16 7.14 17.75 6.82
C SER B 16 6.41 16.82 7.82
N SER B 17 5.52 17.37 8.66
CA SER B 17 4.77 16.56 9.62
C SER B 17 3.25 16.79 9.46
N VAL B 18 2.44 15.77 9.77
CA VAL B 18 0.99 15.87 9.64
C VAL B 18 0.27 15.68 10.98
N LYS B 19 -0.77 16.48 11.25
CA LYS B 19 -1.54 16.32 12.48
C LYS B 19 -2.99 15.94 12.15
N VAL B 20 -3.44 14.78 12.63
CA VAL B 20 -4.79 14.29 12.37
C VAL B 20 -5.61 14.32 13.66
N SER B 21 -6.86 14.78 13.60
CA SER B 21 -7.73 14.86 14.77
C SER B 21 -8.82 13.77 14.74
N CYS B 22 -9.43 13.52 15.89
CA CYS B 22 -10.45 12.50 16.01
C CYS B 22 -11.36 12.91 17.16
N LYS B 23 -12.52 13.49 16.86
CA LYS B 23 -13.42 13.98 17.90
C LYS B 23 -14.59 13.06 18.18
N SER B 24 -14.81 12.71 19.45
CA SER B 24 -15.94 11.85 19.82
C SER B 24 -17.26 12.65 19.85
N SER B 25 -18.20 12.30 18.98
CA SER B 25 -19.49 12.98 18.90
C SER B 25 -20.64 12.04 19.25
N GLY B 26 -20.81 11.81 20.55
CA GLY B 26 -21.87 10.96 21.08
C GLY B 26 -21.90 11.00 22.60
N GLY B 27 -22.37 9.92 23.20
CA GLY B 27 -22.46 9.80 24.66
C GLY B 27 -21.15 9.49 25.39
N THR B 28 -20.07 10.31 25.12
CA THR B 28 -18.72 10.23 25.70
C THR B 28 -18.22 8.80 25.98
N SER B 31 -14.57 9.25 28.86
CA SER B 31 -13.22 8.65 28.98
C SER B 31 -13.06 7.43 28.05
N SER B 32 -12.12 7.50 27.10
CA SER B 32 -11.93 6.42 26.13
C SER B 32 -10.45 6.02 25.94
N ALA B 33 -10.18 4.97 25.14
CA ALA B 33 -8.82 4.53 24.91
C ALA B 33 -8.52 4.49 23.40
N VAL B 34 -8.42 5.67 22.77
CA VAL B 34 -8.18 5.77 21.34
C VAL B 34 -6.74 5.36 20.92
N SER B 35 -6.66 4.49 19.90
CA SER B 35 -5.42 4.03 19.25
C SER B 35 -5.43 4.50 17.78
N TRP B 36 -4.27 4.63 17.17
CA TRP B 36 -4.16 5.06 15.78
C TRP B 36 -3.66 3.91 14.95
N ILE B 37 -4.38 3.60 13.87
CA ILE B 37 -4.07 2.48 12.98
C ILE B 37 -4.03 3.00 11.55
N ARG B 38 -3.00 2.64 10.77
CA ARG B 38 -2.92 3.12 9.38
C ARG B 38 -3.02 1.99 8.37
N GLN B 39 -3.45 2.31 7.15
CA GLN B 39 -3.56 1.33 6.09
C GLN B 39 -3.09 1.94 4.79
N ALA B 40 -1.93 1.51 4.30
CA ALA B 40 -1.39 2.01 3.04
C ALA B 40 -2.25 1.54 1.87
N PRO B 41 -2.30 2.28 0.74
CA PRO B 41 -3.15 1.85 -0.38
C PRO B 41 -2.91 0.41 -0.84
N GLY B 42 -3.96 -0.40 -0.73
CA GLY B 42 -3.94 -1.81 -1.10
C GLY B 42 -3.16 -2.70 -0.15
N GLN B 43 -2.83 -2.19 1.04
CA GLN B 43 -2.07 -2.91 2.05
C GLN B 43 -2.94 -3.26 3.27
N GLY B 44 -2.35 -3.98 4.21
CA GLY B 44 -3.04 -4.34 5.43
C GLY B 44 -3.00 -3.23 6.46
N VAL B 45 -3.75 -3.44 7.53
CA VAL B 45 -3.87 -2.49 8.63
C VAL B 45 -2.68 -2.67 9.59
N GLU B 46 -2.26 -1.57 10.23
CA GLU B 46 -1.07 -1.55 11.08
C GLU B 46 -1.26 -0.65 12.29
N TRP B 47 -1.01 -1.17 13.48
CA TRP B 47 -1.16 -0.38 14.72
C TRP B 47 0.04 0.52 14.95
N MET B 48 -0.20 1.81 15.15
CA MET B 48 0.86 2.77 15.34
C MET B 48 1.12 3.13 16.80
N GLY B 49 0.07 3.19 17.58
CA GLY B 49 0.17 3.55 18.99
C GLY B 49 -1.17 3.92 19.58
N GLY B 50 -1.16 4.37 20.81
CA GLY B 50 -2.37 4.76 21.51
C GLY B 50 -2.34 4.36 22.97
N ILE B 51 -3.45 4.58 23.68
CA ILE B 51 -3.54 4.23 25.10
C ILE B 51 -3.80 2.71 25.25
N THR B 52 -2.86 1.97 25.89
CA THR B 52 -2.95 0.51 26.03
C THR B 52 -2.76 -0.04 27.47
N SER B 53 -2.52 0.83 28.46
CA SER B 53 -2.34 0.40 29.83
C SER B 53 -2.76 1.51 30.78
N ILE B 54 -3.05 1.12 32.02
CA ILE B 54 -3.40 2.07 33.05
C ILE B 54 -2.15 2.85 33.55
N PHE B 55 -0.92 2.35 33.24
CA PHE B 55 0.37 2.83 33.71
C PHE B 55 0.95 4.10 33.07
N GLY B 56 0.90 4.21 31.76
CA GLY B 56 1.50 5.35 31.07
C GLY B 56 0.59 6.28 30.31
N PRO B 57 1.13 7.45 29.94
CA PRO B 57 0.32 8.44 29.21
C PRO B 57 -0.01 8.02 27.77
N ALA B 58 0.86 7.21 27.15
CA ALA B 58 0.69 6.69 25.80
C ALA B 58 1.65 5.53 25.57
N ASN B 59 1.33 4.66 24.62
CA ASN B 59 2.20 3.55 24.25
C ASN B 59 2.35 3.54 22.74
N TYR B 60 3.58 3.58 22.24
CA TYR B 60 3.82 3.63 20.80
C TYR B 60 4.43 2.35 20.29
N ALA B 61 4.10 1.97 19.04
CA ALA B 61 4.72 0.81 18.40
C ALA B 61 6.17 1.20 18.10
N GLN B 62 7.13 0.28 18.30
CA GLN B 62 8.56 0.57 18.08
C GLN B 62 8.87 1.31 16.78
N LYS B 63 8.25 0.87 15.68
CA LYS B 63 8.41 1.42 14.34
C LYS B 63 8.11 2.93 14.31
N PHE B 64 7.12 3.36 15.09
CA PHE B 64 6.66 4.74 15.13
C PHE B 64 7.12 5.57 16.32
N GLN B 65 7.76 4.95 17.32
CA GLN B 65 8.23 5.65 18.53
C GLN B 65 8.94 6.97 18.27
N ASP B 66 9.88 6.99 17.31
CA ASP B 66 10.68 8.15 16.97
C ASP B 66 9.96 9.30 16.27
N ARG B 67 8.86 9.01 15.53
CA ARG B 67 8.18 10.07 14.76
C ARG B 67 6.74 10.35 15.14
N LEU B 68 6.12 9.52 16.00
CA LEU B 68 4.73 9.73 16.38
C LEU B 68 4.61 10.42 17.73
N LYS B 69 3.61 11.29 17.83
CA LYS B 69 3.23 11.99 19.04
C LYS B 69 1.72 11.80 19.15
N ILE B 70 1.24 11.29 20.28
CA ILE B 70 -0.18 11.06 20.49
C ILE B 70 -0.65 11.90 21.69
N THR B 71 -1.57 12.83 21.45
CA THR B 71 -2.09 13.74 22.46
C THR B 71 -3.62 13.71 22.55
N ALA B 72 -4.19 14.30 23.60
CA ALA B 72 -5.64 14.33 23.78
C ALA B 72 -6.09 15.58 24.49
N ASP B 73 -7.22 16.12 24.06
CA ASP B 73 -7.83 17.28 24.67
C ASP B 73 -9.12 16.80 25.33
N LYS B 74 -9.06 16.46 26.64
CA LYS B 74 -10.17 15.93 27.44
C LYS B 74 -11.38 16.87 27.42
N ALA B 75 -11.11 18.19 27.48
CA ALA B 75 -12.12 19.24 27.48
C ALA B 75 -13.06 19.15 26.29
N THR B 76 -12.53 18.87 25.08
CA THR B 76 -13.34 18.80 23.87
C THR B 76 -13.56 17.40 23.32
N ASN B 77 -13.07 16.37 24.02
CA ASN B 77 -13.16 14.97 23.59
C ASN B 77 -12.50 14.73 22.26
N THR B 78 -11.37 15.40 22.01
CA THR B 78 -10.63 15.29 20.75
C THR B 78 -9.25 14.65 20.95
N VAL B 79 -8.90 13.66 20.14
CA VAL B 79 -7.61 12.99 20.24
C VAL B 79 -6.80 13.34 19.00
N TYR B 80 -5.50 13.58 19.15
CA TYR B 80 -4.65 13.95 18.02
C TYR B 80 -3.53 12.95 17.79
N MET B 81 -2.96 12.99 16.59
CA MET B 81 -1.88 12.14 16.15
C MET B 81 -0.98 13.02 15.29
N GLU B 82 0.32 13.04 15.57
CA GLU B 82 1.25 13.84 14.79
C GLU B 82 2.42 12.99 14.30
N LEU B 83 2.49 12.74 12.99
CA LEU B 83 3.56 11.95 12.41
C LEU B 83 4.51 12.91 11.71
N SER B 84 5.77 12.94 12.16
CA SER B 84 6.79 13.84 11.60
C SER B 84 7.76 13.11 10.64
N GLY B 85 8.56 13.90 9.91
CA GLY B 85 9.53 13.38 8.95
C GLY B 85 8.91 12.45 7.92
N LEU B 86 7.83 12.92 7.30
CA LEU B 86 7.07 12.14 6.33
C LEU B 86 7.87 11.73 5.10
N THR B 87 7.68 10.49 4.67
CA THR B 87 8.28 9.95 3.47
C THR B 87 7.15 9.41 2.60
N PHE B 88 7.44 9.11 1.32
CA PHE B 88 6.43 8.57 0.41
C PHE B 88 5.77 7.28 0.94
N GLU B 89 6.44 6.59 1.89
CA GLU B 89 5.93 5.36 2.51
C GLU B 89 4.87 5.61 3.60
N ASP B 90 4.67 6.88 4.00
CA ASP B 90 3.67 7.27 4.98
C ASP B 90 2.31 7.63 4.35
N THR B 91 2.18 7.55 3.00
CA THR B 91 0.91 7.79 2.30
C THR B 91 0.00 6.64 2.70
N ALA B 92 -1.07 6.93 3.43
CA ALA B 92 -1.98 5.90 3.93
C ALA B 92 -3.31 6.52 4.44
N VAL B 93 -4.31 5.68 4.77
CA VAL B 93 -5.52 6.15 5.41
C VAL B 93 -5.28 5.92 6.91
N TYR B 94 -5.43 6.97 7.72
CA TYR B 94 -5.21 6.88 9.15
C TYR B 94 -6.54 6.83 9.87
N TYR B 95 -6.77 5.79 10.66
CA TYR B 95 -8.00 5.62 11.43
C TYR B 95 -7.70 5.77 12.91
N CYS B 96 -8.67 6.29 13.66
CA CYS B 96 -8.60 6.28 15.10
C CYS B 96 -9.64 5.24 15.54
N ALA B 97 -9.32 4.42 16.52
CA ALA B 97 -10.22 3.38 16.98
C ALA B 97 -10.27 3.33 18.50
N ARG B 98 -11.44 3.09 19.08
CA ARG B 98 -11.62 3.02 20.53
C ARG B 98 -11.48 1.58 21.04
N VAL B 99 -10.78 1.38 22.17
CA VAL B 99 -10.64 0.04 22.76
C VAL B 99 -11.89 -0.25 23.60
N GLY B 100 -12.62 -1.28 23.23
CA GLY B 100 -13.85 -1.68 23.88
C GLY B 100 -13.86 -1.75 25.39
N ASP B 101 -13.05 -2.64 25.97
CA ASP B 101 -13.05 -2.83 27.43
C ASP B 101 -12.26 -1.80 28.25
N TYR B 102 -12.22 -0.52 27.84
CA TYR B 102 -11.47 0.49 28.60
C TYR B 102 -12.04 0.69 30.01
N ASN B 103 -13.35 0.66 30.13
CA ASN B 103 -14.01 0.83 31.42
C ASN B 103 -13.67 -0.29 32.43
N PHE B 104 -13.15 -1.43 31.96
CA PHE B 104 -12.80 -2.56 32.83
C PHE B 104 -11.35 -2.55 33.31
N TRP B 105 -10.47 -1.71 32.73
CA TRP B 105 -9.05 -1.67 33.06
C TRP B 105 -8.76 -1.39 34.51
N ASN B 106 -7.97 -2.28 35.14
CA ASN B 106 -7.65 -2.20 36.56
C ASN B 106 -6.16 -2.38 36.88
N GLY B 107 -5.34 -2.70 35.88
CA GLY B 107 -3.95 -3.04 36.13
C GLY B 107 -3.82 -4.56 36.24
N HIS B 108 -4.85 -5.23 36.82
CA HIS B 108 -4.90 -6.70 36.93
C HIS B 108 -5.74 -7.26 35.78
N TYR B 109 -6.81 -6.55 35.36
CA TYR B 109 -7.66 -7.01 34.27
C TYR B 109 -6.85 -6.98 32.99
N ARG B 110 -6.84 -8.09 32.23
CA ARG B 110 -6.13 -8.17 30.96
C ARG B 110 -7.07 -7.79 29.85
N SER B 111 -6.79 -6.68 29.15
CA SER B 111 -7.65 -6.23 28.08
C SER B 111 -7.54 -7.15 26.86
N GLY B 112 -8.61 -7.22 26.10
CA GLY B 112 -8.66 -7.99 24.86
C GLY B 112 -8.15 -7.18 23.68
N TYR B 113 -8.19 -5.82 23.80
CA TYR B 113 -7.77 -4.80 22.84
C TYR B 113 -8.57 -4.86 21.56
N TYR B 114 -9.90 -4.99 21.71
CA TYR B 114 -10.77 -5.02 20.54
C TYR B 114 -11.25 -3.62 20.20
N PHE B 115 -11.25 -3.27 18.91
CA PHE B 115 -11.65 -1.94 18.50
C PHE B 115 -13.15 -1.86 18.17
N ASP B 116 -13.88 -1.36 19.17
CA ASP B 116 -15.30 -1.11 19.29
C ASP B 116 -15.82 -0.20 18.17
N LEU B 117 -15.27 1.03 18.09
CA LEU B 117 -15.66 2.08 17.18
C LEU B 117 -14.44 2.51 16.39
N TRP B 118 -14.61 2.75 15.09
CA TRP B 118 -13.55 3.24 14.22
C TRP B 118 -14.00 4.53 13.54
N GLY B 119 -13.06 5.44 13.30
CA GLY B 119 -13.34 6.65 12.54
C GLY B 119 -13.45 6.30 11.06
N ARG B 120 -14.02 7.19 10.25
CA ARG B 120 -14.18 6.90 8.80
C ARG B 120 -12.84 6.85 8.04
N GLY B 121 -11.77 7.38 8.63
CA GLY B 121 -10.44 7.38 8.04
C GLY B 121 -10.04 8.74 7.49
N THR B 122 -8.73 9.04 7.49
CA THR B 122 -8.21 10.29 6.93
C THR B 122 -7.13 9.93 5.92
N LEU B 123 -7.32 10.32 4.67
CA LEU B 123 -6.34 10.01 3.62
C LEU B 123 -5.21 11.04 3.63
N VAL B 124 -4.02 10.63 4.08
CA VAL B 124 -2.88 11.55 4.07
C VAL B 124 -1.93 11.10 2.98
N THR B 125 -1.58 11.99 2.05
CA THR B 125 -0.69 11.62 0.95
C THR B 125 0.58 12.43 0.94
N VAL B 126 1.72 11.79 0.68
CA VAL B 126 3.00 12.48 0.63
C VAL B 126 3.42 12.69 -0.83
N SER B 127 3.54 13.95 -1.27
CA SER B 127 3.92 14.25 -2.64
C SER B 127 4.81 15.46 -2.74
N SER B 128 5.86 15.36 -3.56
CA SER B 128 6.81 16.46 -3.74
C SER B 128 6.37 17.37 -4.88
N VAL B 147 2.76 -9.75 11.23
CA VAL B 147 3.31 -10.56 12.32
C VAL B 147 2.47 -11.85 12.50
N LEU B 148 1.15 -11.72 12.36
CA LEU B 148 0.20 -12.83 12.44
C LEU B 148 0.00 -13.38 11.02
N THR B 149 0.07 -14.70 10.86
CA THR B 149 0.02 -15.32 9.54
C THR B 149 -1.37 -15.78 9.11
N GLN B 150 -1.91 -15.09 8.09
CA GLN B 150 -3.22 -15.36 7.48
C GLN B 150 -3.03 -15.59 5.99
N PRO B 151 -3.78 -16.54 5.38
CA PRO B 151 -3.65 -16.76 3.92
C PRO B 151 -4.10 -15.52 3.14
N PRO B 152 -3.40 -15.19 2.04
CA PRO B 152 -3.74 -13.97 1.28
C PRO B 152 -5.15 -13.97 0.72
N SER B 153 -5.67 -15.15 0.39
CA SER B 153 -7.00 -15.28 -0.17
C SER B 153 -7.68 -16.57 0.24
N ALA B 154 -9.00 -16.51 0.32
CA ALA B 154 -9.90 -17.63 0.60
C ALA B 154 -11.06 -17.58 -0.40
N SER B 155 -11.69 -18.73 -0.66
CA SER B 155 -12.81 -18.78 -1.59
C SER B 155 -13.80 -19.90 -1.27
N GLY B 156 -15.03 -19.73 -1.70
CA GLY B 156 -16.06 -20.74 -1.50
C GLY B 156 -17.32 -20.47 -2.30
N THR B 157 -18.14 -21.50 -2.53
CA THR B 157 -19.41 -21.32 -3.22
C THR B 157 -20.49 -20.91 -2.20
N PRO B 158 -21.53 -20.16 -2.61
CA PRO B 158 -22.58 -19.76 -1.66
C PRO B 158 -23.25 -20.95 -0.98
N GLY B 159 -23.51 -20.81 0.31
CA GLY B 159 -24.12 -21.87 1.11
C GLY B 159 -23.10 -22.70 1.86
N GLN B 160 -21.88 -22.79 1.31
CA GLN B 160 -20.76 -23.54 1.86
C GLN B 160 -20.12 -22.83 3.08
N ARG B 161 -19.16 -23.48 3.75
CA ARG B 161 -18.46 -22.90 4.90
C ARG B 161 -17.00 -22.63 4.54
N VAL B 162 -16.51 -21.41 4.78
CA VAL B 162 -15.10 -21.08 4.52
C VAL B 162 -14.39 -20.80 5.84
N THR B 163 -13.18 -21.35 6.02
CA THR B 163 -12.43 -21.14 7.26
C THR B 163 -11.11 -20.44 7.01
N ILE B 164 -10.84 -19.40 7.79
CA ILE B 164 -9.61 -18.62 7.68
C ILE B 164 -8.74 -18.92 8.88
N SER B 165 -7.52 -19.40 8.63
CA SER B 165 -6.58 -19.69 9.71
C SER B 165 -5.81 -18.40 10.09
N CYS B 166 -5.23 -18.38 11.28
CA CYS B 166 -4.46 -17.24 11.76
C CYS B 166 -3.49 -17.77 12.79
N SER B 167 -2.26 -18.07 12.38
CA SER B 167 -1.27 -18.58 13.31
C SER B 167 -0.37 -17.46 13.84
N GLY B 168 0.16 -17.64 15.03
CA GLY B 168 1.04 -16.67 15.66
C GLY B 168 2.02 -17.32 16.60
N SER B 169 2.53 -16.53 17.55
CA SER B 169 3.50 -17.01 18.56
C SER B 169 2.89 -17.04 19.97
N SER B 170 3.63 -17.62 20.94
CA SER B 170 3.14 -17.69 22.32
C SER B 170 3.08 -16.33 23.01
N SER B 171 3.82 -15.32 22.51
CA SER B 171 3.78 -13.98 23.11
C SER B 171 2.48 -13.25 22.76
N ASN B 172 1.86 -13.56 21.60
CA ASN B 172 0.62 -12.90 21.20
C ASN B 172 -0.61 -13.82 21.38
N ILE B 173 -0.96 -14.69 20.40
CA ILE B 173 -2.13 -15.57 20.48
C ILE B 173 -2.05 -16.56 21.66
N GLY B 174 -0.85 -17.02 21.97
CA GLY B 174 -0.65 -17.95 23.06
C GLY B 174 -0.99 -17.38 24.44
N SER B 175 -0.94 -16.05 24.58
CA SER B 175 -1.19 -15.41 25.88
C SER B 175 -2.41 -14.48 25.89
N ASN B 176 -2.99 -14.18 24.72
CA ASN B 176 -4.09 -13.23 24.64
C ASN B 176 -5.28 -13.71 23.83
N THR B 177 -6.41 -12.99 23.91
CA THR B 177 -7.56 -13.32 23.10
C THR B 177 -7.33 -12.79 21.70
N VAL B 178 -8.01 -13.41 20.73
CA VAL B 178 -7.97 -13.04 19.31
C VAL B 178 -9.29 -12.36 18.92
N ASN B 179 -9.18 -11.32 18.11
CA ASN B 179 -10.32 -10.56 17.60
C ASN B 179 -10.23 -10.54 16.07
N TRP B 180 -11.38 -10.58 15.39
CA TRP B 180 -11.45 -10.57 13.93
C TRP B 180 -12.20 -9.34 13.44
N TYR B 181 -11.78 -8.80 12.29
CA TYR B 181 -12.38 -7.61 11.71
C TYR B 181 -12.75 -7.89 10.26
N GLN B 182 -13.87 -7.34 9.81
CA GLN B 182 -14.27 -7.47 8.43
C GLN B 182 -14.15 -6.09 7.79
N GLN B 183 -13.44 -6.00 6.66
CA GLN B 183 -13.31 -4.74 5.96
C GLN B 183 -13.92 -4.77 4.56
N LEU B 184 -14.99 -4.00 4.38
CA LEU B 184 -15.63 -3.90 3.07
C LEU B 184 -14.94 -2.79 2.26
N PRO B 185 -15.01 -2.82 0.91
CA PRO B 185 -14.31 -1.79 0.11
C PRO B 185 -14.71 -0.34 0.43
N GLY B 186 -13.71 0.49 0.67
CA GLY B 186 -13.93 1.90 0.94
C GLY B 186 -14.46 2.21 2.34
N THR B 187 -14.41 1.24 3.25
CA THR B 187 -14.90 1.42 4.62
C THR B 187 -13.84 1.00 5.64
N ALA B 188 -13.98 1.48 6.88
CA ALA B 188 -13.05 1.12 7.95
C ALA B 188 -13.32 -0.31 8.39
N PRO B 189 -12.30 -1.04 8.90
CA PRO B 189 -12.57 -2.40 9.41
C PRO B 189 -13.64 -2.39 10.51
N LYS B 190 -14.41 -3.46 10.62
CA LYS B 190 -15.50 -3.53 11.60
C LYS B 190 -15.28 -4.73 12.49
N LEU B 191 -15.52 -4.62 13.82
CA LEU B 191 -15.35 -5.76 14.71
C LEU B 191 -16.32 -6.89 14.32
N LEU B 192 -15.81 -8.09 14.14
CA LEU B 192 -16.61 -9.23 13.75
C LEU B 192 -16.64 -10.24 14.90
N ILE B 193 -15.47 -10.53 15.50
CA ILE B 193 -15.37 -11.46 16.61
C ILE B 193 -14.47 -10.82 17.66
N TYR B 194 -14.84 -10.86 18.94
CA TYR B 194 -13.99 -10.35 20.01
C TYR B 194 -13.83 -11.43 21.08
N SER B 195 -12.75 -11.36 21.86
CA SER B 195 -12.50 -12.33 22.94
C SER B 195 -12.65 -13.80 22.50
N ASN B 196 -11.98 -14.13 21.36
CA ASN B 196 -11.91 -15.45 20.74
C ASN B 196 -13.17 -15.93 20.03
N THR B 197 -14.32 -15.97 20.73
CA THR B 197 -15.55 -16.56 20.21
C THR B 197 -16.77 -15.63 20.20
N GLN B 198 -16.70 -14.51 20.93
CA GLN B 198 -17.82 -13.58 21.07
C GLN B 198 -18.15 -12.78 19.82
N ARG B 199 -19.44 -12.46 19.62
CA ARG B 199 -19.87 -11.67 18.47
C ARG B 199 -20.57 -10.41 18.94
N PRO B 200 -20.16 -9.25 18.44
CA PRO B 200 -20.87 -8.01 18.79
C PRO B 200 -22.31 -8.01 18.27
N SER B 201 -23.13 -7.03 18.72
CA SER B 201 -24.52 -6.96 18.26
C SER B 201 -24.55 -6.64 16.78
N GLY B 202 -25.32 -7.42 16.03
CA GLY B 202 -25.41 -7.22 14.60
C GLY B 202 -24.71 -8.29 13.79
N VAL B 203 -23.75 -9.00 14.39
CA VAL B 203 -23.04 -10.06 13.68
C VAL B 203 -23.82 -11.37 13.77
N PRO B 204 -24.19 -11.94 12.61
CA PRO B 204 -24.97 -13.20 12.62
C PRO B 204 -24.21 -14.41 13.14
N ASP B 205 -24.93 -15.42 13.65
CA ASP B 205 -24.34 -16.65 14.18
C ASP B 205 -23.62 -17.51 13.12
N ARG B 206 -23.62 -17.09 11.85
CA ARG B 206 -22.91 -17.78 10.78
C ARG B 206 -21.40 -17.65 11.01
N PHE B 207 -20.94 -16.48 11.47
CA PHE B 207 -19.55 -16.22 11.79
C PHE B 207 -19.25 -16.78 13.17
N SER B 208 -18.17 -17.54 13.30
CA SER B 208 -17.79 -18.11 14.59
C SER B 208 -16.28 -18.12 14.73
N GLY B 209 -15.80 -17.91 15.95
CA GLY B 209 -14.36 -17.88 16.21
C GLY B 209 -13.91 -19.05 17.05
N SER B 210 -12.59 -19.29 17.05
CA SER B 210 -11.96 -20.36 17.83
C SER B 210 -10.48 -20.08 18.06
N LYS B 211 -9.90 -20.62 19.13
CA LYS B 211 -8.49 -20.41 19.43
C LYS B 211 -7.93 -21.63 20.14
N SER B 212 -6.80 -22.16 19.65
CA SER B 212 -6.14 -23.29 20.27
C SER B 212 -4.65 -23.01 20.31
N ALA B 213 -4.07 -22.98 21.52
CA ALA B 213 -2.66 -22.73 21.78
C ALA B 213 -2.15 -21.42 21.05
N THR B 214 -1.52 -21.44 19.84
CA THR B 214 -1.05 -20.22 19.19
C THR B 214 -1.75 -19.94 17.87
N SER B 215 -2.93 -20.53 17.64
CA SER B 215 -3.65 -20.31 16.39
C SER B 215 -5.12 -20.04 16.60
N ALA B 216 -5.68 -19.22 15.73
CA ALA B 216 -7.07 -18.85 15.76
C ALA B 216 -7.71 -19.13 14.40
N SER B 217 -9.03 -19.31 14.40
CA SER B 217 -9.72 -19.61 13.17
C SER B 217 -11.08 -18.92 13.13
N LEU B 218 -11.47 -18.48 11.94
CA LEU B 218 -12.76 -17.84 11.74
C LEU B 218 -13.52 -18.70 10.75
N ALA B 219 -14.73 -19.13 11.10
CA ALA B 219 -15.55 -19.93 10.20
C ALA B 219 -16.74 -19.11 9.73
N ILE B 220 -16.93 -19.00 8.41
CA ILE B 220 -18.07 -18.30 7.84
C ILE B 220 -18.97 -19.38 7.28
N SER B 221 -19.98 -19.78 8.04
CA SER B 221 -20.92 -20.81 7.60
C SER B 221 -22.03 -20.20 6.74
N GLY B 222 -22.61 -21.00 5.86
CA GLY B 222 -23.67 -20.56 4.96
C GLY B 222 -23.33 -19.32 4.16
N LEU B 223 -22.09 -19.29 3.62
CA LEU B 223 -21.50 -18.19 2.84
C LEU B 223 -22.47 -17.46 1.91
N GLN B 224 -22.46 -16.13 1.97
CA GLN B 224 -23.30 -15.30 1.11
C GLN B 224 -22.43 -14.35 0.28
N SER B 225 -22.95 -13.83 -0.84
CA SER B 225 -22.23 -12.88 -1.70
C SER B 225 -21.79 -11.65 -0.90
N GLU B 226 -22.63 -11.21 0.06
CA GLU B 226 -22.37 -10.07 0.94
C GLU B 226 -21.15 -10.26 1.86
N ASP B 227 -20.60 -11.48 1.94
CA ASP B 227 -19.43 -11.77 2.78
C ASP B 227 -18.10 -11.53 2.06
N GLU B 228 -18.11 -11.21 0.76
CA GLU B 228 -16.91 -10.94 -0.01
C GLU B 228 -16.31 -9.64 0.53
N ALA B 229 -15.21 -9.78 1.30
CA ALA B 229 -14.53 -8.70 2.00
C ALA B 229 -13.12 -9.17 2.48
N ASP B 230 -12.30 -8.26 3.05
CA ASP B 230 -11.02 -8.63 3.61
C ASP B 230 -11.23 -8.92 5.10
N TYR B 231 -10.59 -9.96 5.63
CA TYR B 231 -10.76 -10.32 7.04
C TYR B 231 -9.44 -10.27 7.76
N TYR B 232 -9.38 -9.56 8.90
CA TYR B 232 -8.13 -9.46 9.64
C TYR B 232 -8.25 -10.05 11.03
N CYS B 233 -7.26 -10.82 11.47
CA CYS B 233 -7.22 -11.29 12.85
C CYS B 233 -6.25 -10.37 13.58
N ALA B 234 -6.46 -10.19 14.88
CA ALA B 234 -5.63 -9.31 15.69
C ALA B 234 -5.54 -9.84 17.11
N ALA B 235 -4.42 -9.57 17.78
CA ALA B 235 -4.21 -9.98 19.15
C ALA B 235 -3.14 -9.12 19.80
N TRP B 236 -3.20 -9.00 21.13
CA TRP B 236 -2.20 -8.26 21.90
C TRP B 236 -0.88 -9.05 22.01
N ASP B 237 0.24 -8.42 21.64
CA ASP B 237 1.53 -9.06 21.72
C ASP B 237 2.25 -8.50 22.94
N ASP B 238 2.64 -9.39 23.85
CA ASP B 238 3.33 -8.95 25.06
C ASP B 238 4.84 -8.70 24.84
N SER B 239 5.37 -8.86 23.62
CA SER B 239 6.79 -8.56 23.35
C SER B 239 7.00 -7.06 23.47
N LEU B 240 8.16 -6.67 24.02
CA LEU B 240 8.50 -5.25 24.22
C LEU B 240 7.45 -4.61 25.19
N ASN B 241 7.22 -3.28 25.12
CA ASN B 241 6.25 -2.65 26.02
C ASN B 241 4.78 -2.97 25.66
N GLY B 242 4.56 -3.99 24.84
CA GLY B 242 3.25 -4.41 24.36
C GLY B 242 2.83 -3.63 23.15
N HIS B 243 2.12 -4.29 22.24
CA HIS B 243 1.59 -3.71 20.99
C HIS B 243 0.53 -4.62 20.39
N VAL B 244 -0.42 -4.07 19.62
CA VAL B 244 -1.42 -4.92 18.98
C VAL B 244 -0.88 -5.32 17.61
N VAL B 245 -0.85 -6.62 17.35
CA VAL B 245 -0.40 -7.16 16.07
C VAL B 245 -1.62 -7.55 15.22
N PHE B 246 -1.46 -7.46 13.90
CA PHE B 246 -2.51 -7.79 12.94
C PHE B 246 -2.03 -8.84 11.93
N GLY B 247 -2.99 -9.52 11.34
CA GLY B 247 -2.73 -10.44 10.25
C GLY B 247 -2.66 -9.68 8.94
N GLY B 248 -2.19 -10.35 7.91
CA GLY B 248 -2.05 -9.72 6.59
C GLY B 248 -3.37 -9.42 5.89
N GLY B 249 -4.42 -10.12 6.28
CA GLY B 249 -5.73 -9.97 5.69
C GLY B 249 -6.05 -11.03 4.65
N THR B 250 -7.21 -11.67 4.79
CA THR B 250 -7.62 -12.69 3.85
C THR B 250 -8.73 -12.14 2.95
N LYS B 251 -8.54 -12.16 1.62
CA LYS B 251 -9.56 -11.68 0.71
C LYS B 251 -10.46 -12.83 0.36
N VAL B 252 -11.60 -12.92 1.04
CA VAL B 252 -12.58 -13.95 0.76
C VAL B 252 -13.29 -13.55 -0.52
N THR B 253 -13.41 -14.52 -1.43
CA THR B 253 -14.09 -14.37 -2.71
C THR B 253 -15.20 -15.39 -2.73
N VAL B 254 -16.42 -14.93 -2.99
CA VAL B 254 -17.56 -15.83 -3.06
C VAL B 254 -17.82 -16.17 -4.51
N LEU B 255 -17.63 -17.44 -4.89
CA LEU B 255 -17.84 -17.91 -6.26
C LEU B 255 -19.34 -17.96 -6.65
N GLY B 256 -19.63 -18.41 -7.87
CA GLY B 256 -20.99 -18.57 -8.37
C GLY B 256 -21.69 -19.72 -7.69
N ALA B 257 -23.00 -19.55 -7.46
CA ALA B 257 -23.82 -20.55 -6.76
C ALA B 257 -23.86 -21.87 -7.50
N ALA B 258 -24.07 -22.95 -6.74
CA ALA B 258 -24.17 -24.28 -7.31
C ALA B 258 -25.44 -24.44 -8.13
N ALA B 259 -26.53 -23.71 -7.79
CA ALA B 259 -27.77 -23.80 -8.55
C ALA B 259 -27.74 -23.10 -9.91
N GLU B 260 -26.63 -22.39 -10.24
CA GLU B 260 -26.44 -21.77 -11.55
C GLU B 260 -26.24 -22.81 -12.69
N ASN B 261 -26.06 -24.12 -12.33
CA ASN B 261 -25.88 -25.21 -13.30
C ASN B 261 -26.34 -26.59 -12.82
N LEU B 262 -26.91 -27.40 -13.74
CA LEU B 262 -27.39 -28.75 -13.49
C LEU B 262 -26.28 -29.72 -13.09
N TYR B 263 -25.02 -29.41 -13.42
CA TYR B 263 -23.87 -30.25 -13.09
C TYR B 263 -23.29 -29.82 -11.75
N PHE B 264 -23.21 -28.50 -11.50
CA PHE B 264 -22.64 -27.97 -10.27
C PHE B 264 -23.64 -27.96 -9.12
N ARG C 5 16.44 -3.81 -32.70
CA ARG C 5 16.45 -5.08 -31.98
C ARG C 5 15.59 -5.06 -30.72
N ILE C 6 15.57 -3.93 -29.96
CA ILE C 6 14.76 -3.78 -28.74
C ILE C 6 14.09 -2.40 -28.77
N GLY C 7 12.81 -2.37 -29.13
CA GLY C 7 12.05 -1.14 -29.23
C GLY C 7 12.62 -0.20 -30.27
N TYR C 8 13.15 0.95 -29.81
CA TYR C 8 13.77 1.91 -30.71
C TYR C 8 15.29 1.87 -30.60
N TYR C 9 15.88 0.70 -30.28
CA TYR C 9 17.33 0.60 -30.13
C TYR C 9 17.92 -0.52 -30.95
N GLU C 10 19.11 -0.28 -31.53
CA GLU C 10 19.81 -1.28 -32.31
C GLU C 10 20.95 -1.79 -31.45
N ILE C 11 20.79 -2.99 -30.91
CA ILE C 11 21.74 -3.62 -30.00
C ILE C 11 22.97 -4.18 -30.72
N ASP C 12 24.17 -4.11 -30.08
CA ASP C 12 25.34 -4.72 -30.69
C ASP C 12 26.30 -5.40 -29.63
N ARG C 13 27.44 -4.78 -29.30
CA ARG C 13 28.46 -5.35 -28.43
C ARG C 13 28.07 -5.43 -26.95
N THR C 14 28.61 -6.42 -26.24
CA THR C 14 28.40 -6.52 -24.79
C THR C 14 29.51 -5.69 -24.13
N ILE C 15 29.14 -4.76 -23.27
CA ILE C 15 30.10 -3.89 -22.59
C ILE C 15 30.19 -4.12 -21.07
N GLY C 16 29.43 -5.07 -20.55
CA GLY C 16 29.43 -5.37 -19.13
C GLY C 16 28.61 -6.58 -18.77
N LYS C 17 28.90 -7.15 -17.62
CA LYS C 17 28.21 -8.32 -17.13
C LYS C 17 27.98 -8.20 -15.66
N GLY C 18 26.73 -8.23 -15.29
CA GLY C 18 26.33 -8.19 -13.91
C GLY C 18 26.05 -9.58 -13.38
N ASN C 19 25.57 -9.65 -12.16
CA ASN C 19 25.29 -10.93 -11.52
C ASN C 19 24.14 -11.65 -12.18
N PHE C 20 23.11 -10.89 -12.59
CA PHE C 20 21.88 -11.36 -13.25
C PHE C 20 21.52 -10.51 -14.49
N ALA C 21 22.47 -9.70 -14.99
CA ALA C 21 22.20 -8.82 -16.13
C ALA C 21 23.35 -8.80 -17.13
N VAL C 22 23.08 -8.41 -18.37
CA VAL C 22 24.10 -8.28 -19.40
C VAL C 22 23.99 -6.85 -19.94
N VAL C 23 25.06 -6.05 -19.83
CA VAL C 23 25.03 -4.68 -20.32
C VAL C 23 25.47 -4.65 -21.75
N LYS C 24 24.61 -4.20 -22.65
CA LYS C 24 24.94 -4.14 -24.08
C LYS C 24 24.98 -2.70 -24.57
N ARG C 25 25.82 -2.42 -25.56
CA ARG C 25 25.90 -1.09 -26.14
C ARG C 25 24.93 -1.04 -27.31
N ALA C 26 24.17 0.05 -27.41
CA ALA C 26 23.13 0.16 -28.43
C ALA C 26 23.04 1.58 -29.05
N THR C 27 22.26 1.74 -30.12
CA THR C 27 22.08 3.04 -30.76
C THR C 27 20.59 3.36 -30.79
N HIS C 28 20.21 4.57 -30.37
CA HIS C 28 18.82 4.99 -30.45
C HIS C 28 18.52 5.23 -31.94
N LEU C 29 17.51 4.56 -32.47
CA LEU C 29 17.21 4.65 -33.89
C LEU C 29 16.70 6.02 -34.33
N VAL C 30 15.93 6.71 -33.49
CA VAL C 30 15.38 8.02 -33.90
C VAL C 30 16.33 9.18 -33.61
N THR C 31 17.23 9.04 -32.62
CA THR C 31 18.13 10.13 -32.27
C THR C 31 19.60 9.89 -32.71
N LYS C 32 19.93 8.66 -33.11
CA LYS C 32 21.27 8.21 -33.51
C LYS C 32 22.30 8.26 -32.35
N ALA C 33 21.83 8.44 -31.10
CA ALA C 33 22.70 8.53 -29.92
C ALA C 33 23.16 7.17 -29.47
N LYS C 34 24.34 7.12 -28.80
CA LYS C 34 24.90 5.87 -28.30
C LYS C 34 24.52 5.73 -26.82
N VAL C 35 23.96 4.57 -26.46
CA VAL C 35 23.52 4.30 -25.09
C VAL C 35 24.00 2.91 -24.60
N ALA C 36 23.81 2.61 -23.30
CA ALA C 36 24.08 1.31 -22.70
C ALA C 36 22.72 0.76 -22.23
N ILE C 37 22.47 -0.53 -22.48
CA ILE C 37 21.22 -1.17 -22.06
C ILE C 37 21.49 -2.34 -21.12
N LYS C 38 21.07 -2.24 -19.87
CA LYS C 38 21.22 -3.33 -18.91
C LYS C 38 20.04 -4.30 -19.13
N ILE C 39 20.31 -5.51 -19.62
CA ILE C 39 19.29 -6.50 -19.92
C ILE C 39 19.12 -7.54 -18.80
N ILE C 40 17.93 -7.60 -18.19
CA ILE C 40 17.68 -8.53 -17.09
C ILE C 40 16.56 -9.51 -17.40
N ASP C 41 16.80 -10.82 -17.21
CA ASP C 41 15.78 -11.83 -17.44
C ASP C 41 15.03 -12.07 -16.12
N LYS C 42 13.77 -11.60 -16.06
CA LYS C 42 12.94 -11.71 -14.87
C LYS C 42 12.62 -13.14 -14.47
N THR C 43 12.78 -14.12 -15.39
CA THR C 43 12.49 -15.53 -15.09
C THR C 43 13.43 -16.12 -14.02
N GLN C 44 14.68 -15.66 -13.95
CA GLN C 44 15.65 -16.15 -12.95
C GLN C 44 15.69 -15.27 -11.70
N LEU C 45 14.60 -14.55 -11.40
CA LEU C 45 14.58 -13.63 -10.28
C LEU C 45 13.53 -13.95 -9.23
N ASP C 46 13.99 -14.05 -7.97
CA ASP C 46 13.12 -14.25 -6.83
C ASP C 46 12.48 -12.90 -6.41
N GLU C 47 11.41 -12.93 -5.59
CA GLU C 47 10.77 -11.70 -5.16
C GLU C 47 11.70 -10.73 -4.43
N GLU C 48 12.71 -11.25 -3.73
CA GLU C 48 13.68 -10.40 -3.03
C GLU C 48 14.61 -9.69 -4.02
N ASN C 49 14.97 -10.37 -5.12
CA ASN C 49 15.84 -9.80 -6.15
C ASN C 49 15.10 -8.85 -7.09
N LEU C 50 13.80 -9.10 -7.32
CA LEU C 50 12.96 -8.23 -8.15
C LEU C 50 12.81 -6.87 -7.47
N LYS C 51 12.66 -6.87 -6.12
CA LYS C 51 12.54 -5.64 -5.34
C LYS C 51 13.82 -4.81 -5.42
N LYS C 52 14.98 -5.47 -5.45
CA LYS C 52 16.30 -4.85 -5.55
C LYS C 52 16.49 -4.15 -6.90
N ILE C 53 15.89 -4.71 -7.98
CA ILE C 53 15.97 -4.10 -9.31
C ILE C 53 15.12 -2.85 -9.33
N PHE C 54 13.90 -2.92 -8.77
CA PHE C 54 12.98 -1.79 -8.67
C PHE C 54 13.59 -0.68 -7.81
N ARG C 55 14.30 -1.06 -6.72
CA ARG C 55 14.96 -0.12 -5.83
C ARG C 55 16.02 0.64 -6.61
N GLU C 56 16.84 -0.10 -7.38
CA GLU C 56 17.90 0.45 -8.21
C GLU C 56 17.32 1.48 -9.21
N VAL C 57 16.20 1.13 -9.86
CA VAL C 57 15.54 2.02 -10.82
C VAL C 57 15.07 3.30 -10.17
N GLN C 58 14.36 3.21 -9.05
CA GLN C 58 13.86 4.40 -8.37
C GLN C 58 14.99 5.25 -7.77
N ILE C 59 16.13 4.61 -7.40
CA ILE C 59 17.32 5.29 -6.87
C ILE C 59 17.97 6.10 -7.99
N MET C 60 18.08 5.51 -9.19
CA MET C 60 18.65 6.16 -10.37
C MET C 60 17.83 7.33 -10.84
N LYS C 61 16.50 7.29 -10.66
CA LYS C 61 15.65 8.41 -11.06
C LYS C 61 15.95 9.65 -10.18
N MET C 62 16.34 9.44 -8.90
CA MET C 62 16.68 10.51 -7.95
C MET C 62 18.05 11.15 -8.24
N LEU C 63 18.96 10.43 -8.90
CA LEU C 63 20.31 10.92 -9.10
C LEU C 63 20.61 11.51 -10.47
N SER C 64 20.55 12.84 -10.56
CA SER C 64 20.92 13.54 -11.78
C SER C 64 22.20 14.31 -11.47
N HIS C 65 23.36 13.78 -11.90
CA HIS C 65 24.64 14.41 -11.58
C HIS C 65 25.62 14.30 -12.75
N PRO C 66 26.48 15.32 -12.99
CA PRO C 66 27.45 15.21 -14.09
C PRO C 66 28.46 14.07 -13.95
N HIS C 67 28.65 13.54 -12.73
CA HIS C 67 29.58 12.45 -12.46
C HIS C 67 28.90 11.13 -12.09
N ILE C 68 27.61 10.99 -12.40
CA ILE C 68 26.80 9.79 -12.20
C ILE C 68 26.17 9.40 -13.56
N ILE C 69 26.09 8.09 -13.88
CA ILE C 69 25.51 7.63 -15.13
C ILE C 69 24.01 8.01 -15.13
N ARG C 70 23.55 8.64 -16.21
CA ARG C 70 22.18 9.12 -16.29
C ARG C 70 21.25 8.08 -16.88
N LEU C 71 20.16 7.76 -16.18
CA LEU C 71 19.15 6.83 -16.67
C LEU C 71 18.26 7.59 -17.67
N TYR C 72 18.01 7.00 -18.85
CA TYR C 72 17.19 7.63 -19.88
C TYR C 72 15.82 7.01 -20.05
N GLN C 73 15.74 5.68 -20.13
CA GLN C 73 14.47 5.00 -20.36
C GLN C 73 14.43 3.64 -19.66
N VAL C 74 13.24 3.21 -19.26
CA VAL C 74 13.04 1.90 -18.64
C VAL C 74 11.94 1.18 -19.44
N MET C 75 12.25 0.02 -20.00
CA MET C 75 11.28 -0.76 -20.78
C MET C 75 11.06 -2.11 -20.09
N GLU C 76 9.83 -2.62 -20.07
CA GLU C 76 9.56 -3.90 -19.43
C GLU C 76 8.61 -4.77 -20.23
N THR C 77 9.06 -5.98 -20.59
CA THR C 77 8.22 -6.95 -21.31
C THR C 77 7.70 -8.02 -20.30
N GLU C 78 6.94 -9.04 -20.78
CA GLU C 78 6.45 -10.09 -19.90
C GLU C 78 7.58 -10.82 -19.13
N ARG C 79 8.73 -11.06 -19.78
CA ARG C 79 9.83 -11.76 -19.12
C ARG C 79 11.14 -10.99 -19.02
N MET C 80 11.20 -9.77 -19.58
CA MET C 80 12.43 -8.98 -19.55
C MET C 80 12.27 -7.58 -18.94
N ILE C 81 13.38 -6.99 -18.51
CA ILE C 81 13.41 -5.63 -17.99
C ILE C 81 14.70 -4.97 -18.49
N TYR C 82 14.57 -3.87 -19.23
CA TYR C 82 15.71 -3.18 -19.81
C TYR C 82 15.88 -1.79 -19.26
N LEU C 83 17.12 -1.39 -18.94
CA LEU C 83 17.40 -0.04 -18.45
C LEU C 83 18.34 0.62 -19.42
N VAL C 84 17.92 1.71 -20.02
CA VAL C 84 18.74 2.45 -20.98
C VAL C 84 19.41 3.61 -20.27
N THR C 85 20.74 3.66 -20.28
CA THR C 85 21.48 4.75 -19.62
C THR C 85 22.48 5.43 -20.62
N GLU C 86 23.14 6.52 -20.19
CA GLU C 86 24.14 7.16 -21.02
C GLU C 86 25.36 6.25 -21.20
N TYR C 87 26.03 6.37 -22.35
CA TYR C 87 27.19 5.56 -22.67
C TYR C 87 28.45 6.32 -22.31
N ALA C 88 29.40 5.67 -21.63
CA ALA C 88 30.65 6.33 -21.28
C ALA C 88 31.69 5.92 -22.32
N SER C 89 31.88 6.73 -23.36
CA SER C 89 32.75 6.35 -24.46
C SER C 89 34.26 6.25 -24.14
N GLY C 90 34.69 6.85 -23.04
CA GLY C 90 36.10 6.92 -22.66
C GLY C 90 36.72 5.71 -22.01
N GLY C 91 35.89 4.81 -21.49
CA GLY C 91 36.39 3.60 -20.85
C GLY C 91 36.06 3.55 -19.38
N GLU C 92 36.90 2.86 -18.58
CA GLU C 92 36.73 2.74 -17.13
C GLU C 92 38.09 2.74 -16.42
N ILE C 93 38.10 3.08 -15.12
CA ILE C 93 39.32 3.22 -14.33
C ILE C 93 40.14 1.94 -14.28
N PHE C 94 39.50 0.77 -14.16
CA PHE C 94 40.24 -0.49 -14.11
C PHE C 94 41.01 -0.73 -15.40
N ASP C 95 40.37 -0.58 -16.57
CA ASP C 95 41.05 -0.74 -17.85
C ASP C 95 42.13 0.30 -18.07
N HIS C 96 41.92 1.49 -17.52
CA HIS C 96 42.87 2.58 -17.61
C HIS C 96 44.14 2.24 -16.84
N LEU C 97 43.99 1.65 -15.66
CA LEU C 97 45.15 1.27 -14.84
C LEU C 97 45.88 0.08 -15.47
N VAL C 98 45.16 -0.84 -16.13
CA VAL C 98 45.78 -1.97 -16.80
C VAL C 98 46.58 -1.47 -18.00
N ALA C 99 46.06 -0.46 -18.73
CA ALA C 99 46.74 0.06 -19.90
C ALA C 99 47.92 0.98 -19.61
N HIS C 100 47.80 1.86 -18.61
CA HIS C 100 48.84 2.86 -18.35
C HIS C 100 49.55 2.78 -17.01
N GLY C 101 49.07 1.94 -16.10
CA GLY C 101 49.67 1.82 -14.78
C GLY C 101 49.18 2.91 -13.85
N ARG C 102 49.84 3.08 -12.70
CA ARG C 102 49.45 4.09 -11.72
C ARG C 102 49.39 5.50 -12.28
N MET C 103 48.46 6.29 -11.76
CA MET C 103 48.29 7.68 -12.18
C MET C 103 49.17 8.58 -11.38
N ALA C 104 49.61 9.69 -12.01
CA ALA C 104 50.37 10.73 -11.30
C ALA C 104 49.40 11.37 -10.30
N GLU C 105 49.87 11.82 -9.13
CA GLU C 105 48.99 12.40 -8.13
C GLU C 105 48.16 13.58 -8.67
N LYS C 106 48.67 14.30 -9.69
CA LYS C 106 47.93 15.38 -10.31
C LYS C 106 46.71 14.83 -11.09
N GLU C 107 46.91 13.75 -11.88
CA GLU C 107 45.85 13.12 -12.65
C GLU C 107 44.87 12.40 -11.74
N ALA C 108 45.38 11.72 -10.72
CA ALA C 108 44.57 10.98 -9.76
C ALA C 108 43.74 11.92 -8.89
N ARG C 109 44.26 13.12 -8.59
CA ARG C 109 43.53 14.11 -7.79
C ARG C 109 42.30 14.57 -8.53
N ARG C 110 42.45 14.84 -9.84
CA ARG C 110 41.32 15.28 -10.67
C ARG C 110 40.20 14.24 -10.69
N LYS C 111 40.53 12.96 -10.94
CA LYS C 111 39.51 11.90 -10.98
C LYS C 111 38.92 11.65 -9.60
N PHE C 112 39.76 11.71 -8.54
CA PHE C 112 39.28 11.49 -7.18
C PHE C 112 38.32 12.58 -6.76
N LYS C 113 38.57 13.83 -7.18
CA LYS C 113 37.69 14.95 -6.88
C LYS C 113 36.30 14.69 -7.49
N GLN C 114 36.27 14.25 -8.76
CA GLN C 114 35.04 13.93 -9.46
C GLN C 114 34.29 12.79 -8.76
N ILE C 115 35.00 11.75 -8.34
CA ILE C 115 34.42 10.63 -7.61
C ILE C 115 33.79 11.09 -6.29
N VAL C 116 34.53 11.86 -5.46
CA VAL C 116 33.97 12.33 -4.20
C VAL C 116 32.80 13.31 -4.42
N THR C 117 32.75 14.03 -5.55
CA THR C 117 31.67 14.94 -5.89
C THR C 117 30.38 14.10 -6.06
N ALA C 118 30.48 12.98 -6.80
CA ALA C 118 29.34 12.11 -7.04
C ALA C 118 28.91 11.39 -5.76
N VAL C 119 29.87 10.90 -4.96
CA VAL C 119 29.56 10.18 -3.73
C VAL C 119 28.95 11.09 -2.68
N TYR C 120 29.43 12.34 -2.59
CA TYR C 120 28.89 13.34 -1.66
C TYR C 120 27.44 13.65 -2.07
N PHE C 121 27.20 13.81 -3.38
CA PHE C 121 25.86 14.07 -3.92
C PHE C 121 24.89 12.96 -3.51
N CYS C 122 25.34 11.69 -3.57
CA CYS C 122 24.53 10.54 -3.19
C CYS C 122 24.17 10.63 -1.72
N HIS C 123 25.15 10.89 -0.86
CA HIS C 123 24.92 11.01 0.58
C HIS C 123 24.00 12.17 0.93
N SER C 124 23.96 13.22 0.08
CA SER C 124 23.06 14.37 0.26
C SER C 124 21.63 13.92 -0.01
N ARG C 125 21.42 13.09 -1.04
CA ARG C 125 20.09 12.57 -1.35
C ARG C 125 19.72 11.33 -0.50
N ASN C 126 20.52 11.03 0.54
CA ASN C 126 20.35 9.90 1.47
C ASN C 126 20.46 8.55 0.77
N ILE C 127 21.49 8.40 -0.07
CA ILE C 127 21.74 7.16 -0.82
C ILE C 127 23.20 6.72 -0.66
N VAL C 128 23.45 5.43 -0.38
CA VAL C 128 24.82 4.93 -0.27
C VAL C 128 25.10 3.99 -1.44
N HIS C 129 26.27 4.13 -2.11
CA HIS C 129 26.57 3.28 -3.27
C HIS C 129 26.74 1.81 -2.91
N ARG C 130 27.59 1.53 -1.91
CA ARG C 130 27.92 0.21 -1.39
C ARG C 130 28.56 -0.76 -2.41
N ASP C 131 29.07 -0.26 -3.53
CA ASP C 131 29.72 -1.10 -4.54
C ASP C 131 30.67 -0.25 -5.39
N LEU C 132 31.44 0.63 -4.74
CA LEU C 132 32.41 1.46 -5.43
C LEU C 132 33.62 0.60 -5.74
N LYS C 133 33.99 0.50 -7.00
CA LYS C 133 35.16 -0.26 -7.46
C LYS C 133 35.70 0.36 -8.73
N ALA C 134 36.95 0.07 -9.11
CA ALA C 134 37.55 0.68 -10.32
C ALA C 134 36.72 0.42 -11.57
N GLU C 135 36.20 -0.81 -11.69
CA GLU C 135 35.39 -1.26 -12.83
C GLU C 135 34.03 -0.57 -12.91
N ASN C 136 33.58 0.12 -11.83
CA ASN C 136 32.33 0.89 -11.81
C ASN C 136 32.54 2.39 -12.04
N LEU C 137 33.79 2.85 -12.19
CA LEU C 137 34.09 4.25 -12.37
C LEU C 137 34.39 4.44 -13.83
N LEU C 138 33.40 4.85 -14.57
CA LEU C 138 33.53 5.03 -16.01
C LEU C 138 34.14 6.39 -16.35
N LEU C 139 34.58 6.53 -17.61
CA LEU C 139 35.17 7.75 -18.12
C LEU C 139 34.41 8.17 -19.39
N ASP C 140 34.03 9.45 -19.51
CA ASP C 140 33.33 9.94 -20.70
C ASP C 140 34.35 10.26 -21.84
N ALA C 141 33.93 10.91 -22.94
CA ALA C 141 34.85 11.22 -24.03
C ALA C 141 36.04 12.08 -23.60
N ASN C 142 35.82 12.95 -22.61
CA ASN C 142 36.86 13.83 -22.08
C ASN C 142 37.59 13.22 -20.87
N LEU C 143 37.40 11.90 -20.64
CA LEU C 143 37.96 11.11 -19.55
C LEU C 143 37.50 11.59 -18.17
N ASN C 144 36.23 11.98 -18.06
CA ASN C 144 35.67 12.42 -16.80
C ASN C 144 34.83 11.30 -16.20
N ILE C 145 34.92 11.18 -14.87
CA ILE C 145 34.23 10.17 -14.07
C ILE C 145 32.70 10.15 -14.24
N LYS C 146 32.17 8.92 -14.35
CA LYS C 146 30.76 8.61 -14.45
C LYS C 146 30.56 7.35 -13.58
N ILE C 147 29.95 7.49 -12.40
CA ILE C 147 29.75 6.34 -11.52
C ILE C 147 28.61 5.50 -12.03
N ALA C 148 28.80 4.18 -12.07
CA ALA C 148 27.78 3.27 -12.55
C ALA C 148 27.50 2.09 -11.56
N ASP C 149 26.42 1.31 -11.80
CA ASP C 149 26.02 0.13 -11.04
C ASP C 149 25.49 0.45 -9.66
N PHE C 150 24.20 0.80 -9.60
CA PHE C 150 23.57 1.08 -8.33
C PHE C 150 22.72 -0.09 -7.87
N GLY C 151 23.11 -1.32 -8.20
CA GLY C 151 22.37 -2.52 -7.84
C GLY C 151 22.39 -2.77 -6.35
N PHE C 152 23.55 -2.56 -5.73
CA PHE C 152 23.70 -2.74 -4.28
C PHE C 152 23.47 -1.47 -3.46
N SER C 153 23.00 -0.40 -4.11
CA SER C 153 22.72 0.87 -3.47
C SER C 153 21.51 0.77 -2.53
N ASN C 154 21.38 1.72 -1.59
CA ASN C 154 20.23 1.76 -0.70
C ASN C 154 20.00 3.14 -0.12
N LEU C 155 18.74 3.41 0.25
CA LEU C 155 18.37 4.66 0.91
C LEU C 155 18.73 4.52 2.39
N PHE C 156 19.22 5.60 3.01
CA PHE C 156 19.57 5.55 4.43
C PHE C 156 19.05 6.76 5.20
N THR C 157 18.93 6.62 6.52
CA THR C 157 18.55 7.71 7.40
C THR C 157 19.80 8.05 8.19
N PRO C 158 20.31 9.29 8.13
CA PRO C 158 21.56 9.63 8.88
C PRO C 158 21.49 9.22 10.35
N GLY C 159 22.33 8.26 10.71
CA GLY C 159 22.36 7.70 12.06
C GLY C 159 21.74 6.33 12.17
N GLN C 160 21.50 5.65 11.02
CA GLN C 160 20.91 4.31 11.01
C GLN C 160 21.95 3.25 10.70
N LEU C 161 21.69 2.02 11.14
CA LEU C 161 22.58 0.90 10.87
C LEU C 161 21.96 0.03 9.80
N LEU C 162 22.70 -0.23 8.72
CA LEU C 162 22.22 -1.07 7.63
C LEU C 162 22.58 -2.53 7.87
N LYS C 163 21.79 -3.47 7.32
CA LYS C 163 22.04 -4.89 7.55
C LYS C 163 22.17 -5.74 6.27
N TRP C 165 24.89 -7.29 3.79
CA TRP C 165 26.33 -7.51 3.63
C TRP C 165 26.69 -7.67 2.14
N CYS C 166 26.99 -6.55 1.50
CA CYS C 166 27.30 -6.52 0.09
C CYS C 166 28.50 -5.59 -0.22
N GLY C 167 29.06 -5.75 -1.42
CA GLY C 167 30.17 -4.94 -1.88
C GLY C 167 31.23 -5.74 -2.60
N SER C 168 32.13 -5.05 -3.31
CA SER C 168 33.21 -5.72 -4.01
C SER C 168 34.22 -6.09 -2.94
N PRO C 169 34.54 -7.38 -2.76
CA PRO C 169 35.47 -7.76 -1.69
C PRO C 169 36.76 -6.93 -1.56
N PRO C 170 37.56 -6.62 -2.60
CA PRO C 170 38.75 -5.78 -2.38
C PRO C 170 38.50 -4.36 -1.90
N TYR C 171 37.27 -3.85 -2.06
CA TYR C 171 36.91 -2.49 -1.63
C TYR C 171 35.99 -2.47 -0.39
N ALA C 172 35.50 -3.64 0.06
CA ALA C 172 34.59 -3.77 1.18
C ALA C 172 35.25 -3.46 2.52
N ALA C 173 34.55 -2.68 3.36
CA ALA C 173 35.03 -2.31 4.68
C ALA C 173 35.06 -3.52 5.62
N PRO C 174 35.95 -3.53 6.63
CA PRO C 174 36.02 -4.71 7.53
C PRO C 174 34.70 -5.13 8.17
N GLU C 175 33.83 -4.17 8.55
CA GLU C 175 32.53 -4.46 9.18
C GLU C 175 31.65 -5.36 8.33
N LEU C 176 31.74 -5.20 7.00
CA LEU C 176 30.96 -5.98 6.04
C LEU C 176 31.40 -7.45 6.06
N PHE C 177 32.72 -7.70 6.12
CA PHE C 177 33.25 -9.06 6.22
C PHE C 177 32.84 -9.71 7.55
N GLU C 178 32.84 -8.91 8.63
CA GLU C 178 32.49 -9.37 9.96
C GLU C 178 30.98 -9.53 10.22
N GLY C 179 30.14 -9.11 9.27
CA GLY C 179 28.69 -9.19 9.41
C GLY C 179 28.14 -8.30 10.52
N LYS C 180 28.73 -7.11 10.69
CA LYS C 180 28.30 -6.15 11.71
C LYS C 180 27.34 -5.12 11.11
N GLU C 181 26.33 -4.64 11.87
CA GLU C 181 25.45 -3.57 11.39
C GLU C 181 26.31 -2.30 11.25
N TYR C 182 26.17 -1.57 10.16
CA TYR C 182 27.09 -0.49 9.85
C TYR C 182 26.46 0.84 9.45
N ASP C 183 27.27 1.91 9.51
CA ASP C 183 26.84 3.21 9.02
C ASP C 183 27.18 3.24 7.54
N GLY C 184 26.19 3.54 6.71
CA GLY C 184 26.32 3.60 5.27
C GLY C 184 27.47 4.42 4.76
N PRO C 185 27.47 5.75 4.97
CA PRO C 185 28.57 6.59 4.46
C PRO C 185 29.96 6.16 4.90
N LYS C 186 30.12 5.64 6.14
CA LYS C 186 31.42 5.17 6.62
C LYS C 186 31.97 3.98 5.78
N VAL C 187 31.06 3.16 5.22
CA VAL C 187 31.40 2.03 4.36
C VAL C 187 31.86 2.54 2.98
N ASP C 188 31.24 3.62 2.48
CA ASP C 188 31.63 4.22 1.21
C ASP C 188 32.97 4.94 1.35
N ILE C 189 33.25 5.55 2.52
CA ILE C 189 34.50 6.23 2.78
C ILE C 189 35.68 5.23 2.76
N TRP C 190 35.49 4.00 3.30
CA TRP C 190 36.52 2.97 3.23
C TRP C 190 36.78 2.60 1.77
N SER C 191 35.72 2.41 0.96
CA SER C 191 35.85 2.07 -0.48
C SER C 191 36.64 3.16 -1.20
N LEU C 192 36.36 4.43 -0.89
CA LEU C 192 37.06 5.59 -1.46
C LEU C 192 38.55 5.58 -1.15
N GLY C 193 38.92 5.08 0.03
CA GLY C 193 40.30 4.94 0.45
C GLY C 193 41.03 3.93 -0.43
N VAL C 194 40.34 2.83 -0.76
CA VAL C 194 40.87 1.78 -1.62
C VAL C 194 40.97 2.30 -3.05
N VAL C 195 39.95 3.04 -3.51
CA VAL C 195 39.91 3.67 -4.82
C VAL C 195 41.08 4.65 -4.96
N LEU C 196 41.33 5.49 -3.96
CA LEU C 196 42.44 6.43 -4.01
C LEU C 196 43.77 5.71 -4.03
N TYR C 197 43.90 4.63 -3.26
CA TYR C 197 45.12 3.84 -3.21
C TYR C 197 45.40 3.24 -4.57
N VAL C 198 44.42 2.51 -5.15
CA VAL C 198 44.57 1.85 -6.44
C VAL C 198 44.79 2.87 -7.58
N LEU C 199 44.29 4.11 -7.45
CA LEU C 199 44.51 5.14 -8.48
C LEU C 199 45.98 5.58 -8.50
N VAL C 200 46.58 5.81 -7.34
CA VAL C 200 47.96 6.28 -7.27
C VAL C 200 49.01 5.15 -7.23
N CYS C 201 48.59 3.89 -7.02
CA CYS C 201 49.51 2.75 -6.93
C CYS C 201 49.41 1.77 -8.08
N GLY C 202 48.27 1.73 -8.75
CA GLY C 202 48.02 0.75 -9.81
C GLY C 202 47.98 -0.68 -9.30
N ALA C 203 47.63 -0.84 -8.03
CA ALA C 203 47.55 -2.11 -7.29
C ALA C 203 46.70 -1.90 -6.04
N LEU C 204 46.12 -2.98 -5.51
CA LEU C 204 45.26 -2.90 -4.34
C LEU C 204 46.03 -2.85 -3.02
N PRO C 205 45.50 -2.17 -1.99
CA PRO C 205 46.19 -2.19 -0.68
C PRO C 205 46.08 -3.55 -0.02
N PHE C 206 44.96 -4.25 -0.26
CA PHE C 206 44.67 -5.59 0.23
C PHE C 206 44.33 -6.43 -1.00
N ASP C 207 45.03 -7.56 -1.12
CA ASP C 207 44.90 -8.51 -2.21
C ASP C 207 45.30 -9.92 -1.73
N GLY C 208 44.86 -10.94 -2.45
CA GLY C 208 45.15 -12.34 -2.13
C GLY C 208 44.72 -13.28 -3.24
N SER C 209 45.08 -14.58 -3.12
CA SER C 209 44.74 -15.55 -4.17
C SER C 209 43.25 -15.87 -4.24
N THR C 210 42.58 -15.96 -3.07
CA THR C 210 41.16 -16.24 -2.94
C THR C 210 40.48 -15.23 -1.98
N LEU C 211 39.15 -15.30 -1.86
CA LEU C 211 38.36 -14.45 -0.98
C LEU C 211 38.75 -14.62 0.49
N GLN C 212 39.10 -15.85 0.92
CA GLN C 212 39.48 -16.10 2.30
C GLN C 212 40.77 -15.36 2.65
N ASN C 213 41.74 -15.36 1.70
CA ASN C 213 43.02 -14.69 1.89
C ASN C 213 42.84 -13.17 1.86
N LEU C 214 42.01 -12.66 0.95
CA LEU C 214 41.69 -11.24 0.84
C LEU C 214 41.06 -10.74 2.16
N ARG C 215 40.09 -11.49 2.71
CA ARG C 215 39.39 -11.12 3.94
C ARG C 215 40.37 -10.91 5.10
N ALA C 216 41.30 -11.86 5.30
CA ALA C 216 42.31 -11.73 6.36
C ALA C 216 43.15 -10.44 6.18
N ARG C 217 43.44 -10.08 4.93
CA ARG C 217 44.20 -8.88 4.65
C ARG C 217 43.44 -7.62 5.03
N VAL C 218 42.16 -7.52 4.66
CA VAL C 218 41.34 -6.36 5.00
C VAL C 218 41.20 -6.22 6.50
N LEU C 219 40.89 -7.34 7.19
CA LEU C 219 40.70 -7.29 8.66
C LEU C 219 41.97 -6.95 9.43
N SER C 220 43.15 -7.16 8.83
CA SER C 220 44.42 -6.79 9.46
C SER C 220 44.58 -5.25 9.51
N GLY C 221 44.07 -4.57 8.47
CA GLY C 221 44.17 -3.12 8.33
C GLY C 221 45.54 -2.62 7.93
N LYS C 222 46.53 -3.52 7.81
CA LYS C 222 47.89 -3.18 7.43
C LYS C 222 47.98 -3.14 5.92
N PHE C 223 48.72 -2.18 5.37
CA PHE C 223 48.91 -2.04 3.91
C PHE C 223 50.19 -1.28 3.65
N ARG C 224 50.93 -1.68 2.61
CA ARG C 224 52.21 -1.06 2.28
C ARG C 224 52.02 0.27 1.59
N ILE C 225 52.80 1.26 1.97
CA ILE C 225 52.71 2.58 1.37
C ILE C 225 53.98 2.84 0.53
N PRO C 226 53.82 2.92 -0.80
CA PRO C 226 55.00 3.02 -1.69
C PRO C 226 55.79 4.31 -1.61
N PHE C 227 57.07 4.24 -1.99
CA PHE C 227 58.02 5.34 -1.94
C PHE C 227 57.58 6.55 -2.76
N PHE C 228 56.99 6.30 -3.93
CA PHE C 228 56.53 7.36 -4.83
C PHE C 228 55.33 8.17 -4.32
N MET C 229 54.62 7.65 -3.30
CA MET C 229 53.46 8.34 -2.77
C MET C 229 53.88 9.48 -1.84
N SER C 230 53.28 10.66 -2.04
CA SER C 230 53.57 11.84 -1.23
C SER C 230 53.13 11.68 0.23
N THR C 231 53.71 12.50 1.13
CA THR C 231 53.34 12.47 2.53
C THR C 231 51.89 12.94 2.74
N GLU C 232 51.41 13.88 1.90
CA GLU C 232 50.06 14.40 1.95
C GLU C 232 49.06 13.31 1.52
N CYS C 233 49.40 12.54 0.49
CA CYS C 233 48.54 11.47 0.00
C CYS C 233 48.47 10.31 0.97
N GLU C 234 49.62 9.95 1.58
CA GLU C 234 49.69 8.88 2.57
C GLU C 234 48.78 9.19 3.76
N HIS C 235 48.80 10.44 4.23
CA HIS C 235 47.98 10.88 5.36
C HIS C 235 46.49 10.68 5.06
N LEU C 236 46.05 11.08 3.86
CA LEU C 236 44.65 10.95 3.47
C LEU C 236 44.19 9.50 3.46
N ILE C 237 44.96 8.61 2.84
CA ILE C 237 44.61 7.18 2.77
C ILE C 237 44.62 6.53 4.15
N ARG C 238 45.66 6.82 4.94
CA ARG C 238 45.74 6.27 6.30
C ARG C 238 44.59 6.73 7.20
N HIS C 239 43.98 7.88 6.89
CA HIS C 239 42.85 8.41 7.66
C HIS C 239 41.46 8.01 7.09
N MET C 240 41.43 7.27 5.97
CA MET C 240 40.21 6.74 5.38
C MET C 240 40.15 5.24 5.65
N LEU C 241 41.30 4.54 5.50
CA LEU C 241 41.38 3.10 5.77
C LEU C 241 41.68 2.87 7.27
N VAL C 242 40.70 3.14 8.12
CA VAL C 242 40.81 2.96 9.55
C VAL C 242 39.85 1.85 9.97
N LEU C 243 40.32 0.85 10.74
CA LEU C 243 39.46 -0.27 11.13
C LEU C 243 38.18 0.18 11.90
N ASP C 244 38.30 1.14 12.83
CA ASP C 244 37.15 1.68 13.56
C ASP C 244 36.46 2.71 12.65
N PRO C 245 35.18 2.48 12.26
CA PRO C 245 34.50 3.43 11.36
C PRO C 245 34.34 4.84 11.93
N ASN C 246 34.24 4.94 13.25
CA ASN C 246 34.10 6.23 13.94
C ASN C 246 35.36 7.08 13.83
N LYS C 247 36.53 6.44 13.67
CA LYS C 247 37.80 7.16 13.52
C LYS C 247 38.15 7.51 12.06
N ARG C 248 37.21 7.28 11.11
CA ARG C 248 37.43 7.60 9.70
C ARG C 248 37.03 9.04 9.41
N LEU C 249 37.65 9.64 8.39
CA LEU C 249 37.31 11.00 7.98
C LEU C 249 35.88 11.06 7.46
N SER C 250 35.22 12.19 7.61
CA SER C 250 33.89 12.38 7.04
C SER C 250 34.07 12.86 5.58
N MET C 251 32.99 12.95 4.80
CA MET C 251 33.09 13.41 3.42
C MET C 251 33.58 14.86 3.36
N GLU C 252 33.18 15.70 4.32
CA GLU C 252 33.59 17.10 4.38
C GLU C 252 35.07 17.24 4.74
N GLN C 253 35.58 16.34 5.60
CA GLN C 253 36.99 16.34 5.99
C GLN C 253 37.88 15.89 4.84
N ILE C 254 37.36 15.01 3.96
CA ILE C 254 38.08 14.55 2.78
C ILE C 254 38.22 15.70 1.79
N CYS C 255 37.14 16.45 1.56
CA CYS C 255 37.14 17.59 0.65
C CYS C 255 38.13 18.65 1.06
N LYS C 256 38.23 18.91 2.36
CA LYS C 256 39.12 19.93 2.90
C LYS C 256 40.51 19.39 3.29
N HIS C 257 40.90 18.22 2.79
CA HIS C 257 42.21 17.65 3.13
C HIS C 257 43.34 18.42 2.43
N LYS C 258 44.54 18.45 3.04
CA LYS C 258 45.68 19.16 2.47
C LYS C 258 46.03 18.66 1.07
N TRP C 259 45.97 17.33 0.86
CA TRP C 259 46.25 16.75 -0.46
C TRP C 259 45.22 17.18 -1.48
N MET C 260 43.96 17.30 -1.08
CA MET C 260 42.89 17.71 -1.95
C MET C 260 43.06 19.16 -2.41
N LYS C 261 43.44 20.05 -1.47
CA LYS C 261 43.66 21.47 -1.77
C LYS C 261 44.97 21.77 -2.51
N LEU C 262 45.82 20.74 -2.72
CA LEU C 262 47.11 20.85 -3.39
C LEU C 262 46.95 21.26 -4.85
N GLY C 263 48.02 21.80 -5.42
CA GLY C 263 48.01 22.25 -6.80
C GLY C 263 47.29 23.57 -6.97
N ASP C 264 46.73 23.80 -8.15
CA ASP C 264 46.01 25.04 -8.42
C ASP C 264 44.65 25.04 -7.75
N ALA C 265 44.15 26.26 -7.45
CA ALA C 265 42.84 26.46 -6.83
C ALA C 265 41.75 25.94 -7.76
N ASP C 266 40.87 25.08 -7.23
CA ASP C 266 39.80 24.48 -8.01
C ASP C 266 38.45 24.99 -7.50
N PRO C 267 37.97 26.13 -8.01
CA PRO C 267 36.67 26.65 -7.56
C PRO C 267 35.48 25.85 -8.09
N ASN C 268 35.65 25.14 -9.23
CA ASN C 268 34.58 24.31 -9.78
C ASN C 268 34.26 23.12 -8.86
N PHE C 269 35.28 22.63 -8.10
CA PHE C 269 35.10 21.55 -7.13
C PHE C 269 34.33 22.09 -5.93
N ASP C 270 34.69 23.30 -5.46
CA ASP C 270 34.05 23.97 -4.34
C ASP C 270 32.57 24.24 -4.65
N ARG C 271 32.26 24.61 -5.90
CA ARG C 271 30.88 24.87 -6.32
C ARG C 271 30.05 23.58 -6.33
N LEU C 272 30.65 22.44 -6.68
CA LEU C 272 29.95 21.16 -6.71
C LEU C 272 29.73 20.60 -5.30
N ILE C 273 30.68 20.83 -4.39
CA ILE C 273 30.54 20.37 -3.02
C ILE C 273 29.53 21.24 -2.28
N ALA C 274 29.56 22.57 -2.51
CA ALA C 274 28.62 23.50 -1.90
C ALA C 274 27.18 23.21 -2.34
N GLU C 275 26.99 22.76 -3.60
CA GLU C 275 25.67 22.40 -4.12
C GLU C 275 25.11 21.17 -3.36
N SER C 276 25.99 20.25 -2.95
CA SER C 276 25.63 19.07 -2.19
C SER C 276 25.35 19.38 -0.70
N GLN C 277 25.67 20.59 -0.21
CA GLN C 277 25.39 20.97 1.17
C GLN C 277 24.24 22.01 1.27
N GLN C 278 23.34 22.04 0.27
CA GLN C 278 22.23 23.00 0.26
C GLN C 278 20.97 22.41 0.89
N PRO C 287 16.18 23.77 -16.35
CA PRO C 287 14.80 23.36 -16.65
C PRO C 287 14.19 24.06 -17.85
N LEU C 288 13.23 23.36 -18.51
CA LEU C 288 12.47 23.81 -19.67
C LEU C 288 13.30 24.04 -20.96
N ASN C 289 13.60 22.98 -21.74
CA ASN C 289 14.30 23.18 -23.02
C ASN C 289 13.28 23.31 -24.11
N GLU C 290 12.98 24.55 -24.53
CA GLU C 290 11.99 24.83 -25.56
C GLU C 290 12.47 24.51 -26.98
N ASP C 291 13.79 24.53 -27.20
CA ASP C 291 14.35 24.25 -28.53
C ASP C 291 14.17 22.77 -28.88
N VAL C 292 14.43 21.89 -27.91
CA VAL C 292 14.27 20.45 -28.07
C VAL C 292 12.81 20.10 -28.26
N LEU C 293 11.91 20.73 -27.47
CA LEU C 293 10.46 20.52 -27.58
C LEU C 293 9.94 20.88 -28.96
N LEU C 294 10.54 21.88 -29.61
CA LEU C 294 10.14 22.28 -30.96
C LEU C 294 10.61 21.27 -32.00
N ALA C 295 11.83 20.74 -31.81
CA ALA C 295 12.40 19.73 -32.70
C ALA C 295 11.64 18.40 -32.61
N MET C 296 11.20 18.02 -31.40
CA MET C 296 10.42 16.81 -31.17
C MET C 296 9.05 16.90 -31.83
N GLU C 297 8.45 18.10 -31.83
CA GLU C 297 7.17 18.37 -32.47
C GLU C 297 7.27 18.19 -33.99
N ASP C 298 8.43 18.55 -34.57
CA ASP C 298 8.70 18.41 -36.00
C ASP C 298 8.83 16.95 -36.41
N MET C 299 9.34 16.09 -35.52
CA MET C 299 9.48 14.66 -35.82
C MET C 299 8.14 13.90 -35.86
N GLY C 300 7.07 14.52 -35.35
CA GLY C 300 5.76 13.89 -35.31
C GLY C 300 5.26 13.55 -33.92
N LEU C 301 6.13 13.68 -32.89
CA LEU C 301 5.79 13.39 -31.50
C LEU C 301 4.85 14.46 -30.95
N ASP C 302 3.75 14.05 -30.28
CA ASP C 302 2.77 15.01 -29.74
C ASP C 302 3.33 15.91 -28.65
N LYS C 303 3.05 17.22 -28.75
CA LYS C 303 3.54 18.22 -27.79
C LYS C 303 3.03 18.01 -26.37
N GLU C 304 1.71 17.85 -26.20
CA GLU C 304 1.14 17.65 -24.87
C GLU C 304 1.45 16.27 -24.29
N GLN C 305 1.61 15.25 -25.15
CA GLN C 305 1.96 13.90 -24.72
C GLN C 305 3.41 13.83 -24.24
N THR C 306 4.30 14.62 -24.87
CA THR C 306 5.71 14.71 -24.48
C THR C 306 5.81 15.37 -23.10
N LEU C 307 5.04 16.44 -22.87
CA LEU C 307 5.02 17.17 -21.61
C LEU C 307 4.50 16.31 -20.48
N GLN C 308 3.47 15.50 -20.76
CA GLN C 308 2.89 14.60 -19.75
C GLN C 308 3.90 13.53 -19.35
N SER C 309 4.68 13.00 -20.32
CA SER C 309 5.71 11.99 -20.04
C SER C 309 6.85 12.56 -19.20
N LEU C 310 7.17 13.84 -19.44
CA LEU C 310 8.24 14.57 -18.77
C LEU C 310 7.90 14.90 -17.33
N ARG C 311 6.73 15.49 -17.06
CA ARG C 311 6.37 15.90 -15.70
C ARG C 311 5.73 14.79 -14.85
N SER C 312 5.87 13.53 -15.28
CA SER C 312 5.41 12.38 -14.48
C SER C 312 6.55 11.41 -14.15
N ASP C 313 7.76 11.66 -14.69
CA ASP C 313 8.94 10.82 -14.50
C ASP C 313 8.65 9.39 -14.92
N ALA C 314 8.04 9.24 -16.09
CA ALA C 314 7.67 7.96 -16.65
C ALA C 314 8.87 7.20 -17.18
N TYR C 315 9.90 7.92 -17.69
CA TYR C 315 11.11 7.35 -18.29
C TYR C 315 10.73 6.41 -19.42
N ASP C 316 9.85 6.92 -20.30
CA ASP C 316 9.28 6.22 -21.43
C ASP C 316 9.92 6.68 -22.75
N HIS C 317 9.35 6.29 -23.90
CA HIS C 317 9.84 6.66 -25.22
C HIS C 317 10.02 8.17 -25.40
N TYR C 318 9.08 8.97 -24.92
CA TYR C 318 9.17 10.43 -25.04
C TYR C 318 10.26 11.03 -24.13
N SER C 319 10.36 10.52 -22.88
CA SER C 319 11.33 11.02 -21.90
C SER C 319 12.75 10.83 -22.44
N ALA C 320 13.02 9.64 -23.01
CA ALA C 320 14.29 9.28 -23.61
C ALA C 320 14.65 10.18 -24.80
N ILE C 321 13.72 10.46 -25.70
CA ILE C 321 13.98 11.32 -26.86
C ILE C 321 14.31 12.75 -26.43
N TYR C 322 13.63 13.26 -25.39
CA TYR C 322 13.92 14.60 -24.89
C TYR C 322 15.31 14.64 -24.25
N SER C 323 15.59 13.72 -23.31
CA SER C 323 16.86 13.64 -22.59
C SER C 323 18.06 13.43 -23.49
N LEU C 324 17.92 12.60 -24.53
CA LEU C 324 19.00 12.33 -25.48
C LEU C 324 19.28 13.54 -26.38
N LEU C 325 18.21 14.23 -26.79
CA LEU C 325 18.29 15.44 -27.64
C LEU C 325 18.93 16.63 -26.91
N CYS C 326 18.96 16.61 -25.58
CA CYS C 326 19.54 17.66 -24.76
C CYS C 326 21.05 17.45 -24.55
N ASP C 327 21.76 16.95 -25.59
CA ASP C 327 23.23 16.73 -25.68
C ASP C 327 23.63 15.98 -26.95
N GLU D 1 52.09 -23.61 -30.93
CA GLU D 1 51.21 -22.73 -31.73
C GLU D 1 51.18 -21.31 -31.13
N VAL D 2 50.89 -21.20 -29.85
CA VAL D 2 50.85 -19.91 -29.18
C VAL D 2 52.25 -19.63 -28.66
N GLN D 3 52.78 -18.43 -28.93
CA GLN D 3 54.10 -18.08 -28.46
C GLN D 3 54.17 -16.65 -27.97
N LEU D 4 55.05 -16.40 -26.99
CA LEU D 4 55.24 -15.09 -26.40
C LEU D 4 56.51 -14.48 -27.01
N VAL D 5 56.34 -13.45 -27.85
CA VAL D 5 57.47 -12.82 -28.53
C VAL D 5 57.93 -11.54 -27.83
N GLN D 6 59.11 -11.60 -27.20
CA GLN D 6 59.66 -10.48 -26.47
C GLN D 6 60.52 -9.54 -27.28
N SER D 7 60.71 -8.32 -26.79
CA SER D 7 61.53 -7.32 -27.45
C SER D 7 63.03 -7.69 -27.37
N GLY D 8 63.85 -7.02 -28.18
CA GLY D 8 65.28 -7.31 -28.24
C GLY D 8 66.06 -6.82 -27.03
N ALA D 9 67.30 -7.32 -26.91
CA ALA D 9 68.25 -7.01 -25.86
C ALA D 9 68.67 -5.55 -25.89
N GLY D 10 69.06 -5.00 -24.73
CA GLY D 10 69.47 -3.60 -24.63
C GLY D 10 70.45 -3.24 -23.54
N VAL D 11 71.11 -2.07 -23.68
CA VAL D 11 72.04 -1.54 -22.70
C VAL D 11 71.47 -0.25 -22.14
N LYS D 12 71.41 -0.16 -20.81
CA LYS D 12 70.90 1.05 -20.16
C LYS D 12 71.94 1.64 -19.22
N LYS D 13 72.01 2.96 -19.15
CA LYS D 13 72.92 3.63 -18.22
C LYS D 13 72.26 3.60 -16.82
N PRO D 14 73.05 3.51 -15.74
CA PRO D 14 72.46 3.48 -14.40
C PRO D 14 71.64 4.73 -14.10
N GLY D 15 70.44 4.51 -13.55
CA GLY D 15 69.51 5.56 -13.19
C GLY D 15 68.33 5.66 -14.15
N SER D 16 68.53 5.21 -15.41
CA SER D 16 67.52 5.23 -16.46
C SER D 16 66.46 4.14 -16.24
N SER D 17 65.47 4.06 -17.16
CA SER D 17 64.43 3.04 -17.06
C SER D 17 64.33 2.23 -18.35
N VAL D 18 63.94 0.96 -18.25
CA VAL D 18 63.82 0.09 -19.42
C VAL D 18 62.39 -0.42 -19.62
N LYS D 19 61.93 -0.46 -20.87
CA LYS D 19 60.59 -0.99 -21.16
C LYS D 19 60.70 -2.23 -22.05
N VAL D 20 60.21 -3.37 -21.54
CA VAL D 20 60.27 -4.64 -22.29
C VAL D 20 58.86 -5.03 -22.72
N SER D 21 58.69 -5.51 -23.97
CA SER D 21 57.39 -5.94 -24.47
C SER D 21 57.28 -7.45 -24.57
N CYS D 22 56.05 -7.95 -24.71
CA CYS D 22 55.79 -9.38 -24.79
C CYS D 22 54.48 -9.57 -25.56
N LYS D 23 54.52 -9.82 -26.87
CA LYS D 23 53.32 -9.99 -27.66
C LYS D 23 52.94 -11.45 -27.85
N SER D 24 51.65 -11.77 -27.76
CA SER D 24 51.14 -13.12 -27.97
C SER D 24 50.81 -13.40 -29.47
N SER D 25 51.35 -14.51 -30.04
CA SER D 25 51.12 -14.90 -31.44
C SER D 25 50.41 -16.26 -31.54
N GLY D 26 49.20 -16.26 -32.07
CA GLY D 26 48.40 -17.48 -32.19
C GLY D 26 47.48 -17.66 -30.99
N GLY D 27 46.49 -18.54 -31.15
CA GLY D 27 45.47 -18.90 -30.16
C GLY D 27 45.08 -17.84 -29.13
N THR D 28 43.95 -17.13 -29.36
CA THR D 28 43.46 -16.07 -28.48
C THR D 28 43.15 -16.56 -27.06
N SER D 32 44.59 -13.50 -21.13
CA SER D 32 45.74 -14.15 -20.48
C SER D 32 46.20 -13.45 -19.15
N ALA D 33 47.08 -14.11 -18.37
CA ALA D 33 47.58 -13.55 -17.12
C ALA D 33 49.07 -13.62 -17.17
N VAL D 34 49.74 -12.51 -17.52
CA VAL D 34 51.18 -12.54 -17.65
C VAL D 34 51.88 -12.05 -16.38
N SER D 35 53.04 -12.64 -16.12
CA SER D 35 53.92 -12.34 -15.02
C SER D 35 55.28 -12.00 -15.60
N TRP D 36 56.06 -11.25 -14.85
CA TRP D 36 57.43 -10.94 -15.27
C TRP D 36 58.35 -11.56 -14.27
N ILE D 37 59.30 -12.36 -14.77
CA ILE D 37 60.26 -13.09 -13.94
C ILE D 37 61.67 -12.78 -14.47
N ARG D 38 62.62 -12.46 -13.60
CA ARG D 38 63.97 -12.16 -14.04
C ARG D 38 65.01 -13.16 -13.53
N GLN D 39 66.12 -13.28 -14.26
CA GLN D 39 67.18 -14.18 -13.87
C GLN D 39 68.53 -13.52 -14.14
N ALA D 40 69.23 -13.17 -13.08
CA ALA D 40 70.54 -12.52 -13.21
C ALA D 40 71.56 -13.53 -13.72
N PRO D 41 72.63 -13.07 -14.41
CA PRO D 41 73.63 -14.01 -14.94
C PRO D 41 74.18 -15.01 -13.92
N GLY D 42 73.93 -16.29 -14.16
CA GLY D 42 74.36 -17.38 -13.30
C GLY D 42 73.57 -17.52 -12.00
N GLN D 43 72.45 -16.82 -11.90
CA GLN D 43 71.63 -16.82 -10.69
C GLN D 43 70.29 -17.53 -10.93
N GLY D 44 69.48 -17.62 -9.88
CA GLY D 44 68.18 -18.24 -9.95
C GLY D 44 67.13 -17.28 -10.47
N VAL D 45 65.96 -17.82 -10.73
CA VAL D 45 64.83 -17.07 -11.24
C VAL D 45 64.09 -16.33 -10.07
N GLU D 46 63.47 -15.18 -10.38
CA GLU D 46 62.82 -14.34 -9.38
C GLU D 46 61.56 -13.68 -9.92
N TRP D 47 60.43 -13.82 -9.20
CA TRP D 47 59.16 -13.24 -9.64
C TRP D 47 59.09 -11.77 -9.30
N MET D 48 58.79 -10.93 -10.29
CA MET D 48 58.73 -9.48 -10.09
C MET D 48 57.34 -8.95 -9.89
N GLY D 49 56.39 -9.52 -10.60
CA GLY D 49 55.01 -9.07 -10.54
C GLY D 49 54.20 -9.59 -11.70
N GLY D 50 52.97 -9.16 -11.78
CA GLY D 50 52.05 -9.56 -12.84
C GLY D 50 50.63 -9.73 -12.35
N ILE D 51 49.75 -10.22 -13.21
CA ILE D 51 48.35 -10.44 -12.86
C ILE D 51 48.22 -11.74 -12.03
N THR D 52 47.75 -11.65 -10.76
CA THR D 52 47.66 -12.82 -9.86
C THR D 52 46.32 -13.02 -9.16
N SER D 53 45.33 -12.16 -9.40
CA SER D 53 44.02 -12.31 -8.78
C SER D 53 42.94 -11.70 -9.64
N ILE D 54 41.70 -12.10 -9.38
CA ILE D 54 40.56 -11.53 -10.09
C ILE D 54 40.23 -10.08 -9.60
N PHE D 55 40.78 -9.69 -8.41
CA PHE D 55 40.52 -8.46 -7.67
C PHE D 55 41.20 -7.16 -8.18
N GLY D 56 42.49 -7.22 -8.51
CA GLY D 56 43.21 -6.01 -8.87
C GLY D 56 43.78 -5.93 -10.27
N PRO D 57 44.18 -4.71 -10.66
CA PRO D 57 44.75 -4.51 -12.01
C PRO D 57 46.12 -5.15 -12.22
N ALA D 58 46.92 -5.22 -11.14
CA ALA D 58 48.26 -5.80 -11.13
C ALA D 58 48.70 -6.08 -9.70
N ASN D 59 49.63 -7.03 -9.53
CA ASN D 59 50.18 -7.34 -8.22
C ASN D 59 51.69 -7.36 -8.35
N TYR D 60 52.39 -6.57 -7.53
CA TYR D 60 53.84 -6.49 -7.61
C TYR D 60 54.51 -7.11 -6.40
N ALA D 61 55.70 -7.69 -6.59
CA ALA D 61 56.47 -8.21 -5.46
C ALA D 61 56.99 -6.99 -4.68
N GLN D 62 56.97 -7.03 -3.33
CA GLN D 62 57.38 -5.88 -2.50
C GLN D 62 58.70 -5.21 -2.94
N LYS D 63 59.71 -6.03 -3.27
CA LYS D 63 61.03 -5.61 -3.72
C LYS D 63 60.95 -4.70 -4.94
N PHE D 64 60.00 -4.96 -5.84
CA PHE D 64 59.84 -4.22 -7.08
C PHE D 64 58.71 -3.20 -7.10
N GLN D 65 57.84 -3.17 -6.07
CA GLN D 65 56.69 -2.25 -6.02
C GLN D 65 56.99 -0.81 -6.40
N ASP D 66 58.08 -0.25 -5.87
CA ASP D 66 58.45 1.14 -6.10
C ASP D 66 58.99 1.45 -7.50
N ARG D 67 59.58 0.46 -8.21
CA ARG D 67 60.20 0.75 -9.52
C ARG D 67 59.57 0.06 -10.72
N LEU D 68 58.68 -0.92 -10.51
CA LEU D 68 58.06 -1.63 -11.60
C LEU D 68 56.68 -1.07 -11.95
N LYS D 69 56.38 -1.06 -13.25
CA LYS D 69 55.10 -0.68 -13.83
C LYS D 69 54.76 -1.80 -14.78
N ILE D 70 53.59 -2.42 -14.61
CA ILE D 70 53.15 -3.49 -15.50
C ILE D 70 51.86 -3.06 -16.19
N THR D 71 51.91 -2.98 -17.53
CA THR D 71 50.79 -2.54 -18.35
C THR D 71 50.44 -3.54 -19.47
N ALA D 72 49.28 -3.37 -20.12
CA ALA D 72 48.87 -4.25 -21.20
C ALA D 72 48.07 -3.51 -22.27
N ASP D 73 48.28 -3.87 -23.52
CA ASP D 73 47.53 -3.30 -24.64
C ASP D 73 46.70 -4.43 -25.21
N LYS D 74 45.42 -4.53 -24.78
CA LYS D 74 44.46 -5.56 -25.17
C LYS D 74 44.27 -5.65 -26.67
N ALA D 75 44.24 -4.47 -27.33
CA ALA D 75 44.06 -4.32 -28.77
C ALA D 75 45.11 -5.09 -29.58
N THR D 76 46.38 -5.06 -29.14
CA THR D 76 47.46 -5.73 -29.86
C THR D 76 47.97 -7.01 -29.20
N ASN D 77 47.38 -7.41 -28.06
CA ASN D 77 47.80 -8.59 -27.32
C ASN D 77 49.23 -8.52 -26.84
N THR D 78 49.66 -7.32 -26.45
CA THR D 78 51.01 -7.11 -25.95
C THR D 78 50.97 -6.72 -24.49
N VAL D 79 51.94 -7.17 -23.72
CA VAL D 79 52.09 -6.85 -22.31
C VAL D 79 53.43 -6.15 -22.13
N TYR D 80 53.48 -5.12 -21.30
CA TYR D 80 54.71 -4.37 -21.07
C TYR D 80 55.18 -4.40 -19.62
N MET D 81 56.46 -4.11 -19.43
CA MET D 81 57.12 -4.09 -18.13
C MET D 81 58.07 -2.91 -18.18
N GLU D 82 58.00 -2.03 -17.17
CA GLU D 82 58.89 -0.88 -17.12
C GLU D 82 59.59 -0.80 -15.76
N LEU D 83 60.89 -1.07 -15.75
CA LEU D 83 61.68 -1.01 -14.53
C LEU D 83 62.48 0.27 -14.54
N SER D 84 62.26 1.15 -13.56
CA SER D 84 62.93 2.45 -13.48
C SER D 84 64.04 2.46 -12.42
N GLY D 85 64.89 3.49 -12.43
CA GLY D 85 66.00 3.63 -11.50
C GLY D 85 66.94 2.44 -11.51
N LEU D 86 67.36 2.04 -12.71
CA LEU D 86 68.22 0.88 -12.92
C LEU D 86 69.57 1.00 -12.25
N THR D 87 70.01 -0.10 -11.66
CA THR D 87 71.32 -0.21 -11.04
C THR D 87 72.02 -1.42 -11.66
N PHE D 88 73.34 -1.56 -11.45
CA PHE D 88 74.09 -2.69 -11.98
C PHE D 88 73.50 -4.06 -11.56
N GLU D 89 72.70 -4.08 -10.48
CA GLU D 89 72.07 -5.30 -9.96
C GLU D 89 70.81 -5.69 -10.76
N ASP D 90 70.33 -4.83 -11.66
CA ASP D 90 69.19 -5.10 -12.51
C ASP D 90 69.57 -5.76 -13.85
N THR D 91 70.89 -6.00 -14.12
CA THR D 91 71.36 -6.70 -15.31
C THR D 91 70.87 -8.14 -15.19
N ALA D 92 69.95 -8.54 -16.07
CA ALA D 92 69.36 -9.87 -15.99
C ALA D 92 68.61 -10.20 -17.30
N VAL D 93 68.17 -11.46 -17.46
CA VAL D 93 67.31 -11.84 -18.57
C VAL D 93 65.88 -11.72 -18.01
N TYR D 94 65.01 -10.98 -18.69
CA TYR D 94 63.64 -10.78 -18.24
C TYR D 94 62.72 -11.62 -19.10
N TYR D 95 61.95 -12.51 -18.47
CA TYR D 95 60.99 -13.37 -19.16
C TYR D 95 59.59 -12.96 -18.80
N CYS D 96 58.66 -13.12 -19.73
CA CYS D 96 57.24 -12.96 -19.45
C CYS D 96 56.69 -14.38 -19.48
N ALA D 97 55.83 -14.71 -18.53
CA ALA D 97 55.27 -16.06 -18.45
C ALA D 97 53.80 -15.99 -18.19
N ARG D 98 53.02 -16.86 -18.81
CA ARG D 98 51.58 -16.90 -18.67
C ARG D 98 51.16 -17.87 -17.60
N VAL D 99 50.16 -17.52 -16.79
CA VAL D 99 49.64 -18.43 -15.75
C VAL D 99 48.68 -19.40 -16.44
N GLY D 100 48.98 -20.67 -16.33
CA GLY D 100 48.24 -21.73 -17.00
C GLY D 100 46.76 -21.87 -16.76
N ASP D 101 46.30 -21.65 -15.53
CA ASP D 101 44.89 -21.83 -15.20
C ASP D 101 44.10 -20.53 -15.10
N TYR D 102 44.50 -19.47 -15.85
CA TYR D 102 43.82 -18.18 -15.83
C TYR D 102 42.33 -18.31 -16.17
N ASN D 103 42.02 -19.18 -17.11
CA ASN D 103 40.65 -19.41 -17.53
C ASN D 103 39.74 -19.97 -16.41
N PHE D 104 40.33 -20.52 -15.34
CA PHE D 104 39.58 -21.08 -14.23
C PHE D 104 39.33 -20.12 -13.06
N TRP D 105 39.98 -18.94 -13.05
CA TRP D 105 39.86 -17.95 -11.96
C TRP D 105 38.44 -17.45 -11.71
N ASN D 106 37.98 -17.52 -10.44
CA ASN D 106 36.63 -17.09 -10.09
C ASN D 106 36.51 -16.41 -8.71
N GLY D 107 37.63 -16.16 -8.04
CA GLY D 107 37.65 -15.55 -6.71
C GLY D 107 37.68 -16.59 -5.61
N HIS D 108 37.00 -17.73 -5.81
CA HIS D 108 37.01 -18.83 -4.86
C HIS D 108 38.07 -19.87 -5.27
N TYR D 109 38.28 -20.05 -6.60
CA TYR D 109 39.25 -20.97 -7.18
C TYR D 109 40.67 -20.56 -6.80
N ARG D 110 41.41 -21.49 -6.17
CA ARG D 110 42.80 -21.24 -5.78
C ARG D 110 43.72 -21.63 -6.94
N SER D 111 44.32 -20.63 -7.62
CA SER D 111 45.22 -20.91 -8.73
C SER D 111 46.49 -21.63 -8.26
N GLY D 112 47.07 -22.44 -9.15
CA GLY D 112 48.30 -23.16 -8.89
C GLY D 112 49.53 -22.33 -9.23
N TYR D 113 49.34 -21.23 -10.01
CA TYR D 113 50.33 -20.28 -10.48
C TYR D 113 51.46 -20.92 -11.23
N TYR D 114 51.12 -21.91 -12.05
CA TYR D 114 52.12 -22.56 -12.87
C TYR D 114 52.26 -21.79 -14.16
N PHE D 115 53.50 -21.64 -14.63
CA PHE D 115 53.77 -20.89 -15.84
C PHE D 115 53.81 -21.80 -17.07
N ASP D 116 52.67 -21.78 -17.77
CA ASP D 116 52.28 -22.48 -18.98
C ASP D 116 53.25 -22.22 -20.13
N LEU D 117 53.40 -20.95 -20.52
CA LEU D 117 54.18 -20.49 -21.65
C LEU D 117 55.15 -19.45 -21.15
N TRP D 118 56.39 -19.50 -21.65
CA TRP D 118 57.41 -18.51 -21.31
C TRP D 118 57.95 -17.87 -22.58
N GLY D 119 58.31 -16.61 -22.52
CA GLY D 119 58.95 -15.94 -23.64
C GLY D 119 60.40 -16.40 -23.71
N ARG D 120 61.07 -16.17 -24.86
CA ARG D 120 62.47 -16.58 -25.01
C ARG D 120 63.46 -15.81 -24.09
N GLY D 121 63.03 -14.69 -23.54
CA GLY D 121 63.84 -13.86 -22.65
C GLY D 121 64.38 -12.61 -23.31
N THR D 122 64.60 -11.55 -22.51
CA THR D 122 65.18 -10.29 -23.02
C THR D 122 66.39 -9.95 -22.14
N LEU D 123 67.59 -9.88 -22.74
CA LEU D 123 68.79 -9.59 -21.97
C LEU D 123 68.95 -8.08 -21.80
N VAL D 124 68.69 -7.56 -20.58
CA VAL D 124 68.86 -6.14 -20.32
C VAL D 124 70.10 -5.96 -19.48
N THR D 125 71.06 -5.13 -19.95
CA THR D 125 72.31 -4.93 -19.21
C THR D 125 72.49 -3.50 -18.78
N VAL D 126 72.95 -3.27 -17.54
CA VAL D 126 73.17 -1.93 -17.05
C VAL D 126 74.64 -1.62 -17.09
N SER D 127 75.05 -0.61 -17.88
CA SER D 127 76.46 -0.24 -17.99
C SER D 127 76.63 1.26 -18.12
N SER D 128 77.61 1.81 -17.39
CA SER D 128 77.88 3.23 -17.42
C SER D 128 78.90 3.55 -18.53
N SER D 146 66.33 -16.73 -2.66
CA SER D 146 65.70 -18.04 -2.55
C SER D 146 64.92 -18.17 -1.22
N VAL D 147 63.58 -18.04 -1.29
CA VAL D 147 62.67 -18.17 -0.14
C VAL D 147 62.39 -19.66 0.12
N LEU D 148 62.27 -20.45 -0.96
CA LEU D 148 62.07 -21.89 -0.94
C LEU D 148 63.48 -22.51 -0.93
N THR D 149 63.72 -23.52 -0.09
CA THR D 149 65.05 -24.11 0.03
C THR D 149 65.28 -25.42 -0.75
N GLN D 150 66.18 -25.35 -1.73
CA GLN D 150 66.57 -26.48 -2.56
C GLN D 150 68.08 -26.71 -2.45
N PRO D 151 68.56 -27.96 -2.48
CA PRO D 151 70.02 -28.16 -2.51
C PRO D 151 70.62 -27.57 -3.79
N PRO D 152 71.83 -27.00 -3.72
CA PRO D 152 72.42 -26.36 -4.91
C PRO D 152 72.76 -27.34 -6.03
N SER D 153 73.18 -28.56 -5.68
CA SER D 153 73.52 -29.56 -6.69
C SER D 153 73.02 -30.96 -6.32
N ALA D 154 72.79 -31.79 -7.34
CA ALA D 154 72.39 -33.19 -7.21
C ALA D 154 73.01 -34.03 -8.33
N SER D 155 73.30 -35.33 -8.09
CA SER D 155 73.92 -36.15 -9.13
C SER D 155 73.52 -37.62 -9.07
N GLY D 156 73.70 -38.34 -10.17
CA GLY D 156 73.38 -39.75 -10.24
C GLY D 156 73.90 -40.41 -11.50
N THR D 157 74.02 -41.74 -11.47
CA THR D 157 74.46 -42.49 -12.65
C THR D 157 73.23 -42.79 -13.53
N PRO D 158 73.40 -42.94 -14.85
CA PRO D 158 72.24 -43.22 -15.71
C PRO D 158 71.51 -44.51 -15.31
N GLY D 159 70.18 -44.46 -15.39
CA GLY D 159 69.33 -45.57 -15.01
C GLY D 159 68.84 -45.47 -13.57
N GLN D 160 69.61 -44.81 -12.71
CA GLN D 160 69.31 -44.61 -11.30
C GLN D 160 68.21 -43.54 -11.08
N ARG D 161 67.77 -43.37 -9.84
CA ARG D 161 66.75 -42.38 -9.49
C ARG D 161 67.35 -41.26 -8.65
N VAL D 162 67.15 -39.98 -9.04
CA VAL D 162 67.64 -38.86 -8.25
C VAL D 162 66.46 -38.08 -7.68
N THR D 163 66.52 -37.69 -6.39
CA THR D 163 65.44 -36.93 -5.78
C THR D 163 65.88 -35.56 -5.29
N ILE D 164 65.12 -34.52 -5.62
CA ILE D 164 65.42 -33.15 -5.23
C ILE D 164 64.42 -32.70 -4.19
N SER D 165 64.88 -32.26 -3.03
CA SER D 165 64.00 -31.76 -1.98
C SER D 165 63.70 -30.27 -2.18
N CYS D 166 62.64 -29.78 -1.54
CA CYS D 166 62.26 -28.38 -1.62
C CYS D 166 61.45 -28.08 -0.38
N SER D 167 62.08 -27.52 0.67
CA SER D 167 61.35 -27.18 1.88
C SER D 167 60.91 -25.70 1.89
N GLY D 168 59.83 -25.40 2.59
CA GLY D 168 59.33 -24.05 2.69
C GLY D 168 58.59 -23.81 3.99
N SER D 169 57.72 -22.81 4.01
CA SER D 169 56.93 -22.47 5.20
C SER D 169 55.43 -22.77 5.01
N SER D 170 54.63 -22.64 6.07
CA SER D 170 53.20 -22.91 5.99
C SER D 170 52.43 -21.88 5.15
N SER D 171 53.00 -20.68 4.97
CA SER D 171 52.34 -19.66 4.15
C SER D 171 52.43 -19.98 2.65
N ASN D 172 53.48 -20.70 2.22
CA ASN D 172 53.63 -21.05 0.81
C ASN D 172 53.29 -22.53 0.53
N ILE D 173 54.24 -23.48 0.69
CA ILE D 173 54.02 -24.91 0.42
C ILE D 173 52.92 -25.51 1.30
N GLY D 174 52.84 -25.05 2.53
CA GLY D 174 51.82 -25.53 3.47
C GLY D 174 50.40 -25.23 3.07
N SER D 175 50.19 -24.18 2.25
CA SER D 175 48.84 -23.80 1.85
C SER D 175 48.55 -23.89 0.36
N ASN D 176 49.60 -23.97 -0.46
CA ASN D 176 49.44 -23.94 -1.91
C ASN D 176 50.18 -25.09 -2.63
N THR D 177 49.83 -25.34 -3.90
CA THR D 177 50.46 -26.40 -4.67
C THR D 177 51.86 -26.03 -5.10
N VAL D 178 52.69 -27.06 -5.30
CA VAL D 178 54.07 -26.89 -5.74
C VAL D 178 54.20 -27.25 -7.21
N ASN D 179 54.95 -26.43 -7.95
CA ASN D 179 55.25 -26.60 -9.36
C ASN D 179 56.76 -26.79 -9.50
N TRP D 180 57.18 -27.46 -10.57
CA TRP D 180 58.60 -27.67 -10.83
C TRP D 180 58.90 -27.26 -12.25
N TYR D 181 60.08 -26.71 -12.46
CA TYR D 181 60.51 -26.25 -13.78
C TYR D 181 61.85 -26.81 -14.11
N GLN D 182 62.07 -27.16 -15.38
CA GLN D 182 63.36 -27.65 -15.83
C GLN D 182 63.97 -26.57 -16.74
N GLN D 183 65.20 -26.16 -16.49
CA GLN D 183 65.85 -25.15 -17.29
C GLN D 183 67.11 -25.66 -17.96
N LEU D 184 67.05 -25.79 -19.28
CA LEU D 184 68.22 -26.18 -20.03
C LEU D 184 69.05 -24.90 -20.33
N PRO D 185 70.37 -25.04 -20.54
CA PRO D 185 71.19 -23.84 -20.80
C PRO D 185 70.75 -23.01 -22.02
N GLY D 186 70.63 -21.70 -21.81
CA GLY D 186 70.25 -20.79 -22.88
C GLY D 186 68.77 -20.81 -23.24
N THR D 187 67.94 -21.40 -22.37
CA THR D 187 66.52 -21.51 -22.61
C THR D 187 65.71 -21.02 -21.39
N ALA D 188 64.43 -20.73 -21.59
CA ALA D 188 63.54 -20.34 -20.51
C ALA D 188 63.15 -21.58 -19.70
N PRO D 189 62.86 -21.45 -18.38
CA PRO D 189 62.41 -22.61 -17.60
C PRO D 189 61.13 -23.21 -18.19
N LYS D 190 61.01 -24.53 -18.18
CA LYS D 190 59.87 -25.23 -18.77
C LYS D 190 59.05 -25.88 -17.66
N LEU D 191 57.69 -25.83 -17.68
CA LEU D 191 56.89 -26.52 -16.66
C LEU D 191 57.18 -28.02 -16.74
N LEU D 192 57.48 -28.64 -15.60
CA LEU D 192 57.82 -30.06 -15.52
C LEU D 192 56.70 -30.75 -14.72
N ILE D 193 56.36 -30.21 -13.55
CA ILE D 193 55.30 -30.73 -12.69
C ILE D 193 54.40 -29.55 -12.29
N TYR D 194 53.09 -29.70 -12.34
CA TYR D 194 52.18 -28.66 -11.86
C TYR D 194 51.21 -29.28 -10.87
N SER D 195 50.64 -28.46 -9.97
CA SER D 195 49.67 -28.95 -8.96
C SER D 195 50.14 -30.18 -8.19
N ASN D 196 51.38 -30.12 -7.68
CA ASN D 196 52.06 -31.13 -6.86
C ASN D 196 52.55 -32.36 -7.61
N THR D 197 51.66 -33.06 -8.32
CA THR D 197 51.97 -34.36 -8.93
C THR D 197 51.72 -34.45 -10.43
N GLN D 198 50.96 -33.49 -10.99
CA GLN D 198 50.56 -33.50 -12.40
C GLN D 198 51.68 -33.22 -13.39
N ARG D 199 51.63 -33.84 -14.58
CA ARG D 199 52.65 -33.61 -15.60
C ARG D 199 52.03 -33.08 -16.87
N PRO D 200 52.54 -31.98 -17.42
CA PRO D 200 52.01 -31.50 -18.71
C PRO D 200 52.29 -32.49 -19.86
N SER D 201 51.67 -32.28 -21.03
CA SER D 201 51.91 -33.16 -22.16
C SER D 201 53.36 -33.03 -22.62
N GLY D 202 54.03 -34.16 -22.83
CA GLY D 202 55.43 -34.14 -23.24
C GLY D 202 56.39 -34.50 -22.14
N VAL D 203 55.95 -34.39 -20.86
CA VAL D 203 56.78 -34.76 -19.71
C VAL D 203 56.59 -36.25 -19.40
N PRO D 204 57.66 -37.06 -19.53
CA PRO D 204 57.52 -38.52 -19.32
C PRO D 204 57.22 -38.93 -17.88
N ASP D 205 56.62 -40.11 -17.69
CA ASP D 205 56.27 -40.62 -16.35
C ASP D 205 57.48 -40.91 -15.43
N ARG D 206 58.71 -40.69 -15.92
CA ARG D 206 59.92 -40.85 -15.12
C ARG D 206 59.97 -39.76 -14.06
N PHE D 207 59.55 -38.53 -14.40
CA PHE D 207 59.48 -37.40 -13.49
C PHE D 207 58.21 -37.52 -12.67
N SER D 208 58.30 -37.40 -11.35
CA SER D 208 57.14 -37.48 -10.48
C SER D 208 57.27 -36.50 -9.32
N GLY D 209 56.16 -35.93 -8.90
CA GLY D 209 56.16 -34.96 -7.82
C GLY D 209 55.47 -35.47 -6.58
N SER D 210 55.70 -34.80 -5.45
CA SER D 210 55.09 -35.13 -4.16
C SER D 210 55.13 -33.94 -3.20
N LYS D 211 54.21 -33.90 -2.23
CA LYS D 211 54.16 -32.80 -1.27
C LYS D 211 53.60 -33.29 0.05
N SER D 212 54.29 -32.97 1.14
CA SER D 212 53.86 -33.35 2.48
C SER D 212 54.07 -32.16 3.41
N ALA D 213 52.99 -31.67 4.01
CA ALA D 213 52.97 -30.55 4.93
C ALA D 213 53.72 -29.28 4.33
N THR D 214 55.02 -28.97 4.62
CA THR D 214 55.68 -27.81 4.06
C THR D 214 56.84 -28.16 3.14
N SER D 215 56.89 -29.40 2.62
CA SER D 215 57.99 -29.80 1.75
C SER D 215 57.51 -30.55 0.52
N ALA D 216 58.21 -30.34 -0.59
CA ALA D 216 57.93 -30.98 -1.87
C ALA D 216 59.17 -31.72 -2.37
N SER D 217 58.95 -32.72 -3.22
CA SER D 217 60.05 -33.51 -3.74
C SER D 217 59.82 -33.88 -5.19
N LEU D 218 60.90 -33.89 -5.98
CA LEU D 218 60.83 -34.27 -7.38
C LEU D 218 61.71 -35.50 -7.55
N ALA D 219 61.16 -36.58 -8.11
CA ALA D 219 61.93 -37.79 -8.36
C ALA D 219 62.14 -37.97 -9.86
N ILE D 220 63.39 -38.12 -10.29
CA ILE D 220 63.71 -38.38 -11.69
C ILE D 220 64.16 -39.82 -11.76
N SER D 221 63.24 -40.72 -12.12
CA SER D 221 63.54 -42.15 -12.22
C SER D 221 64.14 -42.47 -13.58
N GLY D 222 64.94 -43.53 -13.65
CA GLY D 222 65.60 -43.94 -14.88
C GLY D 222 66.40 -42.84 -15.55
N LEU D 223 67.17 -42.08 -14.75
CA LEU D 223 67.98 -40.94 -15.16
C LEU D 223 68.68 -41.07 -16.51
N GLN D 224 68.55 -40.05 -17.37
CA GLN D 224 69.20 -40.02 -18.68
C GLN D 224 70.12 -38.80 -18.80
N SER D 225 71.09 -38.84 -19.73
CA SER D 225 72.01 -37.71 -19.95
C SER D 225 71.26 -36.43 -20.26
N GLU D 226 70.15 -36.54 -21.01
CA GLU D 226 69.28 -35.43 -21.40
C GLU D 226 68.62 -34.71 -20.21
N ASP D 227 68.70 -35.29 -18.99
CA ASP D 227 68.13 -34.69 -17.80
C ASP D 227 69.08 -33.71 -17.08
N GLU D 228 70.33 -33.58 -17.54
CA GLU D 228 71.30 -32.66 -16.97
C GLU D 228 70.81 -31.24 -17.24
N ALA D 229 70.28 -30.58 -16.21
CA ALA D 229 69.66 -29.27 -16.29
C ALA D 229 69.48 -28.64 -14.85
N ASP D 230 68.98 -27.39 -14.74
CA ASP D 230 68.68 -26.71 -13.48
C ASP D 230 67.20 -26.93 -13.17
N TYR D 231 66.86 -27.35 -11.94
CA TYR D 231 65.47 -27.63 -11.58
C TYR D 231 64.99 -26.67 -10.51
N TYR D 232 63.87 -26.00 -10.74
CA TYR D 232 63.34 -25.04 -9.78
C TYR D 232 61.98 -25.46 -9.24
N CYS D 233 61.77 -25.36 -7.93
CA CYS D 233 60.45 -25.56 -7.35
C CYS D 233 59.84 -24.17 -7.13
N ALA D 234 58.53 -24.07 -7.22
CA ALA D 234 57.84 -22.81 -7.05
C ALA D 234 56.47 -23.03 -6.44
N ALA D 235 56.02 -22.06 -5.66
CA ALA D 235 54.72 -22.13 -5.00
C ALA D 235 54.23 -20.74 -4.66
N TRP D 236 52.91 -20.56 -4.58
CA TRP D 236 52.33 -19.28 -4.22
C TRP D 236 52.53 -19.07 -2.73
N ASP D 237 52.99 -17.88 -2.31
CA ASP D 237 53.14 -17.57 -0.89
C ASP D 237 52.09 -16.51 -0.53
N ASP D 238 51.23 -16.84 0.44
CA ASP D 238 50.13 -15.98 0.89
C ASP D 238 50.56 -14.82 1.82
N SER D 239 51.87 -14.68 2.10
CA SER D 239 52.38 -13.58 2.91
C SER D 239 52.20 -12.29 2.15
N LEU D 240 51.82 -11.20 2.86
CA LEU D 240 51.60 -9.89 2.25
C LEU D 240 50.44 -10.00 1.19
N ASN D 241 50.43 -9.17 0.12
CA ASN D 241 49.38 -9.27 -0.90
C ASN D 241 49.52 -10.50 -1.83
N GLY D 242 50.37 -11.44 -1.45
CA GLY D 242 50.59 -12.64 -2.22
C GLY D 242 51.70 -12.43 -3.22
N HIS D 243 52.49 -13.46 -3.44
CA HIS D 243 53.61 -13.44 -4.38
C HIS D 243 54.04 -14.86 -4.69
N VAL D 244 54.67 -15.09 -5.85
CA VAL D 244 55.12 -16.43 -6.14
C VAL D 244 56.57 -16.51 -5.70
N VAL D 245 56.88 -17.55 -4.93
CA VAL D 245 58.24 -17.78 -4.49
C VAL D 245 58.89 -18.93 -5.26
N PHE D 246 60.20 -18.88 -5.40
CA PHE D 246 60.93 -19.91 -6.15
C PHE D 246 62.08 -20.43 -5.30
N GLY D 247 62.58 -21.61 -5.66
CA GLY D 247 63.75 -22.20 -5.02
C GLY D 247 65.02 -21.69 -5.67
N GLY D 248 66.14 -21.90 -5.03
CA GLY D 248 67.43 -21.46 -5.56
C GLY D 248 67.89 -22.24 -6.80
N GLY D 249 67.33 -23.41 -7.00
CA GLY D 249 67.68 -24.26 -8.12
C GLY D 249 68.56 -25.41 -7.73
N THR D 250 68.54 -26.47 -8.54
CA THR D 250 69.34 -27.66 -8.34
C THR D 250 69.98 -28.07 -9.66
N LYS D 251 71.30 -28.14 -9.69
CA LYS D 251 72.03 -28.52 -10.88
C LYS D 251 72.12 -30.04 -10.81
N VAL D 252 71.36 -30.73 -11.64
CA VAL D 252 71.41 -32.19 -11.68
C VAL D 252 72.45 -32.56 -12.71
N THR D 253 73.50 -33.23 -12.26
CA THR D 253 74.61 -33.66 -13.09
C THR D 253 74.45 -35.17 -13.28
N VAL D 254 74.49 -35.64 -14.53
CA VAL D 254 74.37 -37.07 -14.81
C VAL D 254 75.75 -37.64 -15.04
N LEU D 255 76.22 -38.54 -14.18
CA LEU D 255 77.54 -39.14 -14.30
C LEU D 255 77.61 -40.18 -15.45
N GLY D 256 78.76 -40.80 -15.65
CA GLY D 256 78.96 -41.83 -16.66
C GLY D 256 78.27 -43.11 -16.26
N ALA D 257 77.76 -43.84 -17.25
CA ALA D 257 77.01 -45.07 -17.04
C ALA D 257 77.81 -46.15 -16.35
N ALA D 258 77.12 -47.04 -15.63
CA ALA D 258 77.80 -48.14 -14.94
C ALA D 258 78.34 -49.16 -15.94
N ALA D 259 77.68 -49.34 -17.09
CA ALA D 259 78.17 -50.29 -18.10
C ALA D 259 79.45 -49.83 -18.83
N GLU D 260 79.97 -48.62 -18.50
CA GLU D 260 81.24 -48.11 -19.06
C GLU D 260 82.46 -48.86 -18.47
N ASN D 261 82.29 -49.60 -17.35
CA ASN D 261 83.36 -50.33 -16.68
C ASN D 261 82.88 -51.65 -16.05
N LEU D 262 83.70 -52.70 -16.11
CA LEU D 262 83.37 -54.01 -15.57
C LEU D 262 83.25 -54.02 -14.03
N TYR D 263 83.92 -53.09 -13.34
CA TYR D 263 83.89 -52.98 -11.87
C TYR D 263 82.54 -52.43 -11.41
N PHE D 264 81.97 -51.47 -12.16
CA PHE D 264 80.68 -50.85 -11.92
C PHE D 264 80.17 -50.18 -13.17
N ARG E 5 -0.32 -5.49 -13.72
CA ARG E 5 -0.95 -6.48 -12.85
C ARG E 5 -0.77 -7.96 -13.34
N ILE E 6 -1.47 -8.39 -14.42
CA ILE E 6 -1.30 -9.74 -14.97
C ILE E 6 -0.78 -9.62 -16.39
N GLY E 7 0.51 -9.84 -16.57
CA GLY E 7 1.14 -9.72 -17.88
C GLY E 7 1.06 -8.29 -18.39
N TYR E 8 0.49 -8.11 -19.58
CA TYR E 8 0.36 -6.76 -20.15
C TYR E 8 -1.01 -6.14 -19.82
N TYR E 9 -1.64 -6.54 -18.71
CA TYR E 9 -2.98 -6.07 -18.39
C TYR E 9 -3.09 -5.45 -17.00
N GLU E 10 -3.88 -4.38 -16.91
CA GLU E 10 -4.14 -3.71 -15.64
C GLU E 10 -5.54 -4.11 -15.21
N ILE E 11 -5.62 -4.99 -14.24
CA ILE E 11 -6.86 -5.56 -13.74
C ILE E 11 -7.65 -4.56 -12.90
N ASP E 12 -8.96 -4.47 -13.14
CA ASP E 12 -9.81 -3.62 -12.32
C ASP E 12 -11.11 -4.41 -11.88
N ARG E 13 -12.31 -3.81 -11.80
CA ARG E 13 -13.47 -4.45 -11.22
C ARG E 13 -13.86 -5.83 -11.78
N THR E 14 -14.44 -6.65 -10.90
CA THR E 14 -14.95 -7.97 -11.22
C THR E 14 -16.26 -7.77 -11.99
N ILE E 15 -16.37 -8.38 -13.17
CA ILE E 15 -17.57 -8.24 -14.00
C ILE E 15 -18.36 -9.54 -14.16
N GLY E 16 -17.89 -10.63 -13.57
CA GLY E 16 -18.58 -11.90 -13.65
C GLY E 16 -18.06 -12.94 -12.69
N LYS E 17 -18.87 -13.97 -12.43
CA LYS E 17 -18.48 -15.04 -11.54
C LYS E 17 -18.98 -16.37 -12.06
N GLY E 18 -18.07 -17.29 -12.26
CA GLY E 18 -18.40 -18.65 -12.65
C GLY E 18 -18.38 -19.55 -11.44
N ASN E 19 -18.53 -20.86 -11.64
CA ASN E 19 -18.50 -21.79 -10.52
C ASN E 19 -17.11 -21.94 -9.96
N PHE E 20 -16.11 -21.96 -10.84
CA PHE E 20 -14.70 -22.09 -10.43
C PHE E 20 -13.82 -20.97 -11.04
N ALA E 21 -14.41 -19.85 -11.52
CA ALA E 21 -13.66 -18.76 -12.17
C ALA E 21 -14.21 -17.38 -11.84
N VAL E 22 -13.37 -16.34 -11.93
CA VAL E 22 -13.80 -14.96 -11.68
C VAL E 22 -13.44 -14.14 -12.92
N VAL E 23 -14.42 -13.51 -13.55
CA VAL E 23 -14.18 -12.65 -14.73
C VAL E 23 -13.87 -11.24 -14.21
N LYS E 24 -12.93 -10.54 -14.85
CA LYS E 24 -12.54 -9.20 -14.39
C LYS E 24 -12.26 -8.28 -15.55
N ARG E 25 -12.78 -7.05 -15.53
CA ARG E 25 -12.47 -6.06 -16.57
C ARG E 25 -10.99 -5.69 -16.43
N ALA E 26 -10.30 -5.53 -17.56
CA ALA E 26 -8.88 -5.16 -17.55
C ALA E 26 -8.54 -4.23 -18.73
N THR E 27 -7.36 -3.61 -18.74
CA THR E 27 -6.94 -2.74 -19.83
C THR E 27 -5.60 -3.22 -20.35
N HIS E 28 -5.47 -3.39 -21.69
CA HIS E 28 -4.18 -3.79 -22.25
C HIS E 28 -3.27 -2.56 -22.14
N LEU E 29 -2.14 -2.70 -21.47
CA LEU E 29 -1.24 -1.59 -21.24
C LEU E 29 -0.64 -0.97 -22.51
N VAL E 30 -0.33 -1.80 -23.52
CA VAL E 30 0.30 -1.29 -24.73
C VAL E 30 -0.69 -0.79 -25.77
N THR E 31 -1.94 -1.28 -25.77
CA THR E 31 -2.92 -0.86 -26.77
C THR E 31 -4.01 0.06 -26.19
N LYS E 32 -4.12 0.14 -24.86
CA LYS E 32 -5.13 0.93 -24.13
C LYS E 32 -6.57 0.40 -24.32
N ALA E 33 -6.73 -0.80 -24.89
CA ALA E 33 -8.04 -1.40 -25.14
C ALA E 33 -8.62 -2.02 -23.89
N LYS E 34 -9.95 -2.11 -23.81
CA LYS E 34 -10.62 -2.75 -22.69
C LYS E 34 -10.87 -4.22 -23.05
N VAL E 35 -10.47 -5.11 -22.17
CA VAL E 35 -10.65 -6.55 -22.37
C VAL E 35 -11.29 -7.17 -21.12
N ALA E 36 -11.75 -8.43 -21.21
CA ALA E 36 -12.26 -9.15 -20.03
C ALA E 36 -11.29 -10.32 -19.78
N ILE E 37 -10.99 -10.64 -18.52
CA ILE E 37 -10.06 -11.74 -18.21
C ILE E 37 -10.74 -12.74 -17.32
N LYS E 38 -10.73 -14.01 -17.72
CA LYS E 38 -11.33 -15.07 -16.91
C LYS E 38 -10.21 -15.66 -16.07
N ILE E 39 -10.34 -15.64 -14.75
CA ILE E 39 -9.27 -16.12 -13.87
C ILE E 39 -9.63 -17.44 -13.20
N ILE E 40 -8.85 -18.50 -13.46
CA ILE E 40 -9.13 -19.82 -12.92
C ILE E 40 -7.97 -20.37 -12.11
N ASP E 41 -8.23 -20.82 -10.88
CA ASP E 41 -7.18 -21.42 -10.05
C ASP E 41 -7.21 -22.93 -10.27
N LYS E 42 -6.15 -23.45 -10.90
CA LYS E 42 -6.06 -24.86 -11.22
C LYS E 42 -5.83 -25.76 -9.99
N THR E 43 -5.36 -25.20 -8.84
CA THR E 43 -5.11 -26.01 -7.63
C THR E 43 -6.38 -26.70 -7.14
N GLN E 44 -7.51 -26.00 -7.23
CA GLN E 44 -8.80 -26.51 -6.81
C GLN E 44 -9.56 -27.11 -8.01
N LEU E 45 -8.88 -27.93 -8.81
CA LEU E 45 -9.48 -28.54 -10.00
C LEU E 45 -9.09 -30.01 -10.20
N ASP E 46 -10.08 -30.87 -10.51
CA ASP E 46 -9.85 -32.29 -10.76
C ASP E 46 -9.69 -32.56 -12.29
N GLU E 47 -9.18 -33.75 -12.66
CA GLU E 47 -8.97 -34.15 -14.05
C GLU E 47 -10.15 -33.85 -15.01
N GLU E 48 -11.38 -34.16 -14.59
CA GLU E 48 -12.56 -33.94 -15.43
C GLU E 48 -12.83 -32.46 -15.70
N ASN E 49 -12.60 -31.60 -14.69
CA ASN E 49 -12.83 -30.16 -14.84
C ASN E 49 -11.71 -29.45 -15.58
N LEU E 50 -10.47 -29.94 -15.44
CA LEU E 50 -9.33 -29.39 -16.15
C LEU E 50 -9.49 -29.59 -17.66
N LYS E 51 -9.99 -30.77 -18.06
CA LYS E 51 -10.25 -31.12 -19.45
C LYS E 51 -11.31 -30.20 -20.06
N LYS E 52 -12.33 -29.84 -19.27
CA LYS E 52 -13.43 -28.97 -19.67
C LYS E 52 -12.94 -27.54 -19.94
N ILE E 53 -11.93 -27.08 -19.20
CA ILE E 53 -11.37 -25.75 -19.41
C ILE E 53 -10.60 -25.72 -20.71
N PHE E 54 -9.76 -26.73 -20.95
CA PHE E 54 -9.00 -26.80 -22.20
C PHE E 54 -9.90 -27.07 -23.41
N ARG E 55 -11.06 -27.72 -23.21
CA ARG E 55 -12.02 -27.92 -24.28
C ARG E 55 -12.62 -26.56 -24.66
N GLU E 56 -13.01 -25.76 -23.64
CA GLU E 56 -13.56 -24.41 -23.82
C GLU E 56 -12.61 -23.54 -24.62
N VAL E 57 -11.30 -23.59 -24.29
CA VAL E 57 -10.27 -22.82 -24.98
C VAL E 57 -10.17 -23.22 -26.45
N GLN E 58 -10.14 -24.52 -26.73
CA GLN E 58 -10.08 -25.00 -28.11
C GLN E 58 -11.32 -24.62 -28.90
N ILE E 59 -12.52 -24.66 -28.26
CA ILE E 59 -13.77 -24.31 -28.91
C ILE E 59 -13.80 -22.82 -29.26
N MET E 60 -13.27 -21.97 -28.37
CA MET E 60 -13.22 -20.53 -28.62
C MET E 60 -12.25 -20.15 -29.75
N LYS E 61 -11.21 -20.95 -29.95
CA LYS E 61 -10.25 -20.72 -31.03
C LYS E 61 -10.90 -20.97 -32.42
N MET E 62 -11.97 -21.79 -32.48
CA MET E 62 -12.70 -22.12 -33.70
C MET E 62 -13.78 -21.10 -34.05
N LEU E 63 -14.27 -20.35 -33.04
CA LEU E 63 -15.38 -19.44 -33.25
C LEU E 63 -15.01 -17.98 -33.43
N SER E 64 -14.93 -17.52 -34.67
CA SER E 64 -14.70 -16.11 -34.95
C SER E 64 -16.01 -15.59 -35.58
N HIS E 65 -16.83 -14.88 -34.79
CA HIS E 65 -18.12 -14.42 -35.28
C HIS E 65 -18.46 -13.03 -34.70
N PRO E 66 -19.12 -12.15 -35.49
CA PRO E 66 -19.48 -10.82 -34.98
C PRO E 66 -20.43 -10.83 -33.78
N HIS E 67 -21.10 -11.95 -33.51
CA HIS E 67 -22.03 -12.07 -32.40
C HIS E 67 -21.63 -13.10 -31.33
N ILE E 68 -20.34 -13.46 -31.30
CA ILE E 68 -19.75 -14.36 -30.31
C ILE E 68 -18.54 -13.61 -29.71
N ILE E 69 -18.33 -13.76 -28.37
CA ILE E 69 -17.21 -13.12 -27.67
C ILE E 69 -15.89 -13.66 -28.26
N ARG E 70 -14.98 -12.75 -28.64
CA ARG E 70 -13.74 -13.15 -29.28
C ARG E 70 -12.63 -13.38 -28.30
N LEU E 71 -11.97 -14.53 -28.37
CA LEU E 71 -10.82 -14.84 -27.50
C LEU E 71 -9.59 -14.14 -28.09
N TYR E 72 -8.82 -13.45 -27.26
CA TYR E 72 -7.63 -12.72 -27.71
C TYR E 72 -6.31 -13.36 -27.30
N GLN E 73 -6.20 -13.76 -26.02
CA GLN E 73 -4.96 -14.32 -25.50
C GLN E 73 -5.24 -15.35 -24.40
N VAL E 74 -4.37 -16.34 -24.27
CA VAL E 74 -4.46 -17.35 -23.22
C VAL E 74 -3.12 -17.38 -22.51
N MET E 75 -3.12 -17.13 -21.20
CA MET E 75 -1.90 -17.14 -20.40
C MET E 75 -2.00 -18.25 -19.36
N GLU E 76 -0.91 -19.00 -19.14
CA GLU E 76 -0.95 -20.08 -18.16
C GLU E 76 0.29 -20.13 -17.29
N THR E 77 0.10 -20.01 -15.97
CA THR E 77 1.19 -20.10 -15.02
C THR E 77 1.20 -21.52 -14.36
N GLU E 78 2.11 -21.78 -13.41
CA GLU E 78 2.19 -23.06 -12.71
C GLU E 78 0.84 -23.45 -12.05
N ARG E 79 0.13 -22.47 -11.46
CA ARG E 79 -1.12 -22.75 -10.77
C ARG E 79 -2.35 -22.01 -11.31
N MET E 80 -2.17 -21.12 -12.30
CA MET E 80 -3.29 -20.32 -12.82
C MET E 80 -3.47 -20.46 -14.33
N ILE E 81 -4.67 -20.13 -14.80
CA ILE E 81 -5.00 -20.12 -16.22
C ILE E 81 -5.91 -18.91 -16.47
N TYR E 82 -5.47 -17.99 -17.34
CA TYR E 82 -6.22 -16.78 -17.64
C TYR E 82 -6.65 -16.74 -19.10
N LEU E 83 -7.91 -16.34 -19.36
CA LEU E 83 -8.38 -16.21 -20.73
C LEU E 83 -8.75 -14.77 -20.97
N VAL E 84 -8.07 -14.13 -21.92
CA VAL E 84 -8.36 -12.74 -22.25
C VAL E 84 -9.26 -12.70 -23.47
N THR E 85 -10.45 -12.12 -23.33
CA THR E 85 -11.44 -12.01 -24.41
C THR E 85 -11.86 -10.53 -24.63
N GLU E 86 -12.76 -10.26 -25.61
CA GLU E 86 -13.25 -8.91 -25.83
C GLU E 86 -14.22 -8.49 -24.73
N TYR E 87 -14.35 -7.19 -24.51
CA TYR E 87 -15.24 -6.68 -23.49
C TYR E 87 -16.49 -6.04 -24.13
N ALA E 88 -17.69 -6.52 -23.74
CA ALA E 88 -18.95 -5.99 -24.24
C ALA E 88 -19.31 -4.83 -23.32
N SER E 89 -19.09 -3.61 -23.78
CA SER E 89 -19.30 -2.42 -22.95
C SER E 89 -20.73 -1.91 -22.80
N GLY E 90 -21.71 -2.63 -23.30
CA GLY E 90 -23.09 -2.19 -23.22
C GLY E 90 -23.91 -2.87 -22.13
N GLY E 91 -23.45 -4.02 -21.67
CA GLY E 91 -24.13 -4.74 -20.60
C GLY E 91 -24.54 -6.13 -20.99
N GLU E 92 -25.64 -6.61 -20.42
CA GLU E 92 -26.18 -7.92 -20.78
C GLU E 92 -27.73 -7.90 -20.77
N ILE E 93 -28.34 -8.88 -21.44
CA ILE E 93 -29.79 -8.97 -21.61
C ILE E 93 -30.53 -9.06 -20.27
N PHE E 94 -30.00 -9.80 -19.28
CA PHE E 94 -30.63 -9.88 -17.98
C PHE E 94 -30.75 -8.50 -17.30
N ASP E 95 -29.65 -7.74 -17.25
CA ASP E 95 -29.67 -6.41 -16.65
C ASP E 95 -30.56 -5.45 -17.42
N HIS E 96 -30.61 -5.60 -18.74
CA HIS E 96 -31.44 -4.75 -19.58
C HIS E 96 -32.91 -4.99 -19.30
N LEU E 97 -33.31 -6.25 -19.11
CA LEU E 97 -34.70 -6.58 -18.78
C LEU E 97 -35.08 -6.11 -17.37
N VAL E 98 -34.13 -6.14 -16.43
CA VAL E 98 -34.36 -5.66 -15.07
C VAL E 98 -34.55 -4.13 -15.09
N ALA E 99 -33.76 -3.43 -15.91
CA ALA E 99 -33.82 -1.98 -15.99
C ALA E 99 -34.98 -1.44 -16.79
N HIS E 100 -35.32 -2.07 -17.93
CA HIS E 100 -36.34 -1.52 -18.81
C HIS E 100 -37.60 -2.36 -19.01
N GLY E 101 -37.60 -3.59 -18.52
CA GLY E 101 -38.74 -4.47 -18.67
C GLY E 101 -38.76 -5.15 -20.03
N ARG E 102 -39.89 -5.77 -20.39
CA ARG E 102 -40.02 -6.49 -21.66
C ARG E 102 -39.72 -5.63 -22.87
N MET E 103 -39.14 -6.26 -23.89
CA MET E 103 -38.79 -5.55 -25.12
C MET E 103 -39.96 -5.57 -26.05
N ALA E 104 -40.08 -4.52 -26.88
CA ALA E 104 -41.10 -4.49 -27.93
C ALA E 104 -40.71 -5.57 -28.95
N GLU E 105 -41.68 -6.23 -29.61
CA GLU E 105 -41.36 -7.29 -30.56
C GLU E 105 -40.38 -6.83 -31.66
N LYS E 106 -40.37 -5.55 -32.01
CA LYS E 106 -39.44 -4.98 -32.97
C LYS E 106 -38.01 -5.02 -32.43
N GLU E 107 -37.81 -4.60 -31.15
CA GLU E 107 -36.50 -4.59 -30.52
C GLU E 107 -36.03 -6.02 -30.22
N ALA E 108 -36.95 -6.87 -29.77
CA ALA E 108 -36.67 -8.26 -29.44
C ALA E 108 -36.34 -9.07 -30.69
N ARG E 109 -36.96 -8.74 -31.84
CA ARG E 109 -36.70 -9.43 -33.09
C ARG E 109 -35.27 -9.18 -33.53
N ARG E 110 -34.79 -7.93 -33.41
CA ARG E 110 -33.43 -7.56 -33.78
C ARG E 110 -32.40 -8.34 -32.98
N LYS E 111 -32.56 -8.41 -31.65
CA LYS E 111 -31.63 -9.15 -30.80
C LYS E 111 -31.76 -10.65 -31.02
N PHE E 112 -32.98 -11.16 -31.19
CA PHE E 112 -33.18 -12.59 -31.43
C PHE E 112 -32.54 -13.04 -32.73
N LYS E 113 -32.69 -12.21 -33.78
CA LYS E 113 -32.09 -12.42 -35.09
C LYS E 113 -30.59 -12.60 -34.94
N GLN E 114 -29.95 -11.78 -34.08
CA GLN E 114 -28.53 -11.84 -33.79
C GLN E 114 -28.14 -13.10 -33.04
N ILE E 115 -28.92 -13.45 -32.01
CA ILE E 115 -28.69 -14.64 -31.20
C ILE E 115 -28.72 -15.90 -32.07
N VAL E 116 -29.75 -16.06 -32.91
CA VAL E 116 -29.83 -17.23 -33.78
C VAL E 116 -28.70 -17.26 -34.83
N THR E 117 -28.20 -16.08 -35.23
CA THR E 117 -27.11 -15.97 -36.19
C THR E 117 -25.84 -16.59 -35.60
N ALA E 118 -25.58 -16.35 -34.31
CA ALA E 118 -24.43 -16.88 -33.61
C ALA E 118 -24.61 -18.35 -33.26
N VAL E 119 -25.81 -18.76 -32.84
CA VAL E 119 -26.07 -20.16 -32.49
C VAL E 119 -26.02 -21.06 -33.74
N TYR E 120 -26.51 -20.55 -34.88
CA TYR E 120 -26.47 -21.26 -36.16
C TYR E 120 -25.01 -21.46 -36.57
N PHE E 121 -24.17 -20.41 -36.41
CA PHE E 121 -22.75 -20.47 -36.73
C PHE E 121 -22.06 -21.57 -35.93
N CYS E 122 -22.40 -21.69 -34.63
CA CYS E 122 -21.85 -22.73 -33.76
C CYS E 122 -22.22 -24.11 -34.29
N HIS E 123 -23.50 -24.33 -34.60
CA HIS E 123 -23.96 -25.61 -35.10
C HIS E 123 -23.32 -25.97 -36.45
N SER E 124 -22.91 -24.95 -37.25
CA SER E 124 -22.22 -25.15 -38.52
C SER E 124 -20.83 -25.70 -38.25
N ARG E 125 -20.14 -25.15 -37.22
CA ARG E 125 -18.81 -25.63 -36.83
C ARG E 125 -18.86 -26.87 -35.92
N ASN E 126 -20.05 -27.51 -35.78
CA ASN E 126 -20.29 -28.70 -34.99
C ASN E 126 -20.04 -28.45 -33.49
N ILE E 127 -20.57 -27.34 -32.96
CA ILE E 127 -20.43 -26.98 -31.56
C ILE E 127 -21.81 -26.60 -30.98
N VAL E 128 -22.14 -27.11 -29.78
CA VAL E 128 -23.38 -26.74 -29.12
C VAL E 128 -23.04 -25.94 -27.88
N HIS E 129 -23.74 -24.81 -27.63
CA HIS E 129 -23.46 -23.95 -26.48
C HIS E 129 -23.79 -24.63 -25.16
N ARG E 130 -25.01 -25.17 -25.01
CA ARG E 130 -25.53 -25.87 -23.82
C ARG E 130 -25.59 -25.02 -22.54
N ASP E 131 -25.56 -23.68 -22.66
CA ASP E 131 -25.67 -22.80 -21.50
C ASP E 131 -26.15 -21.42 -21.93
N LEU E 132 -27.14 -21.38 -22.83
CA LEU E 132 -27.68 -20.11 -23.29
C LEU E 132 -28.61 -19.56 -22.22
N LYS E 133 -28.34 -18.35 -21.75
CA LYS E 133 -29.16 -17.69 -20.74
C LYS E 133 -29.08 -16.18 -20.91
N ALA E 134 -30.01 -15.42 -20.31
CA ALA E 134 -30.02 -13.97 -20.46
C ALA E 134 -28.73 -13.34 -20.01
N GLU E 135 -28.15 -13.84 -18.93
CA GLU E 135 -26.91 -13.35 -18.35
C GLU E 135 -25.63 -13.71 -19.17
N ASN E 136 -25.73 -14.58 -20.19
CA ASN E 136 -24.64 -14.97 -21.10
C ASN E 136 -24.77 -14.32 -22.51
N LEU E 137 -25.79 -13.47 -22.71
CA LEU E 137 -26.02 -12.74 -23.96
C LEU E 137 -25.67 -11.29 -23.65
N LEU E 138 -24.44 -10.91 -23.95
CA LEU E 138 -23.95 -9.57 -23.67
C LEU E 138 -24.30 -8.62 -24.82
N LEU E 139 -24.11 -7.31 -24.63
CA LEU E 139 -24.39 -6.29 -25.63
C LEU E 139 -23.18 -5.39 -25.75
N ASP E 140 -22.67 -5.13 -26.97
CA ASP E 140 -21.53 -4.23 -27.15
C ASP E 140 -21.94 -2.73 -27.02
N ALA E 141 -21.07 -1.77 -27.41
CA ALA E 141 -21.38 -0.33 -27.32
C ALA E 141 -22.58 0.06 -28.20
N ASN E 142 -22.81 -0.66 -29.30
CA ASN E 142 -23.91 -0.42 -30.23
C ASN E 142 -25.16 -1.27 -29.90
N LEU E 143 -25.16 -1.93 -28.72
CA LEU E 143 -26.18 -2.80 -28.19
C LEU E 143 -26.42 -4.04 -29.05
N ASN E 144 -25.36 -4.60 -29.62
CA ASN E 144 -25.44 -5.81 -30.44
C ASN E 144 -25.07 -7.03 -29.60
N ILE E 145 -25.81 -8.13 -29.76
CA ILE E 145 -25.55 -9.35 -29.02
C ILE E 145 -24.14 -9.91 -29.25
N LYS E 146 -23.48 -10.35 -28.16
CA LYS E 146 -22.20 -11.05 -28.12
C LYS E 146 -22.44 -12.22 -27.15
N ILE E 147 -22.43 -13.47 -27.65
CA ILE E 147 -22.66 -14.64 -26.80
C ILE E 147 -21.39 -14.99 -26.07
N ALA E 148 -21.48 -15.24 -24.76
CA ALA E 148 -20.31 -15.54 -23.93
C ALA E 148 -20.46 -16.89 -23.15
N ASP E 149 -19.42 -17.33 -22.41
CA ASP E 149 -19.38 -18.53 -21.57
C ASP E 149 -19.56 -19.83 -22.34
N PHE E 150 -18.47 -20.34 -22.88
CA PHE E 150 -18.51 -21.61 -23.59
C PHE E 150 -17.93 -22.74 -22.72
N GLY E 151 -18.09 -22.65 -21.40
CA GLY E 151 -17.57 -23.65 -20.48
C GLY E 151 -18.29 -24.97 -20.61
N PHE E 152 -19.62 -24.90 -20.79
CA PHE E 152 -20.41 -26.11 -20.93
C PHE E 152 -20.61 -26.54 -22.39
N SER E 153 -19.97 -25.86 -23.35
CA SER E 153 -20.09 -26.20 -24.76
C SER E 153 -19.32 -27.46 -25.12
N ASN E 154 -19.72 -28.12 -26.22
CA ASN E 154 -19.06 -29.35 -26.65
C ASN E 154 -19.14 -29.53 -28.16
N LEU E 155 -18.21 -30.30 -28.71
CA LEU E 155 -18.19 -30.65 -30.12
C LEU E 155 -19.19 -31.80 -30.32
N PHE E 156 -19.93 -31.78 -31.44
CA PHE E 156 -20.90 -32.84 -31.71
C PHE E 156 -20.84 -33.36 -33.13
N THR E 157 -21.33 -34.58 -33.34
CA THR E 157 -21.42 -35.18 -34.67
C THR E 157 -22.89 -35.20 -35.01
N PRO E 158 -23.32 -34.56 -36.12
CA PRO E 158 -24.76 -34.56 -36.46
C PRO E 158 -25.40 -35.95 -36.43
N GLY E 159 -26.29 -36.13 -35.45
CA GLY E 159 -26.99 -37.39 -35.22
C GLY E 159 -26.47 -38.18 -34.03
N GLN E 160 -25.67 -37.55 -33.16
CA GLN E 160 -25.13 -38.21 -31.97
C GLN E 160 -25.87 -37.81 -30.70
N LEU E 161 -25.82 -38.68 -29.69
CA LEU E 161 -26.46 -38.40 -28.41
C LEU E 161 -25.40 -38.02 -27.41
N LEU E 162 -25.57 -36.85 -26.76
CA LEU E 162 -24.62 -36.37 -25.76
C LEU E 162 -25.03 -36.84 -24.36
N LYS E 163 -24.07 -37.00 -23.45
CA LYS E 163 -24.37 -37.52 -22.11
C LYS E 163 -23.87 -36.64 -20.96
N TRP E 165 -25.10 -33.82 -18.43
CA TRP E 165 -26.29 -33.11 -17.97
C TRP E 165 -25.94 -31.74 -17.35
N CYS E 166 -25.93 -30.72 -18.21
CA CYS E 166 -25.54 -29.36 -17.83
C CYS E 166 -26.47 -28.32 -18.46
N GLY E 167 -26.41 -27.10 -17.93
CA GLY E 167 -27.20 -25.98 -18.42
C GLY E 167 -27.81 -25.15 -17.33
N SER E 168 -28.28 -23.94 -17.68
CA SER E 168 -28.93 -23.06 -16.70
C SER E 168 -30.31 -23.62 -16.47
N PRO E 169 -30.65 -24.00 -15.22
CA PRO E 169 -31.97 -24.60 -14.97
C PRO E 169 -33.19 -23.92 -15.62
N PRO E 170 -33.40 -22.59 -15.55
CA PRO E 170 -34.59 -22.01 -16.21
C PRO E 170 -34.61 -22.13 -17.74
N TYR E 171 -33.45 -22.37 -18.37
CA TYR E 171 -33.37 -22.51 -19.83
C TYR E 171 -33.11 -23.95 -20.30
N ALA E 172 -32.86 -24.88 -19.35
CA ALA E 172 -32.56 -26.27 -19.65
C ALA E 172 -33.76 -27.03 -20.20
N ALA E 173 -33.54 -27.82 -21.26
CA ALA E 173 -34.58 -28.63 -21.88
C ALA E 173 -35.01 -29.77 -20.96
N PRO E 174 -36.28 -30.24 -21.05
CA PRO E 174 -36.72 -31.30 -20.14
C PRO E 174 -35.84 -32.55 -20.09
N GLU E 175 -35.26 -32.98 -21.24
CA GLU E 175 -34.39 -34.17 -21.33
C GLU E 175 -33.21 -34.11 -20.39
N LEU E 176 -32.67 -32.89 -20.19
CA LEU E 176 -31.53 -32.65 -19.32
C LEU E 176 -31.90 -32.91 -17.86
N PHE E 177 -33.09 -32.44 -17.41
CA PHE E 177 -33.57 -32.68 -16.06
C PHE E 177 -33.83 -34.19 -15.84
N GLU E 178 -34.34 -34.88 -16.89
CA GLU E 178 -34.64 -36.30 -16.84
C GLU E 178 -33.42 -37.23 -16.97
N GLY E 179 -32.25 -36.67 -17.27
CA GLY E 179 -31.05 -37.47 -17.43
C GLY E 179 -31.08 -38.38 -18.64
N LYS E 180 -31.68 -37.91 -19.74
CA LYS E 180 -31.77 -38.68 -20.98
C LYS E 180 -30.65 -38.27 -21.95
N GLU E 181 -30.17 -39.22 -22.79
CA GLU E 181 -29.18 -38.89 -23.82
C GLU E 181 -29.90 -38.02 -24.86
N TYR E 182 -29.27 -36.94 -25.31
CA TYR E 182 -29.96 -35.95 -26.12
C TYR E 182 -29.25 -35.50 -27.39
N ASP E 183 -30.01 -34.86 -28.31
CA ASP E 183 -29.44 -34.26 -29.50
C ASP E 183 -29.06 -32.84 -29.09
N GLY E 184 -27.81 -32.49 -29.33
CA GLY E 184 -27.25 -31.19 -28.99
C GLY E 184 -28.06 -29.99 -29.48
N PRO E 185 -28.16 -29.79 -30.81
CA PRO E 185 -28.91 -28.62 -31.31
C PRO E 185 -30.34 -28.51 -30.80
N LYS E 186 -31.05 -29.65 -30.61
CA LYS E 186 -32.43 -29.64 -30.07
C LYS E 186 -32.50 -29.04 -28.64
N VAL E 187 -31.42 -29.21 -27.86
CA VAL E 187 -31.32 -28.67 -26.51
C VAL E 187 -31.09 -27.13 -26.57
N ASP E 188 -30.34 -26.66 -27.56
CA ASP E 188 -30.10 -25.24 -27.75
C ASP E 188 -31.36 -24.56 -28.28
N ILE E 189 -32.15 -25.25 -29.11
CA ILE E 189 -33.39 -24.72 -29.65
C ILE E 189 -34.40 -24.47 -28.52
N TRP E 190 -34.47 -25.38 -27.51
CA TRP E 190 -35.34 -25.19 -26.35
C TRP E 190 -34.90 -23.93 -25.59
N SER E 191 -33.58 -23.76 -25.35
CA SER E 191 -33.05 -22.59 -24.65
C SER E 191 -33.42 -21.31 -25.39
N LEU E 192 -33.34 -21.32 -26.72
CA LEU E 192 -33.71 -20.19 -27.57
C LEU E 192 -35.17 -19.80 -27.42
N GLY E 193 -36.04 -20.80 -27.20
CA GLY E 193 -37.46 -20.58 -26.97
C GLY E 193 -37.69 -19.82 -25.68
N VAL E 194 -36.91 -20.16 -24.63
CA VAL E 194 -36.98 -19.51 -23.33
C VAL E 194 -36.42 -18.09 -23.45
N VAL E 195 -35.31 -17.93 -24.20
CA VAL E 195 -34.67 -16.64 -24.45
C VAL E 195 -35.66 -15.72 -25.17
N LEU E 196 -36.37 -16.23 -26.19
CA LEU E 196 -37.34 -15.42 -26.93
C LEU E 196 -38.50 -15.03 -26.03
N TYR E 197 -38.95 -15.95 -25.18
CA TYR E 197 -40.04 -15.70 -24.25
C TYR E 197 -39.65 -14.59 -23.28
N VAL E 198 -38.51 -14.74 -22.59
CA VAL E 198 -38.04 -13.77 -21.60
C VAL E 198 -37.73 -12.40 -22.23
N LEU E 199 -37.36 -12.36 -23.52
CA LEU E 199 -37.11 -11.10 -24.22
C LEU E 199 -38.41 -10.30 -24.41
N VAL E 200 -39.49 -10.97 -24.85
CA VAL E 200 -40.74 -10.29 -25.11
C VAL E 200 -41.68 -10.21 -23.89
N CYS E 201 -41.38 -10.94 -22.81
CA CYS E 201 -42.23 -10.95 -21.61
C CYS E 201 -41.61 -10.32 -20.41
N GLY E 202 -40.28 -10.25 -20.35
CA GLY E 202 -39.56 -9.72 -19.19
C GLY E 202 -39.73 -10.59 -17.96
N ALA E 203 -40.00 -11.90 -18.18
CA ALA E 203 -40.22 -12.91 -17.15
C ALA E 203 -40.04 -14.28 -17.80
N LEU E 204 -39.74 -15.31 -17.00
CA LEU E 204 -39.51 -16.67 -17.50
C LEU E 204 -40.80 -17.44 -17.76
N PRO E 205 -40.81 -18.35 -18.76
CA PRO E 205 -42.02 -19.18 -18.97
C PRO E 205 -42.19 -20.21 -17.83
N PHE E 206 -41.08 -20.72 -17.28
CA PHE E 206 -41.07 -21.66 -16.17
C PHE E 206 -40.13 -21.10 -15.14
N ASP E 207 -40.63 -20.96 -13.90
CA ASP E 207 -39.98 -20.36 -12.72
C ASP E 207 -40.58 -20.96 -11.41
N GLY E 208 -39.84 -20.81 -10.32
CA GLY E 208 -40.25 -21.31 -9.01
C GLY E 208 -39.37 -20.80 -7.88
N SER E 209 -39.74 -21.13 -6.63
CA SER E 209 -38.96 -20.67 -5.47
C SER E 209 -37.62 -21.39 -5.34
N THR E 210 -37.59 -22.68 -5.69
CA THR E 210 -36.39 -23.51 -5.62
C THR E 210 -36.17 -24.29 -6.94
N LEU E 211 -35.00 -24.91 -7.11
CA LEU E 211 -34.68 -25.74 -8.28
C LEU E 211 -35.66 -26.93 -8.43
N GLN E 212 -36.12 -27.50 -7.30
CA GLN E 212 -37.07 -28.59 -7.32
C GLN E 212 -38.42 -28.12 -7.92
N ASN E 213 -38.85 -26.91 -7.57
CA ASN E 213 -40.10 -26.34 -8.09
C ASN E 213 -39.96 -25.96 -9.54
N LEU E 214 -38.79 -25.42 -9.93
CA LEU E 214 -38.49 -25.06 -11.32
C LEU E 214 -38.53 -26.29 -12.21
N ARG E 215 -37.94 -27.40 -11.76
CA ARG E 215 -37.90 -28.65 -12.51
C ARG E 215 -39.30 -29.15 -12.84
N ALA E 216 -40.18 -29.18 -11.83
CA ALA E 216 -41.57 -29.62 -12.01
C ALA E 216 -42.29 -28.77 -13.07
N ARG E 217 -41.99 -27.47 -13.13
CA ARG E 217 -42.56 -26.55 -14.10
C ARG E 217 -42.05 -26.80 -15.51
N VAL E 218 -40.72 -27.00 -15.67
CA VAL E 218 -40.15 -27.26 -17.00
C VAL E 218 -40.64 -28.58 -17.58
N LEU E 219 -40.74 -29.63 -16.73
CA LEU E 219 -41.22 -30.94 -17.18
C LEU E 219 -42.70 -30.94 -17.55
N SER E 220 -43.48 -30.01 -17.00
CA SER E 220 -44.90 -29.90 -17.32
C SER E 220 -45.11 -29.43 -18.78
N GLY E 221 -44.20 -28.58 -19.25
CA GLY E 221 -44.28 -28.02 -20.60
C GLY E 221 -45.30 -26.93 -20.76
N LYS E 222 -46.12 -26.68 -19.71
CA LYS E 222 -47.17 -25.67 -19.74
C LYS E 222 -46.57 -24.31 -19.40
N PHE E 223 -47.02 -23.25 -20.09
CA PHE E 223 -46.55 -21.90 -19.85
C PHE E 223 -47.60 -20.90 -20.34
N ARG E 224 -47.79 -19.81 -19.59
CA ARG E 224 -48.78 -18.80 -19.94
C ARG E 224 -48.28 -17.89 -21.05
N ILE E 225 -49.15 -17.58 -22.00
CA ILE E 225 -48.81 -16.74 -23.11
C ILE E 225 -49.57 -15.40 -22.96
N PRO E 226 -48.84 -14.30 -22.72
CA PRO E 226 -49.50 -13.03 -22.41
C PRO E 226 -50.25 -12.38 -23.54
N PHE E 227 -51.22 -11.54 -23.17
CA PHE E 227 -52.10 -10.87 -24.10
C PHE E 227 -51.39 -10.01 -25.11
N PHE E 228 -50.34 -9.31 -24.67
CA PHE E 228 -49.56 -8.42 -25.51
C PHE E 228 -48.73 -9.12 -26.60
N MET E 229 -48.53 -10.44 -26.47
CA MET E 229 -47.74 -11.18 -27.44
C MET E 229 -48.54 -11.47 -28.70
N SER E 230 -47.94 -11.18 -29.87
CA SER E 230 -48.58 -11.40 -31.16
C SER E 230 -48.85 -12.87 -31.46
N THR E 231 -49.77 -13.14 -32.36
CA THR E 231 -50.12 -14.49 -32.75
C THR E 231 -48.93 -15.17 -33.49
N GLU E 232 -48.14 -14.39 -34.24
CA GLU E 232 -46.96 -14.86 -34.95
C GLU E 232 -45.86 -15.25 -33.96
N CYS E 233 -45.67 -14.45 -32.90
CA CYS E 233 -44.66 -14.71 -31.88
C CYS E 233 -45.02 -15.91 -31.03
N GLU E 234 -46.31 -16.05 -30.68
CA GLU E 234 -46.82 -17.17 -29.89
C GLU E 234 -46.56 -18.49 -30.63
N HIS E 235 -46.81 -18.51 -31.96
CA HIS E 235 -46.61 -19.69 -32.78
C HIS E 235 -45.15 -20.14 -32.73
N LEU E 236 -44.20 -19.20 -32.87
CA LEU E 236 -42.78 -19.51 -32.86
C LEU E 236 -42.35 -20.13 -31.54
N ILE E 237 -42.72 -19.52 -30.40
CA ILE E 237 -42.36 -20.04 -29.08
C ILE E 237 -43.00 -21.40 -28.81
N ARG E 238 -44.30 -21.55 -29.13
CA ARG E 238 -44.98 -22.81 -28.93
C ARG E 238 -44.38 -23.95 -29.77
N HIS E 239 -43.71 -23.62 -30.89
CA HIS E 239 -43.07 -24.61 -31.74
C HIS E 239 -41.57 -24.85 -31.41
N MET E 240 -41.03 -24.13 -30.43
CA MET E 240 -39.66 -24.30 -29.95
C MET E 240 -39.70 -24.99 -28.58
N LEU E 241 -40.64 -24.58 -27.71
CA LEU E 241 -40.82 -25.19 -26.40
C LEU E 241 -41.78 -26.39 -26.49
N VAL E 242 -41.31 -27.48 -27.12
CA VAL E 242 -42.07 -28.70 -27.29
C VAL E 242 -41.39 -29.78 -26.46
N LEU E 243 -42.14 -30.53 -25.63
CA LEU E 243 -41.54 -31.57 -24.80
C LEU E 243 -40.77 -32.63 -25.62
N ASP E 244 -41.34 -33.11 -26.75
CA ASP E 244 -40.66 -34.07 -27.62
C ASP E 244 -39.64 -33.31 -28.48
N PRO E 245 -38.34 -33.61 -28.34
CA PRO E 245 -37.32 -32.87 -29.12
C PRO E 245 -37.46 -33.02 -30.63
N ASN E 246 -37.99 -34.17 -31.09
CA ASN E 246 -38.20 -34.44 -32.50
C ASN E 246 -39.29 -33.54 -33.11
N LYS E 247 -40.23 -33.06 -32.29
CA LYS E 247 -41.29 -32.17 -32.77
C LYS E 247 -40.91 -30.68 -32.67
N ARG E 248 -39.65 -30.35 -32.35
CA ARG E 248 -39.19 -28.95 -32.28
C ARG E 248 -38.72 -28.46 -33.63
N LEU E 249 -38.82 -27.14 -33.87
CA LEU E 249 -38.35 -26.54 -35.11
C LEU E 249 -36.83 -26.70 -35.24
N SER E 250 -36.34 -26.77 -36.47
CA SER E 250 -34.90 -26.80 -36.70
C SER E 250 -34.41 -25.33 -36.77
N MET E 251 -33.08 -25.12 -36.82
CA MET E 251 -32.54 -23.76 -36.90
C MET E 251 -32.96 -23.07 -38.20
N GLU E 252 -33.06 -23.83 -39.30
CA GLU E 252 -33.48 -23.29 -40.59
C GLU E 252 -34.96 -22.91 -40.60
N GLN E 253 -35.79 -23.68 -39.89
CA GLN E 253 -37.23 -23.39 -39.78
C GLN E 253 -37.46 -22.14 -38.91
N ILE E 254 -36.58 -21.88 -37.93
CA ILE E 254 -36.68 -20.70 -37.09
C ILE E 254 -36.35 -19.46 -37.92
N CYS E 255 -35.31 -19.52 -38.76
CA CYS E 255 -34.91 -18.42 -39.61
C CYS E 255 -36.00 -18.02 -40.59
N LYS E 256 -36.69 -19.01 -41.14
CA LYS E 256 -37.74 -18.76 -42.12
C LYS E 256 -39.14 -18.65 -41.49
N HIS E 257 -39.23 -18.37 -40.18
CA HIS E 257 -40.55 -18.27 -39.54
C HIS E 257 -41.25 -16.97 -39.93
N LYS E 258 -42.60 -16.96 -39.93
CA LYS E 258 -43.36 -15.77 -40.29
C LYS E 258 -43.02 -14.58 -39.40
N TRP E 259 -42.87 -14.81 -38.08
CA TRP E 259 -42.51 -13.75 -37.14
C TRP E 259 -41.12 -13.18 -37.44
N MET E 260 -40.20 -14.04 -37.86
CA MET E 260 -38.84 -13.64 -38.18
C MET E 260 -38.81 -12.74 -39.43
N LYS E 261 -39.59 -13.09 -40.44
CA LYS E 261 -39.68 -12.33 -41.69
C LYS E 261 -40.50 -11.03 -41.58
N LEU E 262 -41.15 -10.80 -40.42
CA LEU E 262 -41.99 -9.63 -40.15
C LEU E 262 -41.18 -8.33 -40.15
N GLY E 263 -41.89 -7.22 -40.38
CA GLY E 263 -41.26 -5.91 -40.42
C GLY E 263 -40.52 -5.68 -41.73
N ASP E 264 -39.49 -4.82 -41.68
CA ASP E 264 -38.72 -4.53 -42.89
C ASP E 264 -37.77 -5.68 -43.24
N ALA E 265 -37.46 -5.79 -44.53
CA ALA E 265 -36.57 -6.82 -45.05
C ALA E 265 -35.17 -6.65 -44.48
N ASP E 266 -34.60 -7.72 -43.93
CA ASP E 266 -33.28 -7.71 -43.32
C ASP E 266 -32.32 -8.56 -44.15
N PRO E 267 -31.66 -7.97 -45.16
CA PRO E 267 -30.72 -8.75 -45.98
C PRO E 267 -29.42 -9.08 -45.26
N ASN E 268 -29.04 -8.30 -44.24
CA ASN E 268 -27.83 -8.59 -43.47
C ASN E 268 -27.98 -9.90 -42.66
N PHE E 269 -29.22 -10.25 -42.27
CA PHE E 269 -29.53 -11.49 -41.55
C PHE E 269 -29.41 -12.66 -42.53
N ASP E 270 -29.95 -12.50 -43.75
CA ASP E 270 -29.90 -13.51 -44.80
C ASP E 270 -28.45 -13.81 -45.19
N ARG E 271 -27.60 -12.77 -45.21
CA ARG E 271 -26.17 -12.84 -45.52
C ARG E 271 -25.47 -13.72 -44.50
N LEU E 272 -25.79 -13.54 -43.23
CA LEU E 272 -25.17 -14.26 -42.13
C LEU E 272 -25.63 -15.69 -42.03
N ILE E 273 -26.90 -15.97 -42.34
CA ILE E 273 -27.41 -17.33 -42.29
C ILE E 273 -26.88 -18.13 -43.47
N ALA E 274 -26.83 -17.51 -44.67
CA ALA E 274 -26.30 -18.15 -45.86
C ALA E 274 -24.82 -18.51 -45.70
N GLU E 275 -24.05 -17.68 -44.99
CA GLU E 275 -22.64 -17.95 -44.71
C GLU E 275 -22.47 -19.17 -43.81
N SER E 276 -23.42 -19.41 -42.90
CA SER E 276 -23.42 -20.56 -42.01
C SER E 276 -23.87 -21.86 -42.74
N GLN E 277 -24.43 -21.78 -43.96
CA GLN E 277 -24.84 -22.96 -44.73
C GLN E 277 -23.91 -23.23 -45.94
N GLN E 278 -22.65 -22.79 -45.86
CA GLN E 278 -21.70 -22.99 -46.94
C GLN E 278 -20.96 -24.32 -46.78
N PRO E 287 -7.34 -14.32 -44.69
CA PRO E 287 -7.53 -12.90 -44.34
C PRO E 287 -6.30 -12.34 -43.61
N LEU E 288 -5.78 -11.17 -44.05
CA LEU E 288 -4.60 -10.57 -43.41
C LEU E 288 -4.67 -9.03 -43.31
N ASN E 289 -4.05 -8.45 -42.26
CA ASN E 289 -4.07 -6.99 -42.09
C ASN E 289 -2.66 -6.45 -42.11
N GLU E 290 -2.25 -5.88 -43.25
CA GLU E 290 -0.90 -5.34 -43.42
C GLU E 290 -0.68 -3.99 -42.71
N ASP E 291 -1.76 -3.22 -42.49
CA ASP E 291 -1.67 -1.91 -41.84
C ASP E 291 -1.32 -2.08 -40.37
N VAL E 292 -1.96 -3.06 -39.70
CA VAL E 292 -1.72 -3.38 -38.30
C VAL E 292 -0.30 -3.94 -38.13
N LEU E 293 0.14 -4.81 -39.04
CA LEU E 293 1.48 -5.39 -39.00
C LEU E 293 2.56 -4.30 -39.10
N LEU E 294 2.28 -3.21 -39.82
CA LEU E 294 3.23 -2.10 -39.96
C LEU E 294 3.27 -1.29 -38.66
N ALA E 295 2.11 -1.08 -38.02
CA ALA E 295 1.99 -0.34 -36.77
C ALA E 295 2.66 -1.10 -35.62
N MET E 296 2.55 -2.44 -35.60
CA MET E 296 3.17 -3.29 -34.59
C MET E 296 4.70 -3.25 -34.72
N GLU E 297 5.21 -3.17 -35.95
CA GLU E 297 6.63 -3.09 -36.22
C GLU E 297 7.20 -1.75 -35.67
N ASP E 298 6.39 -0.67 -35.74
CA ASP E 298 6.76 0.66 -35.24
C ASP E 298 6.87 0.68 -33.72
N MET E 299 6.03 -0.11 -33.02
CA MET E 299 6.07 -0.17 -31.56
C MET E 299 7.32 -0.89 -31.00
N GLY E 300 8.04 -1.62 -31.85
CA GLY E 300 9.23 -2.36 -31.43
C GLY E 300 9.07 -3.87 -31.46
N LEU E 301 7.84 -4.37 -31.72
CA LEU E 301 7.56 -5.80 -31.80
C LEU E 301 8.17 -6.39 -33.06
N ASP E 302 8.84 -7.54 -32.95
CA ASP E 302 9.50 -8.17 -34.09
C ASP E 302 8.52 -8.63 -35.17
N LYS E 303 8.81 -8.29 -36.44
CA LYS E 303 7.96 -8.64 -37.58
C LYS E 303 7.83 -10.14 -37.79
N GLU E 304 8.96 -10.89 -37.85
CA GLU E 304 8.92 -12.34 -38.06
C GLU E 304 8.37 -13.08 -36.85
N GLN E 305 8.59 -12.56 -35.64
CA GLN E 305 8.08 -13.18 -34.41
C GLN E 305 6.56 -13.01 -34.31
N THR E 306 6.03 -11.88 -34.80
CA THR E 306 4.59 -11.60 -34.81
C THR E 306 3.91 -12.58 -35.77
N LEU E 307 4.52 -12.80 -36.95
CA LEU E 307 3.98 -13.69 -37.97
C LEU E 307 4.00 -15.14 -37.52
N GLN E 308 5.09 -15.58 -36.88
CA GLN E 308 5.26 -16.96 -36.41
C GLN E 308 4.23 -17.34 -35.35
N SER E 309 3.80 -16.38 -34.53
CA SER E 309 2.80 -16.63 -33.50
C SER E 309 1.35 -16.50 -34.02
N LEU E 310 1.16 -15.71 -35.09
CA LEU E 310 -0.15 -15.52 -35.74
C LEU E 310 -0.52 -16.78 -36.54
N ARG E 311 0.45 -17.33 -37.30
CA ARG E 311 0.18 -18.51 -38.13
C ARG E 311 0.01 -19.80 -37.33
N SER E 312 0.58 -19.87 -36.12
CA SER E 312 0.48 -21.10 -35.32
C SER E 312 -0.70 -21.14 -34.34
N ASP E 313 -1.57 -20.09 -34.32
CA ASP E 313 -2.72 -19.97 -33.39
C ASP E 313 -2.30 -20.17 -31.95
N ALA E 314 -1.22 -19.48 -31.58
CA ALA E 314 -0.63 -19.56 -30.25
C ALA E 314 -1.47 -18.81 -29.22
N TYR E 315 -2.14 -17.72 -29.63
CA TYR E 315 -2.94 -16.86 -28.76
C TYR E 315 -2.07 -16.32 -27.63
N ASP E 316 -0.91 -15.77 -27.99
CA ASP E 316 0.08 -15.21 -27.07
C ASP E 316 0.07 -13.65 -27.09
N HIS E 317 1.08 -12.98 -26.47
CA HIS E 317 1.11 -11.51 -26.40
C HIS E 317 1.10 -10.82 -27.77
N TYR E 318 1.73 -11.40 -28.80
CA TYR E 318 1.71 -10.82 -30.14
C TYR E 318 0.34 -10.99 -30.77
N SER E 319 -0.31 -12.17 -30.57
CA SER E 319 -1.65 -12.48 -31.11
C SER E 319 -2.73 -11.56 -30.55
N ALA E 320 -2.57 -11.14 -29.29
CA ALA E 320 -3.52 -10.26 -28.66
C ALA E 320 -3.33 -8.83 -29.19
N ILE E 321 -2.08 -8.36 -29.34
CA ILE E 321 -1.81 -7.01 -29.84
C ILE E 321 -2.31 -6.83 -31.27
N TYR E 322 -2.20 -7.88 -32.09
CA TYR E 322 -2.71 -7.84 -33.46
C TYR E 322 -4.26 -7.79 -33.43
N SER E 323 -4.90 -8.70 -32.66
CA SER E 323 -6.36 -8.82 -32.54
C SER E 323 -7.02 -7.57 -31.96
N LEU E 324 -6.36 -6.89 -31.02
CA LEU E 324 -6.90 -5.69 -30.40
C LEU E 324 -6.78 -4.49 -31.33
N LEU E 325 -5.66 -4.41 -32.06
CA LEU E 325 -5.38 -3.35 -33.03
C LEU E 325 -6.30 -3.39 -34.26
N CYS E 326 -6.94 -4.55 -34.52
CA CYS E 326 -7.84 -4.72 -35.65
C CYS E 326 -9.28 -4.31 -35.28
N ASP E 327 -9.42 -3.22 -34.50
CA ASP E 327 -10.71 -2.69 -34.06
C ASP E 327 -10.76 -1.16 -34.19
N GLU F 1 -32.60 2.67 10.22
CA GLU F 1 -31.93 3.70 9.41
C GLU F 1 -32.34 3.58 7.93
N VAL F 2 -32.52 2.35 7.42
CA VAL F 2 -32.89 2.13 6.02
C VAL F 2 -34.38 2.40 5.86
N GLN F 3 -34.77 3.13 4.81
CA GLN F 3 -36.18 3.41 4.56
C GLN F 3 -36.52 3.38 3.08
N LEU F 4 -37.76 3.01 2.75
CA LEU F 4 -38.21 2.96 1.36
C LEU F 4 -39.06 4.19 1.08
N VAL F 5 -38.56 5.10 0.26
CA VAL F 5 -39.24 6.36 -0.05
C VAL F 5 -40.00 6.33 -1.36
N GLN F 6 -41.34 6.32 -1.28
CA GLN F 6 -42.18 6.25 -2.47
C GLN F 6 -42.57 7.59 -3.06
N SER F 7 -43.01 7.60 -4.33
CA SER F 7 -43.45 8.80 -5.01
C SER F 7 -44.82 9.29 -4.44
N GLY F 8 -45.21 10.50 -4.82
CA GLY F 8 -46.46 11.09 -4.37
C GLY F 8 -47.71 10.52 -4.99
N ALA F 9 -48.85 10.82 -4.35
CA ALA F 9 -50.19 10.40 -4.77
C ALA F 9 -50.61 11.01 -6.12
N GLY F 10 -51.52 10.35 -6.82
CA GLY F 10 -51.99 10.85 -8.12
C GLY F 10 -53.37 10.44 -8.56
N VAL F 11 -53.91 11.17 -9.55
CA VAL F 11 -55.21 10.86 -10.17
C VAL F 11 -54.99 10.52 -11.62
N LYS F 12 -55.54 9.39 -12.05
CA LYS F 12 -55.40 8.98 -13.43
C LYS F 12 -56.77 8.77 -14.07
N LYS F 13 -56.91 9.15 -15.35
CA LYS F 13 -58.17 8.92 -16.06
C LYS F 13 -58.19 7.42 -16.49
N PRO F 14 -59.37 6.79 -16.54
CA PRO F 14 -59.43 5.37 -16.94
C PRO F 14 -58.85 5.13 -18.35
N GLY F 15 -58.02 4.12 -18.47
CA GLY F 15 -57.36 3.78 -19.71
C GLY F 15 -55.89 4.14 -19.73
N SER F 16 -55.51 5.17 -18.96
CA SER F 16 -54.13 5.64 -18.86
C SER F 16 -53.23 4.68 -18.05
N SER F 17 -51.93 5.01 -17.88
CA SER F 17 -51.03 4.17 -17.08
C SER F 17 -50.35 4.99 -15.98
N VAL F 18 -49.99 4.35 -14.86
CA VAL F 18 -49.34 5.05 -13.75
C VAL F 18 -47.97 4.47 -13.44
N LYS F 19 -46.98 5.34 -13.14
CA LYS F 19 -45.65 4.85 -12.77
C LYS F 19 -45.31 5.29 -11.34
N VAL F 20 -45.06 4.33 -10.45
CA VAL F 20 -44.73 4.60 -9.04
C VAL F 20 -43.28 4.25 -8.77
N SER F 21 -42.56 5.10 -8.02
CA SER F 21 -41.16 4.85 -7.67
C SER F 21 -40.99 4.46 -6.19
N CYS F 22 -39.85 3.89 -5.85
CA CYS F 22 -39.55 3.44 -4.49
C CYS F 22 -38.04 3.49 -4.31
N LYS F 23 -37.51 4.54 -3.64
CA LYS F 23 -36.07 4.73 -3.44
C LYS F 23 -35.58 4.27 -2.08
N SER F 24 -34.53 3.44 -2.06
CA SER F 24 -33.94 2.97 -0.81
C SER F 24 -32.98 4.03 -0.25
N SER F 25 -33.33 4.62 0.90
CA SER F 25 -32.54 5.66 1.53
C SER F 25 -32.02 5.20 2.89
N GLY F 26 -31.08 4.26 2.86
CA GLY F 26 -30.53 3.74 4.10
C GLY F 26 -29.13 3.18 4.00
N GLY F 27 -28.80 2.63 2.83
CA GLY F 27 -27.49 2.03 2.57
C GLY F 27 -27.43 0.54 2.84
N SER F 31 -28.03 -4.33 -2.53
CA SER F 31 -28.76 -5.36 -3.29
C SER F 31 -30.02 -5.82 -2.54
N SER F 32 -31.22 -5.62 -3.14
CA SER F 32 -32.47 -5.99 -2.48
C SER F 32 -33.45 -6.73 -3.41
N ALA F 33 -34.56 -7.25 -2.85
CA ALA F 33 -35.55 -7.95 -3.65
C ALA F 33 -36.86 -7.28 -3.31
N VAL F 34 -37.29 -6.30 -4.13
CA VAL F 34 -38.51 -5.56 -3.85
C VAL F 34 -39.72 -6.09 -4.63
N SER F 35 -40.87 -6.20 -3.92
CA SER F 35 -42.18 -6.60 -4.48
C SER F 35 -43.14 -5.40 -4.40
N TRP F 36 -44.24 -5.46 -5.17
CA TRP F 36 -45.25 -4.42 -5.14
C TRP F 36 -46.53 -5.06 -4.65
N ILE F 37 -47.12 -4.46 -3.63
CA ILE F 37 -48.35 -4.95 -3.01
C ILE F 37 -49.37 -3.79 -2.96
N ARG F 38 -50.62 -4.04 -3.36
CA ARG F 38 -51.63 -2.98 -3.33
C ARG F 38 -52.75 -3.27 -2.36
N GLN F 39 -53.41 -2.21 -1.88
CA GLN F 39 -54.52 -2.36 -0.97
C GLN F 39 -55.62 -1.38 -1.34
N ALA F 40 -56.73 -1.89 -1.86
CA ALA F 40 -57.85 -1.03 -2.25
C ALA F 40 -58.52 -0.44 -1.00
N PRO F 41 -59.15 0.74 -1.10
CA PRO F 41 -59.77 1.35 0.10
C PRO F 41 -60.73 0.42 0.86
N GLY F 42 -60.40 0.14 2.11
CA GLY F 42 -61.19 -0.74 2.97
C GLY F 42 -61.09 -2.22 2.63
N GLN F 43 -60.12 -2.59 1.81
CA GLN F 43 -59.92 -3.96 1.37
C GLN F 43 -58.61 -4.54 1.93
N GLY F 44 -58.35 -5.81 1.64
CA GLY F 44 -57.14 -6.49 2.05
C GLY F 44 -55.98 -6.19 1.12
N VAL F 45 -54.80 -6.62 1.54
CA VAL F 45 -53.57 -6.46 0.79
C VAL F 45 -53.46 -7.55 -0.32
N GLU F 46 -52.79 -7.23 -1.43
CA GLU F 46 -52.68 -8.12 -2.60
C GLU F 46 -51.32 -8.00 -3.28
N TRP F 47 -50.64 -9.13 -3.49
CA TRP F 47 -49.33 -9.14 -4.13
C TRP F 47 -49.45 -9.03 -5.64
N MET F 48 -48.75 -8.07 -6.24
CA MET F 48 -48.82 -7.85 -7.68
C MET F 48 -47.67 -8.47 -8.46
N GLY F 49 -46.49 -8.42 -7.87
CA GLY F 49 -45.29 -8.94 -8.50
C GLY F 49 -44.04 -8.44 -7.84
N GLY F 50 -42.91 -8.80 -8.41
CA GLY F 50 -41.60 -8.40 -7.88
C GLY F 50 -40.56 -9.49 -8.04
N ILE F 51 -39.38 -9.28 -7.47
CA ILE F 51 -38.29 -10.26 -7.55
C ILE F 51 -38.54 -11.41 -6.53
N THR F 52 -38.70 -12.66 -7.01
CA THR F 52 -39.02 -13.78 -6.12
C THR F 52 -38.11 -15.04 -6.25
N SER F 53 -37.16 -15.03 -7.19
CA SER F 53 -36.27 -16.17 -7.39
C SER F 53 -34.95 -15.72 -7.95
N ILE F 54 -33.95 -16.57 -7.82
CA ILE F 54 -32.62 -16.28 -8.38
C ILE F 54 -32.62 -16.44 -9.94
N PHE F 55 -33.68 -17.13 -10.50
CA PHE F 55 -33.83 -17.52 -11.90
C PHE F 55 -34.23 -16.43 -12.91
N GLY F 56 -35.23 -15.62 -12.59
CA GLY F 56 -35.70 -14.62 -13.54
C GLY F 56 -35.53 -13.15 -13.20
N PRO F 57 -35.68 -12.28 -14.21
CA PRO F 57 -35.55 -10.83 -13.97
C PRO F 57 -36.66 -10.23 -13.12
N ALA F 58 -37.88 -10.80 -13.21
CA ALA F 58 -39.06 -10.40 -12.46
C ALA F 58 -40.10 -11.54 -12.47
N ASN F 59 -40.99 -11.54 -11.48
CA ASN F 59 -42.06 -12.52 -11.43
C ASN F 59 -43.34 -11.76 -11.18
N TYR F 60 -44.35 -11.93 -12.02
CA TYR F 60 -45.62 -11.22 -11.90
C TYR F 60 -46.74 -12.14 -11.51
N ALA F 61 -47.70 -11.65 -10.73
CA ALA F 61 -48.89 -12.43 -10.40
C ALA F 61 -49.72 -12.53 -11.69
N GLN F 62 -50.32 -13.71 -12.01
CA GLN F 62 -51.09 -13.89 -13.25
C GLN F 62 -52.08 -12.76 -13.57
N LYS F 63 -52.81 -12.29 -12.54
CA LYS F 63 -53.78 -11.21 -12.62
C LYS F 63 -53.18 -9.94 -13.22
N PHE F 64 -51.91 -9.64 -12.89
CA PHE F 64 -51.21 -8.44 -13.31
C PHE F 64 -50.23 -8.62 -14.45
N GLN F 65 -49.94 -9.87 -14.87
CA GLN F 65 -48.97 -10.15 -15.94
C GLN F 65 -49.10 -9.28 -17.19
N ASP F 66 -50.33 -9.13 -17.69
CA ASP F 66 -50.62 -8.37 -18.89
C ASP F 66 -50.49 -6.85 -18.78
N ARG F 67 -50.61 -6.25 -17.57
CA ARG F 67 -50.58 -4.79 -17.45
C ARG F 67 -49.46 -4.22 -16.58
N LEU F 68 -48.74 -5.06 -15.84
CA LEU F 68 -47.67 -4.60 -14.95
C LEU F 68 -46.31 -4.72 -15.59
N LYS F 69 -45.46 -3.75 -15.31
CA LYS F 69 -44.06 -3.70 -15.71
C LYS F 69 -43.30 -3.36 -14.43
N ILE F 70 -42.34 -4.19 -14.05
CA ILE F 70 -41.52 -3.94 -12.86
C ILE F 70 -40.05 -3.77 -13.28
N THR F 71 -39.50 -2.58 -13.01
CA THR F 71 -38.13 -2.26 -13.38
C THR F 71 -37.30 -1.73 -12.20
N ALA F 72 -35.98 -1.63 -12.37
CA ALA F 72 -35.11 -1.15 -11.31
C ALA F 72 -33.91 -0.40 -11.86
N ASP F 73 -33.53 0.67 -11.19
CA ASP F 73 -32.36 1.46 -11.55
C ASP F 73 -31.33 1.25 -10.42
N LYS F 74 -30.42 0.28 -10.62
CA LYS F 74 -29.39 -0.12 -9.68
C LYS F 74 -28.52 1.05 -9.24
N ALA F 75 -28.20 1.93 -10.21
CA ALA F 75 -27.36 3.11 -9.99
C ALA F 75 -27.90 4.01 -8.88
N THR F 76 -29.22 4.24 -8.86
CA THR F 76 -29.83 5.12 -7.87
C THR F 76 -30.59 4.41 -6.76
N ASN F 77 -30.62 3.07 -6.75
CA ASN F 77 -31.36 2.29 -5.78
C ASN F 77 -32.85 2.59 -5.78
N THR F 78 -33.40 2.76 -6.98
CA THR F 78 -34.81 3.04 -7.13
C THR F 78 -35.47 1.93 -7.91
N VAL F 79 -36.65 1.52 -7.45
CA VAL F 79 -37.42 0.46 -8.09
C VAL F 79 -38.71 1.08 -8.61
N TYR F 80 -39.15 0.70 -9.81
CA TYR F 80 -40.36 1.25 -10.41
C TYR F 80 -41.43 0.20 -10.65
N MET F 81 -42.66 0.68 -10.82
CA MET F 81 -43.84 -0.13 -11.08
C MET F 81 -44.69 0.65 -12.07
N GLU F 82 -45.09 0.04 -13.17
CA GLU F 82 -45.94 0.70 -14.15
C GLU F 82 -47.18 -0.14 -14.48
N LEU F 83 -48.34 0.33 -14.04
CA LEU F 83 -49.61 -0.35 -14.28
C LEU F 83 -50.35 0.37 -15.38
N SER F 84 -50.62 -0.32 -16.50
CA SER F 84 -51.28 0.28 -17.66
C SER F 84 -52.75 -0.14 -17.77
N GLY F 85 -53.51 0.55 -18.61
CA GLY F 85 -54.92 0.28 -18.82
C GLY F 85 -55.72 0.33 -17.54
N LEU F 86 -55.56 1.42 -16.80
CA LEU F 86 -56.21 1.60 -15.51
C LEU F 86 -57.71 1.60 -15.56
N THR F 87 -58.34 0.95 -14.60
CA THR F 87 -59.79 0.92 -14.44
C THR F 87 -60.12 1.40 -13.02
N PHE F 88 -61.39 1.71 -12.75
CA PHE F 88 -61.80 2.15 -11.41
C PHE F 88 -61.43 1.16 -10.30
N GLU F 89 -61.19 -0.10 -10.67
CA GLU F 89 -60.80 -1.16 -9.74
C GLU F 89 -59.32 -1.09 -9.33
N ASP F 90 -58.53 -0.26 -10.01
CA ASP F 90 -57.11 -0.08 -9.72
C ASP F 90 -56.85 1.04 -8.70
N THR F 91 -57.90 1.75 -8.21
CA THR F 91 -57.77 2.78 -7.17
C THR F 91 -57.35 2.06 -5.89
N ALA F 92 -56.13 2.32 -5.42
CA ALA F 92 -55.59 1.61 -4.25
C ALA F 92 -54.33 2.32 -3.72
N VAL F 93 -53.83 1.92 -2.54
CA VAL F 93 -52.56 2.40 -2.04
C VAL F 93 -51.55 1.35 -2.48
N TYR F 94 -50.48 1.77 -3.16
CA TYR F 94 -49.47 0.86 -3.65
C TYR F 94 -48.24 0.94 -2.78
N TYR F 95 -47.82 -0.18 -2.19
CA TYR F 95 -46.65 -0.23 -1.34
C TYR F 95 -45.57 -1.03 -2.03
N CYS F 96 -44.32 -0.68 -1.77
CA CYS F 96 -43.19 -1.49 -2.20
C CYS F 96 -42.68 -2.13 -0.92
N ALA F 97 -42.42 -3.43 -0.93
CA ALA F 97 -41.92 -4.11 0.27
C ALA F 97 -40.66 -4.91 -0.07
N ARG F 98 -39.77 -5.06 0.89
CA ARG F 98 -38.51 -5.76 0.71
C ARG F 98 -38.58 -7.20 1.25
N VAL F 99 -38.15 -8.21 0.46
CA VAL F 99 -38.10 -9.59 0.97
C VAL F 99 -36.89 -9.68 1.87
N GLY F 100 -37.14 -9.98 3.14
CA GLY F 100 -36.14 -10.00 4.21
C GLY F 100 -34.94 -10.92 4.09
N ASP F 101 -35.13 -12.11 3.49
CA ASP F 101 -34.01 -13.06 3.40
C ASP F 101 -33.35 -13.13 2.03
N TYR F 102 -33.33 -12.01 1.28
CA TYR F 102 -32.73 -11.95 -0.04
C TYR F 102 -31.26 -12.33 -0.02
N ASN F 103 -30.56 -11.95 1.04
CA ASN F 103 -29.14 -12.28 1.21
C ASN F 103 -28.85 -13.79 1.29
N PHE F 104 -29.89 -14.61 1.58
CA PHE F 104 -29.75 -16.06 1.71
C PHE F 104 -30.02 -16.84 0.43
N TRP F 105 -30.69 -16.23 -0.56
CA TRP F 105 -31.05 -16.88 -1.81
C TRP F 105 -29.87 -17.47 -2.55
N ASN F 106 -30.02 -18.71 -3.01
CA ASN F 106 -28.97 -19.43 -3.76
C ASN F 106 -29.50 -20.51 -4.71
N GLY F 107 -30.82 -20.57 -4.90
CA GLY F 107 -31.47 -21.56 -5.75
C GLY F 107 -31.95 -22.76 -4.97
N HIS F 108 -31.20 -23.16 -3.92
CA HIS F 108 -31.57 -24.27 -3.05
C HIS F 108 -32.29 -23.79 -1.80
N TYR F 109 -31.94 -22.60 -1.30
CA TYR F 109 -32.57 -22.04 -0.11
C TYR F 109 -34.01 -21.69 -0.44
N ARG F 110 -34.93 -22.08 0.43
CA ARG F 110 -36.35 -21.77 0.23
C ARG F 110 -36.70 -20.48 0.99
N SER F 111 -36.98 -19.38 0.27
CA SER F 111 -37.30 -18.13 0.93
C SER F 111 -38.62 -18.18 1.70
N GLY F 112 -38.70 -17.40 2.77
CA GLY F 112 -39.91 -17.31 3.57
C GLY F 112 -40.88 -16.25 3.07
N TYR F 113 -40.40 -15.37 2.18
CA TYR F 113 -41.08 -14.26 1.53
C TYR F 113 -41.71 -13.31 2.52
N TYR F 114 -40.99 -13.03 3.61
CA TYR F 114 -41.47 -12.11 4.60
C TYR F 114 -41.01 -10.71 4.23
N PHE F 115 -41.91 -9.73 4.37
CA PHE F 115 -41.59 -8.36 4.02
C PHE F 115 -41.11 -7.58 5.25
N ASP F 116 -39.78 -7.40 5.41
CA ASP F 116 -39.27 -6.71 6.60
C ASP F 116 -39.31 -5.17 6.50
N LEU F 117 -39.38 -4.61 5.28
CA LEU F 117 -39.35 -3.15 5.12
C LEU F 117 -40.38 -2.75 4.12
N TRP F 118 -41.34 -1.94 4.52
CA TRP F 118 -42.40 -1.46 3.64
C TRP F 118 -42.30 0.04 3.41
N GLY F 119 -42.67 0.51 2.24
CA GLY F 119 -42.75 1.93 1.97
C GLY F 119 -44.00 2.50 2.64
N ARG F 120 -44.06 3.82 2.79
CA ARG F 120 -45.22 4.46 3.42
C ARG F 120 -46.54 4.31 2.61
N GLY F 121 -46.44 3.99 1.32
CA GLY F 121 -47.58 3.80 0.42
C GLY F 121 -47.81 4.96 -0.52
N THR F 122 -48.37 4.70 -1.73
CA THR F 122 -48.70 5.74 -2.72
C THR F 122 -50.15 5.60 -3.10
N LEU F 123 -50.97 6.63 -2.84
CA LEU F 123 -52.39 6.57 -3.15
C LEU F 123 -52.65 6.92 -4.60
N VAL F 124 -52.99 5.92 -5.43
CA VAL F 124 -53.29 6.17 -6.83
C VAL F 124 -54.80 6.03 -7.03
N THR F 125 -55.47 7.06 -7.57
CA THR F 125 -56.92 7.01 -7.74
C THR F 125 -57.31 7.14 -9.20
N VAL F 126 -58.29 6.33 -9.66
CA VAL F 126 -58.75 6.38 -11.03
C VAL F 126 -60.08 7.12 -11.08
N SER F 127 -60.13 8.25 -11.81
CA SER F 127 -61.34 9.04 -11.90
C SER F 127 -61.49 9.66 -13.29
N SER F 128 -62.70 9.60 -13.84
CA SER F 128 -62.96 10.17 -15.16
C SER F 128 -63.36 11.65 -15.07
N SER F 146 -58.50 -12.97 -1.69
CA SER F 146 -58.15 -13.77 -0.52
C SER F 146 -58.16 -15.29 -0.80
N VAL F 147 -56.98 -15.84 -1.09
CA VAL F 147 -56.73 -17.27 -1.35
C VAL F 147 -56.60 -18.03 0.02
N LEU F 148 -56.03 -17.35 1.03
CA LEU F 148 -55.87 -17.86 2.40
C LEU F 148 -57.11 -17.45 3.19
N THR F 149 -57.70 -18.38 3.94
CA THR F 149 -58.92 -18.09 4.67
C THR F 149 -58.73 -17.69 6.15
N GLN F 150 -59.10 -16.44 6.45
CA GLN F 150 -59.05 -15.89 7.79
C GLN F 150 -60.45 -15.41 8.21
N PRO F 151 -60.84 -15.54 9.49
CA PRO F 151 -62.11 -14.94 9.92
C PRO F 151 -62.07 -13.41 9.77
N PRO F 152 -63.20 -12.79 9.43
CA PRO F 152 -63.20 -11.34 9.22
C PRO F 152 -62.91 -10.52 10.47
N SER F 153 -63.33 -11.03 11.62
CA SER F 153 -63.14 -10.33 12.88
C SER F 153 -62.94 -11.29 14.04
N ALA F 154 -62.25 -10.82 15.06
CA ALA F 154 -62.03 -11.53 16.31
C ALA F 154 -62.06 -10.47 17.41
N SER F 155 -62.44 -10.91 18.61
CA SER F 155 -62.53 -9.99 19.73
C SER F 155 -62.19 -10.67 21.05
N GLY F 156 -61.84 -9.85 22.04
CA GLY F 156 -61.49 -10.37 23.36
C GLY F 156 -61.41 -9.30 24.41
N THR F 157 -61.48 -9.71 25.67
CA THR F 157 -61.38 -8.79 26.80
C THR F 157 -59.90 -8.62 27.18
N PRO F 158 -59.48 -7.43 27.66
CA PRO F 158 -58.06 -7.25 28.00
C PRO F 158 -57.55 -8.27 29.01
N GLY F 159 -56.34 -8.75 28.80
CA GLY F 159 -55.71 -9.77 29.65
C GLY F 159 -55.90 -11.18 29.11
N GLN F 160 -56.98 -11.39 28.36
CA GLN F 160 -57.34 -12.66 27.76
C GLN F 160 -56.47 -12.99 26.52
N ARG F 161 -56.62 -14.21 25.96
CA ARG F 161 -55.87 -14.61 24.77
C ARG F 161 -56.82 -14.74 23.57
N VAL F 162 -56.48 -14.10 22.44
CA VAL F 162 -57.30 -14.24 21.23
C VAL F 162 -56.51 -14.98 20.16
N THR F 163 -57.15 -15.94 19.46
CA THR F 163 -56.45 -16.70 18.41
C THR F 163 -57.10 -16.52 17.04
N ILE F 164 -56.28 -16.24 16.05
CA ILE F 164 -56.73 -16.04 14.67
C ILE F 164 -56.30 -17.24 13.84
N SER F 165 -57.26 -17.92 13.20
CA SER F 165 -56.95 -19.05 12.33
C SER F 165 -56.61 -18.56 10.90
N CYS F 166 -55.94 -19.40 10.12
CA CYS F 166 -55.58 -19.08 8.76
C CYS F 166 -55.41 -20.39 8.02
N SER F 167 -56.44 -20.85 7.31
CA SER F 167 -56.34 -22.11 6.57
C SER F 167 -55.99 -21.86 5.10
N GLY F 168 -55.34 -22.83 4.49
CA GLY F 168 -54.94 -22.75 3.10
C GLY F 168 -54.89 -24.11 2.43
N SER F 169 -54.13 -24.20 1.34
CA SER F 169 -53.96 -25.45 0.60
C SER F 169 -52.53 -26.01 0.72
N SER F 170 -52.29 -27.23 0.22
CA SER F 170 -50.98 -27.85 0.29
C SER F 170 -49.95 -27.15 -0.62
N SER F 171 -50.38 -26.40 -1.63
CA SER F 171 -49.45 -25.68 -2.50
C SER F 171 -48.83 -24.45 -1.80
N ASN F 172 -49.56 -23.85 -0.84
CA ASN F 172 -49.04 -22.69 -0.12
C ASN F 172 -48.60 -23.04 1.33
N ILE F 173 -49.51 -23.05 2.33
CA ILE F 173 -49.16 -23.33 3.73
C ILE F 173 -48.57 -24.74 3.91
N GLY F 174 -49.06 -25.69 3.14
CA GLY F 174 -48.58 -27.07 3.22
C GLY F 174 -47.13 -27.24 2.81
N SER F 175 -46.59 -26.32 1.99
CA SER F 175 -45.21 -26.42 1.50
C SER F 175 -44.30 -25.29 1.92
N ASN F 176 -44.86 -24.19 2.43
CA ASN F 176 -44.05 -23.02 2.77
C ASN F 176 -44.34 -22.46 4.18
N THR F 177 -43.47 -21.55 4.65
CA THR F 177 -43.66 -20.93 5.96
C THR F 177 -44.72 -19.85 5.92
N VAL F 178 -45.35 -19.62 7.07
CA VAL F 178 -46.40 -18.62 7.21
C VAL F 178 -45.85 -17.42 7.96
N ASN F 179 -46.24 -16.24 7.49
CA ASN F 179 -45.88 -14.97 8.10
C ASN F 179 -47.16 -14.27 8.54
N TRP F 180 -47.05 -13.37 9.49
CA TRP F 180 -48.18 -12.57 9.95
C TRP F 180 -47.80 -11.09 9.97
N TYR F 181 -48.75 -10.22 9.61
CA TYR F 181 -48.54 -8.78 9.56
C TYR F 181 -49.60 -8.09 10.39
N GLN F 182 -49.22 -7.02 11.09
CA GLN F 182 -50.17 -6.23 11.85
C GLN F 182 -50.31 -4.90 11.15
N GLN F 183 -51.53 -4.48 10.83
CA GLN F 183 -51.76 -3.20 10.18
C GLN F 183 -52.60 -2.27 11.03
N LEU F 184 -51.97 -1.19 11.48
CA LEU F 184 -52.67 -0.18 12.27
C LEU F 184 -53.29 0.83 11.31
N PRO F 185 -54.35 1.55 11.72
CA PRO F 185 -55.00 2.49 10.78
C PRO F 185 -54.10 3.60 10.25
N GLY F 186 -54.13 3.75 8.94
CA GLY F 186 -53.33 4.77 8.26
C GLY F 186 -51.86 4.47 8.17
N THR F 187 -51.47 3.20 8.36
CA THR F 187 -50.08 2.79 8.28
C THR F 187 -49.92 1.54 7.39
N ALA F 188 -48.70 1.29 6.90
CA ALA F 188 -48.39 0.11 6.11
C ALA F 188 -48.37 -1.13 7.01
N PRO F 189 -48.71 -2.34 6.50
CA PRO F 189 -48.59 -3.56 7.34
C PRO F 189 -47.17 -3.71 7.91
N LYS F 190 -47.05 -4.29 9.09
CA LYS F 190 -45.76 -4.46 9.74
C LYS F 190 -45.53 -5.94 10.01
N LEU F 191 -44.30 -6.46 9.78
CA LEU F 191 -44.01 -7.87 10.07
C LEU F 191 -44.22 -8.16 11.56
N LEU F 192 -45.01 -9.18 11.87
CA LEU F 192 -45.30 -9.55 13.26
C LEU F 192 -44.68 -10.91 13.55
N ILE F 193 -44.87 -11.87 12.65
CA ILE F 193 -44.32 -13.21 12.80
C ILE F 193 -43.73 -13.62 11.46
N TYR F 194 -42.53 -14.17 11.44
CA TYR F 194 -41.92 -14.68 10.20
C TYR F 194 -41.51 -16.14 10.41
N SER F 195 -41.39 -16.91 9.32
CA SER F 195 -40.97 -18.32 9.39
C SER F 195 -41.74 -19.14 10.45
N ASN F 196 -43.08 -19.04 10.41
CA ASN F 196 -44.05 -19.74 11.25
C ASN F 196 -44.16 -19.26 12.70
N THR F 197 -43.03 -19.22 13.44
CA THR F 197 -43.04 -18.91 14.87
C THR F 197 -42.14 -17.75 15.31
N GLN F 198 -41.21 -17.32 14.44
CA GLN F 198 -40.22 -16.29 14.76
C GLN F 198 -40.79 -14.90 14.89
N ARG F 199 -40.21 -14.08 15.78
CA ARG F 199 -40.65 -12.70 15.99
C ARG F 199 -39.52 -11.74 15.71
N PRO F 200 -39.75 -10.74 14.85
CA PRO F 200 -38.71 -9.71 14.63
C PRO F 200 -38.42 -8.91 15.91
N SER F 201 -37.33 -8.11 15.89
CA SER F 201 -36.97 -7.30 17.05
C SER F 201 -38.06 -6.27 17.32
N GLY F 202 -38.50 -6.20 18.56
CA GLY F 202 -39.54 -5.27 18.95
C GLY F 202 -40.90 -5.89 19.17
N VAL F 203 -41.13 -7.10 18.63
CA VAL F 203 -42.41 -7.77 18.81
C VAL F 203 -42.39 -8.54 20.13
N PRO F 204 -43.32 -8.22 21.06
CA PRO F 204 -43.32 -8.90 22.36
C PRO F 204 -43.67 -10.38 22.32
N ASP F 205 -43.22 -11.14 23.32
CA ASP F 205 -43.49 -12.59 23.42
C ASP F 205 -44.96 -12.96 23.62
N ARG F 206 -45.85 -11.95 23.69
CA ARG F 206 -47.29 -12.17 23.81
C ARG F 206 -47.83 -12.74 22.50
N PHE F 207 -47.30 -12.26 21.35
CA PHE F 207 -47.65 -12.74 20.03
C PHE F 207 -46.87 -14.01 19.75
N SER F 208 -47.55 -15.06 19.29
CA SER F 208 -46.91 -16.32 18.96
C SER F 208 -47.57 -16.96 17.75
N GLY F 209 -46.77 -17.61 16.91
CA GLY F 209 -47.28 -18.25 15.71
C GLY F 209 -47.21 -19.76 15.79
N SER F 210 -47.93 -20.45 14.90
CA SER F 210 -47.95 -21.91 14.81
C SER F 210 -48.43 -22.37 13.43
N LYS F 211 -48.02 -23.58 13.01
CA LYS F 211 -48.43 -24.10 11.71
C LYS F 211 -48.54 -25.61 11.76
N SER F 212 -49.67 -26.16 11.30
CA SER F 212 -49.85 -27.61 11.24
C SER F 212 -50.50 -27.96 9.91
N ALA F 213 -49.81 -28.81 9.13
CA ALA F 213 -50.20 -29.28 7.82
C ALA F 213 -50.61 -28.08 6.85
N THR F 214 -51.91 -27.68 6.69
CA THR F 214 -52.26 -26.58 5.80
C THR F 214 -52.88 -25.39 6.54
N SER F 215 -52.67 -25.28 7.86
CA SER F 215 -53.25 -24.18 8.62
C SER F 215 -52.26 -23.55 9.57
N ALA F 216 -52.42 -22.27 9.79
CA ALA F 216 -51.58 -21.48 10.68
C ALA F 216 -52.45 -20.76 11.70
N SER F 217 -51.86 -20.39 12.84
CA SER F 217 -52.60 -19.71 13.88
C SER F 217 -51.74 -18.65 14.55
N LEU F 218 -52.35 -17.54 14.91
CA LEU F 218 -51.66 -16.48 15.62
C LEU F 218 -52.34 -16.31 16.97
N ALA F 219 -51.58 -16.37 18.06
CA ALA F 219 -52.14 -16.20 19.38
C ALA F 219 -51.65 -14.89 19.98
N ILE F 220 -52.58 -14.04 20.43
CA ILE F 220 -52.25 -12.79 21.08
C ILE F 220 -52.59 -12.99 22.54
N SER F 221 -51.59 -13.33 23.35
CA SER F 221 -51.80 -13.54 24.79
C SER F 221 -51.72 -12.22 25.55
N GLY F 222 -52.39 -12.16 26.70
CA GLY F 222 -52.44 -10.96 27.52
C GLY F 222 -52.87 -9.70 26.77
N LEU F 223 -53.92 -9.84 25.93
CA LEU F 223 -54.50 -8.82 25.06
C LEU F 223 -54.54 -7.41 25.66
N GLN F 224 -54.07 -6.42 24.90
CA GLN F 224 -54.06 -5.02 25.31
C GLN F 224 -54.84 -4.17 24.32
N SER F 225 -55.30 -2.98 24.74
CA SER F 225 -56.01 -2.04 23.86
C SER F 225 -55.21 -1.70 22.61
N GLU F 226 -53.88 -1.58 22.76
CA GLU F 226 -52.95 -1.28 21.69
C GLU F 226 -52.89 -2.35 20.59
N ASP F 227 -53.50 -3.52 20.82
CA ASP F 227 -53.50 -4.61 19.84
C ASP F 227 -54.68 -4.54 18.85
N GLU F 228 -55.60 -3.59 19.02
CA GLU F 228 -56.74 -3.39 18.14
C GLU F 228 -56.18 -2.94 16.77
N ALA F 229 -56.17 -3.86 15.80
CA ALA F 229 -55.60 -3.66 14.47
C ALA F 229 -56.07 -4.79 13.50
N ASP F 230 -55.73 -4.71 12.19
CA ASP F 230 -56.04 -5.76 11.23
C ASP F 230 -54.83 -6.70 11.16
N TYR F 231 -55.05 -8.01 11.10
CA TYR F 231 -53.96 -8.97 11.06
C TYR F 231 -54.03 -9.81 9.81
N TYR F 232 -52.93 -9.90 9.07
CA TYR F 232 -52.90 -10.68 7.82
C TYR F 232 -51.93 -11.82 7.88
N CYS F 233 -52.33 -13.01 7.43
CA CYS F 233 -51.39 -14.14 7.31
C CYS F 233 -50.98 -14.18 5.83
N ALA F 234 -49.77 -14.65 5.56
CA ALA F 234 -49.25 -14.72 4.20
C ALA F 234 -48.34 -15.92 4.05
N ALA F 235 -48.25 -16.45 2.84
CA ALA F 235 -47.36 -17.56 2.55
C ALA F 235 -47.09 -17.61 1.04
N TRP F 236 -45.92 -18.10 0.64
CA TRP F 236 -45.62 -18.29 -0.77
C TRP F 236 -46.49 -19.44 -1.29
N ASP F 237 -46.97 -19.34 -2.53
CA ASP F 237 -47.79 -20.37 -3.13
C ASP F 237 -47.05 -20.86 -4.36
N ASP F 238 -46.83 -22.18 -4.44
CA ASP F 238 -46.08 -22.78 -5.55
C ASP F 238 -46.91 -23.03 -6.81
N SER F 239 -48.21 -22.69 -6.81
CA SER F 239 -49.06 -22.86 -7.99
C SER F 239 -48.56 -21.95 -9.11
N LEU F 240 -48.56 -22.46 -10.38
CA LEU F 240 -48.10 -21.68 -11.52
C LEU F 240 -46.59 -21.34 -11.32
N ASN F 241 -46.08 -20.14 -11.76
CA ASN F 241 -44.69 -19.73 -11.56
C ASN F 241 -44.44 -19.18 -10.14
N GLY F 242 -45.37 -19.39 -9.21
CA GLY F 242 -45.19 -18.90 -7.85
C GLY F 242 -45.72 -17.50 -7.67
N HIS F 243 -46.26 -17.24 -6.48
CA HIS F 243 -46.89 -15.98 -6.10
C HIS F 243 -47.10 -15.93 -4.60
N VAL F 244 -46.98 -14.76 -3.95
CA VAL F 244 -47.24 -14.70 -2.51
C VAL F 244 -48.75 -14.48 -2.33
N VAL F 245 -49.39 -15.34 -1.51
CA VAL F 245 -50.82 -15.23 -1.23
C VAL F 245 -51.06 -14.65 0.16
N PHE F 246 -52.17 -13.93 0.33
CA PHE F 246 -52.52 -13.28 1.58
C PHE F 246 -53.90 -13.72 2.07
N GLY F 247 -54.13 -13.56 3.37
CA GLY F 247 -55.44 -13.79 3.96
C GLY F 247 -56.29 -12.54 3.81
N GLY F 248 -57.59 -12.69 3.99
CA GLY F 248 -58.50 -11.54 3.90
C GLY F 248 -58.34 -10.50 4.99
N GLY F 249 -57.73 -10.91 6.11
CA GLY F 249 -57.51 -10.05 7.25
C GLY F 249 -58.47 -10.35 8.39
N THR F 250 -58.05 -10.01 9.61
CA THR F 250 -58.87 -10.19 10.78
C THR F 250 -58.83 -8.91 11.60
N LYS F 251 -59.99 -8.28 11.79
CA LYS F 251 -60.04 -7.06 12.59
C LYS F 251 -60.18 -7.44 14.04
N VAL F 252 -59.08 -7.28 14.78
CA VAL F 252 -59.11 -7.57 16.21
C VAL F 252 -59.68 -6.37 16.96
N THR F 253 -60.71 -6.62 17.76
CA THR F 253 -61.36 -5.58 18.54
C THR F 253 -61.17 -5.94 19.99
N VAL F 254 -60.65 -4.99 20.80
CA VAL F 254 -60.43 -5.25 22.22
C VAL F 254 -61.58 -4.65 23.01
N LEU F 255 -62.38 -5.49 23.68
CA LEU F 255 -63.51 -5.04 24.48
C LEU F 255 -63.09 -4.33 25.80
N GLY F 256 -64.05 -3.93 26.61
CA GLY F 256 -63.78 -3.31 27.90
C GLY F 256 -63.29 -4.33 28.90
N ALA F 257 -62.38 -3.91 29.80
CA ALA F 257 -61.79 -4.78 30.81
C ALA F 257 -62.83 -5.35 31.77
N ALA F 258 -62.54 -6.54 32.31
CA ALA F 258 -63.43 -7.19 33.26
C ALA F 258 -63.49 -6.45 34.59
N ALA F 259 -62.40 -5.76 34.97
CA ALA F 259 -62.35 -4.99 36.22
C ALA F 259 -63.14 -3.68 36.15
N GLU F 260 -63.66 -3.28 34.97
CA GLU F 260 -64.49 -2.08 34.83
C GLU F 260 -65.85 -2.22 35.54
N ASN F 261 -66.23 -3.45 35.90
CA ASN F 261 -67.45 -3.70 36.62
C ASN F 261 -67.27 -4.84 37.62
N LEU F 262 -67.96 -4.72 38.77
CA LEU F 262 -67.98 -5.70 39.84
C LEU F 262 -68.70 -6.98 39.42
N TYR F 263 -69.54 -6.91 38.36
CA TYR F 263 -70.32 -8.03 37.84
C TYR F 263 -69.38 -9.13 37.33
N PHE F 264 -68.34 -8.73 36.62
CA PHE F 264 -67.37 -9.66 36.05
C PHE F 264 -66.27 -9.96 37.08
N GLN F 265 -65.40 -8.97 37.37
CA GLN F 265 -64.36 -9.13 38.35
C GLN F 265 -64.82 -8.64 39.72
N ARG G 5 48.09 -55.76 16.76
CA ARG G 5 48.28 -55.40 15.35
C ARG G 5 48.41 -53.88 15.18
N ILE G 6 47.30 -53.14 15.19
CA ILE G 6 47.35 -51.69 15.10
C ILE G 6 47.03 -51.17 16.49
N GLY G 7 48.05 -50.77 17.23
CA GLY G 7 47.87 -50.28 18.58
C GLY G 7 47.37 -51.38 19.50
N TYR G 8 46.23 -51.14 20.17
CA TYR G 8 45.65 -52.17 21.04
C TYR G 8 44.50 -52.87 20.34
N TYR G 9 44.62 -53.08 19.01
CA TYR G 9 43.59 -53.77 18.25
C TYR G 9 44.14 -54.94 17.46
N GLU G 10 43.39 -56.05 17.41
CA GLU G 10 43.72 -57.26 16.66
C GLU G 10 42.87 -57.33 15.37
N ILE G 11 43.43 -56.84 14.27
CA ILE G 11 42.77 -56.69 12.99
C ILE G 11 42.46 -58.02 12.35
N ASP G 12 41.29 -58.12 11.67
CA ASP G 12 40.96 -59.34 10.95
C ASP G 12 40.21 -59.02 9.61
N ARG G 13 39.03 -59.60 9.33
CA ARG G 13 38.24 -59.47 8.11
C ARG G 13 38.11 -58.08 7.56
N THR G 14 38.02 -57.97 6.23
CA THR G 14 37.68 -56.70 5.61
C THR G 14 36.14 -56.67 5.55
N ILE G 15 35.52 -55.64 6.13
CA ILE G 15 34.07 -55.55 6.16
C ILE G 15 33.52 -54.38 5.31
N GLY G 16 34.40 -53.60 4.68
CA GLY G 16 33.99 -52.48 3.85
C GLY G 16 35.09 -51.91 2.98
N LYS G 17 34.70 -51.19 1.93
CA LYS G 17 35.66 -50.58 1.03
C LYS G 17 35.17 -49.23 0.55
N GLY G 18 35.96 -48.22 0.83
CA GLY G 18 35.71 -46.87 0.33
C GLY G 18 36.56 -46.62 -0.90
N ASN G 19 36.52 -45.40 -1.43
CA ASN G 19 37.33 -45.07 -2.60
C ASN G 19 38.81 -44.98 -2.25
N PHE G 20 39.12 -44.48 -1.05
CA PHE G 20 40.50 -44.38 -0.59
C PHE G 20 40.79 -45.17 0.70
N ALA G 21 39.74 -45.76 1.31
CA ALA G 21 39.86 -46.45 2.58
C ALA G 21 39.42 -47.91 2.57
N VAL G 22 39.92 -48.71 3.51
CA VAL G 22 39.53 -50.10 3.66
C VAL G 22 39.06 -50.27 5.09
N VAL G 23 37.83 -50.76 5.29
CA VAL G 23 37.27 -50.98 6.61
C VAL G 23 37.50 -52.44 7.07
N LYS G 24 37.88 -52.64 8.33
CA LYS G 24 38.18 -53.98 8.84
C LYS G 24 37.62 -54.20 10.22
N ARG G 25 37.14 -55.42 10.50
CA ARG G 25 36.67 -55.77 11.83
C ARG G 25 37.91 -56.00 12.70
N ALA G 26 37.89 -55.52 13.94
CA ALA G 26 39.00 -55.69 14.86
C ALA G 26 38.52 -55.93 16.30
N THR G 27 39.41 -56.35 17.22
CA THR G 27 39.04 -56.58 18.62
C THR G 27 39.94 -55.73 19.51
N HIS G 28 39.37 -54.97 20.46
CA HIS G 28 40.16 -54.18 21.40
C HIS G 28 40.76 -55.15 22.38
N LEU G 29 42.09 -55.23 22.44
CA LEU G 29 42.78 -56.21 23.25
C LEU G 29 42.53 -56.10 24.77
N VAL G 30 42.35 -54.88 25.30
CA VAL G 30 42.16 -54.72 26.74
C VAL G 30 40.69 -54.84 27.17
N THR G 31 39.74 -54.58 26.27
CA THR G 31 38.32 -54.64 26.63
C THR G 31 37.58 -55.85 26.02
N LYS G 32 38.20 -56.52 25.05
CA LYS G 32 37.66 -57.66 24.29
C LYS G 32 36.45 -57.29 23.40
N ALA G 33 36.20 -55.98 23.21
CA ALA G 33 35.09 -55.50 22.41
C ALA G 33 35.37 -55.57 20.92
N LYS G 34 34.30 -55.70 20.11
CA LYS G 34 34.45 -55.71 18.66
C LYS G 34 34.26 -54.31 18.12
N VAL G 35 35.18 -53.87 17.26
CA VAL G 35 35.15 -52.55 16.64
C VAL G 35 35.41 -52.60 15.11
N ALA G 36 35.24 -51.49 14.39
CA ALA G 36 35.52 -51.38 12.97
C ALA G 36 36.60 -50.33 12.79
N ILE G 37 37.59 -50.58 11.93
CA ILE G 37 38.67 -49.61 11.69
C ILE G 37 38.72 -49.20 10.24
N LYS G 38 38.66 -47.91 9.96
CA LYS G 38 38.78 -47.39 8.62
C LYS G 38 40.26 -47.10 8.43
N ILE G 39 40.88 -47.74 7.45
CA ILE G 39 42.30 -47.55 7.19
C ILE G 39 42.54 -46.69 5.95
N ILE G 40 43.15 -45.52 6.14
CA ILE G 40 43.40 -44.60 5.01
C ILE G 40 44.90 -44.32 4.83
N ASP G 41 45.41 -44.47 3.60
CA ASP G 41 46.80 -44.16 3.30
C ASP G 41 46.92 -42.71 2.85
N LYS G 42 47.48 -41.85 3.71
CA LYS G 42 47.60 -40.42 3.44
C LYS G 42 48.46 -40.09 2.21
N THR G 43 49.36 -41.02 1.80
CA THR G 43 50.24 -40.80 0.64
C THR G 43 49.47 -40.63 -0.69
N GLN G 44 48.34 -41.34 -0.85
CA GLN G 44 47.52 -41.27 -2.06
C GLN G 44 46.33 -40.30 -1.90
N LEU G 45 46.51 -39.22 -1.12
CA LEU G 45 45.44 -38.24 -0.90
C LEU G 45 45.84 -36.83 -1.30
N ASP G 46 44.98 -36.15 -2.08
CA ASP G 46 45.20 -34.76 -2.47
C ASP G 46 44.73 -33.84 -1.33
N GLU G 47 45.14 -32.55 -1.35
CA GLU G 47 44.78 -31.60 -0.30
C GLU G 47 43.26 -31.45 -0.11
N GLU G 48 42.49 -31.60 -1.19
CA GLU G 48 41.04 -31.50 -1.11
C GLU G 48 40.45 -32.73 -0.39
N ASN G 49 41.03 -33.92 -0.61
CA ASN G 49 40.58 -35.15 0.03
C ASN G 49 41.04 -35.27 1.48
N LEU G 50 42.21 -34.71 1.80
CA LEU G 50 42.74 -34.72 3.17
C LEU G 50 41.81 -33.91 4.09
N LYS G 51 41.35 -32.75 3.58
CA LYS G 51 40.45 -31.85 4.28
C LYS G 51 39.13 -32.55 4.60
N LYS G 52 38.64 -33.34 3.64
CA LYS G 52 37.40 -34.09 3.76
C LYS G 52 37.46 -35.16 4.83
N ILE G 53 38.62 -35.78 5.03
CA ILE G 53 38.80 -36.80 6.06
C ILE G 53 38.74 -36.15 7.43
N PHE G 54 39.48 -35.05 7.62
CA PHE G 54 39.47 -34.33 8.89
C PHE G 54 38.12 -33.65 9.18
N ARG G 55 37.35 -33.30 8.13
CA ARG G 55 36.02 -32.76 8.30
C ARG G 55 35.11 -33.89 8.83
N GLU G 56 35.23 -35.09 8.24
CA GLU G 56 34.47 -36.28 8.65
C GLU G 56 34.70 -36.57 10.13
N VAL G 57 35.97 -36.55 10.56
CA VAL G 57 36.32 -36.80 11.96
C VAL G 57 35.66 -35.79 12.88
N GLN G 58 35.74 -34.50 12.50
CA GLN G 58 35.15 -33.38 13.22
C GLN G 58 33.61 -33.53 13.34
N ILE G 59 32.95 -33.99 12.26
CA ILE G 59 31.50 -34.20 12.22
C ILE G 59 31.09 -35.38 13.11
N MET G 60 31.87 -36.46 13.09
CA MET G 60 31.59 -37.63 13.90
C MET G 60 31.72 -37.38 15.39
N LYS G 61 32.62 -36.46 15.79
CA LYS G 61 32.80 -36.11 17.20
C LYS G 61 31.56 -35.37 17.76
N MET G 62 30.73 -34.75 16.88
CA MET G 62 29.49 -34.04 17.23
C MET G 62 28.27 -34.98 17.32
N LEU G 63 28.32 -36.13 16.64
CA LEU G 63 27.18 -37.02 16.57
C LEU G 63 27.19 -38.22 17.49
N SER G 64 26.49 -38.11 18.62
CA SER G 64 26.35 -39.25 19.53
C SER G 64 24.86 -39.62 19.51
N HIS G 65 24.51 -40.70 18.79
CA HIS G 65 23.10 -41.08 18.66
C HIS G 65 22.94 -42.61 18.68
N PRO G 66 21.85 -43.15 19.27
CA PRO G 66 21.66 -44.62 19.26
C PRO G 66 21.53 -45.24 17.87
N HIS G 67 21.20 -44.44 16.85
CA HIS G 67 21.06 -44.93 15.48
C HIS G 67 22.14 -44.43 14.52
N ILE G 68 23.26 -43.94 15.06
CA ILE G 68 24.43 -43.50 14.28
C ILE G 68 25.66 -44.26 14.78
N ILE G 69 26.57 -44.65 13.88
CA ILE G 69 27.79 -45.34 14.26
C ILE G 69 28.64 -44.42 15.15
N ARG G 70 29.07 -44.93 16.30
CA ARG G 70 29.81 -44.14 17.25
C ARG G 70 31.31 -44.20 17.02
N LEU G 71 31.98 -43.04 16.94
CA LEU G 71 33.43 -42.96 16.79
C LEU G 71 34.05 -43.17 18.18
N TYR G 72 35.05 -44.06 18.28
CA TYR G 72 35.70 -44.38 19.55
C TYR G 72 37.10 -43.81 19.68
N GLN G 73 37.93 -44.00 18.66
CA GLN G 73 39.31 -43.54 18.70
C GLN G 73 39.81 -43.12 17.33
N VAL G 74 40.74 -42.18 17.28
CA VAL G 74 41.37 -41.74 16.04
C VAL G 74 42.88 -41.87 16.23
N MET G 75 43.53 -42.68 15.40
CA MET G 75 44.97 -42.88 15.48
C MET G 75 45.62 -42.36 14.20
N GLU G 76 46.77 -41.69 14.31
CA GLU G 76 47.42 -41.16 13.11
C GLU G 76 48.92 -41.34 13.13
N THR G 77 49.46 -42.03 12.12
CA THR G 77 50.91 -42.22 11.99
C THR G 77 51.46 -41.25 10.91
N GLU G 78 52.77 -41.31 10.61
CA GLU G 78 53.41 -40.49 9.60
C GLU G 78 52.73 -40.61 8.21
N ARG G 79 52.27 -41.81 7.83
CA ARG G 79 51.62 -42.00 6.53
C ARG G 79 50.21 -42.57 6.57
N MET G 80 49.69 -42.92 7.77
CA MET G 80 48.37 -43.53 7.90
C MET G 80 47.43 -42.77 8.83
N ILE G 81 46.13 -43.01 8.67
CA ILE G 81 45.10 -42.45 9.52
C ILE G 81 44.01 -43.51 9.73
N TYR G 82 43.76 -43.89 10.99
CA TYR G 82 42.79 -44.93 11.32
C TYR G 82 41.65 -44.37 12.15
N LEU G 83 40.40 -44.73 11.81
CA LEU G 83 39.24 -44.32 12.59
C LEU G 83 38.58 -45.56 13.15
N VAL G 84 38.51 -45.65 14.49
CA VAL G 84 37.96 -46.79 15.21
C VAL G 84 36.52 -46.48 15.59
N THR G 85 35.55 -47.20 15.03
CA THR G 85 34.15 -46.96 15.34
C THR G 85 33.48 -48.24 15.88
N GLU G 86 32.21 -48.16 16.33
CA GLU G 86 31.50 -49.33 16.80
C GLU G 86 31.19 -50.29 15.64
N TYR G 87 31.03 -51.57 15.95
CA TYR G 87 30.77 -52.59 14.94
C TYR G 87 29.30 -53.04 15.03
N ALA G 88 28.55 -52.97 13.91
CA ALA G 88 27.17 -53.40 13.86
C ALA G 88 27.15 -54.86 13.44
N SER G 89 27.02 -55.77 14.41
CA SER G 89 27.13 -57.21 14.25
C SER G 89 25.97 -57.98 13.62
N GLY G 90 24.97 -57.30 13.08
CA GLY G 90 23.83 -57.99 12.46
C GLY G 90 23.66 -57.78 10.98
N GLY G 91 24.68 -57.27 10.31
CA GLY G 91 24.62 -57.04 8.88
C GLY G 91 24.17 -55.66 8.48
N GLU G 92 23.78 -55.48 7.22
CA GLU G 92 23.28 -54.21 6.68
C GLU G 92 21.99 -54.43 5.87
N ILE G 93 21.24 -53.35 5.61
CA ILE G 93 19.96 -53.40 4.90
C ILE G 93 20.06 -54.02 3.51
N PHE G 94 21.13 -53.71 2.76
CA PHE G 94 21.29 -54.28 1.42
C PHE G 94 21.38 -55.80 1.46
N ASP G 95 22.21 -56.36 2.35
CA ASP G 95 22.34 -57.82 2.46
C ASP G 95 21.06 -58.47 2.96
N HIS G 96 20.31 -57.77 3.81
CA HIS G 96 19.06 -58.27 4.34
C HIS G 96 18.02 -58.39 3.22
N LEU G 97 17.99 -57.40 2.32
CA LEU G 97 17.05 -57.43 1.19
C LEU G 97 17.45 -58.51 0.18
N VAL G 98 18.75 -58.75 0.00
CA VAL G 98 19.22 -59.80 -0.89
C VAL G 98 18.85 -61.17 -0.32
N ALA G 99 18.94 -61.34 0.99
CA ALA G 99 18.65 -62.62 1.62
C ALA G 99 17.17 -62.93 1.78
N HIS G 100 16.36 -61.93 2.14
CA HIS G 100 14.96 -62.18 2.46
C HIS G 100 13.92 -61.50 1.58
N GLY G 101 14.36 -60.63 0.68
CA GLY G 101 13.46 -59.92 -0.20
C GLY G 101 12.83 -58.72 0.48
N ARG G 102 11.78 -58.16 -0.14
CA ARG G 102 11.10 -56.98 0.40
C ARG G 102 10.59 -57.19 1.81
N MET G 103 10.61 -56.11 2.60
CA MET G 103 10.11 -56.15 3.96
C MET G 103 8.62 -55.88 3.98
N ALA G 104 7.92 -56.48 4.96
CA ALA G 104 6.51 -56.18 5.18
C ALA G 104 6.44 -54.74 5.67
N GLU G 105 5.38 -53.99 5.32
CA GLU G 105 5.29 -52.58 5.72
C GLU G 105 5.43 -52.37 7.24
N LYS G 106 5.05 -53.36 8.06
CA LYS G 106 5.22 -53.30 9.50
C LYS G 106 6.73 -53.33 9.88
N GLU G 107 7.50 -54.25 9.27
CA GLU G 107 8.94 -54.37 9.53
C GLU G 107 9.70 -53.17 8.95
N ALA G 108 9.31 -52.72 7.76
CA ALA G 108 9.92 -51.60 7.08
C ALA G 108 9.65 -50.29 7.79
N ARG G 109 8.48 -50.16 8.44
CA ARG G 109 8.13 -48.96 9.19
C ARG G 109 9.05 -48.80 10.38
N ARG G 110 9.33 -49.91 11.09
CA ARG G 110 10.24 -49.89 12.24
C ARG G 110 11.64 -49.41 11.87
N LYS G 111 12.25 -49.97 10.80
CA LYS G 111 13.60 -49.54 10.36
C LYS G 111 13.58 -48.15 9.78
N PHE G 112 12.49 -47.75 9.09
CA PHE G 112 12.42 -46.41 8.52
C PHE G 112 12.34 -45.36 9.62
N LYS G 113 11.60 -45.66 10.70
CA LYS G 113 11.48 -44.75 11.83
C LYS G 113 12.85 -44.51 12.48
N GLN G 114 13.66 -45.58 12.63
CA GLN G 114 15.01 -45.48 13.18
C GLN G 114 15.93 -44.66 12.25
N ILE G 115 15.81 -44.84 10.93
CA ILE G 115 16.58 -44.09 9.95
C ILE G 115 16.25 -42.60 10.02
N VAL G 116 14.95 -42.24 10.01
CA VAL G 116 14.57 -40.83 10.07
C VAL G 116 14.94 -40.19 11.41
N THR G 117 15.01 -40.99 12.50
CA THR G 117 15.41 -40.53 13.82
C THR G 117 16.86 -40.02 13.78
N ALA G 118 17.73 -40.78 13.12
CA ALA G 118 19.15 -40.45 13.01
C ALA G 118 19.37 -39.28 12.04
N VAL G 119 18.62 -39.28 10.92
CA VAL G 119 18.76 -38.22 9.91
C VAL G 119 18.25 -36.90 10.47
N TYR G 120 17.15 -36.92 11.24
CA TYR G 120 16.59 -35.72 11.87
C TYR G 120 17.60 -35.18 12.87
N PHE G 121 18.23 -36.06 13.68
CA PHE G 121 19.26 -35.67 14.65
C PHE G 121 20.40 -34.95 13.98
N CYS G 122 20.83 -35.43 12.81
CA CYS G 122 21.91 -34.80 12.03
C CYS G 122 21.50 -33.40 11.61
N HIS G 123 20.30 -33.26 11.06
CA HIS G 123 19.82 -31.96 10.62
C HIS G 123 19.66 -30.98 11.78
N SER G 124 19.44 -31.49 13.01
CA SER G 124 19.35 -30.66 14.24
C SER G 124 20.72 -30.10 14.56
N ARG G 125 21.77 -30.93 14.41
CA ARG G 125 23.15 -30.48 14.65
C ARG G 125 23.76 -29.75 13.43
N ASN G 126 22.93 -29.41 12.42
CA ASN G 126 23.31 -28.73 11.19
C ASN G 126 24.31 -29.55 10.35
N ILE G 127 24.01 -30.84 10.16
CA ILE G 127 24.83 -31.76 9.39
C ILE G 127 23.98 -32.54 8.39
N VAL G 128 24.42 -32.65 7.12
CA VAL G 128 23.69 -33.45 6.13
C VAL G 128 24.53 -34.67 5.77
N HIS G 129 23.92 -35.87 5.66
CA HIS G 129 24.67 -37.10 5.37
C HIS G 129 25.20 -37.16 3.94
N ARG G 130 24.35 -36.83 2.96
CA ARG G 130 24.64 -36.79 1.51
C ARG G 130 25.17 -38.12 0.91
N ASP G 131 24.96 -39.26 1.60
CA ASP G 131 25.38 -40.56 1.07
C ASP G 131 24.56 -41.67 1.73
N LEU G 132 23.25 -41.46 1.85
CA LEU G 132 22.36 -42.46 2.42
C LEU G 132 22.10 -43.53 1.36
N LYS G 133 22.40 -44.78 1.68
CA LYS G 133 22.19 -45.91 0.80
C LYS G 133 21.96 -47.17 1.62
N ALA G 134 21.38 -48.22 1.03
CA ALA G 134 21.09 -49.47 1.75
C ALA G 134 22.33 -50.07 2.38
N GLU G 135 23.45 -50.01 1.67
CA GLU G 135 24.73 -50.55 2.12
C GLU G 135 25.39 -49.72 3.25
N ASN G 136 24.87 -48.50 3.52
CA ASN G 136 25.33 -47.61 4.60
C ASN G 136 24.47 -47.67 5.86
N LEU G 137 23.34 -48.40 5.82
CA LEU G 137 22.41 -48.55 6.94
C LEU G 137 22.66 -49.92 7.57
N LEU G 138 23.47 -49.95 8.61
CA LEU G 138 23.85 -51.19 9.28
C LEU G 138 22.79 -51.63 10.29
N LEU G 139 22.89 -52.87 10.81
CA LEU G 139 21.97 -53.42 11.80
C LEU G 139 22.79 -53.98 12.94
N ASP G 140 22.53 -53.55 14.19
CA ASP G 140 23.24 -54.08 15.36
C ASP G 140 22.79 -55.53 15.68
N ALA G 141 23.18 -56.10 16.83
CA ALA G 141 22.80 -57.45 17.21
C ALA G 141 21.28 -57.64 17.33
N ASN G 142 20.58 -56.58 17.73
CA ASN G 142 19.12 -56.58 17.88
C ASN G 142 18.38 -56.10 16.59
N LEU G 143 19.11 -56.02 15.46
CA LEU G 143 18.67 -55.60 14.15
C LEU G 143 18.17 -54.16 14.13
N ASN G 144 18.83 -53.29 14.87
CA ASN G 144 18.47 -51.89 14.89
C ASN G 144 19.40 -51.09 14.00
N ILE G 145 18.86 -50.13 13.26
CA ILE G 145 19.63 -49.31 12.33
C ILE G 145 20.73 -48.53 12.98
N LYS G 146 21.93 -48.56 12.36
CA LYS G 146 23.12 -47.79 12.70
C LYS G 146 23.64 -47.16 11.39
N ILE G 147 23.48 -45.83 11.23
CA ILE G 147 23.92 -45.10 10.04
C ILE G 147 25.45 -44.95 10.02
N ALA G 148 26.09 -45.30 8.91
CA ALA G 148 27.55 -45.24 8.81
C ALA G 148 28.03 -44.35 7.61
N ASP G 149 29.37 -44.14 7.44
CA ASP G 149 30.00 -43.41 6.35
C ASP G 149 29.60 -41.94 6.26
N PHE G 150 30.29 -41.11 7.02
CA PHE G 150 30.05 -39.67 6.99
C PHE G 150 31.16 -38.96 6.20
N GLY G 151 31.74 -39.63 5.21
CA GLY G 151 32.80 -39.04 4.41
C GLY G 151 32.31 -37.91 3.54
N PHE G 152 31.12 -38.10 2.97
CA PHE G 152 30.51 -37.07 2.12
C PHE G 152 29.60 -36.11 2.89
N SER G 153 29.52 -36.22 4.21
CA SER G 153 28.69 -35.33 5.01
C SER G 153 29.30 -33.93 5.13
N ASN G 154 28.47 -32.93 5.42
CA ASN G 154 28.95 -31.56 5.57
C ASN G 154 28.08 -30.74 6.51
N LEU G 155 28.65 -29.69 7.08
CA LEU G 155 27.93 -28.77 7.95
C LEU G 155 27.14 -27.82 7.06
N PHE G 156 25.93 -27.44 7.48
CA PHE G 156 25.12 -26.52 6.69
C PHE G 156 24.44 -25.44 7.53
N THR G 157 24.07 -24.35 6.88
CA THR G 157 23.33 -23.27 7.50
C THR G 157 21.93 -23.35 6.92
N PRO G 158 20.87 -23.50 7.75
CA PRO G 158 19.50 -23.58 7.19
C PRO G 158 19.18 -22.44 6.22
N GLY G 159 19.03 -22.79 4.95
CA GLY G 159 18.77 -21.81 3.89
C GLY G 159 19.97 -21.52 2.99
N GLN G 160 21.00 -22.37 3.07
CA GLN G 160 22.18 -22.21 2.22
C GLN G 160 22.21 -23.23 1.09
N LEU G 161 22.92 -22.90 0.01
CA LEU G 161 23.06 -23.79 -1.13
C LEU G 161 24.45 -24.41 -1.10
N LEU G 162 24.50 -25.74 -1.14
CA LEU G 162 25.78 -26.47 -1.13
C LEU G 162 26.25 -26.71 -2.56
N LYS G 163 27.57 -26.83 -2.75
CA LYS G 163 28.12 -27.01 -4.10
C LYS G 163 29.02 -28.24 -4.28
N TRP G 165 28.99 -32.02 -5.54
CA TRP G 165 28.16 -33.01 -6.21
C TRP G 165 28.60 -34.42 -5.87
N CYS G 166 27.99 -34.96 -4.81
CA CYS G 166 28.32 -36.29 -4.29
C CYS G 166 27.06 -37.07 -3.91
N GLY G 167 27.22 -38.37 -3.73
CA GLY G 167 26.12 -39.25 -3.35
C GLY G 167 26.10 -40.55 -4.13
N SER G 168 25.39 -41.55 -3.61
CA SER G 168 25.28 -42.84 -4.31
C SER G 168 24.34 -42.62 -5.46
N PRO G 169 24.79 -42.86 -6.71
CA PRO G 169 23.91 -42.60 -7.86
C PRO G 169 22.47 -43.12 -7.75
N PRO G 170 22.15 -44.38 -7.37
CA PRO G 170 20.72 -44.77 -7.29
C PRO G 170 19.88 -44.01 -6.25
N TYR G 171 20.53 -43.36 -5.27
CA TYR G 171 19.83 -42.60 -4.24
C TYR G 171 19.98 -41.08 -4.37
N ALA G 172 20.82 -40.62 -5.32
CA ALA G 172 21.10 -39.20 -5.54
C ALA G 172 19.91 -38.45 -6.10
N ALA G 173 19.64 -37.27 -5.56
CA ALA G 173 18.55 -36.42 -6.00
C ALA G 173 18.83 -35.86 -7.41
N PRO G 174 17.81 -35.56 -8.22
CA PRO G 174 18.06 -35.04 -9.58
C PRO G 174 18.99 -33.82 -9.67
N GLU G 175 18.92 -32.89 -8.71
CA GLU G 175 19.76 -31.66 -8.69
C GLU G 175 21.24 -31.98 -8.70
N LEU G 176 21.62 -33.10 -8.03
CA LEU G 176 23.00 -33.55 -7.93
C LEU G 176 23.52 -34.00 -9.30
N PHE G 177 22.69 -34.75 -10.06
CA PHE G 177 23.04 -35.18 -11.42
C PHE G 177 23.16 -33.97 -12.36
N GLU G 178 22.29 -32.98 -12.18
CA GLU G 178 22.27 -31.76 -12.98
C GLU G 178 23.34 -30.73 -12.61
N GLY G 179 24.07 -30.95 -11.53
CA GLY G 179 25.11 -30.01 -11.10
C GLY G 179 24.56 -28.67 -10.64
N LYS G 180 23.41 -28.70 -9.96
CA LYS G 180 22.77 -27.48 -9.45
C LYS G 180 23.11 -27.28 -7.98
N GLU G 181 23.19 -26.00 -7.52
CA GLU G 181 23.40 -25.71 -6.10
C GLU G 181 22.10 -26.13 -5.37
N TYR G 182 22.23 -26.81 -4.23
CA TYR G 182 21.09 -27.44 -3.59
C TYR G 182 20.91 -27.21 -2.10
N ASP G 183 19.71 -27.48 -1.59
CA ASP G 183 19.48 -27.41 -0.16
C ASP G 183 19.82 -28.80 0.38
N GLY G 184 20.69 -28.83 1.39
CA GLY G 184 21.14 -30.06 2.01
C GLY G 184 20.06 -31.02 2.44
N PRO G 185 19.22 -30.65 3.42
CA PRO G 185 18.17 -31.57 3.88
C PRO G 185 17.24 -32.09 2.77
N LYS G 186 16.92 -31.26 1.76
CA LYS G 186 16.06 -31.70 0.65
C LYS G 186 16.70 -32.85 -0.16
N VAL G 187 18.03 -32.89 -0.22
CA VAL G 187 18.78 -33.95 -0.90
C VAL G 187 18.73 -35.26 -0.08
N ASP G 188 18.75 -35.15 1.26
CA ASP G 188 18.64 -36.31 2.14
C ASP G 188 17.22 -36.86 2.12
N ILE G 189 16.21 -35.99 1.99
CA ILE G 189 14.81 -36.40 1.93
C ILE G 189 14.56 -37.23 0.67
N TRP G 190 15.18 -36.86 -0.48
CA TRP G 190 15.05 -37.65 -1.70
C TRP G 190 15.66 -39.04 -1.48
N SER G 191 16.86 -39.12 -0.87
CA SER G 191 17.52 -40.40 -0.58
C SER G 191 16.64 -41.27 0.29
N LEU G 192 15.97 -40.67 1.30
CA LEU G 192 15.05 -41.37 2.19
C LEU G 192 13.85 -41.96 1.46
N GLY G 193 13.41 -41.29 0.40
CA GLY G 193 12.32 -41.79 -0.43
C GLY G 193 12.72 -43.05 -1.17
N VAL G 194 13.97 -43.09 -1.65
CA VAL G 194 14.53 -44.24 -2.35
C VAL G 194 14.74 -45.39 -1.36
N VAL G 195 15.24 -45.06 -0.15
CA VAL G 195 15.45 -46.01 0.94
C VAL G 195 14.11 -46.65 1.31
N LEU G 196 13.05 -45.85 1.46
CA LEU G 196 11.73 -46.38 1.81
C LEU G 196 11.19 -47.28 0.71
N TYR G 197 11.40 -46.88 -0.55
CA TYR G 197 10.95 -47.66 -1.70
C TYR G 197 11.64 -49.01 -1.71
N VAL G 198 12.98 -49.03 -1.67
CA VAL G 198 13.76 -50.26 -1.71
C VAL G 198 13.48 -51.16 -0.48
N LEU G 199 13.10 -50.59 0.66
CA LEU G 199 12.76 -51.37 1.84
C LEU G 199 11.46 -52.18 1.63
N VAL G 200 10.43 -51.55 1.07
CA VAL G 200 9.13 -52.20 0.86
C VAL G 200 9.00 -52.92 -0.49
N CYS G 201 9.94 -52.70 -1.43
CA CYS G 201 9.88 -53.33 -2.75
C CYS G 201 10.97 -54.35 -3.01
N GLY G 202 12.09 -54.24 -2.31
CA GLY G 202 13.23 -55.11 -2.52
C GLY G 202 13.88 -54.89 -3.87
N ALA G 203 13.73 -53.68 -4.42
CA ALA G 203 14.24 -53.23 -5.72
C ALA G 203 14.22 -51.72 -5.76
N LEU G 204 15.06 -51.09 -6.61
CA LEU G 204 15.14 -49.64 -6.71
C LEU G 204 14.04 -49.01 -7.54
N PRO G 205 13.62 -47.77 -7.24
CA PRO G 205 12.61 -47.11 -8.09
C PRO G 205 13.19 -46.70 -9.45
N PHE G 206 14.47 -46.32 -9.46
CA PHE G 206 15.18 -45.94 -10.69
C PHE G 206 16.40 -46.84 -10.72
N ASP G 207 16.63 -47.50 -11.85
CA ASP G 207 17.73 -48.44 -12.05
C ASP G 207 18.09 -48.51 -13.54
N GLY G 208 19.31 -48.97 -13.83
CA GLY G 208 19.83 -49.10 -15.18
C GLY G 208 21.08 -49.94 -15.26
N SER G 209 21.54 -50.28 -16.48
CA SER G 209 22.75 -51.08 -16.64
C SER G 209 24.03 -50.30 -16.30
N THR G 210 24.04 -48.99 -16.60
CA THR G 210 25.16 -48.10 -16.38
C THR G 210 24.73 -46.79 -15.70
N LEU G 211 25.70 -45.96 -15.26
CA LEU G 211 25.45 -44.66 -14.63
C LEU G 211 24.65 -43.73 -15.55
N GLN G 212 24.94 -43.78 -16.85
CA GLN G 212 24.25 -42.93 -17.82
C GLN G 212 22.77 -43.31 -17.90
N ASN G 213 22.47 -44.62 -17.86
CA ASN G 213 21.10 -45.11 -17.94
C ASN G 213 20.33 -44.79 -16.69
N LEU G 214 20.96 -45.00 -15.54
CA LEU G 214 20.40 -44.73 -14.22
C LEU G 214 20.05 -43.23 -14.12
N ARG G 215 20.96 -42.32 -14.55
CA ARG G 215 20.74 -40.87 -14.52
C ARG G 215 19.45 -40.49 -15.26
N ALA G 216 19.21 -41.10 -16.45
CA ALA G 216 18.02 -40.84 -17.26
C ALA G 216 16.74 -41.16 -16.51
N ARG G 217 16.72 -42.31 -15.81
CA ARG G 217 15.59 -42.78 -15.02
C ARG G 217 15.34 -41.84 -13.86
N VAL G 218 16.41 -41.43 -13.13
CA VAL G 218 16.30 -40.50 -11.99
C VAL G 218 15.68 -39.16 -12.42
N LEU G 219 16.23 -38.53 -13.49
CA LEU G 219 15.76 -37.24 -14.01
C LEU G 219 14.34 -37.28 -14.55
N SER G 220 13.84 -38.46 -14.94
CA SER G 220 12.47 -38.59 -15.43
C SER G 220 11.46 -38.41 -14.27
N GLY G 221 11.84 -38.84 -13.08
CA GLY G 221 10.98 -38.76 -11.91
C GLY G 221 9.89 -39.82 -11.86
N LYS G 222 9.75 -40.61 -12.95
CA LYS G 222 8.74 -41.65 -13.05
C LYS G 222 9.27 -42.93 -12.41
N PHE G 223 8.40 -43.65 -11.72
CA PHE G 223 8.74 -44.91 -11.07
C PHE G 223 7.50 -45.75 -10.86
N ARG G 224 7.62 -47.07 -11.04
CA ARG G 224 6.48 -47.97 -10.91
C ARG G 224 6.14 -48.23 -9.45
N ILE G 225 4.85 -48.21 -9.13
CA ILE G 225 4.39 -48.44 -7.78
C ILE G 225 3.67 -49.81 -7.75
N PRO G 226 4.26 -50.79 -7.03
CA PRO G 226 3.71 -52.16 -7.06
C PRO G 226 2.37 -52.34 -6.38
N PHE G 227 1.66 -53.37 -6.81
CA PHE G 227 0.33 -53.74 -6.34
C PHE G 227 0.26 -53.94 -4.83
N PHE G 228 1.28 -54.59 -4.27
CA PHE G 228 1.36 -54.91 -2.84
C PHE G 228 1.53 -53.69 -1.94
N MET G 229 1.96 -52.55 -2.49
CA MET G 229 2.21 -51.36 -1.69
C MET G 229 0.90 -50.66 -1.34
N SER G 230 0.74 -50.33 -0.05
CA SER G 230 -0.46 -49.66 0.44
C SER G 230 -0.62 -48.24 -0.13
N THR G 231 -1.86 -47.73 -0.11
CA THR G 231 -2.14 -46.38 -0.59
C THR G 231 -1.44 -45.34 0.31
N GLU G 232 -1.30 -45.62 1.62
CA GLU G 232 -0.65 -44.73 2.57
C GLU G 232 0.86 -44.66 2.30
N CYS G 233 1.46 -45.81 1.98
CA CYS G 233 2.89 -45.88 1.68
C CYS G 233 3.21 -45.22 0.34
N GLU G 234 2.36 -45.43 -0.67
CA GLU G 234 2.54 -44.83 -1.99
C GLU G 234 2.52 -43.30 -1.88
N HIS G 235 1.60 -42.75 -1.08
CA HIS G 235 1.48 -41.30 -0.88
C HIS G 235 2.77 -40.73 -0.32
N LEU G 236 3.35 -41.38 0.71
CA LEU G 236 4.57 -40.92 1.34
C LEU G 236 5.74 -40.87 0.36
N ILE G 237 5.95 -41.94 -0.40
CA ILE G 237 7.04 -42.01 -1.38
C ILE G 237 6.84 -40.99 -2.50
N ARG G 238 5.63 -40.91 -3.06
CA ARG G 238 5.33 -39.95 -4.12
C ARG G 238 5.53 -38.49 -3.68
N HIS G 239 5.43 -38.22 -2.36
CA HIS G 239 5.64 -36.87 -1.81
C HIS G 239 7.08 -36.61 -1.33
N MET G 240 7.96 -37.61 -1.42
CA MET G 240 9.39 -37.47 -1.10
C MET G 240 10.18 -37.44 -2.39
N LEU G 241 9.83 -38.32 -3.36
CA LEU G 241 10.48 -38.35 -4.66
C LEU G 241 9.80 -37.37 -5.62
N VAL G 242 10.00 -36.08 -5.37
CA VAL G 242 9.45 -35.01 -6.19
C VAL G 242 10.61 -34.29 -6.89
N LEU G 243 10.54 -34.08 -8.22
CA LEU G 243 11.63 -33.43 -8.93
C LEU G 243 11.98 -32.04 -8.39
N ASP G 244 10.96 -31.20 -8.07
CA ASP G 244 11.18 -29.87 -7.49
C ASP G 244 11.45 -30.06 -5.99
N PRO G 245 12.65 -29.68 -5.51
CA PRO G 245 12.97 -29.88 -4.07
C PRO G 245 12.06 -29.12 -3.12
N ASN G 246 11.54 -27.97 -3.58
CA ASN G 246 10.64 -27.15 -2.78
C ASN G 246 9.30 -27.84 -2.54
N LYS G 247 8.87 -28.73 -3.46
CA LYS G 247 7.61 -29.46 -3.31
C LYS G 247 7.75 -30.78 -2.55
N ARG G 248 8.92 -31.05 -1.94
CA ARG G 248 9.15 -32.26 -1.16
C ARG G 248 8.72 -32.05 0.29
N LEU G 249 8.35 -33.15 0.97
CA LEU G 249 7.98 -33.08 2.38
C LEU G 249 9.18 -32.68 3.22
N SER G 250 8.93 -32.01 4.35
CA SER G 250 10.01 -31.68 5.29
C SER G 250 10.20 -32.90 6.22
N MET G 251 11.25 -32.89 7.06
CA MET G 251 11.47 -33.99 8.00
C MET G 251 10.33 -34.11 9.00
N GLU G 252 9.74 -32.98 9.42
CA GLU G 252 8.62 -32.97 10.36
C GLU G 252 7.34 -33.50 9.71
N GLN G 253 7.14 -33.22 8.42
CA GLN G 253 5.98 -33.72 7.69
C GLN G 253 6.07 -35.24 7.48
N ILE G 254 7.30 -35.78 7.36
CA ILE G 254 7.51 -37.21 7.19
C ILE G 254 7.15 -37.90 8.49
N CYS G 255 7.60 -37.36 9.63
CA CYS G 255 7.31 -37.92 10.95
C CYS G 255 5.82 -38.00 11.23
N LYS G 256 5.07 -36.97 10.83
CA LYS G 256 3.64 -36.90 11.07
C LYS G 256 2.81 -37.45 9.90
N HIS G 257 3.41 -38.28 9.02
CA HIS G 257 2.65 -38.83 7.89
C HIS G 257 1.68 -39.91 8.34
N LYS G 258 0.55 -40.09 7.63
CA LYS G 258 -0.44 -41.10 7.98
C LYS G 258 0.17 -42.52 8.02
N TRP G 259 1.05 -42.85 7.06
CA TRP G 259 1.71 -44.16 7.05
C TRP G 259 2.62 -44.34 8.24
N MET G 260 3.28 -43.28 8.68
CA MET G 260 4.17 -43.29 9.82
C MET G 260 3.39 -43.57 11.12
N LYS G 261 2.23 -42.92 11.27
CA LYS G 261 1.38 -43.08 12.46
C LYS G 261 0.58 -44.39 12.50
N LEU G 262 0.64 -45.18 11.41
CA LEU G 262 -0.06 -46.45 11.25
C LEU G 262 0.40 -47.51 12.25
N GLY G 263 -0.46 -48.49 12.47
CA GLY G 263 -0.20 -49.57 13.41
C GLY G 263 -0.39 -49.12 14.84
N ASP G 264 0.42 -49.67 15.74
CA ASP G 264 0.40 -49.33 17.15
C ASP G 264 1.01 -47.92 17.39
N ALA G 265 0.52 -47.19 18.41
CA ALA G 265 1.06 -45.87 18.76
C ALA G 265 2.51 -46.05 19.22
N ASP G 266 3.44 -45.27 18.66
CA ASP G 266 4.86 -45.37 18.98
C ASP G 266 5.34 -44.14 19.74
N PRO G 267 5.22 -44.12 21.07
CA PRO G 267 5.70 -42.95 21.83
C PRO G 267 7.23 -42.87 21.92
N ASN G 268 7.94 -43.99 21.77
CA ASN G 268 9.41 -43.98 21.78
C ASN G 268 9.98 -43.20 20.55
N PHE G 269 9.25 -43.21 19.43
CA PHE G 269 9.62 -42.50 18.23
C PHE G 269 9.39 -41.00 18.47
N ASP G 270 8.25 -40.64 19.09
CA ASP G 270 7.90 -39.26 19.43
C ASP G 270 8.91 -38.67 20.41
N ARG G 271 9.42 -39.46 21.36
CA ARG G 271 10.40 -39.01 22.32
C ARG G 271 11.75 -38.70 21.64
N LEU G 272 12.11 -39.49 20.61
CA LEU G 272 13.36 -39.29 19.89
C LEU G 272 13.29 -38.09 18.94
N ILE G 273 12.11 -37.85 18.34
CA ILE G 273 11.94 -36.72 17.44
C ILE G 273 11.85 -35.43 18.26
N ALA G 274 11.16 -35.45 19.40
CA ALA G 274 11.06 -34.29 20.28
C ALA G 274 12.41 -33.87 20.83
N GLU G 275 13.31 -34.84 21.08
CA GLU G 275 14.67 -34.55 21.55
C GLU G 275 15.49 -33.80 20.48
N SER G 276 15.22 -34.11 19.20
CA SER G 276 15.86 -33.46 18.06
C SER G 276 15.29 -32.04 17.80
N GLN G 277 14.16 -31.66 18.42
CA GLN G 277 13.57 -30.33 18.24
C GLN G 277 13.73 -29.45 19.49
N GLN G 278 14.76 -29.69 20.30
CA GLN G 278 15.04 -28.88 21.47
C GLN G 278 16.09 -27.80 21.13
N LEU G 279 16.09 -26.66 21.84
CA LEU G 279 17.05 -25.59 21.58
C LEU G 279 18.48 -25.97 21.99
N LYS G 280 19.49 -25.36 21.37
CA LYS G 280 20.89 -25.62 21.69
C LYS G 280 21.30 -25.11 23.08
N GLU G 281 20.56 -24.13 23.62
CA GLU G 281 20.80 -23.58 24.95
C GLU G 281 20.49 -24.61 26.07
N GLU G 282 19.61 -25.60 25.79
CA GLU G 282 19.23 -26.64 26.74
C GLU G 282 19.81 -28.04 26.43
N ARG G 283 20.51 -28.19 25.30
CA ARG G 283 21.12 -29.48 24.96
C ARG G 283 22.56 -29.50 25.47
N GLN G 284 22.74 -29.78 26.78
CA GLN G 284 24.06 -29.81 27.40
C GLN G 284 24.58 -31.24 27.61
N VAL G 285 25.88 -31.47 27.28
CA VAL G 285 26.56 -32.76 27.41
C VAL G 285 26.57 -33.25 28.88
N ASP G 286 25.94 -34.41 29.12
CA ASP G 286 25.78 -34.97 30.47
C ASP G 286 26.60 -36.27 30.82
N PRO G 287 27.22 -37.05 29.89
CA PRO G 287 27.94 -38.27 30.32
C PRO G 287 29.15 -38.04 31.25
N LEU G 288 29.16 -38.75 32.40
CA LEU G 288 30.21 -38.66 33.42
C LEU G 288 30.26 -39.93 34.29
N ASN G 289 30.17 -41.12 33.65
CA ASN G 289 30.14 -42.45 34.28
C ASN G 289 31.25 -42.70 35.29
N GLU G 290 30.96 -42.54 36.59
CA GLU G 290 31.94 -42.75 37.65
C GLU G 290 32.23 -44.22 37.96
N ASP G 291 31.35 -45.14 37.54
CA ASP G 291 31.55 -46.56 37.79
C ASP G 291 32.61 -47.11 36.86
N VAL G 292 32.57 -46.70 35.58
CA VAL G 292 33.56 -47.09 34.57
C VAL G 292 34.92 -46.51 34.93
N LEU G 293 34.95 -45.24 35.38
CA LEU G 293 36.17 -44.55 35.79
C LEU G 293 36.90 -45.26 36.93
N LEU G 294 36.15 -45.93 37.81
CA LEU G 294 36.69 -46.70 38.93
C LEU G 294 37.23 -48.05 38.45
N ALA G 295 36.54 -48.68 37.49
CA ALA G 295 36.94 -49.95 36.90
C ALA G 295 38.21 -49.78 36.09
N MET G 296 38.38 -48.61 35.42
CA MET G 296 39.56 -48.25 34.63
C MET G 296 40.78 -48.08 35.51
N GLU G 297 40.59 -47.54 36.70
CA GLU G 297 41.65 -47.37 37.67
C GLU G 297 42.15 -48.73 38.18
N ASP G 298 41.24 -49.71 38.32
CA ASP G 298 41.55 -51.06 38.79
C ASP G 298 42.37 -51.82 37.76
N MET G 299 42.14 -51.58 36.46
CA MET G 299 42.90 -52.25 35.41
C MET G 299 44.34 -51.78 35.30
N GLY G 300 44.68 -50.65 35.89
CA GLY G 300 46.02 -50.12 35.83
C GLY G 300 46.16 -48.81 35.08
N LEU G 301 45.07 -48.34 34.46
CA LEU G 301 45.08 -47.10 33.70
C LEU G 301 45.13 -45.91 34.64
N ASP G 302 45.97 -44.90 34.35
CA ASP G 302 46.12 -43.73 35.23
C ASP G 302 44.85 -42.89 35.33
N LYS G 303 44.45 -42.56 36.58
CA LYS G 303 43.25 -41.78 36.85
C LYS G 303 43.26 -40.40 36.23
N GLU G 304 44.33 -39.60 36.47
CA GLU G 304 44.42 -38.24 35.94
C GLU G 304 44.60 -38.19 34.42
N GLN G 305 45.33 -39.17 33.84
CA GLN G 305 45.50 -39.20 32.38
C GLN G 305 44.19 -39.59 31.70
N THR G 306 43.38 -40.46 32.32
CA THR G 306 42.09 -40.85 31.77
C THR G 306 41.16 -39.63 31.72
N LEU G 307 41.15 -38.84 32.80
CA LEU G 307 40.32 -37.64 32.91
C LEU G 307 40.73 -36.57 31.92
N GLN G 308 42.03 -36.38 31.70
CA GLN G 308 42.51 -35.37 30.76
C GLN G 308 42.11 -35.71 29.33
N SER G 309 42.21 -36.99 28.98
CA SER G 309 41.82 -37.48 27.67
C SER G 309 40.33 -37.32 27.41
N LEU G 310 39.52 -37.51 28.46
CA LEU G 310 38.08 -37.45 28.41
C LEU G 310 37.59 -36.03 28.27
N ARG G 311 38.14 -35.11 29.08
CA ARG G 311 37.71 -33.73 29.06
C ARG G 311 38.13 -32.99 27.78
N SER G 312 39.25 -33.39 27.17
CA SER G 312 39.75 -32.69 26.00
C SER G 312 39.23 -33.20 24.66
N ASP G 313 38.34 -34.24 24.64
CA ASP G 313 37.83 -34.87 23.40
C ASP G 313 38.96 -35.26 22.47
N ALA G 314 39.96 -35.93 23.05
CA ALA G 314 41.16 -36.38 22.36
C ALA G 314 40.89 -37.55 21.44
N TYR G 315 39.94 -38.43 21.83
CA TYR G 315 39.58 -39.66 21.12
C TYR G 315 40.84 -40.52 20.98
N ASP G 316 41.53 -40.68 22.12
CA ASP G 316 42.79 -41.40 22.25
C ASP G 316 42.55 -42.79 22.89
N HIS G 317 43.63 -43.49 23.25
CA HIS G 317 43.66 -44.82 23.84
C HIS G 317 42.78 -44.90 25.12
N TYR G 318 42.71 -43.83 25.91
CA TYR G 318 41.91 -43.80 27.13
C TYR G 318 40.45 -43.51 26.84
N SER G 319 40.18 -42.59 25.89
CA SER G 319 38.81 -42.25 25.49
C SER G 319 38.10 -43.49 24.97
N ALA G 320 38.80 -44.31 24.16
CA ALA G 320 38.25 -45.54 23.62
C ALA G 320 37.93 -46.56 24.72
N ILE G 321 38.80 -46.76 25.72
CA ILE G 321 38.55 -47.71 26.81
C ILE G 321 37.35 -47.29 27.65
N TYR G 322 37.17 -45.98 27.85
CA TYR G 322 36.02 -45.48 28.58
C TYR G 322 34.73 -45.73 27.76
N SER G 323 34.70 -45.30 26.50
CA SER G 323 33.55 -45.44 25.62
C SER G 323 33.14 -46.88 25.37
N LEU G 324 34.11 -47.80 25.24
CA LEU G 324 33.83 -49.21 25.02
C LEU G 324 33.26 -49.86 26.28
N LEU G 325 33.78 -49.47 27.46
CA LEU G 325 33.33 -49.97 28.76
C LEU G 325 31.91 -49.51 29.14
N CYS G 326 31.42 -48.45 28.49
CA CYS G 326 30.09 -47.91 28.73
C CYS G 326 29.05 -48.61 27.84
N ASP G 327 29.19 -49.95 27.67
CA ASP G 327 28.32 -50.81 26.87
C ASP G 327 28.07 -52.15 27.57
N GLU H 1 32.94 -77.85 -15.06
CA GLU H 1 32.69 -78.44 -13.74
C GLU H 1 31.68 -77.62 -12.92
N VAL H 2 31.56 -76.30 -13.19
CA VAL H 2 30.60 -75.49 -12.46
C VAL H 2 29.21 -75.80 -13.01
N GLN H 3 28.25 -76.08 -12.13
CA GLN H 3 26.90 -76.39 -12.58
C GLN H 3 25.85 -75.79 -11.66
N LEU H 4 24.68 -75.46 -12.21
CA LEU H 4 23.60 -74.89 -11.41
C LEU H 4 22.59 -76.01 -11.22
N VAL H 5 22.42 -76.47 -10.00
CA VAL H 5 21.51 -77.57 -9.68
C VAL H 5 20.18 -77.07 -9.14
N GLN H 6 19.11 -77.25 -9.92
CA GLN H 6 17.79 -76.78 -9.54
C GLN H 6 16.96 -77.80 -8.75
N SER H 7 15.91 -77.32 -8.07
CA SER H 7 15.01 -78.19 -7.31
C SER H 7 14.10 -79.01 -8.26
N GLY H 8 13.45 -80.03 -7.72
CA GLY H 8 12.61 -80.92 -8.50
C GLY H 8 11.31 -80.33 -8.98
N ALA H 9 10.68 -80.99 -9.95
CA ALA H 9 9.39 -80.60 -10.54
C ALA H 9 8.25 -80.64 -9.50
N GLY H 10 7.20 -79.87 -9.74
CA GLY H 10 6.06 -79.83 -8.84
C GLY H 10 4.72 -79.46 -9.45
N VAL H 11 3.64 -79.78 -8.72
CA VAL H 11 2.28 -79.43 -9.10
C VAL H 11 1.72 -78.49 -8.05
N LYS H 12 1.18 -77.36 -8.50
CA LYS H 12 0.61 -76.40 -7.58
C LYS H 12 -0.86 -76.13 -7.93
N LYS H 13 -1.71 -75.95 -6.92
CA LYS H 13 -3.10 -75.61 -7.15
C LYS H 13 -3.16 -74.10 -7.44
N PRO H 14 -4.11 -73.67 -8.29
CA PRO H 14 -4.18 -72.23 -8.61
C PRO H 14 -4.42 -71.36 -7.37
N GLY H 15 -3.65 -70.28 -7.26
CA GLY H 15 -3.73 -69.36 -6.14
C GLY H 15 -2.56 -69.48 -5.19
N SER H 16 -1.96 -70.67 -5.13
CA SER H 16 -0.82 -70.96 -4.27
C SER H 16 0.50 -70.32 -4.78
N SER H 17 1.62 -70.52 -4.07
CA SER H 17 2.90 -69.99 -4.51
C SER H 17 3.96 -71.10 -4.60
N VAL H 18 4.93 -70.95 -5.51
CA VAL H 18 5.97 -71.95 -5.69
C VAL H 18 7.37 -71.37 -5.43
N LYS H 19 8.24 -72.13 -4.74
CA LYS H 19 9.60 -71.70 -4.49
C LYS H 19 10.58 -72.63 -5.17
N VAL H 20 11.39 -72.11 -6.10
CA VAL H 20 12.37 -72.91 -6.83
C VAL H 20 13.79 -72.53 -6.38
N SER H 21 14.67 -73.51 -6.19
CA SER H 21 16.04 -73.25 -5.77
C SER H 21 17.03 -73.49 -6.91
N CYS H 22 18.24 -72.96 -6.77
CA CYS H 22 19.28 -73.10 -7.78
C CYS H 22 20.61 -73.01 -7.07
N LYS H 23 21.26 -74.16 -6.81
CA LYS H 23 22.52 -74.19 -6.09
C LYS H 23 23.75 -74.34 -6.97
N SER H 24 24.75 -73.48 -6.79
CA SER H 24 25.97 -73.55 -7.55
C SER H 24 26.92 -74.64 -7.03
N SER H 25 27.17 -75.66 -7.83
CA SER H 25 28.03 -76.78 -7.45
C SER H 25 29.20 -76.85 -8.41
N GLY H 26 29.95 -75.77 -8.48
CA GLY H 26 31.08 -75.68 -9.39
C GLY H 26 32.40 -75.62 -8.69
N GLY H 27 32.81 -74.40 -8.35
CA GLY H 27 34.07 -74.17 -7.67
C GLY H 27 34.55 -72.74 -7.77
N THR H 28 35.25 -72.29 -6.68
CA THR H 28 35.85 -70.96 -6.41
C THR H 28 34.77 -69.83 -6.43
N SER H 29 34.12 -69.63 -7.60
CA SER H 29 33.04 -68.69 -7.88
C SER H 29 32.03 -68.57 -6.70
N GLY H 30 32.28 -67.58 -5.84
CA GLY H 30 31.42 -67.29 -4.70
C GLY H 30 30.40 -66.22 -5.04
N SER H 31 30.80 -65.27 -5.93
CA SER H 31 29.97 -64.14 -6.36
C SER H 31 29.47 -64.28 -7.81
N SER H 32 28.15 -64.37 -8.00
CA SER H 32 27.55 -64.54 -9.32
C SER H 32 26.31 -63.62 -9.51
N ALA H 33 25.70 -63.60 -10.72
CA ALA H 33 24.51 -62.79 -10.95
C ALA H 33 23.48 -63.62 -11.68
N VAL H 34 22.79 -64.50 -10.93
CA VAL H 34 21.76 -65.38 -11.46
C VAL H 34 20.47 -64.62 -11.75
N SER H 35 19.85 -64.89 -12.91
CA SER H 35 18.56 -64.39 -13.38
C SER H 35 17.61 -65.60 -13.51
N TRP H 36 16.30 -65.37 -13.51
CA TRP H 36 15.31 -66.44 -13.67
C TRP H 36 14.58 -66.25 -14.97
N ILE H 37 14.54 -67.28 -15.80
CA ILE H 37 13.91 -67.26 -17.13
C ILE H 37 12.93 -68.44 -17.23
N ARG H 38 11.70 -68.21 -17.71
CA ARG H 38 10.73 -69.30 -17.84
C ARG H 38 10.34 -69.59 -19.30
N GLN H 39 9.88 -70.80 -19.56
CA GLN H 39 9.48 -71.19 -20.89
C GLN H 39 8.24 -72.06 -20.81
N ALA H 40 7.10 -71.54 -21.24
CA ALA H 40 5.85 -72.31 -21.22
C ALA H 40 5.91 -73.46 -22.23
N PRO H 41 5.17 -74.56 -22.00
CA PRO H 41 5.23 -75.69 -22.95
C PRO H 41 4.99 -75.32 -24.41
N GLY H 42 6.00 -75.54 -25.24
CA GLY H 42 5.96 -75.23 -26.67
C GLY H 42 6.03 -73.75 -26.99
N GLN H 43 6.42 -72.93 -26.03
CA GLN H 43 6.50 -71.49 -26.18
C GLN H 43 7.96 -71.00 -26.11
N GLY H 44 8.15 -69.70 -26.29
CA GLY H 44 9.47 -69.09 -26.21
C GLY H 44 9.90 -68.81 -24.79
N VAL H 45 11.18 -68.44 -24.64
CA VAL H 45 11.79 -68.14 -23.37
C VAL H 45 11.46 -66.68 -22.94
N GLU H 46 11.38 -66.43 -21.61
CA GLU H 46 10.97 -65.13 -21.08
C GLU H 46 11.72 -64.79 -19.81
N TRP H 47 12.36 -63.59 -19.75
CA TRP H 47 13.09 -63.16 -18.56
C TRP H 47 12.16 -62.63 -17.47
N MET H 48 12.30 -63.16 -16.25
CA MET H 48 11.43 -62.76 -15.15
C MET H 48 12.05 -61.74 -14.22
N GLY H 49 13.35 -61.88 -13.99
CA GLY H 49 14.06 -61.00 -13.08
C GLY H 49 15.41 -61.55 -12.69
N GLY H 50 16.09 -60.87 -11.80
CA GLY H 50 17.41 -61.26 -11.35
C GLY H 50 18.34 -60.08 -11.13
N ILE H 51 19.61 -60.36 -10.84
CA ILE H 51 20.60 -59.31 -10.59
C ILE H 51 21.10 -58.73 -11.93
N THR H 52 20.88 -57.42 -12.17
CA THR H 52 21.24 -56.77 -13.45
C THR H 52 22.07 -55.48 -13.36
N SER H 53 22.41 -55.03 -12.15
CA SER H 53 23.18 -53.81 -11.96
C SER H 53 23.93 -53.85 -10.65
N ILE H 54 24.97 -53.03 -10.53
CA ILE H 54 25.72 -52.90 -9.29
C ILE H 54 24.93 -52.10 -8.21
N PHE H 55 23.86 -51.36 -8.62
CA PHE H 55 23.05 -50.44 -7.83
C PHE H 55 22.00 -51.03 -6.88
N GLY H 56 21.25 -52.03 -7.31
CA GLY H 56 20.17 -52.57 -6.48
C GLY H 56 20.29 -54.02 -6.07
N PRO H 57 19.48 -54.43 -5.08
CA PRO H 57 19.51 -55.83 -4.61
C PRO H 57 18.96 -56.84 -5.61
N ALA H 58 17.99 -56.42 -6.42
CA ALA H 58 17.35 -57.25 -7.45
C ALA H 58 16.61 -56.36 -8.44
N ASN H 59 16.41 -56.86 -9.65
CA ASN H 59 15.65 -56.14 -10.67
C ASN H 59 14.62 -57.09 -11.25
N TYR H 60 13.36 -56.71 -11.24
CA TYR H 60 12.30 -57.58 -11.73
C TYR H 60 11.70 -57.04 -13.01
N ALA H 61 11.28 -57.94 -13.92
CA ALA H 61 10.59 -57.53 -15.13
C ALA H 61 9.18 -57.05 -14.68
N GLN H 62 8.67 -55.93 -15.23
CA GLN H 62 7.38 -55.34 -14.83
C GLN H 62 6.22 -56.34 -14.65
N LYS H 63 6.08 -57.26 -15.59
CA LYS H 63 5.08 -58.31 -15.63
C LYS H 63 5.08 -59.14 -14.33
N PHE H 64 6.27 -59.39 -13.76
CA PHE H 64 6.46 -60.21 -12.59
C PHE H 64 6.70 -59.45 -11.28
N GLN H 65 6.89 -58.13 -11.34
CA GLN H 65 7.17 -57.32 -10.15
C GLN H 65 6.27 -57.61 -8.93
N ASP H 66 4.96 -57.70 -9.16
CA ASP H 66 3.96 -57.92 -8.12
C ASP H 66 3.92 -59.32 -7.51
N ARG H 67 4.38 -60.36 -8.24
CA ARG H 67 4.28 -61.74 -7.72
C ARG H 67 5.61 -62.47 -7.50
N LEU H 68 6.71 -61.91 -7.98
CA LEU H 68 8.02 -62.55 -7.86
C LEU H 68 8.82 -61.98 -6.70
N LYS H 69 9.54 -62.87 -6.02
CA LYS H 69 10.48 -62.58 -4.97
C LYS H 69 11.76 -63.31 -5.34
N ILE H 70 12.89 -62.60 -5.43
CA ILE H 70 14.17 -63.22 -5.75
C ILE H 70 15.13 -63.02 -4.58
N THR H 71 15.58 -64.13 -3.99
CA THR H 71 16.46 -64.11 -2.83
C THR H 71 17.71 -64.97 -3.02
N ALA H 72 18.71 -64.83 -2.12
CA ALA H 72 19.93 -65.61 -2.20
C ALA H 72 20.50 -65.92 -0.84
N ASP H 73 21.04 -67.12 -0.68
CA ASP H 73 21.70 -67.55 0.55
C ASP H 73 23.18 -67.70 0.22
N LYS H 74 23.96 -66.65 0.50
CA LYS H 74 25.40 -66.56 0.23
C LYS H 74 26.19 -67.71 0.83
N ALA H 75 25.80 -68.09 2.05
CA ALA H 75 26.42 -69.15 2.84
C ALA H 75 26.43 -70.48 2.09
N THR H 76 25.32 -70.84 1.42
CA THR H 76 25.23 -72.11 0.71
C THR H 76 25.32 -72.01 -0.80
N ASN H 77 25.50 -70.79 -1.35
CA ASN H 77 25.54 -70.56 -2.79
C ASN H 77 24.25 -70.99 -3.48
N THR H 78 23.11 -70.78 -2.81
CA THR H 78 21.82 -71.14 -3.38
C THR H 78 20.99 -69.89 -3.64
N VAL H 79 20.39 -69.79 -4.82
CA VAL H 79 19.55 -68.68 -5.18
C VAL H 79 18.11 -69.17 -5.26
N TYR H 80 17.15 -68.38 -4.78
CA TYR H 80 15.75 -68.78 -4.79
C TYR H 80 14.87 -67.87 -5.63
N MET H 81 13.69 -68.37 -6.00
CA MET H 81 12.69 -67.68 -6.79
C MET H 81 11.34 -68.08 -6.22
N GLU H 82 10.49 -67.12 -5.89
CA GLU H 82 9.17 -67.42 -5.35
C GLU H 82 8.09 -66.70 -6.13
N LEU H 83 7.29 -67.45 -6.89
CA LEU H 83 6.20 -66.89 -7.68
C LEU H 83 4.89 -67.19 -6.96
N SER H 84 4.16 -66.14 -6.58
CA SER H 84 2.91 -66.29 -5.85
C SER H 84 1.68 -66.05 -6.74
N GLY H 85 0.49 -66.42 -6.24
CA GLY H 85 -0.77 -66.26 -6.96
C GLY H 85 -0.75 -66.95 -8.31
N LEU H 86 -0.36 -68.22 -8.31
CA LEU H 86 -0.24 -69.00 -9.53
C LEU H 86 -1.53 -69.19 -10.28
N THR H 87 -1.46 -69.09 -11.60
CA THR H 87 -2.60 -69.32 -12.51
C THR H 87 -2.17 -70.38 -13.53
N PHE H 88 -3.11 -70.93 -14.28
CA PHE H 88 -2.78 -71.94 -15.31
C PHE H 88 -1.76 -71.44 -16.33
N GLU H 89 -1.60 -70.11 -16.46
CA GLU H 89 -0.64 -69.49 -17.39
C GLU H 89 0.80 -69.52 -16.87
N ASP H 90 1.00 -69.88 -15.58
CA ASP H 90 2.31 -69.98 -14.95
C ASP H 90 2.94 -71.37 -15.10
N THR H 91 2.24 -72.34 -15.76
CA THR H 91 2.78 -73.69 -16.01
C THR H 91 3.90 -73.51 -17.01
N ALA H 92 5.15 -73.77 -16.60
CA ALA H 92 6.31 -73.55 -17.43
C ALA H 92 7.55 -74.26 -16.86
N VAL H 93 8.66 -74.32 -17.62
CA VAL H 93 9.93 -74.80 -17.10
C VAL H 93 10.68 -73.54 -16.65
N TYR H 94 11.13 -73.50 -15.40
CA TYR H 94 11.83 -72.34 -14.86
C TYR H 94 13.31 -72.65 -14.80
N TYR H 95 14.12 -71.83 -15.47
CA TYR H 95 15.58 -71.99 -15.49
C TYR H 95 16.23 -70.85 -14.72
N CYS H 96 17.36 -71.14 -14.10
CA CYS H 96 18.18 -70.09 -13.51
C CYS H 96 19.40 -70.01 -14.44
N ALA H 97 19.83 -68.80 -14.76
CA ALA H 97 20.97 -68.61 -15.64
C ALA H 97 21.90 -67.58 -15.08
N ARG H 98 23.22 -67.79 -15.20
CA ARG H 98 24.23 -66.88 -14.66
C ARG H 98 24.65 -65.88 -15.73
N VAL H 99 24.85 -64.59 -15.39
CA VAL H 99 25.34 -63.60 -16.36
C VAL H 99 26.86 -63.75 -16.44
N GLY H 100 27.36 -63.94 -17.65
CA GLY H 100 28.76 -64.20 -17.91
C GLY H 100 29.82 -63.18 -17.57
N ASP H 101 29.50 -61.89 -17.70
CA ASP H 101 30.48 -60.85 -17.42
C ASP H 101 30.28 -60.14 -16.08
N TYR H 102 29.72 -60.84 -15.08
CA TYR H 102 29.49 -60.26 -13.75
C TYR H 102 30.77 -59.74 -13.11
N ASN H 103 31.87 -60.45 -13.32
CA ASN H 103 33.17 -60.08 -12.80
C ASN H 103 33.69 -58.72 -13.33
N PHE H 104 33.12 -58.23 -14.45
CA PHE H 104 33.52 -56.96 -15.05
C PHE H 104 32.73 -55.74 -14.58
N TRP H 105 31.59 -55.96 -13.91
CA TRP H 105 30.69 -54.88 -13.45
C TRP H 105 31.33 -53.88 -12.48
N ASN H 106 31.23 -52.59 -12.81
CA ASN H 106 31.77 -51.49 -11.99
C ASN H 106 30.94 -50.21 -12.05
N GLY H 107 29.74 -50.27 -12.63
CA GLY H 107 28.85 -49.13 -12.76
C GLY H 107 28.98 -48.45 -14.11
N HIS H 108 30.21 -48.42 -14.65
CA HIS H 108 30.46 -47.83 -15.96
C HIS H 108 30.46 -48.88 -17.06
N TYR H 109 30.92 -50.11 -16.76
CA TYR H 109 30.97 -51.18 -17.76
C TYR H 109 29.56 -51.57 -18.16
N ARG H 110 29.29 -51.58 -19.48
CA ARG H 110 27.97 -51.97 -19.99
C ARG H 110 27.93 -53.47 -20.24
N SER H 111 27.22 -54.21 -19.38
CA SER H 111 27.14 -55.66 -19.52
C SER H 111 26.43 -56.09 -20.80
N GLY H 112 26.83 -57.25 -21.33
CA GLY H 112 26.21 -57.82 -22.53
C GLY H 112 24.99 -58.66 -22.21
N TYR H 113 24.83 -59.03 -20.92
CA TYR H 113 23.76 -59.83 -20.32
C TYR H 113 23.64 -61.18 -20.95
N TYR H 114 24.78 -61.80 -21.26
CA TYR H 114 24.77 -63.12 -21.86
C TYR H 114 24.75 -64.17 -20.79
N PHE H 115 23.93 -65.21 -20.98
CA PHE H 115 23.80 -66.26 -20.00
C PHE H 115 24.77 -67.41 -20.26
N ASP H 116 25.86 -67.35 -19.49
CA ASP H 116 27.02 -68.21 -19.39
C ASP H 116 26.63 -69.66 -19.11
N LEU H 117 25.96 -69.92 -17.98
CA LEU H 117 25.57 -71.22 -17.49
C LEU H 117 24.08 -71.23 -17.24
N TRP H 118 23.40 -72.33 -17.58
CA TRP H 118 21.98 -72.48 -17.34
C TRP H 118 21.72 -73.74 -16.50
N GLY H 119 20.70 -73.70 -15.66
CA GLY H 119 20.28 -74.87 -14.90
C GLY H 119 19.52 -75.81 -15.83
N ARG H 120 19.35 -77.08 -15.43
CA ARG H 120 18.64 -78.05 -16.26
C ARG H 120 17.13 -77.73 -16.44
N GLY H 121 16.57 -76.88 -15.58
CA GLY H 121 15.18 -76.49 -15.62
C GLY H 121 14.34 -77.16 -14.55
N THR H 122 13.27 -76.48 -14.10
CA THR H 122 12.33 -77.05 -13.12
C THR H 122 10.92 -76.95 -13.69
N LEU H 123 10.26 -78.09 -13.90
CA LEU H 123 8.93 -78.09 -14.48
C LEU H 123 7.88 -77.82 -13.41
N VAL H 124 7.28 -76.64 -13.41
CA VAL H 124 6.23 -76.32 -12.44
C VAL H 124 4.90 -76.31 -13.17
N THR H 125 3.94 -77.11 -12.72
CA THR H 125 2.63 -77.18 -13.39
C THR H 125 1.51 -76.74 -12.48
N VAL H 126 0.56 -75.94 -13.00
CA VAL H 126 -0.57 -75.49 -12.21
C VAL H 126 -1.80 -76.29 -12.57
N SER H 127 -2.37 -77.03 -11.60
CA SER H 127 -3.54 -77.86 -11.84
C SER H 127 -4.49 -77.87 -10.66
N SER H 128 -5.78 -77.76 -10.94
CA SER H 128 -6.80 -77.75 -9.90
C SER H 128 -7.27 -79.16 -9.58
N VAL H 147 9.11 -59.45 -27.78
CA VAL H 147 9.46 -58.03 -27.99
C VAL H 147 10.40 -57.89 -29.20
N LEU H 148 11.33 -58.86 -29.35
CA LEU H 148 12.27 -58.91 -30.48
C LEU H 148 11.61 -59.78 -31.59
N THR H 149 11.66 -59.31 -32.83
CA THR H 149 10.99 -60.02 -33.92
C THR H 149 11.89 -60.96 -34.73
N GLN H 150 11.60 -62.26 -34.64
CA GLN H 150 12.31 -63.32 -35.37
C GLN H 150 11.31 -64.09 -36.22
N PRO H 151 11.68 -64.57 -37.41
CA PRO H 151 10.77 -65.44 -38.17
C PRO H 151 10.53 -66.75 -37.41
N PRO H 152 9.31 -67.30 -37.48
CA PRO H 152 8.99 -68.51 -36.71
C PRO H 152 9.78 -69.75 -37.15
N SER H 153 10.13 -69.81 -38.42
CA SER H 153 10.85 -70.96 -38.96
C SER H 153 11.75 -70.56 -40.11
N ALA H 154 12.82 -71.32 -40.27
CA ALA H 154 13.80 -71.18 -41.34
C ALA H 154 14.24 -72.57 -41.76
N SER H 155 14.64 -72.72 -43.01
CA SER H 155 15.06 -74.02 -43.50
C SER H 155 16.15 -73.91 -44.55
N GLY H 156 16.91 -74.99 -44.71
CA GLY H 156 17.99 -75.07 -45.67
C GLY H 156 18.43 -76.49 -45.93
N THR H 157 19.01 -76.72 -47.13
CA THR H 157 19.55 -78.04 -47.46
C THR H 157 20.96 -78.12 -46.86
N PRO H 158 21.45 -79.33 -46.53
CA PRO H 158 22.80 -79.44 -45.94
C PRO H 158 23.88 -78.87 -46.85
N GLY H 159 24.83 -78.16 -46.24
CA GLY H 159 25.92 -77.51 -46.97
C GLY H 159 25.65 -76.05 -47.24
N GLN H 160 24.38 -75.69 -47.36
CA GLN H 160 23.92 -74.33 -47.64
C GLN H 160 24.04 -73.40 -46.42
N ARG H 161 23.78 -72.09 -46.60
CA ARG H 161 23.84 -71.12 -45.51
C ARG H 161 22.43 -70.61 -45.18
N VAL H 162 22.03 -70.65 -43.89
CA VAL H 162 20.72 -70.14 -43.49
C VAL H 162 20.90 -68.91 -42.59
N THR H 163 20.13 -67.84 -42.83
CA THR H 163 20.25 -66.63 -42.02
C THR H 163 18.96 -66.31 -41.29
N ILE H 164 19.07 -66.06 -39.99
CA ILE H 164 17.93 -65.72 -39.14
C ILE H 164 17.99 -64.25 -38.80
N SER H 165 16.95 -63.49 -39.14
CA SER H 165 16.89 -62.08 -38.82
C SER H 165 16.34 -61.89 -37.39
N CYS H 166 16.57 -60.70 -36.82
CA CYS H 166 16.10 -60.38 -35.49
C CYS H 166 16.01 -58.87 -35.42
N SER H 167 14.84 -58.28 -35.65
CA SER H 167 14.68 -56.84 -35.56
C SER H 167 14.16 -56.42 -34.19
N GLY H 168 14.48 -55.20 -33.78
CA GLY H 168 14.05 -54.65 -32.51
C GLY H 168 13.90 -53.15 -32.55
N SER H 169 13.97 -52.53 -31.37
CA SER H 169 13.85 -51.07 -31.24
C SER H 169 15.18 -50.42 -30.81
N SER H 170 15.24 -49.08 -30.82
CA SER H 170 16.44 -48.36 -30.44
C SER H 170 16.76 -48.46 -28.96
N SER H 171 15.78 -48.76 -28.09
CA SER H 171 16.08 -48.91 -26.65
C SER H 171 16.76 -50.26 -26.33
N ASN H 172 16.57 -51.29 -27.18
CA ASN H 172 17.22 -52.58 -26.97
C ASN H 172 18.41 -52.80 -27.94
N ILE H 173 18.20 -53.34 -29.17
CA ILE H 173 19.28 -53.61 -30.12
C ILE H 173 20.04 -52.36 -30.53
N GLY H 174 19.34 -51.23 -30.62
CA GLY H 174 19.96 -49.97 -30.98
C GLY H 174 20.97 -49.45 -29.99
N SER H 175 20.86 -49.86 -28.71
CA SER H 175 21.76 -49.40 -27.65
C SER H 175 22.62 -50.48 -26.99
N ASN H 176 22.24 -51.76 -27.14
CA ASN H 176 22.91 -52.88 -26.47
C ASN H 176 23.35 -54.00 -27.43
N THR H 177 24.31 -54.84 -26.99
CA THR H 177 24.77 -55.97 -27.79
C THR H 177 23.72 -57.06 -27.90
N VAL H 178 23.79 -57.84 -28.98
CA VAL H 178 22.87 -58.95 -29.22
C VAL H 178 23.57 -60.29 -28.94
N ASN H 179 22.85 -61.21 -28.26
CA ASN H 179 23.28 -62.57 -27.94
C ASN H 179 22.35 -63.57 -28.63
N TRP H 180 22.87 -64.74 -29.02
CA TRP H 180 22.06 -65.79 -29.63
C TRP H 180 22.18 -67.06 -28.82
N TYR H 181 21.09 -67.81 -28.70
CA TYR H 181 21.05 -69.07 -27.96
C TYR H 181 20.51 -70.18 -28.85
N GLN H 182 21.06 -71.38 -28.71
CA GLN H 182 20.58 -72.53 -29.45
C GLN H 182 19.91 -73.47 -28.46
N GLN H 183 18.66 -73.85 -28.72
CA GLN H 183 17.95 -74.76 -27.84
C GLN H 183 17.59 -76.08 -28.53
N LEU H 184 18.23 -77.16 -28.09
CA LEU H 184 17.94 -78.49 -28.62
C LEU H 184 16.75 -79.10 -27.84
N PRO H 185 16.04 -80.09 -28.42
CA PRO H 185 14.88 -80.65 -27.72
C PRO H 185 15.17 -81.25 -26.36
N GLY H 186 14.39 -80.85 -25.37
CA GLY H 186 14.54 -81.35 -24.00
C GLY H 186 15.73 -80.81 -23.24
N THR H 187 16.35 -79.74 -23.74
CA THR H 187 17.52 -79.15 -23.08
C THR H 187 17.34 -77.63 -22.88
N ALA H 188 18.11 -77.05 -21.96
CA ALA H 188 18.08 -75.61 -21.71
C ALA H 188 18.75 -74.87 -22.85
N PRO H 189 18.40 -73.59 -23.08
CA PRO H 189 19.10 -72.81 -24.12
C PRO H 189 20.61 -72.73 -23.86
N LYS H 190 21.42 -72.72 -24.93
CA LYS H 190 22.89 -72.68 -24.78
C LYS H 190 23.42 -71.44 -25.47
N LEU H 191 24.39 -70.73 -24.88
CA LEU H 191 24.97 -69.54 -25.53
C LEU H 191 25.65 -69.93 -26.84
N LEU H 192 25.28 -69.26 -27.93
CA LEU H 192 25.84 -69.54 -29.24
C LEU H 192 26.69 -68.35 -29.69
N ILE H 193 26.18 -67.14 -29.54
CA ILE H 193 26.87 -65.90 -29.93
C ILE H 193 26.70 -64.91 -28.79
N TYR H 194 27.77 -64.24 -28.38
CA TYR H 194 27.68 -63.19 -27.36
C TYR H 194 28.32 -61.91 -27.90
N SER H 195 27.93 -60.74 -27.35
CA SER H 195 28.50 -59.46 -27.77
C SER H 195 28.54 -59.25 -29.29
N ASN H 196 27.40 -59.50 -29.94
CA ASN H 196 27.14 -59.33 -31.37
C ASN H 196 27.77 -60.38 -32.27
N THR H 197 29.11 -60.57 -32.21
CA THR H 197 29.84 -61.44 -33.13
C THR H 197 30.67 -62.54 -32.49
N GLN H 198 30.91 -62.46 -31.17
CA GLN H 198 31.76 -63.40 -30.46
C GLN H 198 31.17 -64.79 -30.27
N ARG H 199 32.02 -65.82 -30.28
CA ARG H 199 31.58 -67.21 -30.09
C ARG H 199 32.26 -67.82 -28.88
N PRO H 200 31.48 -68.40 -27.96
CA PRO H 200 32.10 -69.10 -26.82
C PRO H 200 32.91 -70.32 -27.27
N SER H 201 33.70 -70.90 -26.34
CA SER H 201 34.51 -72.07 -26.68
C SER H 201 33.61 -73.24 -27.01
N GLY H 202 33.86 -73.91 -28.12
CA GLY H 202 33.05 -75.02 -28.56
C GLY H 202 32.14 -74.72 -29.73
N VAL H 203 31.84 -73.44 -29.96
CA VAL H 203 30.99 -73.05 -31.09
C VAL H 203 31.83 -72.89 -32.36
N PRO H 204 31.53 -73.68 -33.41
CA PRO H 204 32.33 -73.60 -34.65
C PRO H 204 32.19 -72.30 -35.42
N ASP H 205 33.20 -71.96 -36.22
CA ASP H 205 33.21 -70.74 -37.03
C ASP H 205 32.12 -70.68 -38.13
N ARG H 206 31.31 -71.75 -38.26
CA ARG H 206 30.19 -71.78 -39.21
C ARG H 206 29.13 -70.78 -38.76
N PHE H 207 28.88 -70.68 -37.44
CA PHE H 207 27.94 -69.74 -36.86
C PHE H 207 28.60 -68.38 -36.76
N SER H 208 27.93 -67.34 -37.23
CA SER H 208 28.46 -65.98 -37.15
C SER H 208 27.34 -64.97 -36.87
N GLY H 209 27.66 -63.95 -36.09
CA GLY H 209 26.69 -62.93 -35.76
C GLY H 209 26.98 -61.60 -36.40
N SER H 210 25.97 -60.70 -36.40
CA SER H 210 26.08 -59.35 -36.97
C SER H 210 25.00 -58.43 -36.40
N LYS H 211 25.25 -57.11 -36.40
CA LYS H 211 24.29 -56.14 -35.88
C LYS H 211 24.45 -54.82 -36.60
N SER H 212 23.33 -54.26 -37.08
CA SER H 212 23.33 -52.96 -37.73
C SER H 212 22.12 -52.18 -37.26
N ALA H 213 22.38 -51.01 -36.67
CA ALA H 213 21.37 -50.10 -36.11
C ALA H 213 20.36 -50.85 -35.15
N THR H 214 19.14 -51.30 -35.56
CA THR H 214 18.23 -51.98 -34.65
C THR H 214 17.96 -53.43 -35.03
N SER H 215 18.84 -54.04 -35.84
CA SER H 215 18.64 -55.43 -36.26
C SER H 215 19.89 -56.26 -36.16
N ALA H 216 19.70 -57.52 -35.87
CA ALA H 216 20.77 -58.50 -35.73
C ALA H 216 20.51 -59.69 -36.63
N SER H 217 21.57 -60.42 -36.97
CA SER H 217 21.44 -61.57 -37.86
C SER H 217 22.38 -62.67 -37.45
N LEU H 218 21.92 -63.91 -37.59
CA LEU H 218 22.74 -65.07 -37.29
C LEU H 218 22.87 -65.86 -38.59
N ALA H 219 24.09 -66.15 -39.01
CA ALA H 219 24.31 -66.93 -40.22
C ALA H 219 24.86 -68.31 -39.85
N ILE H 220 24.21 -69.38 -40.31
CA ILE H 220 24.68 -70.74 -40.08
C ILE H 220 25.19 -71.23 -41.43
N SER H 221 26.50 -71.13 -41.65
CA SER H 221 27.11 -71.56 -42.91
C SER H 221 27.40 -73.07 -42.86
N GLY H 222 27.44 -73.70 -44.04
CA GLY H 222 27.68 -75.14 -44.16
C GLY H 222 26.77 -76.00 -43.32
N LEU H 223 25.48 -75.66 -43.31
CA LEU H 223 24.40 -76.30 -42.55
C LEU H 223 24.51 -77.81 -42.41
N GLN H 224 24.38 -78.32 -41.19
CA GLN H 224 24.43 -79.75 -40.89
C GLN H 224 23.14 -80.19 -40.20
N SER H 225 22.83 -81.50 -40.25
CA SER H 225 21.64 -82.08 -39.60
C SER H 225 21.60 -81.73 -38.12
N GLU H 226 22.78 -81.73 -37.46
CA GLU H 226 22.94 -81.42 -36.04
C GLU H 226 22.53 -79.99 -35.67
N ASP H 227 22.30 -79.11 -36.66
CA ASP H 227 21.90 -77.73 -36.42
C ASP H 227 20.38 -77.55 -36.27
N GLU H 228 19.59 -78.61 -36.51
CA GLU H 228 18.13 -78.56 -36.38
C GLU H 228 17.80 -78.33 -34.91
N ALA H 229 17.41 -77.08 -34.58
CA ALA H 229 17.13 -76.62 -33.22
C ALA H 229 16.37 -75.28 -33.24
N ASP H 230 15.93 -74.76 -32.08
CA ASP H 230 15.29 -73.45 -31.98
C ASP H 230 16.39 -72.42 -31.66
N TYR H 231 16.34 -71.25 -32.29
CA TYR H 231 17.36 -70.23 -32.06
C TYR H 231 16.74 -68.96 -31.54
N TYR H 232 17.27 -68.42 -30.44
CA TYR H 232 16.73 -67.21 -29.84
C TYR H 232 17.72 -66.09 -29.85
N CYS H 233 17.30 -64.88 -30.24
CA CYS H 233 18.15 -63.70 -30.10
C CYS H 233 17.72 -62.99 -28.82
N ALA H 234 18.64 -62.30 -28.17
CA ALA H 234 18.35 -61.60 -26.93
C ALA H 234 19.21 -60.34 -26.83
N ALA H 235 18.69 -59.34 -26.15
CA ALA H 235 19.40 -58.10 -25.93
C ALA H 235 18.85 -57.39 -24.71
N TRP H 236 19.70 -56.60 -24.05
CA TRP H 236 19.27 -55.78 -22.94
C TRP H 236 18.37 -54.67 -23.48
N ASP H 237 17.30 -54.37 -22.76
CA ASP H 237 16.40 -53.30 -23.15
C ASP H 237 16.47 -52.22 -22.08
N ASP H 238 16.89 -51.01 -22.49
CA ASP H 238 16.99 -49.86 -21.59
C ASP H 238 15.65 -49.22 -21.23
N SER H 239 14.52 -49.78 -21.72
CA SER H 239 13.17 -49.32 -21.39
C SER H 239 12.93 -49.61 -19.92
N LEU H 240 12.21 -48.70 -19.23
CA LEU H 240 11.87 -48.90 -17.82
C LEU H 240 13.18 -49.08 -16.97
N ASN H 241 13.15 -49.81 -15.82
CA ASN H 241 14.36 -50.02 -15.02
C ASN H 241 15.37 -51.01 -15.66
N GLY H 242 15.18 -51.31 -16.94
CA GLY H 242 15.99 -52.25 -17.68
C GLY H 242 15.47 -53.65 -17.54
N HIS H 243 15.57 -54.43 -18.62
CA HIS H 243 15.12 -55.83 -18.66
C HIS H 243 15.69 -56.52 -19.88
N VAL H 244 15.83 -57.84 -19.82
CA VAL H 244 16.35 -58.57 -20.97
C VAL H 244 15.17 -59.01 -21.81
N VAL H 245 15.23 -58.69 -23.12
CA VAL H 245 14.19 -59.09 -24.04
C VAL H 245 14.67 -60.24 -24.92
N PHE H 246 13.74 -61.09 -25.34
CA PHE H 246 14.04 -62.23 -26.19
C PHE H 246 13.19 -62.23 -27.46
N GLY H 247 13.68 -62.94 -28.47
CA GLY H 247 12.94 -63.15 -29.71
C GLY H 247 11.98 -64.33 -29.52
N GLY H 248 11.02 -64.46 -30.43
CA GLY H 248 10.06 -65.56 -30.35
C GLY H 248 10.65 -66.93 -30.64
N GLY H 249 11.79 -66.95 -31.30
CA GLY H 249 12.47 -68.18 -31.67
C GLY H 249 12.32 -68.50 -33.14
N THR H 250 13.28 -69.25 -33.67
CA THR H 250 13.27 -69.66 -35.06
C THR H 250 13.61 -71.13 -35.11
N LYS H 251 12.68 -71.93 -35.62
CA LYS H 251 12.89 -73.36 -35.72
C LYS H 251 13.59 -73.63 -37.02
N VAL H 252 14.90 -73.87 -36.95
CA VAL H 252 15.65 -74.18 -38.15
C VAL H 252 15.49 -75.65 -38.44
N THR H 253 15.03 -75.97 -39.65
CA THR H 253 14.77 -77.32 -40.13
C THR H 253 15.78 -77.61 -41.24
N VAL H 254 16.52 -78.72 -41.12
CA VAL H 254 17.50 -79.09 -42.13
C VAL H 254 16.87 -80.14 -43.03
N LEU H 255 16.56 -79.79 -44.29
CA LEU H 255 15.94 -80.75 -45.21
C LEU H 255 16.94 -81.83 -45.72
N GLY H 256 16.54 -82.63 -46.70
CA GLY H 256 17.40 -83.68 -47.24
C GLY H 256 18.44 -83.13 -48.19
N ALA H 257 19.54 -83.87 -48.39
CA ALA H 257 20.63 -83.47 -49.28
C ALA H 257 20.09 -83.40 -50.70
N ALA H 258 19.81 -82.17 -51.17
CA ALA H 258 19.22 -81.82 -52.47
C ALA H 258 19.46 -82.83 -53.59
N ALA H 259 18.40 -83.07 -54.39
CA ALA H 259 18.40 -83.97 -55.53
C ALA H 259 19.40 -83.47 -56.56
N GLU H 260 20.51 -84.20 -56.72
CA GLU H 260 21.55 -83.80 -57.65
C GLU H 260 21.37 -84.43 -59.02
N ASN H 261 21.84 -83.73 -60.04
CA ASN H 261 21.79 -84.22 -61.41
C ASN H 261 22.83 -85.32 -61.57
N LEU H 262 22.52 -86.36 -62.35
CA LEU H 262 23.48 -87.45 -62.57
C LEU H 262 24.37 -87.24 -63.82
N TYR H 263 24.11 -86.20 -64.61
CA TYR H 263 24.92 -85.87 -65.77
C TYR H 263 25.89 -84.75 -65.34
N PHE H 264 27.21 -85.00 -65.46
CA PHE H 264 28.25 -84.03 -65.07
C PHE H 264 29.64 -84.46 -65.56
N ARG I 5 -57.26 14.02 -26.65
CA ARG I 5 -56.65 15.34 -26.80
C ARG I 5 -56.78 15.87 -28.27
N ILE I 6 -55.78 15.68 -29.22
CA ILE I 6 -55.99 16.19 -30.58
C ILE I 6 -56.17 15.05 -31.58
N GLY I 7 -57.42 14.80 -31.90
CA GLY I 7 -57.79 13.76 -32.84
C GLY I 7 -57.69 12.40 -32.19
N TYR I 8 -57.04 11.46 -32.88
CA TYR I 8 -56.86 10.12 -32.34
C TYR I 8 -55.62 10.02 -31.45
N TYR I 9 -55.10 11.15 -30.92
CA TYR I 9 -53.86 11.19 -30.13
C TYR I 9 -54.03 11.76 -28.74
N GLU I 10 -53.30 11.18 -27.78
CA GLU I 10 -53.28 11.64 -26.40
C GLU I 10 -51.93 12.30 -26.20
N ILE I 11 -51.93 13.62 -26.11
CA ILE I 11 -50.73 14.45 -26.00
C ILE I 11 -50.11 14.43 -24.60
N ASP I 12 -48.76 14.48 -24.51
CA ASP I 12 -48.12 14.53 -23.19
C ASP I 12 -46.80 15.45 -23.20
N ARG I 13 -45.64 15.03 -22.61
CA ARG I 13 -44.41 15.82 -22.50
C ARG I 13 -43.84 16.43 -23.78
N THR I 14 -43.26 17.61 -23.65
CA THR I 14 -42.63 18.29 -24.77
C THR I 14 -41.29 17.61 -25.02
N ILE I 15 -40.98 17.32 -26.28
CA ILE I 15 -39.71 16.68 -26.62
C ILE I 15 -38.87 17.49 -27.63
N GLY I 16 -39.24 18.74 -27.88
CA GLY I 16 -38.49 19.56 -28.82
C GLY I 16 -39.04 20.94 -29.00
N LYS I 17 -38.25 21.82 -29.59
CA LYS I 17 -38.66 23.19 -29.82
C LYS I 17 -38.01 23.80 -31.05
N GLY I 18 -38.84 24.26 -31.96
CA GLY I 18 -38.37 24.96 -33.13
C GLY I 18 -38.58 26.46 -32.94
N ASN I 19 -38.29 27.26 -33.97
CA ASN I 19 -38.51 28.71 -33.88
C ASN I 19 -40.00 29.04 -33.87
N PHE I 20 -40.81 28.29 -34.61
CA PHE I 20 -42.26 28.54 -34.66
C PHE I 20 -43.14 27.36 -34.17
N ALA I 21 -42.49 26.24 -33.80
CA ALA I 21 -43.16 25.00 -33.43
C ALA I 21 -42.73 24.39 -32.08
N VAL I 22 -43.59 23.50 -31.51
CA VAL I 22 -43.30 22.74 -30.30
C VAL I 22 -43.56 21.28 -30.57
N VAL I 23 -42.56 20.41 -30.43
CA VAL I 23 -42.75 18.98 -30.64
C VAL I 23 -43.10 18.32 -29.31
N LYS I 24 -44.15 17.51 -29.30
CA LYS I 24 -44.66 16.83 -28.11
C LYS I 24 -44.76 15.33 -28.36
N ARG I 25 -44.55 14.53 -27.31
CA ARG I 25 -44.73 13.09 -27.43
C ARG I 25 -46.23 12.80 -27.28
N ALA I 26 -46.79 11.93 -28.13
CA ALA I 26 -48.22 11.58 -28.04
C ALA I 26 -48.44 10.06 -28.26
N THR I 27 -49.66 9.56 -27.99
CA THR I 27 -49.96 8.13 -28.14
C THR I 27 -51.16 7.99 -29.04
N HIS I 28 -51.09 7.11 -30.05
CA HIS I 28 -52.22 6.89 -30.95
C HIS I 28 -53.20 6.06 -30.17
N LEU I 29 -54.39 6.56 -29.95
CA LEU I 29 -55.40 5.93 -29.13
C LEU I 29 -55.86 4.56 -29.62
N VAL I 30 -55.98 4.34 -30.94
CA VAL I 30 -56.46 3.06 -31.45
C VAL I 30 -55.37 2.00 -31.58
N THR I 31 -54.10 2.40 -31.75
CA THR I 31 -53.01 1.42 -31.94
C THR I 31 -52.07 1.32 -30.71
N LYS I 32 -52.17 2.28 -29.78
CA LYS I 32 -51.33 2.41 -28.57
C LYS I 32 -49.86 2.71 -28.88
N ALA I 33 -49.56 3.11 -30.14
CA ALA I 33 -48.20 3.42 -30.55
C ALA I 33 -47.77 4.80 -30.12
N LYS I 34 -46.46 5.00 -29.95
CA LYS I 34 -45.93 6.29 -29.58
C LYS I 34 -45.54 7.08 -30.84
N VAL I 35 -45.99 8.34 -30.93
CA VAL I 35 -45.71 9.20 -32.07
C VAL I 35 -45.14 10.55 -31.61
N ALA I 36 -44.58 11.34 -32.54
CA ALA I 36 -44.07 12.67 -32.24
C ALA I 36 -44.96 13.65 -32.99
N ILE I 37 -45.47 14.70 -32.35
CA ILE I 37 -46.36 15.64 -33.04
C ILE I 37 -45.87 17.05 -33.02
N LYS I 38 -45.45 17.57 -34.19
CA LYS I 38 -44.98 18.95 -34.31
C LYS I 38 -46.20 19.86 -34.33
N ILE I 39 -46.36 20.70 -33.31
CA ILE I 39 -47.52 21.58 -33.19
C ILE I 39 -47.15 22.99 -33.59
N ILE I 40 -47.88 23.55 -34.60
CA ILE I 40 -47.63 24.91 -35.11
C ILE I 40 -48.89 25.79 -35.04
N ASP I 41 -48.82 26.96 -34.39
CA ASP I 41 -49.98 27.85 -34.34
C ASP I 41 -49.93 28.82 -35.51
N LYS I 42 -50.85 28.65 -36.46
CA LYS I 42 -50.93 29.45 -37.68
C LYS I 42 -51.22 30.94 -37.43
N THR I 43 -51.85 31.28 -36.28
CA THR I 43 -52.18 32.68 -35.95
C THR I 43 -50.93 33.53 -35.78
N GLN I 44 -49.86 32.92 -35.18
CA GLN I 44 -48.55 33.53 -34.93
C GLN I 44 -47.54 33.02 -35.98
N LEU I 45 -47.80 33.33 -37.27
CA LEU I 45 -46.93 32.85 -38.35
C LEU I 45 -46.55 33.95 -39.39
N ASP I 46 -46.41 33.62 -40.71
CA ASP I 46 -46.00 34.51 -41.80
C ASP I 46 -46.24 33.80 -43.14
N GLU I 47 -46.55 34.54 -44.22
CA GLU I 47 -46.81 33.95 -45.55
C GLU I 47 -45.61 33.17 -46.16
N GLU I 48 -44.41 33.77 -46.13
CA GLU I 48 -43.19 33.13 -46.63
C GLU I 48 -42.81 31.94 -45.71
N ASN I 49 -43.11 32.04 -44.39
CA ASN I 49 -42.86 31.01 -43.37
C ASN I 49 -43.78 29.79 -43.56
N LEU I 50 -45.05 30.03 -43.95
CA LEU I 50 -46.07 29.00 -44.17
C LEU I 50 -45.74 28.17 -45.38
N LYS I 51 -45.22 28.81 -46.45
CA LYS I 51 -44.79 28.10 -47.65
C LYS I 51 -43.69 27.09 -47.30
N LYS I 52 -42.80 27.43 -46.35
CA LYS I 52 -41.74 26.55 -45.88
C LYS I 52 -42.29 25.35 -45.10
N ILE I 53 -43.40 25.52 -44.39
CA ILE I 53 -44.03 24.42 -43.66
C ILE I 53 -44.61 23.44 -44.66
N PHE I 54 -45.36 23.95 -45.65
CA PHE I 54 -45.95 23.08 -46.67
C PHE I 54 -44.89 22.46 -47.59
N ARG I 55 -43.72 23.12 -47.76
CA ARG I 55 -42.62 22.55 -48.53
C ARG I 55 -42.04 21.38 -47.76
N GLU I 56 -41.84 21.56 -46.43
CA GLU I 56 -41.33 20.54 -45.52
C GLU I 56 -42.23 19.29 -45.58
N VAL I 57 -43.56 19.49 -45.56
CA VAL I 57 -44.52 18.39 -45.63
C VAL I 57 -44.37 17.62 -46.94
N GLN I 58 -44.30 18.33 -48.07
CA GLN I 58 -44.14 17.68 -49.36
C GLN I 58 -42.81 16.94 -49.48
N ILE I 59 -41.73 17.49 -48.91
CA ILE I 59 -40.42 16.84 -48.93
C ILE I 59 -40.44 15.57 -48.10
N MET I 60 -41.10 15.60 -46.95
CA MET I 60 -41.20 14.43 -46.09
C MET I 60 -42.01 13.31 -46.70
N LYS I 61 -43.00 13.64 -47.55
CA LYS I 61 -43.82 12.64 -48.24
C LYS I 61 -43.00 11.84 -49.28
N MET I 62 -41.87 12.42 -49.77
CA MET I 62 -40.97 11.79 -50.74
C MET I 62 -39.93 10.89 -50.06
N LEU I 63 -39.63 11.13 -48.77
CA LEU I 63 -38.59 10.40 -48.09
C LEU I 63 -39.03 9.27 -47.18
N SER I 64 -38.96 8.05 -47.69
CA SER I 64 -39.24 6.87 -46.88
C SER I 64 -37.92 6.12 -46.76
N HIS I 65 -37.26 6.24 -45.59
CA HIS I 65 -35.95 5.61 -45.39
C HIS I 65 -35.82 5.08 -43.95
N PRO I 66 -35.11 3.94 -43.74
CA PRO I 66 -34.94 3.42 -42.37
C PRO I 66 -34.18 4.33 -41.42
N HIS I 67 -33.42 5.31 -41.95
CA HIS I 67 -32.67 6.26 -41.14
C HIS I 67 -33.17 7.68 -41.23
N ILE I 68 -34.44 7.87 -41.62
CA ILE I 68 -35.09 9.17 -41.70
C ILE I 68 -36.41 9.05 -40.93
N ILE I 69 -36.78 10.12 -40.20
CA ILE I 69 -38.02 10.13 -39.43
C ILE I 69 -39.20 10.04 -40.41
N ARG I 70 -40.11 9.09 -40.16
CA ARG I 70 -41.22 8.85 -41.10
C ARG I 70 -42.43 9.68 -40.75
N LEU I 71 -42.99 10.39 -41.73
CA LEU I 71 -44.21 11.18 -41.55
C LEU I 71 -45.41 10.21 -41.64
N TYR I 72 -46.33 10.30 -40.69
CA TYR I 72 -47.50 9.42 -40.65
C TYR I 72 -48.80 10.12 -41.03
N GLN I 73 -49.03 11.31 -40.50
CA GLN I 73 -50.28 12.02 -40.70
C GLN I 73 -50.08 13.53 -40.67
N VAL I 74 -50.89 14.26 -41.43
CA VAL I 74 -50.89 15.70 -41.42
C VAL I 74 -52.31 16.16 -41.12
N MET I 75 -52.49 16.89 -40.03
CA MET I 75 -53.82 17.39 -39.64
C MET I 75 -53.79 18.90 -39.63
N GLU I 76 -54.86 19.54 -40.08
CA GLU I 76 -54.92 21.01 -40.07
C GLU I 76 -56.28 21.54 -39.63
N THR I 77 -56.31 22.28 -38.52
CA THR I 77 -57.53 22.87 -37.99
C THR I 77 -57.54 24.39 -38.36
N GLU I 78 -58.60 25.13 -37.91
CA GLU I 78 -58.75 26.57 -38.10
C GLU I 78 -57.53 27.37 -37.61
N ARG I 79 -56.94 26.97 -36.46
CA ARG I 79 -55.80 27.70 -35.88
C ARG I 79 -54.47 26.93 -35.85
N MET I 80 -54.52 25.60 -36.02
CA MET I 80 -53.32 24.76 -35.90
C MET I 80 -52.94 23.87 -37.10
N ILE I 81 -51.66 23.50 -37.20
CA ILE I 81 -51.18 22.56 -38.20
C ILE I 81 -50.29 21.56 -37.46
N TYR I 82 -50.63 20.27 -37.53
CA TYR I 82 -49.89 19.21 -36.85
C TYR I 82 -49.28 18.22 -37.79
N LEU I 83 -48.06 17.81 -37.53
CA LEU I 83 -47.42 16.77 -38.32
C LEU I 83 -47.12 15.65 -37.36
N VAL I 84 -47.72 14.51 -37.59
CA VAL I 84 -47.52 13.34 -36.76
C VAL I 84 -46.45 12.51 -37.43
N THR I 85 -45.31 12.29 -36.75
CA THR I 85 -44.20 11.49 -37.26
C THR I 85 -43.85 10.34 -36.29
N GLU I 86 -42.91 9.44 -36.68
CA GLU I 86 -42.49 8.37 -35.78
C GLU I 86 -41.70 8.92 -34.61
N TYR I 87 -41.67 8.18 -33.50
CA TYR I 87 -40.97 8.62 -32.31
C TYR I 87 -39.72 7.75 -32.10
N ALA I 88 -38.53 8.39 -32.04
CA ALA I 88 -37.26 7.69 -31.77
C ALA I 88 -37.11 7.59 -30.24
N SER I 89 -37.38 6.42 -29.66
CA SER I 89 -37.40 6.21 -28.22
C SER I 89 -36.07 6.04 -27.50
N GLY I 90 -34.96 6.20 -28.20
CA GLY I 90 -33.65 6.00 -27.59
C GLY I 90 -32.94 7.25 -27.11
N GLY I 91 -33.30 8.38 -27.69
CA GLY I 91 -32.66 9.64 -27.37
C GLY I 91 -32.11 10.30 -28.61
N GLU I 92 -31.19 11.24 -28.45
CA GLU I 92 -30.58 11.94 -29.59
C GLU I 92 -29.05 11.94 -29.45
N ILE I 93 -28.31 12.29 -30.49
CA ILE I 93 -26.85 12.31 -30.45
C ILE I 93 -26.31 13.38 -29.49
N PHE I 94 -26.92 14.57 -29.46
CA PHE I 94 -26.46 15.63 -28.57
C PHE I 94 -26.56 15.21 -27.11
N ASP I 95 -27.70 14.67 -26.67
CA ASP I 95 -27.85 14.22 -25.30
C ASP I 95 -26.94 13.05 -24.97
N HIS I 96 -26.67 12.19 -25.95
CA HIS I 96 -25.80 11.05 -25.74
C HIS I 96 -24.38 11.51 -25.50
N LEU I 97 -23.92 12.55 -26.24
CA LEU I 97 -22.57 13.10 -26.05
C LEU I 97 -22.46 13.85 -24.71
N VAL I 98 -23.53 14.50 -24.28
CA VAL I 98 -23.54 15.19 -22.98
C VAL I 98 -23.47 14.15 -21.86
N ALA I 99 -24.18 13.02 -22.00
CA ALA I 99 -24.20 11.99 -20.97
C ALA I 99 -22.97 11.11 -20.90
N HIS I 100 -22.41 10.71 -22.06
CA HIS I 100 -21.31 9.77 -22.07
C HIS I 100 -19.99 10.25 -22.67
N GLY I 101 -19.98 11.45 -23.23
CA GLY I 101 -18.77 11.99 -23.83
C GLY I 101 -18.51 11.45 -25.22
N ARG I 102 -17.31 11.69 -25.74
CA ARG I 102 -16.95 11.26 -27.10
C ARG I 102 -17.15 9.77 -27.34
N MET I 103 -17.52 9.43 -28.57
CA MET I 103 -17.71 8.04 -28.96
C MET I 103 -16.40 7.44 -29.42
N ALA I 104 -16.25 6.12 -29.19
CA ALA I 104 -15.10 5.40 -29.72
C ALA I 104 -15.26 5.36 -31.24
N GLU I 105 -14.16 5.40 -32.01
CA GLU I 105 -14.28 5.42 -33.47
C GLU I 105 -15.09 4.24 -34.03
N LYS I 106 -15.13 3.11 -33.31
CA LYS I 106 -15.95 1.97 -33.71
C LYS I 106 -17.45 2.29 -33.59
N GLU I 107 -17.86 2.91 -32.47
CA GLU I 107 -19.25 3.29 -32.24
C GLU I 107 -19.65 4.46 -33.16
N ALA I 108 -18.75 5.43 -33.33
CA ALA I 108 -18.98 6.61 -34.16
C ALA I 108 -19.06 6.24 -35.64
N ARG I 109 -18.31 5.20 -36.08
CA ARG I 109 -18.34 4.73 -37.48
C ARG I 109 -19.68 4.13 -37.82
N ARG I 110 -20.26 3.37 -36.89
CA ARG I 110 -21.57 2.79 -37.08
C ARG I 110 -22.65 3.84 -37.26
N LYS I 111 -22.70 4.84 -36.37
CA LYS I 111 -23.70 5.91 -36.47
C LYS I 111 -23.47 6.78 -37.70
N PHE I 112 -22.20 7.07 -38.06
CA PHE I 112 -21.92 7.89 -39.24
C PHE I 112 -22.29 7.17 -40.51
N LYS I 113 -22.17 5.83 -40.55
CA LYS I 113 -22.59 5.06 -41.72
C LYS I 113 -24.09 5.25 -41.97
N GLN I 114 -24.90 5.21 -40.91
CA GLN I 114 -26.36 5.39 -41.00
C GLN I 114 -26.73 6.79 -41.43
N ILE I 115 -26.00 7.78 -40.91
CA ILE I 115 -26.20 9.19 -41.25
C ILE I 115 -25.91 9.42 -42.74
N VAL I 116 -24.71 9.03 -43.24
CA VAL I 116 -24.40 9.24 -44.66
C VAL I 116 -25.37 8.46 -45.57
N THR I 117 -25.96 7.37 -45.07
CA THR I 117 -26.94 6.56 -45.78
C THR I 117 -28.20 7.39 -46.02
N ALA I 118 -28.66 8.11 -44.99
CA ALA I 118 -29.84 8.95 -45.08
C ALA I 118 -29.61 10.24 -45.86
N VAL I 119 -28.41 10.82 -45.77
CA VAL I 119 -28.10 12.04 -46.50
C VAL I 119 -27.92 11.74 -47.99
N TYR I 120 -27.29 10.59 -48.32
CA TYR I 120 -27.10 10.17 -49.72
C TYR I 120 -28.47 9.92 -50.35
N PHE I 121 -29.39 9.26 -49.60
CA PHE I 121 -30.75 8.98 -50.06
C PHE I 121 -31.46 10.27 -50.42
N CYS I 122 -31.31 11.33 -49.60
CA CYS I 122 -31.91 12.63 -49.84
C CYS I 122 -31.38 13.22 -51.14
N HIS I 123 -30.06 13.21 -51.31
CA HIS I 123 -29.44 13.75 -52.51
C HIS I 123 -29.84 12.98 -53.77
N SER I 124 -30.21 11.68 -53.62
CA SER I 124 -30.70 10.86 -54.74
C SER I 124 -32.06 11.34 -55.16
N ARG I 125 -32.93 11.68 -54.18
CA ARG I 125 -34.26 12.20 -54.47
C ARG I 125 -34.26 13.72 -54.77
N ASN I 126 -33.05 14.32 -54.96
CA ASN I 126 -32.85 15.74 -55.23
C ASN I 126 -33.33 16.64 -54.10
N ILE I 127 -32.97 16.30 -52.85
CA ILE I 127 -33.34 17.05 -51.66
C ILE I 127 -32.10 17.30 -50.79
N VAL I 128 -31.90 18.54 -50.35
CA VAL I 128 -30.84 18.85 -49.41
C VAL I 128 -31.47 19.09 -48.04
N HIS I 129 -30.78 18.74 -46.94
CA HIS I 129 -31.34 18.92 -45.59
C HIS I 129 -31.12 20.35 -45.10
N ARG I 130 -29.87 20.86 -45.22
CA ARG I 130 -29.45 22.21 -44.84
C ARG I 130 -29.60 22.55 -43.34
N ASP I 131 -29.74 21.55 -42.46
CA ASP I 131 -29.87 21.78 -41.02
C ASP I 131 -29.45 20.53 -40.24
N LEU I 132 -28.35 19.90 -40.65
CA LEU I 132 -27.85 18.72 -39.96
C LEU I 132 -27.12 19.20 -38.72
N LYS I 133 -27.52 18.70 -37.57
CA LYS I 133 -26.91 19.03 -36.28
C LYS I 133 -27.06 17.86 -35.31
N ALA I 134 -26.24 17.81 -34.26
CA ALA I 134 -26.28 16.71 -33.29
C ALA I 134 -27.66 16.53 -32.66
N GLU I 135 -28.31 17.64 -32.35
CA GLU I 135 -29.60 17.63 -31.71
C GLU I 135 -30.72 17.03 -32.59
N ASN I 136 -30.59 17.06 -33.94
CA ASN I 136 -31.64 16.45 -34.78
C ASN I 136 -31.12 15.23 -35.57
N LEU I 137 -30.39 14.38 -34.86
CA LEU I 137 -29.89 13.08 -35.27
C LEU I 137 -30.37 12.19 -34.13
N LEU I 138 -31.57 11.63 -34.27
CA LEU I 138 -32.15 10.85 -33.19
C LEU I 138 -31.65 9.39 -33.15
N LEU I 139 -31.99 8.65 -32.08
CA LEU I 139 -31.66 7.25 -31.90
C LEU I 139 -32.92 6.45 -31.57
N ASP I 140 -33.21 5.36 -32.28
CA ASP I 140 -34.39 4.51 -31.98
C ASP I 140 -34.14 3.60 -30.75
N ALA I 141 -35.01 2.62 -30.45
CA ALA I 141 -34.82 1.72 -29.30
C ALA I 141 -33.54 0.89 -29.41
N ASN I 142 -33.11 0.57 -30.65
CA ASN I 142 -31.88 -0.21 -30.91
C ASN I 142 -30.65 0.70 -31.13
N LEU I 143 -30.77 2.01 -30.81
CA LEU I 143 -29.77 3.05 -30.95
C LEU I 143 -29.33 3.26 -32.39
N ASN I 144 -30.29 3.22 -33.31
CA ASN I 144 -30.01 3.46 -34.71
C ASN I 144 -30.43 4.86 -35.09
N ILE I 145 -29.67 5.50 -35.97
CA ILE I 145 -29.92 6.86 -36.43
C ILE I 145 -31.28 7.03 -37.19
N LYS I 146 -31.95 8.16 -36.91
CA LYS I 146 -33.18 8.62 -37.52
C LYS I 146 -33.04 10.11 -37.64
N ILE I 147 -32.73 10.64 -38.82
CA ILE I 147 -32.61 12.08 -39.02
C ILE I 147 -33.99 12.76 -38.91
N ALA I 148 -34.05 13.95 -38.33
CA ALA I 148 -35.32 14.67 -38.15
C ALA I 148 -35.19 16.16 -38.62
N ASP I 149 -36.31 16.96 -38.57
CA ASP I 149 -36.35 18.39 -38.90
C ASP I 149 -35.95 18.73 -40.33
N PHE I 150 -36.90 18.64 -41.25
CA PHE I 150 -36.66 19.01 -42.64
C PHE I 150 -37.26 20.38 -42.93
N GLY I 151 -37.29 21.26 -41.92
CA GLY I 151 -37.86 22.59 -41.98
C GLY I 151 -37.08 23.55 -42.85
N PHE I 152 -35.78 23.32 -42.99
CA PHE I 152 -34.92 24.14 -43.85
C PHE I 152 -34.48 23.40 -45.11
N SER I 153 -35.03 22.22 -45.36
CA SER I 153 -34.69 21.45 -46.54
C SER I 153 -35.28 22.06 -47.82
N ASN I 154 -34.73 21.68 -48.98
CA ASN I 154 -35.22 22.18 -50.26
C ASN I 154 -34.91 21.22 -51.40
N LEU I 155 -35.69 21.30 -52.46
CA LEU I 155 -35.47 20.52 -53.66
C LEU I 155 -34.38 21.21 -54.47
N PHE I 156 -33.49 20.43 -55.11
CA PHE I 156 -32.42 21.01 -55.90
C PHE I 156 -32.24 20.32 -57.25
N THR I 157 -31.63 21.04 -58.18
CA THR I 157 -31.30 20.50 -59.48
C THR I 157 -29.78 20.34 -59.47
N PRO I 158 -29.23 19.14 -59.70
CA PRO I 158 -27.76 18.98 -59.70
C PRO I 158 -27.04 20.00 -60.60
N GLY I 159 -26.32 20.91 -59.96
CA GLY I 159 -25.60 21.98 -60.65
C GLY I 159 -26.26 23.34 -60.51
N GLN I 160 -27.19 23.48 -59.53
CA GLN I 160 -27.84 24.77 -59.31
C GLN I 160 -27.33 25.44 -58.05
N LEU I 161 -27.46 26.77 -57.99
CA LEU I 161 -27.03 27.54 -56.85
C LEU I 161 -28.26 27.94 -56.05
N LEU I 162 -28.27 27.62 -54.75
CA LEU I 162 -29.37 27.97 -53.87
C LEU I 162 -29.13 29.33 -53.22
N LYS I 163 -30.20 30.04 -52.86
CA LYS I 163 -30.04 31.38 -52.28
C LYS I 163 -30.74 31.58 -50.92
N TRP I 165 -30.08 31.52 -46.99
CA TRP I 165 -29.02 31.44 -45.99
C TRP I 165 -29.57 30.93 -44.66
N CYS I 166 -29.53 29.60 -44.49
CA CYS I 166 -30.05 28.92 -43.32
C CYS I 166 -29.10 27.81 -42.83
N GLY I 167 -29.33 27.34 -41.60
CA GLY I 167 -28.54 26.27 -41.02
C GLY I 167 -28.16 26.53 -39.58
N SER I 168 -27.73 25.48 -38.87
CA SER I 168 -27.32 25.62 -37.48
C SER I 168 -25.95 26.26 -37.52
N PRO I 169 -25.76 27.44 -36.90
CA PRO I 169 -24.46 28.11 -36.99
C PRO I 169 -23.21 27.25 -36.75
N PRO I 170 -23.08 26.40 -35.69
CA PRO I 170 -21.86 25.60 -35.54
C PRO I 170 -21.62 24.56 -36.65
N TYR I 171 -22.66 24.21 -37.43
CA TYR I 171 -22.53 23.24 -38.53
C TYR I 171 -22.62 23.87 -39.92
N ALA I 172 -22.91 25.19 -39.99
CA ALA I 172 -23.07 25.92 -41.24
C ALA I 172 -21.77 26.10 -41.98
N ALA I 173 -21.79 25.86 -43.30
CA ALA I 173 -20.62 26.00 -44.16
C ALA I 173 -20.24 27.48 -44.29
N PRO I 174 -18.95 27.80 -44.52
CA PRO I 174 -18.55 29.22 -44.62
C PRO I 174 -19.34 30.05 -45.64
N GLU I 175 -19.72 29.49 -46.79
CA GLU I 175 -20.48 30.20 -47.84
C GLU I 175 -21.79 30.78 -47.32
N LEU I 176 -22.43 30.07 -46.38
CA LEU I 176 -23.70 30.46 -45.78
C LEU I 176 -23.51 31.72 -44.92
N PHE I 177 -22.42 31.78 -44.14
CA PHE I 177 -22.10 32.96 -43.33
C PHE I 177 -21.77 34.16 -44.24
N GLU I 178 -21.09 33.90 -45.36
CA GLU I 178 -20.70 34.94 -46.31
C GLU I 178 -21.81 35.40 -47.25
N GLY I 179 -22.97 34.74 -47.23
CA GLY I 179 -24.09 35.10 -48.08
C GLY I 179 -23.83 34.86 -49.56
N LYS I 180 -23.14 33.75 -49.87
CA LYS I 180 -22.81 33.39 -51.25
C LYS I 180 -23.80 32.36 -51.77
N GLU I 181 -24.11 32.38 -53.11
CA GLU I 181 -24.97 31.35 -53.71
C GLU I 181 -24.16 30.04 -53.68
N TYR I 182 -24.80 28.94 -53.29
CA TYR I 182 -24.07 27.71 -53.01
C TYR I 182 -24.63 26.43 -53.64
N ASP I 183 -23.80 25.38 -53.69
CA ASP I 183 -24.24 24.07 -54.13
C ASP I 183 -24.76 23.37 -52.89
N GLY I 184 -26.00 22.89 -52.97
CA GLY I 184 -26.69 22.21 -51.90
C GLY I 184 -25.92 21.08 -51.25
N PRO I 185 -25.64 19.98 -51.97
CA PRO I 185 -24.90 18.87 -51.36
C PRO I 185 -23.57 19.24 -50.72
N LYS I 186 -22.81 20.20 -51.30
CA LYS I 186 -21.54 20.65 -50.72
C LYS I 186 -21.72 21.27 -49.32
N VAL I 187 -22.87 21.89 -49.08
CA VAL I 187 -23.21 22.50 -47.79
C VAL I 187 -23.53 21.39 -46.76
N ASP I 188 -24.16 20.30 -47.20
CA ASP I 188 -24.47 19.16 -46.33
C ASP I 188 -23.20 18.38 -46.01
N ILE I 189 -22.25 18.30 -46.95
CA ILE I 189 -20.98 17.62 -46.73
C ILE I 189 -20.16 18.33 -45.65
N TRP I 190 -20.18 19.69 -45.63
CA TRP I 190 -19.50 20.44 -44.56
C TRP I 190 -20.14 20.11 -43.21
N SER I 191 -21.48 20.10 -43.11
CA SER I 191 -22.19 19.77 -41.88
C SER I 191 -21.81 18.38 -41.39
N LEU I 192 -21.70 17.41 -42.31
CA LEU I 192 -21.29 16.04 -42.00
C LEU I 192 -19.90 15.95 -41.40
N GLY I 193 -19.01 16.85 -41.84
CA GLY I 193 -17.65 16.95 -41.31
C GLY I 193 -17.66 17.38 -39.85
N VAL I 194 -18.55 18.33 -39.52
CA VAL I 194 -18.73 18.83 -38.15
C VAL I 194 -19.37 17.74 -37.29
N VAL I 195 -20.37 17.03 -37.84
CA VAL I 195 -21.05 15.92 -37.19
C VAL I 195 -20.04 14.80 -36.86
N LEU I 196 -19.17 14.45 -37.80
CA LEU I 196 -18.16 13.41 -37.55
C LEU I 196 -17.17 13.87 -36.49
N TYR I 197 -16.78 15.15 -36.52
CA TYR I 197 -15.86 15.70 -35.54
C TYR I 197 -16.47 15.63 -34.15
N VAL I 198 -17.69 16.16 -33.97
CA VAL I 198 -18.36 16.19 -32.68
C VAL I 198 -18.67 14.76 -32.17
N LEU I 199 -18.85 13.78 -33.06
CA LEU I 199 -19.09 12.40 -32.64
C LEU I 199 -17.84 11.80 -31.98
N VAL I 200 -16.68 11.99 -32.60
CA VAL I 200 -15.44 11.40 -32.08
C VAL I 200 -14.69 12.28 -31.07
N CYS I 201 -15.08 13.56 -30.92
CA CYS I 201 -14.44 14.48 -29.98
C CYS I 201 -15.27 14.88 -28.79
N GLY I 202 -16.58 14.80 -28.92
CA GLY I 202 -17.49 15.24 -27.87
C GLY I 202 -17.47 16.74 -27.66
N ALA I 203 -17.06 17.50 -28.69
CA ALA I 203 -16.94 18.95 -28.73
C ALA I 203 -16.89 19.41 -30.18
N LEU I 204 -17.23 20.68 -30.43
CA LEU I 204 -17.27 21.24 -31.78
C LEU I 204 -15.90 21.64 -32.32
N PRO I 205 -15.67 21.56 -33.64
CA PRO I 205 -14.39 22.03 -34.20
C PRO I 205 -14.28 23.57 -34.18
N PHE I 206 -15.45 24.24 -34.40
CA PHE I 206 -15.65 25.69 -34.42
C PHE I 206 -16.69 26.05 -33.36
N ASP I 207 -16.30 26.84 -32.36
CA ASP I 207 -17.13 27.25 -31.23
C ASP I 207 -16.70 28.68 -30.75
N GLY I 208 -17.59 29.35 -30.05
CA GLY I 208 -17.35 30.68 -29.50
C GLY I 208 -18.38 31.12 -28.49
N SER I 209 -18.12 32.24 -27.78
CA SER I 209 -19.07 32.73 -26.79
C SER I 209 -20.37 33.25 -27.39
N THR I 210 -20.30 33.78 -28.62
CA THR I 210 -21.44 34.34 -29.33
C THR I 210 -21.43 33.86 -30.81
N LEU I 211 -22.51 34.15 -31.53
CA LEU I 211 -22.62 33.85 -32.95
C LEU I 211 -21.54 34.62 -33.75
N GLN I 212 -21.22 35.87 -33.33
CA GLN I 212 -20.22 36.65 -34.03
C GLN I 212 -18.84 36.01 -33.90
N ASN I 213 -18.53 35.47 -32.72
CA ASN I 213 -17.25 34.81 -32.47
C ASN I 213 -17.17 33.48 -33.21
N LEU I 214 -18.29 32.74 -33.23
CA LEU I 214 -18.40 31.45 -33.91
C LEU I 214 -18.15 31.66 -35.41
N ARG I 215 -18.77 32.69 -36.01
CA ARG I 215 -18.61 32.99 -37.43
C ARG I 215 -17.14 33.20 -37.79
N ALA I 216 -16.43 34.02 -37.01
CA ALA I 216 -15.03 34.31 -37.23
C ALA I 216 -14.13 33.06 -37.17
N ARG I 217 -14.58 32.01 -36.48
CA ARG I 217 -13.86 30.75 -36.34
C ARG I 217 -14.19 29.82 -37.51
N VAL I 218 -15.45 29.78 -37.94
CA VAL I 218 -15.85 28.97 -39.09
C VAL I 218 -15.16 29.45 -40.35
N LEU I 219 -15.12 30.77 -40.54
CA LEU I 219 -14.48 31.36 -41.70
C LEU I 219 -12.97 31.15 -41.72
N SER I 220 -12.34 30.94 -40.56
CA SER I 220 -10.91 30.67 -40.48
C SER I 220 -10.57 29.29 -41.09
N GLY I 221 -11.48 28.32 -40.92
CA GLY I 221 -11.28 26.97 -41.41
C GLY I 221 -10.31 26.15 -40.59
N LYS I 222 -9.62 26.77 -39.60
CA LYS I 222 -8.66 26.09 -38.75
C LYS I 222 -9.39 25.44 -37.56
N PHE I 223 -8.97 24.23 -37.19
CA PHE I 223 -9.58 23.49 -36.09
C PHE I 223 -8.57 22.51 -35.50
N ARG I 224 -8.61 22.31 -34.17
CA ARG I 224 -7.67 21.43 -33.48
C ARG I 224 -8.04 19.98 -33.68
N ILE I 225 -7.05 19.13 -33.95
CA ILE I 225 -7.26 17.72 -34.13
C ILE I 225 -6.65 16.97 -32.92
N PRO I 226 -7.51 16.32 -32.10
CA PRO I 226 -7.00 15.70 -30.86
C PRO I 226 -6.12 14.48 -31.03
N PHE I 227 -5.29 14.22 -30.03
CA PHE I 227 -4.35 13.10 -30.03
C PHE I 227 -5.01 11.74 -30.20
N PHE I 228 -6.17 11.55 -29.57
CA PHE I 228 -6.90 10.29 -29.63
C PHE I 228 -7.49 9.95 -30.99
N MET I 229 -7.60 10.95 -31.90
CA MET I 229 -8.18 10.71 -33.20
C MET I 229 -7.19 10.03 -34.13
N SER I 230 -7.64 8.98 -34.81
CA SER I 230 -6.80 8.21 -35.74
C SER I 230 -6.38 9.03 -36.97
N THR I 231 -5.30 8.59 -37.63
CA THR I 231 -4.82 9.25 -38.84
C THR I 231 -5.84 9.14 -39.99
N GLU I 232 -6.58 8.01 -40.05
CA GLU I 232 -7.62 7.76 -41.04
C GLU I 232 -8.79 8.70 -40.83
N CYS I 233 -9.20 8.91 -39.56
CA CYS I 233 -10.32 9.78 -39.23
C CYS I 233 -9.97 11.24 -39.47
N GLU I 234 -8.74 11.65 -39.13
CA GLU I 234 -8.28 13.01 -39.34
C GLU I 234 -8.33 13.38 -40.83
N HIS I 235 -7.90 12.44 -41.69
CA HIS I 235 -7.89 12.64 -43.15
C HIS I 235 -9.29 12.91 -43.67
N LEU I 236 -10.27 12.12 -43.22
CA LEU I 236 -11.65 12.26 -43.66
C LEU I 236 -12.21 13.63 -43.30
N ILE I 237 -12.05 14.06 -42.05
CA ILE I 237 -12.55 15.34 -41.58
C ILE I 237 -11.87 16.50 -42.30
N ARG I 238 -10.53 16.45 -42.41
CA ARG I 238 -9.77 17.50 -43.09
C ARG I 238 -10.16 17.63 -44.57
N HIS I 239 -10.70 16.56 -45.19
CA HIS I 239 -11.12 16.58 -46.59
C HIS I 239 -12.62 16.90 -46.78
N MET I 240 -13.37 17.07 -45.67
CA MET I 240 -14.78 17.48 -45.70
C MET I 240 -14.88 18.94 -45.28
N LEU I 241 -14.11 19.35 -44.24
CA LEU I 241 -14.07 20.73 -43.77
C LEU I 241 -13.05 21.53 -44.57
N VAL I 242 -13.34 21.79 -45.85
CA VAL I 242 -12.49 22.55 -46.75
C VAL I 242 -13.20 23.85 -47.09
N LEU I 243 -12.53 25.00 -46.96
CA LEU I 243 -13.16 26.29 -47.24
C LEU I 243 -13.73 26.39 -48.68
N ASP I 244 -12.99 25.91 -49.70
CA ASP I 244 -13.48 25.91 -51.09
C ASP I 244 -14.41 24.71 -51.26
N PRO I 245 -15.70 24.93 -51.58
CA PRO I 245 -16.64 23.80 -51.70
C PRO I 245 -16.28 22.80 -52.79
N ASN I 246 -15.64 23.29 -53.86
CA ASN I 246 -15.22 22.46 -54.98
C ASN I 246 -14.12 21.46 -54.57
N LYS I 247 -13.31 21.79 -53.54
CA LYS I 247 -12.26 20.91 -53.06
C LYS I 247 -12.72 19.93 -51.96
N ARG I 248 -14.02 19.86 -51.68
CA ARG I 248 -14.58 18.94 -50.69
C ARG I 248 -14.85 17.59 -51.31
N LEU I 249 -14.83 16.53 -50.49
CA LEU I 249 -15.14 15.17 -50.97
C LEU I 249 -16.61 15.11 -51.42
N SER I 250 -16.92 14.23 -52.37
CA SER I 250 -18.31 14.01 -52.77
C SER I 250 -18.90 12.94 -51.83
N MET I 251 -20.22 12.69 -51.91
CA MET I 251 -20.84 11.67 -51.07
C MET I 251 -20.28 10.28 -51.37
N GLU I 252 -19.96 9.99 -52.64
CA GLU I 252 -19.40 8.71 -53.04
C GLU I 252 -17.98 8.53 -52.54
N GLN I 253 -17.19 9.61 -52.50
CA GLN I 253 -15.82 9.57 -51.99
C GLN I 253 -15.82 9.37 -50.47
N ILE I 254 -16.83 9.87 -49.76
CA ILE I 254 -16.95 9.68 -48.32
C ILE I 254 -17.26 8.22 -48.02
N CYS I 255 -18.17 7.61 -48.75
CA CYS I 255 -18.55 6.21 -48.53
C CYS I 255 -17.44 5.21 -48.82
N LYS I 256 -16.54 5.58 -49.74
CA LYS I 256 -15.41 4.72 -50.08
C LYS I 256 -14.13 5.17 -49.40
N HIS I 257 -14.20 5.96 -48.31
CA HIS I 257 -13.01 6.43 -47.60
C HIS I 257 -12.36 5.29 -46.82
N LYS I 258 -11.01 5.33 -46.65
CA LYS I 258 -10.28 4.28 -45.96
C LYS I 258 -10.78 4.05 -44.53
N TRP I 259 -11.24 5.12 -43.85
CA TRP I 259 -11.77 5.03 -42.49
C TRP I 259 -13.14 4.36 -42.49
N MET I 260 -13.97 4.68 -43.48
CA MET I 260 -15.31 4.11 -43.63
C MET I 260 -15.22 2.59 -43.87
N LYS I 261 -14.21 2.15 -44.62
CA LYS I 261 -14.00 0.73 -44.88
C LYS I 261 -13.06 0.10 -43.81
N LEU I 262 -13.49 0.17 -42.52
CA LEU I 262 -12.69 -0.40 -41.42
C LEU I 262 -13.40 -1.52 -40.63
N GLY I 263 -14.68 -1.76 -40.92
CA GLY I 263 -15.45 -2.85 -40.31
C GLY I 263 -15.14 -4.22 -40.88
N ASP I 264 -14.16 -4.30 -41.82
CA ASP I 264 -13.64 -5.48 -42.53
C ASP I 264 -14.66 -6.19 -43.43
N ALA I 265 -15.97 -5.88 -43.23
CA ALA I 265 -17.13 -6.39 -43.95
C ALA I 265 -18.38 -5.73 -43.40
N ASP I 266 -19.27 -5.30 -44.31
CA ASP I 266 -20.58 -4.71 -43.99
C ASP I 266 -21.42 -4.65 -45.27
N PRO I 267 -22.10 -5.76 -45.63
CA PRO I 267 -22.93 -5.74 -46.84
C PRO I 267 -24.21 -4.91 -46.68
N ASN I 268 -24.71 -4.75 -45.45
CA ASN I 268 -25.90 -3.95 -45.20
C ASN I 268 -25.66 -2.47 -45.49
N PHE I 269 -24.40 -1.99 -45.35
CA PHE I 269 -24.06 -0.61 -45.64
C PHE I 269 -24.07 -0.40 -47.15
N ASP I 270 -23.31 -1.24 -47.88
CA ASP I 270 -23.19 -1.23 -49.34
C ASP I 270 -24.52 -1.32 -50.06
N ARG I 271 -25.49 -2.03 -49.43
CA ARG I 271 -26.84 -2.21 -49.95
C ARG I 271 -27.60 -0.87 -49.98
N LEU I 272 -27.55 -0.10 -48.88
CA LEU I 272 -28.24 1.19 -48.83
C LEU I 272 -27.62 2.24 -49.76
N ILE I 273 -26.33 2.09 -50.08
CA ILE I 273 -25.66 3.03 -50.97
C ILE I 273 -26.07 2.74 -52.39
N ALA I 274 -26.12 1.45 -52.78
CA ALA I 274 -26.56 1.03 -54.09
C ALA I 274 -28.02 1.46 -54.29
N GLU I 275 -28.87 1.28 -53.26
CA GLU I 275 -30.28 1.68 -53.25
C GLU I 275 -30.44 3.14 -53.68
N SER I 276 -29.54 3.99 -53.21
CA SER I 276 -29.57 5.40 -53.52
C SER I 276 -28.90 5.74 -54.87
N GLN I 277 -27.59 5.45 -55.04
CA GLN I 277 -26.87 5.82 -56.26
C GLN I 277 -27.46 5.18 -57.53
N GLN I 278 -27.91 3.92 -57.47
CA GLN I 278 -28.51 3.29 -58.65
C GLN I 278 -30.00 3.59 -58.70
N LEU I 279 -30.34 4.82 -59.09
CA LEU I 279 -31.72 5.28 -59.19
C LEU I 279 -32.13 5.55 -60.67
N LYS I 280 -33.44 5.42 -60.98
CA LYS I 280 -33.99 5.63 -62.32
C LYS I 280 -35.48 6.03 -62.27
N PRO I 287 -45.55 -1.70 -52.69
CA PRO I 287 -45.54 -2.71 -51.62
C PRO I 287 -46.75 -2.61 -50.69
N LEU I 288 -47.86 -3.30 -51.02
CA LEU I 288 -49.08 -3.24 -50.19
C LEU I 288 -49.30 -4.47 -49.26
N ASN I 289 -49.54 -4.17 -47.96
CA ASN I 289 -49.72 -5.14 -46.88
C ASN I 289 -51.19 -5.55 -46.71
N GLU I 290 -51.53 -6.77 -47.12
CA GLU I 290 -52.89 -7.28 -47.05
C GLU I 290 -53.35 -7.67 -45.62
N ASP I 291 -52.40 -8.01 -44.75
CA ASP I 291 -52.74 -8.41 -43.38
C ASP I 291 -53.24 -7.20 -42.59
N VAL I 292 -52.57 -6.06 -42.75
CA VAL I 292 -52.91 -4.80 -42.10
C VAL I 292 -54.26 -4.31 -42.60
N LEU I 293 -54.48 -4.39 -43.93
CA LEU I 293 -55.74 -3.97 -44.55
C LEU I 293 -56.93 -4.76 -44.02
N LEU I 294 -56.71 -6.04 -43.68
CA LEU I 294 -57.77 -6.88 -43.14
C LEU I 294 -58.09 -6.48 -41.69
N ALA I 295 -57.05 -6.17 -40.91
CA ALA I 295 -57.19 -5.76 -39.52
C ALA I 295 -57.88 -4.40 -39.41
N MET I 296 -57.60 -3.47 -40.35
CA MET I 296 -58.21 -2.13 -40.40
C MET I 296 -59.70 -2.23 -40.73
N GLU I 297 -60.07 -3.19 -41.58
CA GLU I 297 -61.45 -3.43 -41.95
C GLU I 297 -62.24 -3.94 -40.73
N ASP I 298 -61.60 -4.74 -39.86
CA ASP I 298 -62.20 -5.27 -38.64
C ASP I 298 -62.47 -4.18 -37.60
N MET I 299 -61.61 -3.15 -37.54
CA MET I 299 -61.79 -2.04 -36.60
C MET I 299 -62.99 -1.12 -36.94
N GLY I 300 -63.52 -1.23 -38.15
CA GLY I 300 -64.63 -0.40 -38.58
C GLY I 300 -64.30 0.59 -39.67
N LEU I 301 -63.00 0.71 -40.03
CA LEU I 301 -62.55 1.64 -41.07
C LEU I 301 -62.99 1.12 -42.44
N ASP I 302 -63.54 2.01 -43.31
CA ASP I 302 -64.01 1.61 -44.64
C ASP I 302 -62.90 1.09 -45.54
N LYS I 303 -63.12 -0.06 -46.19
CA LYS I 303 -62.14 -0.70 -47.07
C LYS I 303 -61.74 0.15 -48.26
N GLU I 304 -62.73 0.65 -49.03
CA GLU I 304 -62.45 1.47 -50.21
C GLU I 304 -61.90 2.84 -49.86
N GLN I 305 -62.32 3.39 -48.71
CA GLN I 305 -61.84 4.70 -48.26
C GLN I 305 -60.38 4.62 -47.80
N THR I 306 -59.99 3.49 -47.21
CA THR I 306 -58.62 3.25 -46.77
C THR I 306 -57.72 3.17 -48.00
N LEU I 307 -58.16 2.44 -49.03
CA LEU I 307 -57.39 2.27 -50.26
C LEU I 307 -57.22 3.57 -51.02
N GLN I 308 -58.27 4.40 -51.05
CA GLN I 308 -58.21 5.69 -51.72
C GLN I 308 -57.26 6.65 -51.01
N SER I 309 -57.24 6.61 -49.66
CA SER I 309 -56.36 7.44 -48.85
C SER I 309 -54.88 7.03 -49.00
N LEU I 310 -54.65 5.74 -49.23
CA LEU I 310 -53.33 5.17 -49.38
C LEU I 310 -52.76 5.50 -50.74
N ARG I 311 -53.55 5.31 -51.81
CA ARG I 311 -53.06 5.54 -53.15
C ARG I 311 -53.04 7.02 -53.57
N SER I 312 -53.65 7.92 -52.79
CA SER I 312 -53.64 9.34 -53.11
C SER I 312 -52.62 10.15 -52.30
N ASP I 313 -51.86 9.49 -51.38
CA ASP I 313 -50.88 10.12 -50.48
C ASP I 313 -51.51 11.29 -49.73
N ALA I 314 -52.70 11.08 -49.15
CA ALA I 314 -53.40 12.13 -48.42
C ALA I 314 -52.83 12.33 -47.00
N TYR I 315 -52.24 11.28 -46.41
CA TYR I 315 -51.66 11.31 -45.08
C TYR I 315 -52.72 11.70 -44.07
N ASP I 316 -53.85 11.01 -44.12
CA ASP I 316 -54.96 11.24 -43.20
C ASP I 316 -54.98 10.14 -42.12
N HIS I 317 -56.03 10.06 -41.28
CA HIS I 317 -56.07 9.06 -40.23
C HIS I 317 -56.01 7.63 -40.75
N TYR I 318 -56.46 7.39 -41.99
CA TYR I 318 -56.36 6.05 -42.57
C TYR I 318 -54.90 5.73 -42.89
N SER I 319 -54.18 6.70 -43.46
CA SER I 319 -52.77 6.52 -43.79
C SER I 319 -51.95 6.23 -42.53
N ALA I 320 -52.13 7.04 -41.48
CA ALA I 320 -51.44 6.88 -40.20
C ALA I 320 -51.66 5.51 -39.54
N ILE I 321 -52.91 5.02 -39.48
CA ILE I 321 -53.20 3.71 -38.88
C ILE I 321 -52.51 2.59 -39.67
N TYR I 322 -52.45 2.71 -41.02
CA TYR I 322 -51.79 1.71 -41.87
C TYR I 322 -50.32 1.67 -41.53
N SER I 323 -49.62 2.82 -41.63
CA SER I 323 -48.20 2.95 -41.33
C SER I 323 -47.85 2.40 -39.93
N LEU I 324 -48.62 2.79 -38.89
CA LEU I 324 -48.40 2.38 -37.50
C LEU I 324 -48.52 0.87 -37.34
N LEU I 325 -49.56 0.29 -37.92
CA LEU I 325 -49.80 -1.16 -37.88
C LEU I 325 -48.74 -1.94 -38.69
N CYS I 326 -48.05 -1.28 -39.64
CA CYS I 326 -46.98 -1.84 -40.44
C CYS I 326 -45.62 -1.73 -39.67
N ASP I 327 -45.62 -2.08 -38.36
CA ASP I 327 -44.43 -2.06 -37.50
C ASP I 327 -44.44 -3.26 -36.57
N GLU J 1 -28.66 28.28 -0.26
CA GLU J 1 -29.75 27.28 -0.33
C GLU J 1 -29.40 26.12 -1.29
N VAL J 2 -28.84 26.48 -2.45
CA VAL J 2 -28.39 25.52 -3.46
C VAL J 2 -26.91 25.26 -3.20
N GLN J 3 -26.49 23.99 -3.25
CA GLN J 3 -25.08 23.67 -3.00
C GLN J 3 -24.57 22.60 -3.93
N LEU J 4 -23.27 22.65 -4.25
CA LEU J 4 -22.64 21.68 -5.13
C LEU J 4 -21.86 20.70 -4.26
N VAL J 5 -22.33 19.45 -4.18
CA VAL J 5 -21.69 18.44 -3.34
C VAL J 5 -20.79 17.52 -4.14
N GLN J 6 -19.47 17.64 -3.92
CA GLN J 6 -18.48 16.86 -4.66
C GLN J 6 -18.12 15.54 -4.02
N SER J 7 -17.53 14.63 -4.81
CA SER J 7 -17.11 13.32 -4.32
C SER J 7 -15.87 13.46 -3.41
N GLY J 8 -15.56 12.39 -2.66
CA GLY J 8 -14.45 12.42 -1.73
C GLY J 8 -13.07 12.41 -2.36
N ALA J 9 -12.05 12.74 -1.55
CA ALA J 9 -10.65 12.77 -1.92
C ALA J 9 -10.12 11.39 -2.28
N GLY J 10 -9.08 11.34 -3.12
CA GLY J 10 -8.50 10.06 -3.52
C GLY J 10 -7.03 10.07 -3.90
N VAL J 11 -6.44 8.86 -3.95
CA VAL J 11 -5.06 8.65 -4.37
C VAL J 11 -5.04 7.82 -5.63
N LYS J 12 -4.33 8.28 -6.64
CA LYS J 12 -4.24 7.54 -7.89
C LYS J 12 -2.78 7.26 -8.25
N LYS J 13 -2.51 6.08 -8.81
CA LYS J 13 -1.15 5.75 -9.26
C LYS J 13 -0.94 6.46 -10.62
N PRO J 14 0.31 6.89 -10.94
CA PRO J 14 0.53 7.57 -12.22
C PRO J 14 0.16 6.69 -13.43
N GLY J 15 -0.56 7.27 -14.37
CA GLY J 15 -1.01 6.57 -15.56
C GLY J 15 -2.50 6.25 -15.54
N SER J 16 -3.06 6.09 -14.34
CA SER J 16 -4.46 5.78 -14.14
C SER J 16 -5.38 7.01 -14.42
N SER J 17 -6.71 6.84 -14.29
CA SER J 17 -7.64 7.94 -14.51
C SER J 17 -8.54 8.16 -13.28
N VAL J 18 -8.99 9.40 -13.05
CA VAL J 18 -9.84 9.73 -11.91
C VAL J 18 -11.19 10.31 -12.34
N LYS J 19 -12.27 9.90 -11.68
CA LYS J 19 -13.59 10.44 -12.00
C LYS J 19 -14.16 11.18 -10.79
N VAL J 20 -14.43 12.47 -10.93
CA VAL J 20 -14.95 13.30 -9.85
C VAL J 20 -16.41 13.68 -10.13
N SER J 21 -17.29 13.63 -9.13
CA SER J 21 -18.69 13.97 -9.30
C SER J 21 -19.04 15.32 -8.63
N CYS J 22 -20.17 15.90 -8.98
CA CYS J 22 -20.60 17.19 -8.47
C CYS J 22 -22.13 17.20 -8.50
N LYS J 23 -22.81 16.87 -7.39
CA LYS J 23 -24.27 16.83 -7.37
C LYS J 23 -24.92 18.09 -6.85
N SER J 24 -25.86 18.67 -7.61
CA SER J 24 -26.57 19.87 -7.17
C SER J 24 -27.66 19.53 -6.14
N SER J 25 -27.51 20.02 -4.91
CA SER J 25 -28.46 19.75 -3.84
C SER J 25 -29.12 21.05 -3.37
N GLY J 26 -29.97 21.59 -4.23
CA GLY J 26 -30.69 22.84 -3.94
C GLY J 26 -31.89 23.08 -4.82
N GLY J 27 -31.98 22.36 -5.95
CA GLY J 27 -33.09 22.47 -6.91
C GLY J 27 -33.24 23.83 -7.58
N SER J 31 -31.62 23.32 -14.66
CA SER J 31 -30.69 23.50 -15.80
C SER J 31 -29.52 24.42 -15.44
N SER J 32 -28.28 23.90 -15.47
CA SER J 32 -27.09 24.68 -15.10
C SER J 32 -25.93 24.53 -16.12
N ALA J 33 -24.83 25.30 -15.93
CA ALA J 33 -23.68 25.19 -16.81
C ALA J 33 -22.43 25.17 -15.96
N VAL J 34 -21.97 23.97 -15.61
CA VAL J 34 -20.83 23.73 -14.74
C VAL J 34 -19.50 23.60 -15.48
N SER J 35 -18.48 24.25 -14.93
CA SER J 35 -17.10 24.20 -15.38
C SER J 35 -16.27 23.48 -14.31
N TRP J 36 -15.13 22.93 -14.71
CA TRP J 36 -14.22 22.28 -13.79
C TRP J 36 -12.96 23.12 -13.73
N ILE J 37 -12.55 23.51 -12.52
CA ILE J 37 -11.39 24.36 -12.28
C ILE J 37 -10.51 23.65 -11.25
N ARG J 38 -9.19 23.59 -11.49
CA ARG J 38 -8.28 22.93 -10.53
C ARG J 38 -7.28 23.88 -9.93
N GLN J 39 -6.77 23.55 -8.75
CA GLN J 39 -5.78 24.36 -8.07
C GLN J 39 -4.75 23.48 -7.44
N ALA J 40 -3.51 23.49 -7.97
CA ALA J 40 -2.44 22.69 -7.41
C ALA J 40 -2.03 23.22 -6.04
N PRO J 41 -1.49 22.38 -5.14
CA PRO J 41 -1.11 22.88 -3.80
C PRO J 41 -0.21 24.12 -3.82
N GLY J 42 -0.72 25.21 -3.25
CA GLY J 42 0.00 26.48 -3.17
C GLY J 42 0.09 27.23 -4.49
N GLN J 43 -0.68 26.81 -5.50
CA GLN J 43 -0.68 27.41 -6.83
C GLN J 43 -1.99 28.16 -7.11
N GLY J 44 -2.08 28.78 -8.28
CA GLY J 44 -3.27 29.49 -8.69
C GLY J 44 -4.34 28.57 -9.27
N VAL J 45 -5.52 29.13 -9.50
CA VAL J 45 -6.65 28.39 -10.05
C VAL J 45 -6.52 28.31 -11.60
N GLU J 46 -7.06 27.24 -12.21
CA GLU J 46 -6.93 26.99 -13.65
C GLU J 46 -8.18 26.34 -14.23
N TRP J 47 -8.74 26.93 -15.29
CA TRP J 47 -9.95 26.41 -15.93
C TRP J 47 -9.64 25.22 -16.84
N MET J 48 -10.33 24.11 -16.64
CA MET J 48 -10.08 22.91 -17.42
C MET J 48 -11.07 22.69 -18.56
N GLY J 49 -12.31 23.06 -18.33
CA GLY J 49 -13.36 22.88 -19.31
C GLY J 49 -14.73 22.99 -18.69
N GLY J 50 -15.75 22.76 -19.49
CA GLY J 50 -17.13 22.83 -19.04
C GLY J 50 -18.06 23.40 -20.11
N ILE J 51 -19.34 23.62 -19.75
CA ILE J 51 -20.32 24.16 -20.69
C ILE J 51 -20.16 25.68 -20.84
N THR J 52 -19.83 26.17 -22.05
CA THR J 52 -19.55 27.60 -22.27
C THR J 52 -20.31 28.28 -23.43
N SER J 53 -21.15 27.52 -24.15
CA SER J 53 -21.90 28.07 -25.28
C SER J 53 -23.18 27.29 -25.47
N ILE J 54 -24.14 27.92 -26.15
CA ILE J 54 -25.39 27.27 -26.47
C ILE J 54 -25.22 26.21 -27.62
N PHE J 55 -24.10 26.28 -28.37
CA PHE J 55 -23.76 25.52 -29.58
C PHE J 55 -23.30 24.06 -29.41
N GLY J 56 -22.41 23.80 -28.46
CA GLY J 56 -21.84 22.47 -28.30
C GLY J 56 -22.13 21.73 -27.01
N PRO J 57 -21.85 20.42 -27.01
CA PRO J 57 -22.08 19.61 -25.80
C PRO J 57 -21.16 19.96 -24.61
N ALA J 58 -19.92 20.35 -24.91
CA ALA J 58 -18.91 20.71 -23.94
C ALA J 58 -17.78 21.49 -24.62
N ASN J 59 -17.03 22.27 -23.83
CA ASN J 59 -15.88 22.99 -24.35
C ASN J 59 -14.70 22.74 -23.43
N TYR J 60 -13.58 22.27 -23.96
CA TYR J 60 -12.41 21.95 -23.16
C TYR J 60 -11.26 22.91 -23.41
N ALA J 61 -10.45 23.20 -22.38
CA ALA J 61 -9.25 24.01 -22.54
C ALA J 61 -8.25 23.16 -23.33
N GLN J 62 -7.52 23.76 -24.29
CA GLN J 62 -6.58 23.03 -25.14
C GLN J 62 -5.66 22.06 -24.40
N LYS J 63 -5.10 22.53 -23.26
CA LYS J 63 -4.22 21.77 -22.39
C LYS J 63 -4.83 20.44 -21.93
N PHE J 64 -6.15 20.43 -21.70
CA PHE J 64 -6.88 19.27 -21.20
C PHE J 64 -7.70 18.51 -22.25
N GLN J 65 -7.82 19.04 -23.48
CA GLN J 65 -8.62 18.40 -24.54
C GLN J 65 -8.39 16.91 -24.71
N ASP J 66 -7.12 16.47 -24.74
CA ASP J 66 -6.75 15.09 -24.93
C ASP J 66 -7.03 14.13 -23.76
N ARG J 67 -7.10 14.63 -22.51
CA ARG J 67 -7.28 13.74 -21.35
C ARG J 67 -8.55 13.95 -20.54
N LEU J 68 -9.29 15.03 -20.79
CA LEU J 68 -10.51 15.32 -20.03
C LEU J 68 -11.76 14.89 -20.77
N LYS J 69 -12.72 14.38 -20.01
CA LYS J 69 -14.04 13.99 -20.47
C LYS J 69 -15.00 14.65 -19.48
N ILE J 70 -15.95 15.44 -19.98
CA ILE J 70 -16.93 16.09 -19.11
C ILE J 70 -18.32 15.58 -19.49
N THR J 71 -18.98 14.93 -18.54
CA THR J 71 -20.31 14.33 -18.76
C THR J 71 -21.35 14.81 -17.72
N ALA J 72 -22.64 14.52 -17.95
CA ALA J 72 -23.68 14.93 -17.04
C ALA J 72 -24.84 13.96 -17.02
N ASP J 73 -25.40 13.74 -15.84
CA ASP J 73 -26.58 12.91 -15.65
C ASP J 73 -27.71 13.84 -15.23
N LYS J 74 -28.51 14.30 -16.21
CA LYS J 74 -29.61 15.25 -16.01
C LYS J 74 -30.64 14.73 -15.00
N ALA J 75 -30.90 13.42 -15.04
CA ALA J 75 -31.84 12.74 -14.17
C ALA J 75 -31.53 12.96 -12.69
N THR J 76 -30.23 12.91 -12.30
CA THR J 76 -29.83 13.07 -10.91
C THR J 76 -29.19 14.40 -10.58
N ASN J 77 -29.06 15.31 -11.55
CA ASN J 77 -28.43 16.61 -11.37
C ASN J 77 -26.97 16.50 -10.97
N THR J 78 -26.26 15.53 -11.55
CA THR J 78 -24.85 15.33 -11.26
C THR J 78 -24.04 15.42 -12.49
N VAL J 79 -23.00 16.21 -12.46
CA VAL J 79 -22.05 16.38 -13.55
C VAL J 79 -20.75 15.67 -13.13
N TYR J 80 -20.05 15.09 -14.09
CA TYR J 80 -18.84 14.35 -13.86
C TYR J 80 -17.65 14.94 -14.63
N MET J 81 -16.45 14.55 -14.22
CA MET J 81 -15.20 14.97 -14.80
C MET J 81 -14.28 13.76 -14.75
N GLU J 82 -13.68 13.38 -15.87
CA GLU J 82 -12.78 12.24 -15.90
C GLU J 82 -11.45 12.63 -16.53
N LEU J 83 -10.40 12.68 -15.71
CA LEU J 83 -9.06 13.03 -16.18
C LEU J 83 -8.24 11.75 -16.27
N SER J 84 -7.77 11.42 -17.45
CA SER J 84 -7.00 10.20 -17.68
C SER J 84 -5.49 10.47 -17.82
N GLY J 85 -4.68 9.42 -17.77
CA GLY J 85 -3.23 9.52 -17.90
C GLY J 85 -2.62 10.45 -16.86
N LEU J 86 -2.98 10.25 -15.59
CA LEU J 86 -2.54 11.08 -14.50
C LEU J 86 -1.04 11.08 -14.29
N THR J 87 -0.48 12.26 -14.02
CA THR J 87 0.95 12.43 -13.72
C THR J 87 1.04 13.16 -12.38
N PHE J 88 2.22 13.20 -11.77
CA PHE J 88 2.40 13.89 -10.50
C PHE J 88 1.98 15.37 -10.55
N GLU J 89 1.91 15.97 -11.78
CA GLU J 89 1.48 17.35 -11.99
C GLU J 89 -0.02 17.54 -11.89
N ASP J 90 -0.80 16.45 -11.87
CA ASP J 90 -2.26 16.48 -11.77
C ASP J 90 -2.75 16.46 -10.31
N THR J 91 -1.84 16.40 -9.30
CA THR J 91 -2.19 16.46 -7.88
C THR J 91 -2.71 17.86 -7.64
N ALA J 92 -3.99 18.00 -7.33
CA ALA J 92 -4.61 19.31 -7.16
C ALA J 92 -6.01 19.16 -6.49
N VAL J 93 -6.62 20.29 -6.09
CA VAL J 93 -7.98 20.28 -5.60
C VAL J 93 -8.83 20.62 -6.82
N TYR J 94 -9.83 19.78 -7.13
CA TYR J 94 -10.69 20.00 -8.28
C TYR J 94 -12.01 20.53 -7.81
N TYR J 95 -12.42 21.69 -8.31
CA TYR J 95 -13.69 22.31 -7.97
C TYR J 95 -14.60 22.30 -9.17
N CYS J 96 -15.90 22.19 -8.94
CA CYS J 96 -16.89 22.35 -9.98
C CYS J 96 -17.54 23.70 -9.68
N ALA J 97 -17.75 24.51 -10.71
CA ALA J 97 -18.31 25.82 -10.50
C ALA J 97 -19.35 26.11 -11.56
N ARG J 98 -20.46 26.69 -11.15
CA ARG J 98 -21.55 26.96 -12.06
C ARG J 98 -21.52 28.40 -12.60
N VAL J 99 -21.63 28.59 -13.94
CA VAL J 99 -21.70 29.93 -14.54
C VAL J 99 -23.03 30.53 -14.12
N GLY J 100 -22.97 31.74 -13.59
CA GLY J 100 -24.10 32.44 -13.00
C GLY J 100 -25.16 33.06 -13.87
N ASP J 101 -24.86 33.30 -15.16
CA ASP J 101 -25.84 33.88 -16.07
C ASP J 101 -26.31 32.90 -17.12
N TYR J 102 -26.28 31.60 -16.83
CA TYR J 102 -26.69 30.54 -17.76
C TYR J 102 -28.12 30.76 -18.25
N ASN J 103 -28.99 31.25 -17.37
CA ASN J 103 -30.38 31.50 -17.72
C ASN J 103 -30.55 32.60 -18.79
N PHE J 104 -29.51 33.40 -19.06
CA PHE J 104 -29.61 34.45 -20.08
C PHE J 104 -29.08 34.07 -21.46
N TRP J 105 -28.44 32.89 -21.59
CA TRP J 105 -27.82 32.44 -22.83
C TRP J 105 -28.81 32.27 -23.96
N ASN J 106 -28.49 32.91 -25.09
CA ASN J 106 -29.26 32.96 -26.33
C ASN J 106 -28.47 32.54 -27.55
N GLY J 107 -27.16 32.77 -27.51
CA GLY J 107 -26.31 32.69 -28.67
C GLY J 107 -25.88 34.10 -29.06
N HIS J 108 -26.74 35.11 -28.80
CA HIS J 108 -26.42 36.52 -29.04
C HIS J 108 -25.92 37.17 -27.75
N TYR J 109 -26.45 36.74 -26.58
CA TYR J 109 -26.03 37.26 -25.28
C TYR J 109 -24.60 36.83 -25.00
N ARG J 110 -23.76 37.80 -24.68
CA ARG J 110 -22.38 37.53 -24.34
C ARG J 110 -22.30 37.24 -22.84
N SER J 111 -21.97 35.98 -22.44
CA SER J 111 -21.88 35.65 -21.03
C SER J 111 -20.68 36.32 -20.36
N GLY J 112 -20.81 36.57 -19.06
CA GLY J 112 -19.73 37.15 -18.27
C GLY J 112 -18.79 36.11 -17.69
N TYR J 113 -19.22 34.83 -17.70
CA TYR J 113 -18.52 33.63 -17.24
C TYR J 113 -18.08 33.74 -15.79
N TYR J 114 -18.98 34.30 -14.96
CA TYR J 114 -18.69 34.40 -13.54
C TYR J 114 -19.19 33.15 -12.85
N PHE J 115 -18.41 32.66 -11.89
CA PHE J 115 -18.77 31.46 -11.16
C PHE J 115 -19.50 31.78 -9.87
N ASP J 116 -20.83 31.67 -9.96
CA ASP J 116 -21.89 31.85 -8.99
C ASP J 116 -21.67 30.99 -7.73
N LEU J 117 -21.63 29.67 -7.90
CA LEU J 117 -21.54 28.68 -6.85
C LEU J 117 -20.34 27.81 -7.12
N TRP J 118 -19.60 27.45 -6.09
CA TRP J 118 -18.46 26.57 -6.22
C TRP J 118 -18.66 25.37 -5.27
N GLY J 119 -18.15 24.21 -5.66
CA GLY J 119 -18.15 23.04 -4.78
C GLY J 119 -17.06 23.22 -3.74
N ARG J 120 -17.11 22.43 -2.63
CA ARG J 120 -16.09 22.56 -1.58
C ARG J 120 -14.67 22.11 -2.03
N GLY J 121 -14.59 21.36 -3.12
CA GLY J 121 -13.33 20.88 -3.67
C GLY J 121 -13.10 19.41 -3.42
N THR J 122 -12.36 18.75 -4.33
CA THR J 122 -11.98 17.33 -4.20
C THR J 122 -10.47 17.22 -4.32
N LEU J 123 -9.81 16.76 -3.28
CA LEU J 123 -8.35 16.65 -3.30
C LEU J 123 -7.95 15.35 -3.96
N VAL J 124 -7.40 15.43 -5.19
CA VAL J 124 -6.94 14.23 -5.89
C VAL J 124 -5.42 14.24 -5.87
N THR J 125 -4.79 13.17 -5.36
CA THR J 125 -3.33 13.11 -5.29
C THR J 125 -2.75 11.98 -6.10
N VAL J 126 -1.66 12.24 -6.83
CA VAL J 126 -1.03 11.20 -7.64
C VAL J 126 0.23 10.70 -6.94
N SER J 127 0.26 9.41 -6.57
CA SER J 127 1.40 8.83 -5.88
C SER J 127 1.68 7.40 -6.32
N SER J 128 2.95 7.09 -6.53
CA SER J 128 3.35 5.76 -6.97
C SER J 128 3.60 4.84 -5.77
N VAL J 147 -2.11 33.60 -17.49
CA VAL J 147 -2.31 34.33 -18.75
C VAL J 147 -2.59 35.82 -18.45
N LEU J 148 -3.36 36.08 -17.40
CA LEU J 148 -3.68 37.43 -16.94
C LEU J 148 -2.62 37.83 -15.91
N THR J 149 -2.08 39.04 -16.02
CA THR J 149 -1.00 39.46 -15.13
C THR J 149 -1.44 40.25 -13.89
N GLN J 150 -1.24 39.64 -12.72
CA GLN J 150 -1.53 40.25 -11.42
C GLN J 150 -0.27 40.27 -10.60
N PRO J 151 -0.03 41.32 -9.77
CA PRO J 151 1.14 41.29 -8.88
C PRO J 151 1.02 40.14 -7.89
N PRO J 152 2.14 39.50 -7.53
CA PRO J 152 2.07 38.35 -6.61
C PRO J 152 1.54 38.68 -5.21
N SER J 153 1.79 39.92 -4.76
CA SER J 153 1.35 40.33 -3.44
C SER J 153 1.20 41.84 -3.35
N ALA J 154 0.22 42.26 -2.56
CA ALA J 154 -0.06 43.67 -2.25
C ALA J 154 -0.20 43.79 -0.71
N SER J 155 -0.07 45.02 -0.17
CA SER J 155 -0.20 45.22 1.27
C SER J 155 -0.68 46.62 1.64
N GLY J 156 -1.20 46.77 2.84
CA GLY J 156 -1.67 48.08 3.30
C GLY J 156 -1.99 48.11 4.78
N THR J 157 -2.03 49.29 5.39
CA THR J 157 -2.40 49.41 6.80
C THR J 157 -3.94 49.46 6.92
N PRO J 158 -4.52 49.00 8.04
CA PRO J 158 -5.98 49.03 8.17
C PRO J 158 -6.56 50.44 8.03
N GLY J 159 -7.69 50.54 7.36
CA GLY J 159 -8.33 51.83 7.10
C GLY J 159 -7.98 52.42 5.75
N GLN J 160 -6.79 52.08 5.25
CA GLN J 160 -6.26 52.53 3.97
C GLN J 160 -6.92 51.80 2.78
N ARG J 161 -6.60 52.23 1.55
CA ARG J 161 -7.14 51.62 0.34
C ARG J 161 -6.04 50.88 -0.43
N VAL J 162 -6.26 49.62 -0.80
CA VAL J 162 -5.28 48.87 -1.59
C VAL J 162 -5.85 48.55 -2.97
N THR J 163 -5.06 48.73 -4.04
CA THR J 163 -5.55 48.45 -5.38
C THR J 163 -4.71 47.36 -6.08
N ILE J 164 -5.41 46.38 -6.64
CA ILE J 164 -4.79 45.26 -7.35
C ILE J 164 -4.99 45.43 -8.84
N SER J 165 -3.91 45.49 -9.62
CA SER J 165 -4.00 45.58 -11.07
C SER J 165 -4.17 44.18 -11.69
N CYS J 166 -4.65 44.14 -12.94
CA CYS J 166 -4.84 42.91 -13.67
C CYS J 166 -4.80 43.27 -15.13
N SER J 167 -3.64 43.12 -15.78
CA SER J 167 -3.52 43.44 -17.20
C SER J 167 -3.68 42.18 -18.04
N GLY J 168 -4.13 42.36 -19.27
CA GLY J 168 -4.31 41.26 -20.19
C GLY J 168 -4.17 41.69 -21.63
N SER J 169 -4.76 40.92 -22.54
CA SER J 169 -4.72 41.19 -23.97
C SER J 169 -6.11 41.57 -24.51
N SER J 170 -6.18 42.01 -25.79
CA SER J 170 -7.44 42.40 -26.40
C SER J 170 -8.39 41.22 -26.64
N SER J 171 -7.86 39.98 -26.69
CA SER J 171 -8.72 38.81 -26.88
C SER J 171 -9.51 38.46 -25.62
N ASN J 172 -8.98 38.80 -24.43
CA ASN J 172 -9.67 38.51 -23.18
C ASN J 172 -10.29 39.79 -22.54
N ILE J 173 -9.54 40.57 -21.75
CA ILE J 173 -10.07 41.77 -21.08
C ILE J 173 -10.58 42.82 -22.07
N GLY J 174 -9.91 42.94 -23.20
CA GLY J 174 -10.30 43.89 -24.23
C GLY J 174 -11.66 43.64 -24.85
N SER J 175 -12.13 42.39 -24.80
CA SER J 175 -13.42 42.04 -25.41
C SER J 175 -14.48 41.52 -24.42
N ASN J 176 -14.08 41.10 -23.22
CA ASN J 176 -15.02 40.50 -22.28
C ASN J 176 -15.06 41.22 -20.91
N THR J 177 -16.01 40.84 -20.02
CA THR J 177 -16.08 41.43 -18.70
C THR J 177 -15.01 40.79 -17.81
N VAL J 178 -14.69 41.45 -16.70
CA VAL J 178 -13.71 40.91 -15.76
C VAL J 178 -14.40 40.62 -14.43
N ASN J 179 -14.10 39.45 -13.86
CA ASN J 179 -14.64 39.01 -12.59
C ASN J 179 -13.51 38.85 -11.57
N TRP J 180 -13.78 39.14 -10.31
CA TRP J 180 -12.78 38.98 -9.24
C TRP J 180 -13.27 37.98 -8.21
N TYR J 181 -12.35 37.18 -7.68
CA TYR J 181 -12.65 36.15 -6.69
C TYR J 181 -11.78 36.33 -5.46
N GLN J 182 -12.33 36.10 -4.27
CA GLN J 182 -11.55 36.16 -3.04
C GLN J 182 -11.43 34.75 -2.50
N GLN J 183 -10.20 34.29 -2.23
CA GLN J 183 -9.99 32.96 -1.69
C GLN J 183 -9.36 33.00 -0.30
N LEU J 184 -10.12 32.58 0.69
CA LEU J 184 -9.61 32.50 2.07
C LEU J 184 -8.97 31.11 2.28
N PRO J 185 -8.07 30.97 3.26
CA PRO J 185 -7.39 29.68 3.47
C PRO J 185 -8.32 28.49 3.70
N GLY J 186 -8.09 27.43 2.93
CA GLY J 186 -8.86 26.20 3.04
C GLY J 186 -10.28 26.25 2.50
N THR J 187 -10.59 27.29 1.72
CA THR J 187 -11.92 27.45 1.14
C THR J 187 -11.84 27.66 -0.38
N ALA J 188 -12.95 27.40 -1.08
CA ALA J 188 -13.03 27.59 -2.52
C ALA J 188 -13.08 29.07 -2.82
N PRO J 189 -12.57 29.53 -4.00
CA PRO J 189 -12.69 30.96 -4.33
C PRO J 189 -14.15 31.44 -4.31
N LYS J 190 -14.39 32.68 -3.98
CA LYS J 190 -15.75 33.20 -3.87
C LYS J 190 -15.92 34.38 -4.79
N LEU J 191 -17.06 34.52 -5.50
CA LEU J 191 -17.25 35.68 -6.38
C LEU J 191 -17.25 36.97 -5.57
N LEU J 192 -16.44 37.92 -5.97
CA LEU J 192 -16.33 39.19 -5.27
C LEU J 192 -16.86 40.31 -6.16
N ILE J 193 -16.47 40.31 -7.44
CA ILE J 193 -16.93 41.32 -8.41
C ILE J 193 -17.29 40.58 -9.70
N TYR J 194 -18.45 40.88 -10.30
CA TYR J 194 -18.81 40.28 -11.57
C TYR J 194 -19.16 41.39 -12.57
N SER J 195 -19.05 41.11 -13.87
CA SER J 195 -19.35 42.09 -14.93
C SER J 195 -18.68 43.45 -14.70
N ASN J 196 -17.36 43.41 -14.42
CA ASN J 196 -16.48 44.56 -14.22
C ASN J 196 -16.64 45.30 -12.89
N THR J 197 -17.85 45.77 -12.57
CA THR J 197 -18.09 46.62 -11.40
C THR J 197 -19.13 46.12 -10.41
N GLN J 198 -19.95 45.14 -10.82
CA GLN J 198 -21.04 44.62 -9.99
C GLN J 198 -20.60 43.80 -8.79
N ARG J 199 -21.37 43.86 -7.70
CA ARG J 199 -21.06 43.09 -6.49
C ARG J 199 -22.20 42.15 -6.14
N PRO J 200 -21.92 40.87 -5.93
CA PRO J 200 -22.98 39.95 -5.50
C PRO J 200 -23.51 40.28 -4.10
N SER J 201 -24.60 39.62 -3.68
CA SER J 201 -25.18 39.85 -2.36
C SER J 201 -24.20 39.43 -1.29
N GLY J 202 -23.96 40.31 -0.33
CA GLY J 202 -23.02 40.01 0.75
C GLY J 202 -21.68 40.70 0.64
N VAL J 203 -21.33 41.18 -0.56
CA VAL J 203 -20.07 41.89 -0.74
C VAL J 203 -20.25 43.37 -0.42
N PRO J 204 -19.52 43.90 0.58
CA PRO J 204 -19.67 45.32 0.95
C PRO J 204 -19.19 46.30 -0.13
N ASP J 205 -19.72 47.52 -0.10
CA ASP J 205 -19.37 48.58 -1.05
C ASP J 205 -17.90 49.07 -0.93
N ARG J 206 -17.11 48.50 0.01
CA ARG J 206 -15.69 48.82 0.16
C ARG J 206 -14.92 48.29 -1.06
N PHE J 207 -15.30 47.08 -1.55
CA PHE J 207 -14.72 46.47 -2.73
C PHE J 207 -15.36 47.08 -3.97
N SER J 208 -14.55 47.50 -4.93
CA SER J 208 -15.06 48.08 -6.17
C SER J 208 -14.19 47.64 -7.35
N GLY J 209 -14.81 47.45 -8.50
CA GLY J 209 -14.09 47.04 -9.69
C GLY J 209 -14.05 48.11 -10.75
N SER J 210 -13.16 47.93 -11.74
CA SER J 210 -13.01 48.86 -12.87
C SER J 210 -12.32 48.17 -14.05
N LYS J 211 -12.55 48.68 -15.27
CA LYS J 211 -11.93 48.12 -16.46
C LYS J 211 -11.73 49.18 -17.51
N SER J 212 -10.50 49.29 -18.04
CA SER J 212 -10.19 50.24 -19.09
C SER J 212 -9.34 49.55 -20.15
N ALA J 213 -9.85 49.53 -21.39
CA ALA J 213 -9.21 48.89 -22.54
C ALA J 213 -8.77 47.39 -22.24
N THR J 214 -7.51 47.06 -21.87
CA THR J 214 -7.10 45.68 -21.60
C THR J 214 -6.68 45.47 -20.14
N SER J 215 -7.09 46.34 -19.23
CA SER J 215 -6.71 46.19 -17.83
C SER J 215 -7.88 46.40 -16.87
N ALA J 216 -7.86 45.66 -15.78
CA ALA J 216 -8.88 45.72 -14.75
C ALA J 216 -8.23 46.01 -13.41
N SER J 217 -9.01 46.56 -12.49
CA SER J 217 -8.48 46.92 -11.18
C SER J 217 -9.51 46.65 -10.09
N LEU J 218 -9.04 46.20 -8.94
CA LEU J 218 -9.91 45.97 -7.79
C LEU J 218 -9.42 46.89 -6.68
N ALA J 219 -10.33 47.69 -6.11
CA ALA J 219 -9.97 48.58 -5.00
C ALA J 219 -10.62 48.11 -3.72
N ILE J 220 -9.83 47.90 -2.67
CA ILE J 220 -10.36 47.51 -1.37
C ILE J 220 -10.21 48.73 -0.48
N SER J 221 -11.28 49.51 -0.33
CA SER J 221 -11.26 50.70 0.51
C SER J 221 -11.53 50.34 1.97
N GLY J 222 -11.03 51.15 2.90
CA GLY J 222 -11.19 50.92 4.33
C GLY J 222 -10.75 49.54 4.79
N LEU J 223 -9.58 49.09 4.28
CA LEU J 223 -8.97 47.80 4.52
C LEU J 223 -9.13 47.26 5.94
N GLN J 224 -9.55 46.01 6.07
CA GLN J 224 -9.71 45.36 7.36
C GLN J 224 -8.85 44.11 7.43
N SER J 225 -8.55 43.61 8.65
CA SER J 225 -7.77 42.38 8.85
C SER J 225 -8.42 41.20 8.12
N GLU J 226 -9.76 41.14 8.12
CA GLU J 226 -10.57 40.11 7.47
C GLU J 226 -10.40 40.07 5.95
N ASP J 227 -9.72 41.07 5.35
CA ASP J 227 -9.49 41.10 3.91
C ASP J 227 -8.21 40.39 3.49
N GLU J 228 -7.39 39.91 4.43
CA GLU J 228 -6.17 39.18 4.16
C GLU J 228 -6.55 37.85 3.53
N ALA J 229 -6.38 37.77 2.20
CA ALA J 229 -6.76 36.62 1.38
C ALA J 229 -6.08 36.69 -0.02
N ASP J 230 -6.23 35.67 -0.87
CA ASP J 230 -5.71 35.69 -2.23
C ASP J 230 -6.83 36.21 -3.14
N TYR J 231 -6.50 37.08 -4.11
CA TYR J 231 -7.49 37.65 -5.01
C TYR J 231 -7.19 37.28 -6.44
N TYR J 232 -8.17 36.75 -7.16
CA TYR J 232 -7.96 36.36 -8.56
C TYR J 232 -8.85 37.15 -9.51
N CYS J 233 -8.30 37.64 -10.62
CA CYS J 233 -9.12 38.25 -11.66
C CYS J 233 -9.31 37.18 -12.74
N ALA J 234 -10.42 37.24 -13.44
CA ALA J 234 -10.73 36.28 -14.47
C ALA J 234 -11.51 36.94 -15.60
N ALA J 235 -11.36 36.40 -16.83
CA ALA J 235 -12.07 36.87 -18.01
C ALA J 235 -12.19 35.78 -19.09
N TRP J 236 -13.23 35.86 -19.92
CA TRP J 236 -13.37 34.95 -21.04
C TRP J 236 -12.35 35.42 -22.09
N ASP J 237 -11.64 34.47 -22.70
CA ASP J 237 -10.65 34.74 -23.74
C ASP J 237 -11.23 34.13 -25.01
N ASP J 238 -11.35 34.94 -26.06
CA ASP J 238 -11.95 34.50 -27.31
C ASP J 238 -10.97 33.79 -28.28
N SER J 239 -9.70 33.62 -27.89
CA SER J 239 -8.73 32.90 -28.73
C SER J 239 -9.16 31.44 -28.87
N LEU J 240 -8.99 30.85 -30.07
CA LEU J 240 -9.37 29.44 -30.30
C LEU J 240 -10.91 29.28 -30.07
N ASN J 241 -11.40 28.10 -29.60
CA ASN J 241 -12.82 27.90 -29.32
C ASN J 241 -13.27 28.58 -28.02
N GLY J 242 -12.45 29.48 -27.47
CA GLY J 242 -12.74 30.20 -26.25
C GLY J 242 -12.36 29.46 -24.98
N HIS J 243 -12.01 30.20 -23.93
CA HIS J 243 -11.62 29.65 -22.64
C HIS J 243 -11.64 30.72 -21.55
N VAL J 244 -11.81 30.31 -20.29
CA VAL J 244 -11.76 31.27 -19.17
C VAL J 244 -10.30 31.35 -18.72
N VAL J 245 -9.73 32.55 -18.69
CA VAL J 245 -8.37 32.73 -18.21
C VAL J 245 -8.39 33.36 -16.83
N PHE J 246 -7.37 33.05 -16.02
CA PHE J 246 -7.26 33.55 -14.65
C PHE J 246 -5.92 34.28 -14.45
N GLY J 247 -5.90 35.13 -13.43
CA GLY J 247 -4.67 35.78 -13.00
C GLY J 247 -3.92 34.86 -12.05
N GLY J 248 -2.64 35.16 -11.83
CA GLY J 248 -1.83 34.34 -10.93
C GLY J 248 -2.23 34.42 -9.47
N GLY J 249 -2.94 35.48 -9.12
CA GLY J 249 -3.37 35.72 -7.76
C GLY J 249 -2.56 36.81 -7.11
N THR J 250 -3.18 37.49 -6.14
CA THR J 250 -2.55 38.57 -5.39
C THR J 250 -2.80 38.31 -3.91
N LYS J 251 -1.72 38.10 -3.14
CA LYS J 251 -1.86 37.86 -1.73
C LYS J 251 -1.88 39.19 -1.03
N VAL J 252 -3.08 39.64 -0.63
CA VAL J 252 -3.19 40.91 0.08
C VAL J 252 -2.90 40.63 1.55
N THR J 253 -1.93 41.38 2.11
CA THR J 253 -1.48 41.27 3.49
C THR J 253 -1.86 42.56 4.20
N VAL J 254 -2.54 42.47 5.33
CA VAL J 254 -2.94 43.66 6.08
C VAL J 254 -1.97 43.89 7.20
N LEU J 255 -1.23 45.00 7.18
CA LEU J 255 -0.23 45.35 8.22
C LEU J 255 -0.88 45.79 9.56
N GLY J 256 -0.05 46.16 10.53
CA GLY J 256 -0.53 46.63 11.82
C GLY J 256 -1.13 48.01 11.71
N ALA J 257 -2.13 48.29 12.57
CA ALA J 257 -2.88 49.54 12.62
C ALA J 257 -2.00 50.72 12.93
N ALA J 258 -2.31 51.88 12.32
CA ALA J 258 -1.54 53.09 12.61
C ALA J 258 -1.71 53.51 14.07
N ALA J 259 -2.85 53.18 14.69
CA ALA J 259 -3.08 53.52 16.10
C ALA J 259 -2.31 52.64 17.07
N GLU J 260 -1.67 51.54 16.61
CA GLU J 260 -0.86 50.68 17.50
C GLU J 260 0.41 51.39 18.05
N ASN J 261 0.73 52.57 17.52
CA ASN J 261 1.85 53.37 17.97
C ASN J 261 1.57 54.85 17.82
N LEU J 262 2.14 55.65 18.74
CA LEU J 262 2.02 57.10 18.78
C LEU J 262 2.73 57.80 17.60
N TYR J 263 3.68 57.08 16.96
CA TYR J 263 4.45 57.51 15.78
C TYR J 263 3.57 57.70 14.53
N PHE J 264 2.27 57.34 14.59
CA PHE J 264 1.37 57.40 13.44
C PHE J 264 -0.01 57.92 13.86
N ARG K 5 13.03 28.06 1.44
CA ARG K 5 12.23 29.26 1.63
C ARG K 5 13.17 30.51 1.82
N ILE K 6 13.33 31.10 3.04
CA ILE K 6 14.23 32.25 3.19
C ILE K 6 15.55 31.78 3.76
N GLY K 7 16.53 31.61 2.89
CA GLY K 7 17.84 31.12 3.28
C GLY K 7 17.74 29.72 3.85
N TYR K 8 18.16 29.56 5.10
CA TYR K 8 18.10 28.27 5.75
C TYR K 8 16.88 28.17 6.65
N TYR K 9 15.76 28.83 6.31
CA TYR K 9 14.57 28.80 7.14
C TYR K 9 13.33 28.41 6.37
N GLU K 10 12.45 27.61 7.00
CA GLU K 10 11.20 27.17 6.41
C GLU K 10 10.11 27.99 7.07
N ILE K 11 9.60 28.97 6.33
CA ILE K 11 8.61 29.93 6.79
C ILE K 11 7.21 29.33 6.87
N ASP K 12 6.46 29.74 7.91
CA ASP K 12 5.06 29.34 8.08
C ASP K 12 4.28 30.45 8.86
N ARG K 13 3.11 30.11 9.44
CA ARG K 13 2.20 30.92 10.24
C ARG K 13 2.64 32.35 10.60
N THR K 14 1.75 33.33 10.41
CA THR K 14 2.03 34.71 10.80
C THR K 14 1.71 34.82 12.27
N ILE K 15 2.72 35.19 13.05
CA ILE K 15 2.57 35.30 14.49
C ILE K 15 2.49 36.73 15.02
N GLY K 16 2.79 37.72 14.18
CA GLY K 16 2.74 39.11 14.59
C GLY K 16 2.73 40.08 13.42
N LYS K 17 2.36 41.33 13.69
CA LYS K 17 2.31 42.36 12.66
C LYS K 17 2.78 43.69 13.19
N GLY K 18 3.72 44.27 12.49
CA GLY K 18 4.23 45.60 12.77
C GLY K 18 3.65 46.60 11.79
N ASN K 19 3.92 47.88 12.02
CA ASN K 19 3.42 48.94 11.16
C ASN K 19 3.86 48.78 9.71
N PHE K 20 5.08 48.29 9.51
CA PHE K 20 5.63 48.03 8.17
C PHE K 20 6.24 46.62 8.03
N ALA K 21 6.15 45.80 9.08
CA ALA K 21 6.76 44.47 9.09
C ALA K 21 5.76 43.35 9.39
N VAL K 22 6.10 42.12 8.99
CA VAL K 22 5.26 40.96 9.28
C VAL K 22 6.14 39.94 10.00
N VAL K 23 5.75 39.55 11.22
CA VAL K 23 6.49 38.52 11.94
C VAL K 23 5.85 37.16 11.64
N LYS K 24 6.65 36.23 11.12
CA LYS K 24 6.22 34.88 10.78
C LYS K 24 7.11 33.87 11.49
N ARG K 25 6.53 32.86 12.15
CA ARG K 25 7.36 31.83 12.78
C ARG K 25 7.95 30.90 11.70
N ALA K 26 9.18 30.44 11.91
CA ALA K 26 9.91 29.65 10.93
C ALA K 26 10.74 28.52 11.62
N THR K 27 11.35 27.62 10.84
CA THR K 27 12.17 26.54 11.39
C THR K 27 13.55 26.59 10.72
N HIS K 28 14.66 26.56 11.49
CA HIS K 28 16.00 26.54 10.90
C HIS K 28 16.19 25.16 10.32
N LEU K 29 16.45 25.06 9.03
CA LEU K 29 16.55 23.78 8.35
C LEU K 29 17.69 22.87 8.81
N VAL K 30 18.86 23.43 9.13
CA VAL K 30 20.00 22.62 9.56
C VAL K 30 19.97 22.27 11.05
N THR K 31 19.30 23.09 11.88
CA THR K 31 19.28 22.85 13.33
C THR K 31 17.93 22.36 13.86
N LYS K 32 16.87 22.46 13.06
CA LYS K 32 15.49 22.09 13.40
C LYS K 32 14.87 22.95 14.51
N ALA K 33 15.51 24.08 14.85
CA ALA K 33 15.03 24.98 15.89
C ALA K 33 13.91 25.87 15.42
N LYS K 34 13.03 26.28 16.34
CA LYS K 34 11.92 27.19 16.01
C LYS K 34 12.36 28.62 16.22
N VAL K 35 12.23 29.44 15.18
CA VAL K 35 12.65 30.83 15.26
C VAL K 35 11.45 31.79 14.92
N ALA K 36 11.68 33.11 14.93
CA ALA K 36 10.69 34.12 14.58
C ALA K 36 11.39 35.04 13.58
N ILE K 37 10.80 35.28 12.40
CA ILE K 37 11.44 36.16 11.42
C ILE K 37 10.64 37.41 11.16
N LYS K 38 11.23 38.56 11.52
CA LYS K 38 10.60 39.84 11.23
C LYS K 38 10.92 40.11 9.76
N ILE K 39 9.90 40.32 8.94
CA ILE K 39 10.10 40.57 7.53
C ILE K 39 9.78 42.01 7.20
N ILE K 40 10.81 42.77 6.82
CA ILE K 40 10.64 44.18 6.49
C ILE K 40 10.96 44.43 5.01
N ASP K 41 10.05 45.11 4.29
CA ASP K 41 10.30 45.44 2.90
C ASP K 41 10.98 46.81 2.83
N LYS K 42 12.25 46.84 2.39
CA LYS K 42 13.01 48.09 2.28
C LYS K 42 12.45 49.11 1.28
N THR K 43 11.67 48.65 0.30
CA THR K 43 11.07 49.55 -0.70
C THR K 43 10.09 50.56 -0.06
N GLN K 44 9.54 50.23 1.11
CA GLN K 44 8.62 51.09 1.85
C GLN K 44 9.32 51.84 2.99
N LEU K 45 10.61 52.19 2.81
CA LEU K 45 11.34 52.93 3.86
C LEU K 45 11.58 54.40 3.47
N ASP K 46 11.79 55.29 4.47
CA ASP K 46 11.96 56.70 4.16
C ASP K 46 13.26 57.34 4.72
N GLU K 47 14.37 56.58 4.78
CA GLU K 47 15.69 57.01 5.28
C GLU K 47 15.70 57.17 6.80
N GLU K 48 14.74 57.93 7.36
CA GLU K 48 14.62 58.11 8.81
C GLU K 48 14.19 56.79 9.45
N ASN K 49 13.28 56.04 8.80
CA ASN K 49 12.84 54.76 9.32
C ASN K 49 13.85 53.64 9.05
N LEU K 50 14.65 53.78 7.98
CA LEU K 50 15.69 52.83 7.61
C LEU K 50 16.77 52.78 8.68
N LYS K 51 17.17 53.96 9.21
CA LYS K 51 18.18 54.07 10.26
C LYS K 51 17.66 53.49 11.60
N LYS K 52 16.34 53.63 11.85
CA LYS K 52 15.66 53.11 13.04
C LYS K 52 15.70 51.57 13.08
N ILE K 53 15.65 50.93 11.90
CA ILE K 53 15.73 49.48 11.81
C ILE K 53 17.14 49.02 12.17
N PHE K 54 18.15 49.68 11.60
CA PHE K 54 19.54 49.35 11.90
C PHE K 54 19.95 49.68 13.33
N ARG K 55 19.27 50.67 13.95
CA ARG K 55 19.49 51.01 15.35
C ARG K 55 18.95 49.89 16.21
N GLU K 56 17.73 49.40 15.91
CA GLU K 56 17.05 48.29 16.59
C GLU K 56 17.92 47.02 16.55
N VAL K 57 18.60 46.79 15.42
CA VAL K 57 19.50 45.66 15.23
C VAL K 57 20.71 45.79 16.18
N GLN K 58 21.37 46.97 16.18
CA GLN K 58 22.53 47.20 17.03
C GLN K 58 22.19 47.14 18.52
N ILE K 59 21.00 47.61 18.90
CA ILE K 59 20.55 47.58 20.29
C ILE K 59 20.32 46.13 20.75
N MET K 60 19.76 45.30 19.88
CA MET K 60 19.52 43.90 20.22
C MET K 60 20.80 43.10 20.37
N LYS K 61 21.87 43.49 19.65
CA LYS K 61 23.18 42.84 19.75
C LYS K 61 23.85 43.08 21.11
N MET K 62 23.46 44.18 21.81
CA MET K 62 23.95 44.54 23.15
C MET K 62 23.18 43.83 24.27
N LEU K 63 21.93 43.41 24.01
CA LEU K 63 21.10 42.84 25.04
C LEU K 63 21.01 41.33 25.08
N SER K 64 21.80 40.70 25.97
CA SER K 64 21.71 39.27 26.18
C SER K 64 21.19 39.08 27.62
N HIS K 65 19.91 38.76 27.79
CA HIS K 65 19.30 38.63 29.11
C HIS K 65 18.21 37.55 29.07
N PRO K 66 18.02 36.82 30.19
CA PRO K 66 17.01 35.76 30.21
C PRO K 66 15.56 36.18 29.98
N HIS K 67 15.22 37.47 30.16
CA HIS K 67 13.84 37.90 29.97
C HIS K 67 13.65 38.83 28.78
N ILE K 68 14.53 38.72 27.78
CA ILE K 68 14.47 39.51 26.55
C ILE K 68 14.69 38.54 25.39
N ILE K 69 13.92 38.71 24.30
CA ILE K 69 14.00 37.91 23.08
C ILE K 69 15.44 38.00 22.51
N ARG K 70 16.06 36.85 22.20
CA ARG K 70 17.43 36.83 21.74
C ARG K 70 17.59 36.82 20.25
N LEU K 71 18.30 37.82 19.70
CA LEU K 71 18.55 37.93 18.26
C LEU K 71 19.56 36.86 17.85
N TYR K 72 19.28 36.12 16.78
CA TYR K 72 20.15 35.05 16.31
C TYR K 72 20.88 35.37 15.01
N GLN K 73 20.17 35.88 14.01
CA GLN K 73 20.77 36.17 12.71
C GLN K 73 20.11 37.37 12.04
N VAL K 74 20.87 38.09 11.23
CA VAL K 74 20.36 39.21 10.45
C VAL K 74 20.71 38.96 8.98
N MET K 75 19.69 38.89 8.12
CA MET K 75 19.90 38.65 6.70
C MET K 75 19.40 39.85 5.91
N GLU K 76 20.14 40.26 4.87
CA GLU K 76 19.73 41.41 4.08
C GLU K 76 19.94 41.23 2.60
N THR K 77 18.85 41.34 1.82
CA THR K 77 18.92 41.25 0.36
C THR K 77 18.87 42.68 -0.26
N GLU K 78 18.88 42.81 -1.59
CA GLU K 78 18.82 44.11 -2.27
C GLU K 78 17.58 44.93 -1.84
N ARG K 79 16.41 44.27 -1.63
CA ARG K 79 15.19 44.99 -1.25
C ARG K 79 14.57 44.53 0.07
N MET K 80 15.13 43.52 0.74
CA MET K 80 14.54 43.00 1.98
C MET K 80 15.52 42.99 3.14
N ILE K 81 14.99 42.95 4.37
CA ILE K 81 15.76 42.84 5.59
C ILE K 81 15.00 41.93 6.58
N TYR K 82 15.65 40.86 7.06
CA TYR K 82 15.04 39.86 7.96
C TYR K 82 15.78 39.70 9.26
N LEU K 83 15.05 39.74 10.40
CA LEU K 83 15.67 39.53 11.70
C LEU K 83 15.19 38.23 12.28
N VAL K 84 16.10 37.30 12.53
CA VAL K 84 15.76 36.02 13.10
C VAL K 84 16.00 36.06 14.59
N THR K 85 14.96 35.80 15.40
CA THR K 85 15.08 35.82 16.86
C THR K 85 14.55 34.50 17.47
N GLU K 86 14.62 34.34 18.80
CA GLU K 86 14.05 33.14 19.41
C GLU K 86 12.52 33.18 19.34
N TYR K 87 11.89 32.02 19.49
CA TYR K 87 10.44 31.93 19.43
C TYR K 87 9.91 31.55 20.83
N ALA K 88 9.09 32.44 21.43
CA ALA K 88 8.48 32.20 22.74
C ALA K 88 7.16 31.46 22.52
N SER K 89 7.20 30.11 22.67
CA SER K 89 6.08 29.21 22.40
C SER K 89 4.94 29.17 23.40
N GLY K 90 4.95 30.01 24.41
CA GLY K 90 3.89 30.01 25.43
C GLY K 90 2.77 30.99 25.19
N GLY K 91 2.99 31.93 24.28
CA GLY K 91 2.01 32.97 23.96
C GLY K 91 2.49 34.32 24.43
N GLU K 92 1.57 35.23 24.74
CA GLU K 92 1.92 36.56 25.25
C GLU K 92 1.01 36.95 26.45
N ILE K 93 1.32 38.06 27.14
CA ILE K 93 0.52 38.50 28.30
C ILE K 93 -0.92 38.84 27.89
N PHE K 94 -1.11 39.59 26.81
CA PHE K 94 -2.44 39.94 26.34
C PHE K 94 -3.33 38.71 26.08
N ASP K 95 -2.82 37.67 25.37
CA ASP K 95 -3.59 36.45 25.07
C ASP K 95 -4.02 35.78 26.36
N HIS K 96 -3.09 35.67 27.30
CA HIS K 96 -3.26 35.02 28.60
C HIS K 96 -4.27 35.76 29.50
N LEU K 97 -4.36 37.08 29.35
CA LEU K 97 -5.31 37.87 30.10
C LEU K 97 -6.71 37.70 29.54
N VAL K 98 -6.82 37.53 28.23
CA VAL K 98 -8.07 37.27 27.54
C VAL K 98 -8.53 35.82 27.83
N ALA K 99 -7.59 34.88 27.94
CA ALA K 99 -7.92 33.49 28.21
C ALA K 99 -8.26 33.20 29.66
N HIS K 100 -7.53 33.79 30.62
CA HIS K 100 -7.74 33.47 32.03
C HIS K 100 -8.17 34.61 32.93
N GLY K 101 -8.19 35.82 32.43
CA GLY K 101 -8.59 36.98 33.22
C GLY K 101 -7.45 37.50 34.08
N ARG K 102 -7.76 38.38 35.04
CA ARG K 102 -6.77 38.97 35.93
C ARG K 102 -5.95 37.92 36.70
N MET K 103 -4.69 38.23 36.94
CA MET K 103 -3.82 37.34 37.68
C MET K 103 -3.91 37.62 39.16
N ALA K 104 -3.70 36.57 39.97
CA ALA K 104 -3.64 36.74 41.42
C ALA K 104 -2.35 37.53 41.70
N GLU K 105 -2.33 38.37 42.75
CA GLU K 105 -1.14 39.18 43.03
C GLU K 105 0.13 38.35 43.17
N LYS K 106 0.01 37.08 43.60
CA LYS K 106 1.17 36.20 43.71
C LYS K 106 1.72 35.85 42.31
N GLU K 107 0.83 35.51 41.37
CA GLU K 107 1.23 35.17 40.00
C GLU K 107 1.72 36.42 39.24
N ALA K 108 1.04 37.55 39.45
CA ALA K 108 1.38 38.82 38.82
C ALA K 108 2.70 39.36 39.33
N ARG K 109 3.04 39.10 40.62
CA ARG K 109 4.29 39.55 41.22
C ARG K 109 5.45 38.85 40.53
N ARG K 110 5.33 37.53 40.30
CA ARG K 110 6.36 36.75 39.62
C ARG K 110 6.64 37.31 38.21
N LYS K 111 5.59 37.57 37.45
CA LYS K 111 5.73 38.09 36.09
C LYS K 111 6.32 39.49 36.12
N PHE K 112 5.82 40.32 37.03
CA PHE K 112 6.29 41.70 37.13
C PHE K 112 7.75 41.79 37.50
N LYS K 113 8.23 40.90 38.39
CA LYS K 113 9.62 40.86 38.78
C LYS K 113 10.48 40.56 37.55
N GLN K 114 10.10 39.57 36.74
CA GLN K 114 10.80 39.23 35.51
C GLN K 114 10.85 40.42 34.56
N ILE K 115 9.73 41.14 34.41
CA ILE K 115 9.66 42.30 33.54
C ILE K 115 10.61 43.39 34.01
N VAL K 116 10.57 43.76 35.31
CA VAL K 116 11.45 44.81 35.80
C VAL K 116 12.92 44.40 35.75
N THR K 117 13.27 43.09 35.80
CA THR K 117 14.69 42.70 35.70
C THR K 117 15.20 42.99 34.28
N ALA K 118 14.33 42.77 33.27
CA ALA K 118 14.65 43.02 31.86
C ALA K 118 14.73 44.50 31.56
N VAL K 119 13.79 45.30 32.11
CA VAL K 119 13.78 46.75 31.92
C VAL K 119 14.97 47.39 32.65
N TYR K 120 15.31 46.91 33.86
CA TYR K 120 16.45 47.43 34.63
C TYR K 120 17.74 47.13 33.87
N PHE K 121 17.88 45.91 33.31
CA PHE K 121 19.04 45.53 32.53
C PHE K 121 19.25 46.45 31.35
N CYS K 122 18.15 46.84 30.66
CA CYS K 122 18.21 47.76 29.53
C CYS K 122 18.73 49.12 29.98
N HIS K 123 18.17 49.64 31.07
CA HIS K 123 18.58 50.94 31.58
C HIS K 123 20.04 50.92 32.05
N SER K 124 20.59 49.76 32.45
CA SER K 124 21.99 49.61 32.83
C SER K 124 22.87 49.74 31.60
N ARG K 125 22.43 49.16 30.46
CA ARG K 125 23.19 49.27 29.22
C ARG K 125 22.88 50.59 28.47
N ASN K 126 22.18 51.55 29.12
CA ASN K 126 21.79 52.85 28.58
C ASN K 126 20.85 52.72 27.39
N ILE K 127 19.81 51.88 27.51
CA ILE K 127 18.82 51.65 26.46
C ILE K 127 17.40 51.76 27.04
N VAL K 128 16.49 52.51 26.37
CA VAL K 128 15.10 52.59 26.80
C VAL K 128 14.21 51.92 25.77
N HIS K 129 13.21 51.14 26.22
CA HIS K 129 12.34 50.40 25.33
C HIS K 129 11.34 51.27 24.58
N ARG K 130 10.71 52.22 25.29
CA ARG K 130 9.69 53.17 24.79
C ARG K 130 8.48 52.52 24.06
N ASP K 131 8.15 51.24 24.32
CA ASP K 131 7.03 50.60 23.62
C ASP K 131 6.54 49.34 24.37
N LEU K 132 6.62 49.36 25.70
CA LEU K 132 6.19 48.22 26.52
C LEU K 132 4.68 48.11 26.47
N LYS K 133 4.14 46.98 26.07
CA LYS K 133 2.70 46.73 26.04
C LYS K 133 2.49 45.26 26.38
N ALA K 134 1.27 44.83 26.73
CA ALA K 134 1.05 43.42 27.07
C ALA K 134 1.40 42.48 25.92
N GLU K 135 1.05 42.88 24.69
CA GLU K 135 1.35 42.09 23.49
C GLU K 135 2.85 42.02 23.16
N ASN K 136 3.67 42.92 23.76
CA ASN K 136 5.13 42.93 23.63
C ASN K 136 5.82 42.07 24.71
N LEU K 137 5.06 41.56 25.71
CA LEU K 137 5.60 40.72 26.78
C LEU K 137 5.26 39.27 26.46
N LEU K 138 6.16 38.55 25.82
CA LEU K 138 5.92 37.16 25.48
C LEU K 138 6.16 36.21 26.66
N LEU K 139 5.73 34.93 26.54
CA LEU K 139 5.94 33.89 27.54
C LEU K 139 6.56 32.71 26.82
N ASP K 140 7.67 32.15 27.34
CA ASP K 140 8.31 31.00 26.69
C ASP K 140 7.57 29.68 27.04
N ALA K 141 8.12 28.50 26.70
CA ALA K 141 7.48 27.22 27.01
C ALA K 141 7.27 26.99 28.50
N ASN K 142 8.15 27.56 29.34
CA ASN K 142 8.08 27.46 30.80
C ASN K 142 7.28 28.62 31.45
N LEU K 143 6.58 29.42 30.62
CA LEU K 143 5.80 30.58 30.98
C LEU K 143 6.61 31.70 31.64
N ASN K 144 7.80 31.96 31.10
CA ASN K 144 8.68 32.99 31.60
C ASN K 144 8.69 34.17 30.61
N ILE K 145 8.68 35.40 31.12
CA ILE K 145 8.67 36.62 30.30
C ILE K 145 9.84 36.70 29.31
N LYS K 146 9.57 37.25 28.10
CA LYS K 146 10.52 37.53 27.02
C LYS K 146 10.10 38.84 26.35
N ILE K 147 10.76 39.96 26.67
CA ILE K 147 10.41 41.26 26.06
C ILE K 147 10.83 41.26 24.60
N ALA K 148 9.95 41.74 23.73
CA ALA K 148 10.18 41.77 22.28
C ALA K 148 9.92 43.19 21.68
N ASP K 149 10.23 43.41 20.38
CA ASP K 149 10.05 44.65 19.64
C ASP K 149 10.81 45.84 20.21
N PHE K 150 12.09 45.89 19.92
CA PHE K 150 12.92 47.02 20.29
C PHE K 150 13.05 47.97 19.09
N GLY K 151 12.00 48.09 18.28
CA GLY K 151 12.02 48.94 17.10
C GLY K 151 12.00 50.41 17.45
N PHE K 152 11.32 50.74 18.54
CA PHE K 152 11.22 52.11 19.03
C PHE K 152 12.24 52.42 20.13
N SER K 153 13.15 51.49 20.46
CA SER K 153 14.13 51.69 21.49
C SER K 153 15.25 52.62 21.05
N ASN K 154 15.94 53.23 22.02
CA ASN K 154 17.04 54.15 21.72
C ASN K 154 18.08 54.15 22.85
N LEU K 155 19.31 54.55 22.50
CA LEU K 155 20.39 54.69 23.47
C LEU K 155 20.20 56.04 24.16
N PHE K 156 20.45 56.09 25.47
CA PHE K 156 20.28 57.35 26.21
C PHE K 156 21.45 57.66 27.11
N THR K 157 21.61 58.94 27.46
CA THR K 157 22.62 59.39 28.39
C THR K 157 21.88 59.77 29.66
N PRO K 158 22.18 59.16 30.82
CA PRO K 158 21.45 59.51 32.05
C PRO K 158 21.38 61.01 32.32
N GLY K 159 20.18 61.57 32.21
CA GLY K 159 19.93 63.00 32.37
C GLY K 159 19.69 63.74 31.06
N GLN K 160 19.41 63.01 29.97
CA GLN K 160 19.14 63.64 28.67
C GLN K 160 17.66 63.63 28.33
N LEU K 161 17.23 64.56 27.47
CA LEU K 161 15.84 64.61 27.04
C LEU K 161 15.74 64.06 25.63
N LEU K 162 14.86 63.06 25.42
CA LEU K 162 14.68 62.45 24.12
C LEU K 162 13.56 63.14 23.37
N LYS K 163 13.62 63.09 22.04
CA LYS K 163 12.55 63.64 21.25
C LYS K 163 12.22 62.74 20.12
N TRP K 165 8.51 60.91 19.61
CA TRP K 165 7.20 60.62 20.18
C TRP K 165 6.66 59.29 19.68
N CYS K 166 6.94 58.22 20.44
CA CYS K 166 6.54 56.87 20.09
C CYS K 166 6.05 56.07 21.31
N GLY K 167 5.39 54.94 21.06
CA GLY K 167 4.90 54.07 22.12
C GLY K 167 3.48 53.57 21.89
N SER K 168 3.08 52.51 22.60
CA SER K 168 1.73 51.95 22.48
C SER K 168 0.78 52.90 23.21
N PRO K 169 -0.20 53.52 22.51
CA PRO K 169 -1.07 54.51 23.16
C PRO K 169 -1.64 54.16 24.55
N PRO K 170 -2.26 52.97 24.82
CA PRO K 170 -2.74 52.72 26.20
C PRO K 170 -1.68 52.65 27.30
N TYR K 171 -0.41 52.48 26.93
CA TYR K 171 0.71 52.44 27.88
C TYR K 171 1.62 53.68 27.84
N ALA K 172 1.41 54.57 26.88
CA ALA K 172 2.23 55.77 26.69
C ALA K 172 2.05 56.78 27.80
N ALA K 173 3.18 57.35 28.26
CA ALA K 173 3.18 58.36 29.31
C ALA K 173 2.57 59.67 28.81
N PRO K 174 1.96 60.49 29.70
CA PRO K 174 1.34 61.73 29.22
C PRO K 174 2.23 62.67 28.40
N GLU K 175 3.53 62.78 28.75
CA GLU K 175 4.50 63.64 28.04
C GLU K 175 4.59 63.30 26.56
N LEU K 176 4.45 62.01 26.22
CA LEU K 176 4.52 61.52 24.85
C LEU K 176 3.33 62.03 24.03
N PHE K 177 2.12 62.00 24.62
CA PHE K 177 0.92 62.51 23.97
C PHE K 177 1.03 64.02 23.77
N GLU K 178 1.62 64.73 24.76
CA GLU K 178 1.80 66.17 24.72
C GLU K 178 2.95 66.66 23.84
N GLY K 179 3.78 65.75 23.34
CA GLY K 179 4.91 66.10 22.50
C GLY K 179 5.99 66.86 23.24
N LYS K 180 6.23 66.49 24.50
CA LYS K 180 7.25 67.14 25.34
C LYS K 180 8.54 66.34 25.33
N GLU K 181 9.70 67.01 25.47
CA GLU K 181 10.98 66.32 25.58
C GLU K 181 10.98 65.59 26.93
N TYR K 182 11.41 64.33 26.95
CA TYR K 182 11.25 63.50 28.13
C TYR K 182 12.47 62.73 28.60
N ASP K 183 12.43 62.24 29.84
CA ASP K 183 13.48 61.38 30.36
C ASP K 183 13.05 59.96 29.98
N GLY K 184 13.94 59.24 29.31
CA GLY K 184 13.71 57.87 28.86
C GLY K 184 13.18 56.92 29.92
N PRO K 185 13.98 56.61 30.95
CA PRO K 185 13.51 55.66 31.97
C PRO K 185 12.19 56.03 32.62
N LYS K 186 11.89 57.34 32.82
CA LYS K 186 10.62 57.78 33.41
C LYS K 186 9.41 57.41 32.53
N VAL K 187 9.62 57.32 31.21
CA VAL K 187 8.58 56.92 30.27
C VAL K 187 8.33 55.41 30.36
N ASP K 188 9.39 54.61 30.59
CA ASP K 188 9.28 53.17 30.76
C ASP K 188 8.63 52.84 32.10
N ILE K 189 8.89 53.64 33.13
CA ILE K 189 8.31 53.45 34.45
C ILE K 189 6.79 53.64 34.40
N TRP K 190 6.31 54.64 33.61
CA TRP K 190 4.87 54.83 33.44
C TRP K 190 4.25 53.59 32.78
N SER K 191 4.89 53.07 31.70
CA SER K 191 4.41 51.89 30.98
C SER K 191 4.31 50.69 31.93
N LEU K 192 5.31 50.53 32.82
CA LEU K 192 5.35 49.47 33.82
C LEU K 192 4.19 49.55 34.79
N GLY K 193 3.76 50.77 35.11
CA GLY K 193 2.60 51.00 35.98
C GLY K 193 1.33 50.49 35.33
N VAL K 194 1.19 50.70 34.00
CA VAL K 194 0.04 50.24 33.23
C VAL K 194 0.10 48.72 33.10
N VAL K 195 1.29 48.16 32.87
CA VAL K 195 1.52 46.72 32.78
C VAL K 195 1.13 46.06 34.11
N LEU K 196 1.54 46.63 35.25
CA LEU K 196 1.19 46.08 36.56
C LEU K 196 -0.31 46.14 36.80
N TYR K 197 -0.94 47.25 36.40
CA TYR K 197 -2.37 47.43 36.54
C TYR K 197 -3.12 46.39 35.75
N VAL K 198 -2.83 46.27 34.44
CA VAL K 198 -3.50 45.32 33.55
C VAL K 198 -3.23 43.85 33.98
N LEU K 199 -2.09 43.57 34.62
CA LEU K 199 -1.80 42.21 35.10
C LEU K 199 -2.73 41.82 36.25
N VAL K 200 -2.93 42.72 37.22
CA VAL K 200 -3.77 42.42 38.37
C VAL K 200 -5.26 42.74 38.17
N CYS K 201 -5.63 43.47 37.10
CA CYS K 201 -7.03 43.87 36.85
C CYS K 201 -7.67 43.20 35.65
N GLY K 202 -6.85 42.76 34.70
CA GLY K 202 -7.34 42.19 33.46
C GLY K 202 -8.06 43.21 32.58
N ALA K 203 -7.72 44.50 32.77
CA ALA K 203 -8.29 45.66 32.09
C ALA K 203 -7.34 46.84 32.23
N LEU K 204 -7.42 47.82 31.33
CA LEU K 204 -6.53 48.98 31.35
C LEU K 204 -6.96 50.06 32.34
N PRO K 205 -6.01 50.81 32.91
CA PRO K 205 -6.41 51.93 33.80
C PRO K 205 -7.02 53.09 32.99
N PHE K 206 -6.53 53.31 31.76
CA PHE K 206 -7.05 54.33 30.86
C PHE K 206 -7.39 53.61 29.54
N ASP K 207 -8.66 53.76 29.09
CA ASP K 207 -9.23 53.13 27.91
C ASP K 207 -10.32 54.04 27.27
N GLY K 208 -10.66 53.77 26.01
CA GLY K 208 -11.66 54.54 25.26
C GLY K 208 -12.03 53.93 23.92
N SER K 209 -13.02 54.51 23.22
CA SER K 209 -13.44 53.96 21.93
C SER K 209 -12.41 54.21 20.83
N THR K 210 -11.75 55.37 20.88
CA THR K 210 -10.75 55.80 19.90
C THR K 210 -9.49 56.37 20.60
N LEU K 211 -8.42 56.62 19.82
CA LEU K 211 -7.17 57.20 20.29
C LEU K 211 -7.41 58.58 20.93
N GLN K 212 -8.33 59.37 20.39
CA GLN K 212 -8.66 60.69 20.92
C GLN K 212 -9.28 60.56 22.33
N ASN K 213 -10.16 59.57 22.52
CA ASN K 213 -10.81 59.33 23.81
C ASN K 213 -9.83 58.80 24.84
N LEU K 214 -8.92 57.94 24.39
CA LEU K 214 -7.88 57.32 25.17
C LEU K 214 -6.88 58.41 25.67
N ARG K 215 -6.47 59.32 24.77
CA ARG K 215 -5.55 60.39 25.11
C ARG K 215 -6.10 61.26 26.25
N ALA K 216 -7.38 61.64 26.16
CA ALA K 216 -8.03 62.45 27.19
C ALA K 216 -7.99 61.75 28.56
N ARG K 217 -8.13 60.41 28.57
CA ARG K 217 -8.07 59.62 29.78
C ARG K 217 -6.66 59.56 30.39
N VAL K 218 -5.61 59.35 29.55
CA VAL K 218 -4.21 59.29 29.98
C VAL K 218 -3.83 60.62 30.60
N LEU K 219 -4.15 61.73 29.92
CA LEU K 219 -3.81 63.08 30.39
C LEU K 219 -4.52 63.48 31.68
N SER K 220 -5.67 62.87 31.97
CA SER K 220 -6.39 63.15 33.20
C SER K 220 -5.66 62.60 34.41
N GLY K 221 -4.97 61.46 34.25
CA GLY K 221 -4.23 60.82 35.32
C GLY K 221 -5.09 60.08 36.31
N LYS K 222 -6.42 60.19 36.19
CA LYS K 222 -7.36 59.53 37.09
C LYS K 222 -7.61 58.12 36.63
N PHE K 223 -7.67 57.16 37.56
CA PHE K 223 -7.95 55.76 37.24
C PHE K 223 -8.56 55.04 38.42
N ARG K 224 -9.51 54.13 38.16
CA ARG K 224 -10.21 53.40 39.21
C ARG K 224 -9.37 52.30 39.78
N ILE K 225 -9.38 52.17 41.10
CA ILE K 225 -8.61 51.13 41.77
C ILE K 225 -9.59 50.10 42.37
N PRO K 226 -9.59 48.86 41.84
CA PRO K 226 -10.60 47.88 42.25
C PRO K 226 -10.49 47.36 43.66
N PHE K 227 -11.61 46.89 44.20
CA PHE K 227 -11.75 46.38 45.55
C PHE K 227 -10.79 45.23 45.85
N PHE K 228 -10.61 44.32 44.89
CA PHE K 228 -9.74 43.16 45.05
C PHE K 228 -8.23 43.49 45.13
N MET K 229 -7.84 44.70 44.73
CA MET K 229 -6.43 45.07 44.77
C MET K 229 -5.99 45.45 46.18
N SER K 230 -4.85 44.89 46.61
CA SER K 230 -4.29 45.12 47.94
C SER K 230 -3.82 46.57 48.12
N THR K 231 -3.71 46.99 49.39
CA THR K 231 -3.24 48.34 49.69
C THR K 231 -1.78 48.54 49.27
N GLU K 232 -0.96 47.46 49.35
CA GLU K 232 0.44 47.48 48.96
C GLU K 232 0.57 47.65 47.47
N CYS K 233 -0.29 46.96 46.70
CA CYS K 233 -0.28 47.03 45.23
C CYS K 233 -0.77 48.37 44.74
N GLU K 234 -1.83 48.91 45.36
CA GLU K 234 -2.37 50.21 45.01
C GLU K 234 -1.31 51.31 45.18
N HIS K 235 -0.54 51.25 46.27
CA HIS K 235 0.51 52.23 46.54
C HIS K 235 1.55 52.24 45.42
N LEU K 236 1.99 51.05 45.00
CA LEU K 236 2.99 50.92 43.96
C LEU K 236 2.52 51.53 42.63
N ILE K 237 1.31 51.19 42.20
CA ILE K 237 0.75 51.71 40.95
C ILE K 237 0.53 53.23 41.02
N ARG K 238 -0.05 53.72 42.10
CA ARG K 238 -0.29 55.15 42.29
C ARG K 238 1.02 55.95 42.30
N HIS K 239 2.15 55.31 42.66
CA HIS K 239 3.46 55.97 42.67
C HIS K 239 4.27 55.79 41.37
N MET K 240 3.74 55.06 40.40
CA MET K 240 4.35 54.88 39.09
C MET K 240 3.55 55.70 38.08
N LEU K 241 2.21 55.67 38.17
CA LEU K 241 1.34 56.45 37.29
C LEU K 241 1.13 57.85 37.85
N VAL K 242 2.18 58.68 37.83
CA VAL K 242 2.14 60.05 38.31
C VAL K 242 2.30 60.98 37.11
N LEU K 243 1.43 61.98 36.94
CA LEU K 243 1.53 62.89 35.80
C LEU K 243 2.91 63.60 35.69
N ASP K 244 3.47 64.08 36.81
CA ASP K 244 4.80 64.71 36.81
C ASP K 244 5.85 63.58 36.82
N PRO K 245 6.71 63.49 35.78
CA PRO K 245 7.71 62.40 35.73
C PRO K 245 8.72 62.43 36.87
N ASN K 246 9.01 63.62 37.41
CA ASN K 246 9.93 63.78 38.52
C ASN K 246 9.36 63.17 39.81
N LYS K 247 8.04 63.11 39.96
CA LYS K 247 7.43 62.53 41.15
C LYS K 247 7.20 61.01 41.05
N ARG K 248 7.71 60.35 39.97
CA ARG K 248 7.57 58.91 39.79
C ARG K 248 8.71 58.14 40.48
N LEU K 249 8.45 56.89 40.86
CA LEU K 249 9.46 56.06 41.48
C LEU K 249 10.60 55.75 40.51
N SER K 250 11.80 55.51 41.01
CA SER K 250 12.91 55.10 40.16
C SER K 250 12.86 53.56 40.06
N MET K 251 13.69 52.96 39.19
CA MET K 251 13.73 51.51 39.06
C MET K 251 14.15 50.83 40.36
N GLU K 252 15.08 51.44 41.11
CA GLU K 252 15.57 50.91 42.39
C GLU K 252 14.50 51.00 43.48
N GLN K 253 13.68 52.06 43.46
CA GLN K 253 12.58 52.23 44.42
C GLN K 253 11.47 51.20 44.15
N ILE K 254 11.27 50.81 42.88
CA ILE K 254 10.27 49.82 42.51
C ILE K 254 10.72 48.45 43.05
N CYS K 255 12.01 48.11 42.88
CA CYS K 255 12.56 46.84 43.35
C CYS K 255 12.43 46.67 44.85
N LYS K 256 12.66 47.75 45.60
CA LYS K 256 12.59 47.70 47.04
C LYS K 256 11.21 48.06 47.59
N HIS K 257 10.14 48.01 46.77
CA HIS K 257 8.80 48.36 47.25
C HIS K 257 8.25 47.29 48.19
N LYS K 258 7.40 47.67 49.16
CA LYS K 258 6.81 46.72 50.10
C LYS K 258 6.04 45.60 49.37
N TRP K 259 5.29 45.92 48.30
CA TRP K 259 4.56 44.91 47.53
C TRP K 259 5.52 43.95 46.85
N MET K 260 6.65 44.45 46.37
CA MET K 260 7.66 43.64 45.70
C MET K 260 8.31 42.64 46.67
N LYS K 261 8.60 43.09 47.89
CA LYS K 261 9.22 42.23 48.92
C LYS K 261 8.23 41.26 49.59
N LEU K 262 6.94 41.36 49.27
CA LEU K 262 5.87 40.52 49.81
C LEU K 262 6.03 39.04 49.40
N GLY K 263 5.37 38.18 50.14
CA GLY K 263 5.44 36.75 49.89
C GLY K 263 6.74 36.14 50.36
N ASP K 264 7.14 35.05 49.71
CA ASP K 264 8.37 34.36 50.09
C ASP K 264 9.61 35.11 49.60
N ALA K 265 10.74 34.88 50.26
CA ALA K 265 11.99 35.52 49.93
C ALA K 265 12.44 35.11 48.51
N ASP K 266 12.75 36.10 47.67
CA ASP K 266 13.18 35.83 46.29
C ASP K 266 14.64 36.29 46.11
N PRO K 267 15.60 35.42 46.43
CA PRO K 267 17.01 35.81 46.26
C PRO K 267 17.46 35.82 44.80
N ASN K 268 16.77 35.05 43.92
CA ASN K 268 17.10 35.04 42.51
C ASN K 268 16.79 36.41 41.85
N PHE K 269 15.81 37.15 42.38
CA PHE K 269 15.46 38.49 41.92
C PHE K 269 16.55 39.47 42.34
N ASP K 270 17.01 39.36 43.60
CA ASP K 270 18.06 40.18 44.17
C ASP K 270 19.38 39.99 43.40
N ARG K 271 19.68 38.76 42.98
CA ARG K 271 20.89 38.45 42.22
C ARG K 271 20.85 39.08 40.81
N LEU K 272 19.65 39.13 40.20
CA LEU K 272 19.50 39.71 38.88
C LEU K 272 19.54 41.23 38.92
N ILE K 273 19.01 41.84 39.99
CA ILE K 273 19.03 43.29 40.11
C ILE K 273 20.43 43.74 40.45
N ALA K 274 21.13 43.02 41.34
CA ALA K 274 22.52 43.34 41.71
C ALA K 274 23.46 43.24 40.51
N GLU K 275 23.21 42.30 39.60
CA GLU K 275 24.01 42.16 38.38
C GLU K 275 23.87 43.40 37.46
N SER K 276 22.66 44.00 37.46
CA SER K 276 22.36 45.21 36.69
C SER K 276 22.96 46.49 37.35
N GLN K 277 23.44 46.42 38.60
CA GLN K 277 24.05 47.57 39.29
C GLN K 277 25.57 47.39 39.49
N GLN K 278 26.22 46.54 38.69
CA GLN K 278 27.66 46.29 38.82
C GLN K 278 28.37 46.30 37.47
N LEU K 279 29.19 47.34 37.22
CA LEU K 279 29.95 47.47 35.97
C LEU K 279 31.43 47.17 36.19
N PRO K 287 33.48 32.86 27.60
CA PRO K 287 32.74 31.59 27.45
C PRO K 287 32.77 31.10 26.01
N LEU K 288 32.95 29.77 25.80
CA LEU K 288 32.99 29.14 24.47
C LEU K 288 32.84 27.63 24.57
N ASN K 289 31.86 27.05 23.85
CA ASN K 289 31.68 25.60 23.89
C ASN K 289 32.35 24.91 22.72
N GLU K 290 33.32 24.04 23.01
CA GLU K 290 34.07 23.29 22.02
C GLU K 290 33.28 22.13 21.41
N ASP K 291 32.23 21.64 22.10
CA ASP K 291 31.42 20.53 21.58
C ASP K 291 30.62 20.97 20.36
N VAL K 292 30.01 22.17 20.43
CA VAL K 292 29.23 22.74 19.35
C VAL K 292 30.14 23.06 18.16
N LEU K 293 31.33 23.62 18.42
CA LEU K 293 32.31 23.93 17.39
C LEU K 293 32.77 22.69 16.62
N LEU K 294 32.82 21.53 17.29
CA LEU K 294 33.21 20.28 16.66
C LEU K 294 32.09 19.75 15.76
N ALA K 295 30.84 19.84 16.23
CA ALA K 295 29.70 19.36 15.44
C ALA K 295 29.46 20.23 14.20
N MET K 296 29.78 21.53 14.27
CA MET K 296 29.65 22.43 13.14
C MET K 296 30.71 22.12 12.08
N GLU K 297 31.92 21.75 12.52
CA GLU K 297 33.04 21.41 11.64
C GLU K 297 32.72 20.15 10.83
N ASP K 298 32.05 19.16 11.47
CA ASP K 298 31.65 17.88 10.87
C ASP K 298 30.49 17.97 9.86
N MET K 299 29.79 19.11 9.82
CA MET K 299 28.73 19.37 8.87
C MET K 299 29.18 20.16 7.63
N GLY K 300 30.41 20.67 7.66
CA GLY K 300 30.96 21.38 6.52
C GLY K 300 31.32 22.83 6.76
N LEU K 301 31.00 23.37 7.94
CA LEU K 301 31.31 24.76 8.25
C LEU K 301 32.79 24.90 8.65
N ASP K 302 33.51 25.87 8.04
CA ASP K 302 34.93 26.10 8.32
C ASP K 302 35.18 26.54 9.77
N LYS K 303 36.18 25.94 10.41
CA LYS K 303 36.52 26.20 11.81
C LYS K 303 36.97 27.64 12.05
N GLU K 304 37.94 28.13 11.27
CA GLU K 304 38.43 29.50 11.45
C GLU K 304 37.41 30.55 11.02
N GLN K 305 36.56 30.23 10.03
CA GLN K 305 35.52 31.16 9.56
C GLN K 305 34.40 31.29 10.59
N THR K 306 34.11 30.19 11.32
CA THR K 306 33.10 30.18 12.38
C THR K 306 33.58 31.06 13.53
N LEU K 307 34.87 30.94 13.90
CA LEU K 307 35.46 31.70 14.99
C LEU K 307 35.52 33.19 14.68
N GLN K 308 35.82 33.54 13.42
CA GLN K 308 35.89 34.94 13.01
C GLN K 308 34.51 35.58 13.04
N SER K 309 33.48 34.83 12.63
CA SER K 309 32.10 35.32 12.63
C SER K 309 31.54 35.48 14.06
N LEU K 310 32.02 34.65 14.99
CA LEU K 310 31.62 34.67 16.38
C LEU K 310 32.26 35.85 17.10
N ARG K 311 33.57 36.07 16.91
CA ARG K 311 34.27 37.15 17.58
C ARG K 311 33.91 38.54 17.04
N SER K 312 33.50 38.62 15.77
CA SER K 312 33.18 39.91 15.16
C SER K 312 31.73 40.36 15.30
N ASP K 313 30.87 39.57 15.98
CA ASP K 313 29.44 39.84 16.16
C ASP K 313 28.75 40.09 14.83
N ALA K 314 29.00 39.18 13.88
CA ALA K 314 28.48 39.28 12.53
C ALA K 314 27.00 38.97 12.44
N TYR K 315 26.51 38.04 13.29
CA TYR K 315 25.12 37.57 13.31
C TYR K 315 24.74 37.03 11.93
N ASP K 316 25.62 36.20 11.39
CA ASP K 316 25.50 35.61 10.08
C ASP K 316 25.09 34.13 10.18
N HIS K 317 25.17 33.36 9.08
CA HIS K 317 24.81 31.95 9.08
C HIS K 317 25.58 31.15 10.14
N TYR K 318 26.90 31.39 10.27
CA TYR K 318 27.69 30.67 11.27
C TYR K 318 27.28 31.05 12.69
N SER K 319 27.12 32.36 12.95
CA SER K 319 26.77 32.89 14.27
C SER K 319 25.42 32.37 14.74
N ALA K 320 24.48 32.19 13.82
CA ALA K 320 23.15 31.69 14.15
C ALA K 320 23.19 30.19 14.45
N ILE K 321 23.93 29.41 13.64
CA ILE K 321 24.04 27.97 13.84
C ILE K 321 24.70 27.63 15.17
N TYR K 322 25.67 28.46 15.60
CA TYR K 322 26.33 28.24 16.89
C TYR K 322 25.36 28.52 18.04
N SER K 323 24.71 29.69 18.02
CA SER K 323 23.76 30.14 19.05
C SER K 323 22.58 29.20 19.21
N LEU K 324 22.04 28.68 18.09
CA LEU K 324 20.91 27.77 18.11
C LEU K 324 21.32 26.39 18.65
N LEU K 325 22.52 25.93 18.28
CA LEU K 325 23.07 24.63 18.72
C LEU K 325 23.38 24.59 20.22
N CYS K 326 23.53 25.76 20.85
CA CYS K 326 23.81 25.86 22.27
C CYS K 326 22.52 25.85 23.11
N ASP K 327 21.51 25.06 22.69
CA ASP K 327 20.21 24.82 23.35
C ASP K 327 19.24 24.03 22.47
N GLU L 1 -27.68 31.40 10.30
CA GLU L 1 -26.91 30.24 10.73
C GLU L 1 -26.16 30.57 12.00
N VAL L 2 -25.51 31.75 12.05
CA VAL L 2 -24.74 32.13 13.23
C VAL L 2 -25.64 32.30 14.42
N GLN L 3 -25.33 31.62 15.52
CA GLN L 3 -26.12 31.72 16.74
C GLN L 3 -25.25 31.64 17.97
N LEU L 4 -25.67 32.30 19.05
CA LEU L 4 -24.92 32.31 20.30
C LEU L 4 -25.64 31.36 21.26
N VAL L 5 -25.01 30.24 21.57
CA VAL L 5 -25.59 29.23 22.45
C VAL L 5 -25.08 29.32 23.88
N GLN L 6 -25.95 29.75 24.80
CA GLN L 6 -25.59 29.92 26.20
C GLN L 6 -25.80 28.69 27.06
N SER L 7 -25.16 28.67 28.24
CA SER L 7 -25.31 27.58 29.20
C SER L 7 -26.72 27.59 29.86
N GLY L 8 -27.08 26.51 30.51
CA GLY L 8 -28.40 26.40 31.14
C GLY L 8 -28.57 27.22 32.40
N ALA L 9 -29.84 27.39 32.81
CA ALA L 9 -30.25 28.12 34.00
C ALA L 9 -29.72 27.49 35.30
N GLY L 10 -29.57 28.29 36.36
CA GLY L 10 -29.07 27.79 37.62
C GLY L 10 -29.47 28.55 38.87
N VAL L 11 -29.29 27.89 40.03
CA VAL L 11 -29.56 28.46 41.35
C VAL L 11 -28.27 28.56 42.13
N LYS L 12 -27.97 29.74 42.67
CA LYS L 12 -26.77 29.93 43.46
C LYS L 12 -27.09 30.42 44.86
N LYS L 13 -26.36 29.95 45.87
CA LYS L 13 -26.54 30.43 47.24
C LYS L 13 -25.84 31.80 47.35
N PRO L 14 -26.36 32.73 48.18
CA PRO L 14 -25.72 34.05 48.30
C PRO L 14 -24.28 33.95 48.79
N GLY L 15 -23.39 34.66 48.13
CA GLY L 15 -21.96 34.67 48.45
C GLY L 15 -21.13 33.90 47.46
N SER L 16 -21.73 32.91 46.79
CA SER L 16 -21.06 32.07 45.80
C SER L 16 -20.82 32.83 44.47
N SER L 17 -20.22 32.16 43.46
CA SER L 17 -19.99 32.78 42.17
C SER L 17 -20.58 31.92 41.04
N VAL L 18 -21.00 32.56 39.94
CA VAL L 18 -21.60 31.85 38.81
C VAL L 18 -20.80 32.01 37.53
N LYS L 19 -20.63 30.94 36.76
CA LYS L 19 -19.92 31.02 35.49
C LYS L 19 -20.87 30.68 34.33
N VAL L 20 -21.09 31.64 33.42
CA VAL L 20 -21.98 31.45 32.27
C VAL L 20 -21.14 31.37 30.99
N SER L 21 -21.49 30.44 30.08
CA SER L 21 -20.79 30.29 28.81
C SER L 21 -21.62 30.81 27.62
N CYS L 22 -20.93 31.10 26.52
CA CYS L 22 -21.57 31.61 25.31
C CYS L 22 -20.78 31.10 24.10
N LYS L 23 -21.29 30.06 23.42
CA LYS L 23 -20.61 29.42 22.29
C LYS L 23 -21.15 29.85 20.93
N SER L 24 -20.28 30.27 20.01
CA SER L 24 -20.71 30.68 18.68
C SER L 24 -20.80 29.53 17.71
N SER L 25 -21.99 29.34 17.12
CA SER L 25 -22.18 28.31 16.10
C SER L 25 -22.17 29.01 14.72
N GLY L 26 -21.10 29.79 14.50
CA GLY L 26 -20.88 30.56 13.27
C GLY L 26 -20.80 29.71 12.01
N SER L 31 -11.87 36.68 17.26
CA SER L 31 -12.56 36.78 15.97
C SER L 31 -13.89 37.58 16.05
N SER L 32 -14.42 37.79 17.27
CA SER L 32 -15.63 38.55 17.54
C SER L 32 -15.47 39.42 18.82
N ALA L 33 -16.43 40.29 19.11
CA ALA L 33 -16.40 41.11 20.31
C ALA L 33 -17.65 40.77 21.08
N VAL L 34 -17.54 40.09 22.24
CA VAL L 34 -18.74 39.70 22.99
C VAL L 34 -18.91 40.47 24.28
N SER L 35 -20.08 41.06 24.45
CA SER L 35 -20.40 41.78 25.67
C SER L 35 -21.42 40.97 26.52
N TRP L 36 -21.51 41.27 27.82
CA TRP L 36 -22.46 40.60 28.70
C TRP L 36 -23.44 41.64 29.20
N ILE L 37 -24.74 41.38 29.03
CA ILE L 37 -25.82 42.29 29.40
C ILE L 37 -26.81 41.52 30.28
N ARG L 38 -27.25 42.07 31.40
CA ARG L 38 -28.21 41.38 32.26
C ARG L 38 -29.54 42.11 32.36
N GLN L 39 -30.59 41.37 32.69
CA GLN L 39 -31.91 41.95 32.84
C GLN L 39 -32.62 41.30 34.01
N ALA L 40 -32.81 42.05 35.10
CA ALA L 40 -33.52 41.52 36.27
C ALA L 40 -35.00 41.28 35.96
N PRO L 41 -35.67 40.33 36.64
CA PRO L 41 -37.08 40.04 36.32
C PRO L 41 -38.00 41.26 36.24
N GLY L 42 -38.53 41.52 35.04
CA GLY L 42 -39.41 42.67 34.79
C GLY L 42 -38.74 44.03 34.80
N GLN L 43 -37.41 44.05 34.79
CA GLN L 43 -36.60 45.27 34.81
C GLN L 43 -35.94 45.54 33.46
N GLY L 44 -35.19 46.63 33.35
CA GLY L 44 -34.51 46.98 32.12
C GLY L 44 -33.21 46.25 31.93
N VAL L 45 -32.65 46.38 30.74
CA VAL L 45 -31.39 45.76 30.37
C VAL L 45 -30.20 46.62 30.86
N GLU L 46 -29.06 45.97 31.19
CA GLU L 46 -27.91 46.65 31.77
C GLU L 46 -26.59 46.05 31.28
N TRP L 47 -25.68 46.88 30.76
CA TRP L 47 -24.40 46.41 30.24
C TRP L 47 -23.41 46.16 31.37
N MET L 48 -22.83 44.97 31.42
CA MET L 48 -21.89 44.61 32.48
C MET L 48 -20.44 44.75 32.09
N GLY L 49 -20.12 44.43 30.86
CA GLY L 49 -18.75 44.47 30.37
C GLY L 49 -18.59 43.70 29.08
N GLY L 50 -17.36 43.60 28.61
CA GLY L 50 -17.04 42.91 27.37
C GLY L 50 -15.94 43.60 26.59
N ILE L 51 -15.64 43.09 25.39
CA ILE L 51 -14.59 43.68 24.56
C ILE L 51 -15.10 44.96 23.85
N THR L 52 -14.49 46.14 24.12
CA THR L 52 -14.98 47.40 23.55
C THR L 52 -13.94 48.31 22.82
N SER L 53 -12.67 47.90 22.79
CA SER L 53 -11.63 48.69 22.14
C SER L 53 -10.52 47.78 21.65
N ILE L 54 -9.70 48.32 20.73
CA ILE L 54 -8.54 47.56 20.25
C ILE L 54 -7.38 47.53 21.30
N PHE L 55 -7.44 48.43 22.31
CA PHE L 55 -6.43 48.67 23.34
C PHE L 55 -6.30 47.66 24.49
N GLY L 56 -7.42 47.21 25.05
CA GLY L 56 -7.36 46.35 26.22
C GLY L 56 -7.94 44.96 26.08
N PRO L 57 -7.57 44.07 27.04
CA PRO L 57 -8.07 42.69 27.00
C PRO L 57 -9.56 42.55 27.27
N ALA L 58 -10.12 43.45 28.07
CA ALA L 58 -11.54 43.51 28.41
C ALA L 58 -11.88 44.89 29.01
N ASN L 59 -13.15 45.28 28.97
CA ASN L 59 -13.58 46.54 29.56
C ASN L 59 -14.81 46.24 30.39
N TYR L 60 -14.79 46.62 31.67
CA TYR L 60 -15.90 46.34 32.58
C TYR L 60 -16.61 47.60 32.98
N ALA L 61 -17.91 47.51 33.22
CA ALA L 61 -18.68 48.64 33.72
C ALA L 61 -18.26 48.84 35.19
N GLN L 62 -18.08 50.10 35.65
CA GLN L 62 -17.64 50.36 37.03
C GLN L 62 -18.34 49.54 38.11
N LYS L 63 -19.66 49.43 38.02
CA LYS L 63 -20.52 48.70 38.94
C LYS L 63 -20.09 47.24 39.10
N PHE L 64 -19.61 46.63 37.99
CA PHE L 64 -19.22 45.23 37.96
C PHE L 64 -17.71 44.96 37.99
N GLN L 65 -16.87 46.00 37.88
CA GLN L 65 -15.41 45.85 37.90
C GLN L 65 -14.85 44.93 38.99
N ASP L 66 -15.33 45.09 40.23
CA ASP L 66 -14.89 44.31 41.37
C ASP L 66 -15.29 42.84 41.39
N ARG L 67 -16.42 42.47 40.75
CA ARG L 67 -16.91 41.08 40.84
C ARG L 67 -16.98 40.33 39.52
N LEU L 68 -16.80 40.99 38.39
CA LEU L 68 -16.90 40.33 37.09
C LEU L 68 -15.54 39.97 36.53
N LYS L 69 -15.48 38.81 35.88
CA LYS L 69 -14.31 38.31 35.18
C LYS L 69 -14.84 37.88 33.80
N ILE L 70 -14.26 38.41 32.73
CA ILE L 70 -14.69 38.05 31.37
C ILE L 70 -13.51 37.41 30.64
N THR L 71 -13.70 36.15 30.22
CA THR L 71 -12.65 35.38 29.56
C THR L 71 -13.11 34.78 28.23
N ALA L 72 -12.18 34.26 27.41
CA ALA L 72 -12.54 33.67 26.14
C ALA L 72 -11.61 32.54 25.74
N ASP L 73 -12.17 31.49 25.16
CA ASP L 73 -11.43 30.34 24.64
C ASP L 73 -11.57 30.40 23.11
N LYS L 74 -10.56 30.98 22.44
CA LYS L 74 -10.51 31.18 20.99
C LYS L 74 -10.66 29.87 20.22
N ALA L 75 -10.03 28.80 20.76
CA ALA L 75 -10.04 27.47 20.18
C ALA L 75 -11.46 26.94 19.96
N THR L 76 -12.35 27.15 20.93
CA THR L 76 -13.72 26.64 20.82
C THR L 76 -14.77 27.69 20.51
N ASN L 77 -14.37 28.97 20.36
CA ASN L 77 -15.29 30.08 20.10
C ASN L 77 -16.31 30.26 21.21
N THR L 78 -15.86 30.07 22.46
CA THR L 78 -16.72 30.20 23.62
C THR L 78 -16.21 31.31 24.47
N VAL L 79 -17.11 32.13 24.95
CA VAL L 79 -16.80 33.26 25.80
C VAL L 79 -17.43 33.00 27.16
N TYR L 80 -16.74 33.34 28.24
CA TYR L 80 -17.24 33.11 29.59
C TYR L 80 -17.43 34.39 30.38
N MET L 81 -18.23 34.32 31.43
CA MET L 81 -18.55 35.41 32.33
C MET L 81 -18.60 34.80 33.73
N GLU L 82 -17.89 35.38 34.69
CA GLU L 82 -17.91 34.89 36.05
C GLU L 82 -18.22 36.03 37.03
N LEU L 83 -19.41 35.98 37.63
CA LEU L 83 -19.82 36.98 38.59
C LEU L 83 -19.70 36.38 39.99
N SER L 84 -18.87 36.97 40.84
CA SER L 84 -18.63 36.48 42.18
C SER L 84 -19.36 37.29 43.26
N GLY L 85 -19.40 36.76 44.50
CA GLY L 85 -20.08 37.40 45.63
C GLY L 85 -21.52 37.73 45.33
N LEU L 86 -22.27 36.74 44.84
CA LEU L 86 -23.66 36.91 44.46
C LEU L 86 -24.58 37.31 45.61
N THR L 87 -25.48 38.23 45.32
CA THR L 87 -26.50 38.69 46.27
C THR L 87 -27.89 38.51 45.61
N PHE L 88 -28.97 38.61 46.37
CA PHE L 88 -30.31 38.47 45.82
C PHE L 88 -30.59 39.44 44.67
N GLU L 89 -29.82 40.54 44.59
CA GLU L 89 -29.96 41.55 43.53
C GLU L 89 -29.32 41.12 42.19
N ASP L 90 -28.57 40.01 42.18
CA ASP L 90 -27.94 39.47 40.99
C ASP L 90 -28.84 38.46 40.25
N THR L 91 -30.06 38.17 40.77
CA THR L 91 -31.03 37.28 40.11
C THR L 91 -31.47 38.01 38.85
N ALA L 92 -31.11 37.47 37.67
CA ALA L 92 -31.40 38.11 36.39
C ALA L 92 -31.19 37.13 35.21
N VAL L 93 -31.60 37.51 34.00
CA VAL L 93 -31.31 36.74 32.80
C VAL L 93 -30.04 37.38 32.22
N TYR L 94 -29.01 36.57 31.99
CA TYR L 94 -27.75 37.06 31.47
C TYR L 94 -27.64 36.71 30.00
N TYR L 95 -27.47 37.72 29.16
CA TYR L 95 -27.32 37.52 27.72
C TYR L 95 -25.91 37.88 27.31
N CYS L 96 -25.42 37.20 26.28
CA CYS L 96 -24.17 37.57 25.64
C CYS L 96 -24.59 38.16 24.30
N ALA L 97 -23.97 39.26 23.89
CA ALA L 97 -24.35 39.91 22.66
C ALA L 97 -23.14 40.29 21.83
N ARG L 98 -23.14 39.93 20.56
CA ARG L 98 -22.03 40.26 19.67
C ARG L 98 -22.06 41.73 19.18
N VAL L 99 -20.90 42.40 19.17
CA VAL L 99 -20.80 43.77 18.65
C VAL L 99 -20.67 43.67 17.13
N GLY L 100 -21.57 44.32 16.43
CA GLY L 100 -21.70 44.27 14.98
C GLY L 100 -20.54 44.69 14.08
N ASP L 101 -19.99 45.89 14.32
CA ASP L 101 -18.92 46.40 13.46
C ASP L 101 -17.53 46.12 14.01
N TYR L 102 -17.34 44.97 14.65
CA TYR L 102 -16.04 44.56 15.21
C TYR L 102 -14.95 44.52 14.13
N ASN L 103 -15.30 44.09 12.93
CA ASN L 103 -14.37 43.98 11.82
C ASN L 103 -13.69 45.32 11.45
N PHE L 104 -14.40 46.43 11.66
CA PHE L 104 -13.97 47.78 11.34
C PHE L 104 -12.98 48.41 12.31
N TRP L 105 -12.86 47.85 13.50
CA TRP L 105 -12.01 48.35 14.58
C TRP L 105 -10.52 48.47 14.20
N ASN L 106 -9.92 49.64 14.47
CA ASN L 106 -8.50 49.89 14.18
C ASN L 106 -7.88 50.99 15.04
N GLY L 107 -8.60 51.46 16.06
CA GLY L 107 -8.07 52.50 16.94
C GLY L 107 -8.54 53.89 16.55
N HIS L 108 -8.72 54.10 15.24
CA HIS L 108 -9.25 55.36 14.72
C HIS L 108 -10.77 55.24 14.49
N TYR L 109 -11.27 54.01 14.19
CA TYR L 109 -12.68 53.78 13.91
C TYR L 109 -13.52 53.90 15.14
N ARG L 110 -14.51 54.78 15.08
CA ARG L 110 -15.45 54.99 16.18
C ARG L 110 -16.63 54.01 16.02
N SER L 111 -16.63 52.94 16.81
CA SER L 111 -17.68 51.94 16.72
C SER L 111 -19.06 52.48 17.11
N GLY L 112 -20.10 51.79 16.63
CA GLY L 112 -21.48 52.11 16.94
C GLY L 112 -21.92 51.43 18.23
N TYR L 113 -21.37 50.22 18.50
CA TYR L 113 -21.69 49.40 19.66
C TYR L 113 -23.12 48.88 19.63
N TYR L 114 -23.54 48.44 18.45
CA TYR L 114 -24.86 47.85 18.26
C TYR L 114 -24.72 46.34 18.36
N PHE L 115 -25.69 45.71 19.03
CA PHE L 115 -25.63 44.27 19.24
C PHE L 115 -26.38 43.50 18.14
N ASP L 116 -25.57 43.03 17.19
CA ASP L 116 -25.84 42.24 15.99
C ASP L 116 -26.59 40.96 16.34
N LEU L 117 -26.00 40.18 17.25
CA LEU L 117 -26.48 38.90 17.72
C LEU L 117 -26.70 38.92 19.22
N TRP L 118 -27.58 38.07 19.71
CA TRP L 118 -27.86 37.93 21.14
C TRP L 118 -28.09 36.46 21.43
N GLY L 119 -27.63 36.02 22.58
CA GLY L 119 -27.90 34.66 23.03
C GLY L 119 -29.33 34.58 23.54
N ARG L 120 -29.88 33.36 23.67
CA ARG L 120 -31.26 33.21 24.15
C ARG L 120 -31.46 33.63 25.62
N GLY L 121 -30.37 33.76 26.38
CA GLY L 121 -30.39 34.19 27.77
C GLY L 121 -30.18 33.04 28.73
N THR L 122 -29.57 33.33 29.90
CA THR L 122 -29.36 32.32 30.95
C THR L 122 -29.99 32.85 32.23
N LEU L 123 -30.99 32.17 32.77
CA LEU L 123 -31.66 32.62 34.00
C LEU L 123 -30.87 32.18 35.21
N VAL L 124 -30.20 33.12 35.89
CA VAL L 124 -29.44 32.78 37.10
C VAL L 124 -30.21 33.33 38.30
N THR L 125 -30.53 32.48 39.27
CA THR L 125 -31.30 32.93 40.44
C THR L 125 -30.52 32.75 41.72
N VAL L 126 -30.57 33.74 42.62
CA VAL L 126 -29.87 33.64 43.90
C VAL L 126 -30.87 33.30 45.01
N SER L 127 -30.70 32.15 45.66
CA SER L 127 -31.62 31.73 46.71
C SER L 127 -30.88 30.99 47.84
N SER L 128 -31.24 31.32 49.08
CA SER L 128 -30.63 30.70 50.23
C SER L 128 -31.40 29.44 50.64
N SER L 146 -30.82 53.07 34.61
CA SER L 146 -31.19 53.86 33.44
C SER L 146 -30.57 55.27 33.42
N VAL L 147 -29.47 55.40 32.68
CA VAL L 147 -28.72 56.65 32.47
C VAL L 147 -29.41 57.48 31.36
N LEU L 148 -29.96 56.77 30.34
CA LEU L 148 -30.69 57.37 29.22
C LEU L 148 -32.17 57.44 29.62
N THR L 149 -32.81 58.60 29.40
CA THR L 149 -34.19 58.79 29.80
C THR L 149 -35.23 58.53 28.73
N GLN L 150 -36.04 57.48 28.94
CA GLN L 150 -37.14 57.08 28.06
C GLN L 150 -38.43 57.08 28.86
N PRO L 151 -39.57 57.46 28.26
CA PRO L 151 -40.84 57.34 29.00
C PRO L 151 -41.15 55.86 29.31
N PRO L 152 -41.74 55.56 30.47
CA PRO L 152 -41.99 54.16 30.82
C PRO L 152 -42.99 53.45 29.91
N SER L 153 -43.95 54.21 29.37
CA SER L 153 -44.97 53.64 28.51
C SER L 153 -45.42 54.61 27.42
N ALA L 154 -45.86 54.06 26.31
CA ALA L 154 -46.40 54.79 25.17
C ALA L 154 -47.54 53.97 24.61
N SER L 155 -48.52 54.63 24.00
CA SER L 155 -49.66 53.92 23.43
C SER L 155 -50.22 54.60 22.18
N GLY L 156 -50.97 53.86 21.38
CA GLY L 156 -51.58 54.40 20.19
C GLY L 156 -52.59 53.46 19.56
N THR L 157 -53.48 54.00 18.72
CA THR L 157 -54.44 53.16 18.02
C THR L 157 -53.80 52.61 16.73
N PRO L 158 -54.23 51.44 16.23
CA PRO L 158 -53.63 50.90 15.00
C PRO L 158 -53.75 51.86 13.82
N GLY L 159 -52.69 51.94 13.03
CA GLY L 159 -52.65 52.84 11.90
C GLY L 159 -51.98 54.17 12.20
N GLN L 160 -52.04 54.59 13.45
CA GLN L 160 -51.46 55.83 13.95
C GLN L 160 -49.92 55.73 14.11
N ARG L 161 -49.28 56.86 14.41
CA ARG L 161 -47.83 56.90 14.61
C ARG L 161 -47.49 57.15 16.08
N VAL L 162 -46.62 56.33 16.69
CA VAL L 162 -46.21 56.55 18.07
C VAL L 162 -44.72 56.92 18.11
N THR L 163 -44.35 57.95 18.87
CA THR L 163 -42.95 58.35 18.94
C THR L 163 -42.39 58.22 20.36
N ILE L 164 -41.23 57.57 20.48
CA ILE L 164 -40.57 57.36 21.75
C ILE L 164 -39.36 58.27 21.83
N SER L 165 -39.31 59.13 22.84
CA SER L 165 -38.16 60.00 23.05
C SER L 165 -37.06 59.25 23.85
N CYS L 166 -35.83 59.76 23.78
CA CYS L 166 -34.71 59.18 24.49
C CYS L 166 -33.71 60.29 24.67
N SER L 167 -33.72 60.97 25.84
CA SER L 167 -32.76 62.04 26.08
C SER L 167 -31.54 61.52 26.87
N GLY L 168 -30.41 62.18 26.68
CA GLY L 168 -29.18 61.81 27.36
C GLY L 168 -28.27 63.01 27.55
N SER L 169 -26.98 62.74 27.72
CA SER L 169 -25.97 63.79 27.91
C SER L 169 -25.02 63.91 26.72
N SER L 170 -24.17 64.95 26.70
CA SER L 170 -23.21 65.15 25.61
C SER L 170 -22.10 64.08 25.58
N SER L 171 -21.87 63.39 26.72
CA SER L 171 -20.85 62.34 26.77
C SER L 171 -21.30 61.05 26.09
N ASN L 172 -22.63 60.82 25.97
CA ASN L 172 -23.16 59.64 25.31
C ASN L 172 -23.82 59.99 23.95
N ILE L 173 -25.12 60.38 23.91
CA ILE L 173 -25.85 60.69 22.68
C ILE L 173 -25.21 61.85 21.91
N GLY L 174 -24.68 62.82 22.63
CA GLY L 174 -24.05 63.97 22.01
C GLY L 174 -22.80 63.64 21.20
N SER L 175 -22.12 62.51 21.53
CA SER L 175 -20.87 62.15 20.86
C SER L 175 -20.90 60.84 20.09
N ASN L 176 -21.90 59.99 20.32
CA ASN L 176 -21.96 58.68 19.66
C ASN L 176 -23.30 58.42 18.97
N THR L 177 -23.42 57.30 18.23
CA THR L 177 -24.68 56.94 17.57
C THR L 177 -25.63 56.26 18.52
N VAL L 178 -26.94 56.37 18.22
CA VAL L 178 -27.98 55.76 19.02
C VAL L 178 -28.52 54.53 18.29
N ASN L 179 -28.70 53.42 19.03
CA ASN L 179 -29.24 52.16 18.50
C ASN L 179 -30.50 51.78 19.32
N TRP L 180 -31.55 51.31 18.67
CA TRP L 180 -32.81 50.93 19.31
C TRP L 180 -33.00 49.43 19.24
N TYR L 181 -33.58 48.85 20.29
CA TYR L 181 -33.84 47.42 20.39
C TYR L 181 -35.31 47.18 20.70
N GLN L 182 -35.88 46.13 20.12
CA GLN L 182 -37.25 45.76 20.40
C GLN L 182 -37.22 44.45 21.17
N GLN L 183 -37.88 44.39 22.33
CA GLN L 183 -37.93 43.17 23.11
C GLN L 183 -39.34 42.63 23.25
N LEU L 184 -39.60 41.47 22.66
CA LEU L 184 -40.88 40.81 22.75
C LEU L 184 -40.92 39.94 24.02
N PRO L 185 -42.11 39.61 24.55
CA PRO L 185 -42.15 38.81 25.79
C PRO L 185 -41.45 37.46 25.72
N GLY L 186 -40.58 37.21 26.70
CA GLY L 186 -39.84 35.96 26.80
C GLY L 186 -38.74 35.76 25.76
N THR L 187 -38.32 36.86 25.10
CA THR L 187 -37.27 36.78 24.08
C THR L 187 -36.17 37.82 24.37
N ALA L 188 -34.99 37.63 23.77
CA ALA L 188 -33.88 38.57 23.93
C ALA L 188 -34.17 39.82 23.12
N PRO L 189 -33.66 41.00 23.54
CA PRO L 189 -33.84 42.21 22.71
C PRO L 189 -33.26 42.00 21.30
N LYS L 190 -33.88 42.65 20.29
CA LYS L 190 -33.48 42.50 18.90
C LYS L 190 -33.11 43.85 18.33
N LEU L 191 -32.03 43.95 17.54
CA LEU L 191 -31.66 45.24 16.92
C LEU L 191 -32.78 45.75 16.01
N LEU L 192 -33.21 46.98 16.20
CA LEU L 192 -34.29 47.57 15.43
C LEU L 192 -33.74 48.71 14.59
N ILE L 193 -32.93 49.58 15.19
CA ILE L 193 -32.31 50.72 14.50
C ILE L 193 -30.85 50.77 14.93
N TYR L 194 -29.93 50.92 13.98
CA TYR L 194 -28.51 51.08 14.31
C TYR L 194 -27.98 52.35 13.66
N SER L 195 -26.88 52.92 14.20
CA SER L 195 -26.27 54.13 13.65
C SER L 195 -27.28 55.26 13.38
N ASN L 196 -28.12 55.56 14.40
CA ASN L 196 -29.14 56.62 14.42
C ASN L 196 -30.39 56.36 13.58
N THR L 197 -30.23 56.09 12.27
CA THR L 197 -31.36 55.98 11.35
C THR L 197 -31.44 54.66 10.57
N GLN L 198 -30.36 53.88 10.55
CA GLN L 198 -30.27 52.65 9.78
C GLN L 198 -31.13 51.51 10.29
N ARG L 199 -31.64 50.66 9.39
CA ARG L 199 -32.46 49.52 9.76
C ARG L 199 -31.83 48.22 9.30
N PRO L 200 -31.65 47.24 10.19
CA PRO L 200 -31.13 45.94 9.74
C PRO L 200 -32.11 45.24 8.79
N SER L 201 -31.65 44.15 8.13
CA SER L 201 -32.52 43.42 7.20
C SER L 201 -33.68 42.81 7.96
N GLY L 202 -34.88 43.02 7.43
CA GLY L 202 -36.08 42.50 8.06
C GLY L 202 -36.91 43.54 8.79
N VAL L 203 -36.31 44.69 9.14
CA VAL L 203 -37.04 45.74 9.83
C VAL L 203 -37.77 46.62 8.81
N PRO L 204 -39.11 46.72 8.89
CA PRO L 204 -39.85 47.51 7.90
C PRO L 204 -39.62 49.02 7.99
N ASP L 205 -39.84 49.74 6.87
CA ASP L 205 -39.65 51.18 6.81
C ASP L 205 -40.62 52.01 7.69
N ARG L 206 -41.53 51.32 8.42
CA ARG L 206 -42.44 51.97 9.34
C ARG L 206 -41.67 52.52 10.54
N PHE L 207 -40.65 51.76 11.00
CA PHE L 207 -39.77 52.16 12.09
C PHE L 207 -38.71 53.09 11.53
N SER L 208 -38.50 54.24 12.17
CA SER L 208 -37.50 55.20 11.73
C SER L 208 -36.83 55.85 12.93
N GLY L 209 -35.55 56.12 12.81
CA GLY L 209 -34.81 56.75 13.88
C GLY L 209 -34.39 58.17 13.57
N SER L 210 -34.00 58.91 14.61
CA SER L 210 -33.51 60.29 14.47
C SER L 210 -32.67 60.68 15.69
N LYS L 211 -31.76 61.66 15.50
CA LYS L 211 -30.92 62.12 16.60
C LYS L 211 -30.58 63.58 16.40
N SER L 212 -30.80 64.38 17.45
CA SER L 212 -30.49 65.80 17.41
C SER L 212 -29.82 66.19 18.72
N ALA L 213 -28.59 66.69 18.63
CA ALA L 213 -27.76 67.12 19.76
C ALA L 213 -27.65 65.99 20.87
N THR L 214 -28.45 65.98 21.97
CA THR L 214 -28.35 64.94 23.00
C THR L 214 -29.61 64.09 23.12
N SER L 215 -30.47 64.07 22.09
CA SER L 215 -31.70 63.29 22.15
C SER L 215 -31.94 62.50 20.88
N ALA L 216 -32.55 61.34 21.05
CA ALA L 216 -32.89 60.46 19.95
C ALA L 216 -34.38 60.14 20.00
N SER L 217 -34.95 59.76 18.85
CA SER L 217 -36.35 59.47 18.77
C SER L 217 -36.61 58.31 17.84
N LEU L 218 -37.58 57.46 18.21
CA LEU L 218 -37.97 56.34 17.39
C LEU L 218 -39.42 56.56 17.01
N ALA L 219 -39.74 56.52 15.72
CA ALA L 219 -41.11 56.70 15.26
C ALA L 219 -41.61 55.37 14.71
N ILE L 220 -42.75 54.89 15.22
CA ILE L 220 -43.38 53.68 14.70
C ILE L 220 -44.60 54.15 13.93
N SER L 221 -44.48 54.29 12.61
CA SER L 221 -45.59 54.72 11.78
C SER L 221 -46.49 53.53 11.40
N GLY L 222 -47.76 53.80 11.13
CA GLY L 222 -48.73 52.77 10.78
C GLY L 222 -48.81 51.62 11.76
N LEU L 223 -48.80 51.95 13.06
CA LEU L 223 -48.81 51.04 14.22
C LEU L 223 -49.66 49.78 14.04
N GLN L 224 -49.07 48.62 14.35
CA GLN L 224 -49.78 47.34 14.25
C GLN L 224 -49.77 46.64 15.61
N SER L 225 -50.70 45.68 15.82
CA SER L 225 -50.77 44.89 17.07
C SER L 225 -49.45 44.19 17.36
N GLU L 226 -48.77 43.71 16.30
CA GLU L 226 -47.48 43.03 16.39
C GLU L 226 -46.34 43.91 16.94
N ASP L 227 -46.57 45.23 17.06
CA ASP L 227 -45.57 46.16 17.60
C ASP L 227 -45.61 46.30 19.12
N GLU L 228 -46.59 45.69 19.80
CA GLU L 228 -46.71 45.74 21.24
C GLU L 228 -45.53 44.99 21.84
N ALA L 229 -44.55 45.76 22.35
CA ALA L 229 -43.28 45.25 22.88
C ALA L 229 -42.55 46.35 23.71
N ASP L 230 -41.43 46.01 24.37
CA ASP L 230 -40.63 46.99 25.11
C ASP L 230 -39.55 47.51 24.15
N TYR L 231 -39.27 48.81 24.16
CA TYR L 231 -38.28 49.39 23.27
C TYR L 231 -37.17 50.05 24.03
N TYR L 232 -35.91 49.72 23.74
CA TYR L 232 -34.79 50.29 24.44
C TYR L 232 -33.89 51.10 23.53
N CYS L 233 -33.48 52.30 23.94
CA CYS L 233 -32.46 53.05 23.19
C CYS L 233 -31.13 52.79 23.90
N ALA L 234 -30.04 52.84 23.15
CA ALA L 234 -28.71 52.60 23.69
C ALA L 234 -27.68 53.44 22.95
N ALA L 235 -26.62 53.81 23.63
CA ALA L 235 -25.53 54.59 23.05
C ALA L 235 -24.25 54.41 23.87
N TRP L 236 -23.10 54.59 23.24
CA TRP L 236 -21.82 54.49 23.93
C TRP L 236 -21.60 55.76 24.76
N ASP L 237 -21.02 55.62 25.96
CA ASP L 237 -20.73 56.77 26.80
C ASP L 237 -19.23 56.87 26.92
N ASP L 238 -18.66 58.04 26.62
CA ASP L 238 -17.22 58.24 26.67
C ASP L 238 -16.70 58.56 28.08
N SER L 239 -17.59 58.93 29.04
CA SER L 239 -17.17 59.20 30.42
C SER L 239 -16.66 57.91 31.05
N LEU L 240 -15.68 58.04 31.97
CA LEU L 240 -14.97 56.92 32.61
C LEU L 240 -14.21 56.14 31.49
N ASN L 241 -13.92 54.83 31.66
CA ASN L 241 -13.23 54.07 30.60
C ASN L 241 -14.12 53.70 29.40
N GLY L 242 -15.30 54.34 29.31
CA GLY L 242 -16.25 54.05 28.25
C GLY L 242 -17.13 52.85 28.55
N HIS L 243 -18.44 53.00 28.31
CA HIS L 243 -19.42 51.94 28.57
C HIS L 243 -20.72 52.18 27.80
N VAL L 244 -21.40 51.11 27.40
CA VAL L 244 -22.67 51.25 26.70
C VAL L 244 -23.80 51.46 27.71
N VAL L 245 -24.49 52.62 27.60
CA VAL L 245 -25.63 52.96 28.45
C VAL L 245 -26.96 52.62 27.75
N PHE L 246 -27.98 52.29 28.52
CA PHE L 246 -29.30 51.93 28.02
C PHE L 246 -30.39 52.82 28.62
N GLY L 247 -31.52 52.88 27.93
CA GLY L 247 -32.69 53.56 28.44
C GLY L 247 -33.48 52.61 29.34
N GLY L 248 -34.39 53.15 30.12
CA GLY L 248 -35.22 52.34 31.01
C GLY L 248 -36.21 51.43 30.30
N GLY L 249 -36.52 51.76 29.05
CA GLY L 249 -37.46 51.01 28.23
C GLY L 249 -38.79 51.70 28.13
N THR L 250 -39.52 51.44 27.06
CA THR L 250 -40.85 51.99 26.87
C THR L 250 -41.75 50.83 26.48
N LYS L 251 -42.84 50.64 27.22
CA LYS L 251 -43.78 49.59 26.91
C LYS L 251 -44.81 50.18 25.96
N VAL L 252 -44.68 49.89 24.66
CA VAL L 252 -45.65 50.36 23.68
C VAL L 252 -46.84 49.40 23.70
N THR L 253 -48.03 49.97 23.93
CA THR L 253 -49.30 49.27 24.01
C THR L 253 -50.14 49.70 22.83
N VAL L 254 -50.67 48.75 22.05
CA VAL L 254 -51.49 49.07 20.89
C VAL L 254 -52.96 48.93 21.27
N LEU L 255 -53.73 50.03 21.26
CA LEU L 255 -55.15 50.02 21.60
C LEU L 255 -56.03 49.38 20.49
N GLY L 256 -57.34 49.36 20.68
CA GLY L 256 -58.27 48.84 19.69
C GLY L 256 -58.52 49.86 18.58
N ALA L 257 -59.10 49.42 17.45
CA ALA L 257 -59.41 50.33 16.36
C ALA L 257 -60.57 51.24 16.76
N ALA L 258 -60.24 52.47 17.18
CA ALA L 258 -61.16 53.48 17.72
C ALA L 258 -62.08 54.21 16.64
N ALA L 259 -62.97 55.17 17.09
CA ALA L 259 -63.86 56.09 16.36
C ALA L 259 -64.81 55.45 15.32
N GLU L 260 -65.81 54.72 15.82
CA GLU L 260 -66.82 54.12 14.94
C GLU L 260 -67.96 55.09 14.55
N ASN L 261 -67.63 56.33 14.10
CA ASN L 261 -68.67 57.25 13.62
C ASN L 261 -68.99 56.78 12.22
N LEU L 262 -70.22 56.31 12.05
CA LEU L 262 -70.67 55.67 10.83
C LEU L 262 -71.33 56.61 9.82
N TYR L 263 -71.46 57.91 10.12
CA TYR L 263 -72.05 58.87 9.17
C TYR L 263 -70.96 59.41 8.24
N PHE L 264 -71.11 59.15 6.92
CA PHE L 264 -70.19 59.59 5.85
C PHE L 264 -70.72 59.31 4.44
#